data_6TYG
#
_entry.id   6TYG
#
_cell.length_a   128.650
_cell.length_b   158.227
_cell.length_c   215.249
_cell.angle_alpha   90.000
_cell.angle_beta   90.000
_cell.angle_gamma   90.000
#
_symmetry.space_group_name_H-M   'P 21 21 21'
#
loop_
_entity.id
_entity.type
_entity.pdbx_description
1 polymer 'RNA polymerase sigma factor'
2 polymer "DNA (5'-D(*GP*CP*AP*TP*CP*CP*GP*TP*GP*AP*AP*TP*CP*GP*AP*GP*GP*GP*TP*G)-3')"
3 polymer "DNA (5'-D(P*GP*TP*GP*TP*CP*AP*GP*TP*AP*GP*CP*TP*GP*TP*CP*AP*CP*GP*GP*AP*TP*GP*C)-3')"
4 polymer "RNA (5'-R(P*CP*AP*CP*CP*CP*UP*CP*GP*A)-3')"
5 polymer 'DNA-directed RNA polymerase subunit alpha'
6 polymer 'DNA-directed RNA polymerase subunit beta'
7 polymer "DNA-directed RNA polymerase subunit beta'"
8 polymer 'DNA-directed RNA polymerase subunit omega'
#
loop_
_entity_poly.entity_id
_entity_poly.type
_entity_poly.pdbx_seq_one_letter_code
_entity_poly.pdbx_strand_id
1 'polypeptide(L)'
;MARVSGAAAAEAALMRALYDEHAAVLWRYALRLTGDAAQAEDVVQETLLRAWQHPEVIGDTARPARAWLFTVARNMIIDE
RRSARFRNVVGSTDQSGTPEQSTPDEVNAALDRLLIADALAQLSAEHRAVIQRSYYRGWSTAQIATDLGIAEGTVKSRLH
YAVRALRLTLQELGVTR
;
F
2 'polydeoxyribonucleotide' (DG)(DC)(DA)(DT)(DC)(DC)(DG)(DT)(DG)(DA)(DA)(DT)(DC)(DG)(DA)(DG)(DG)(DG)(DT)(DG) G
3 'polydeoxyribonucleotide'
;(DC)(DG)(DT)(DG)(DT)(DC)(DA)(DG)(DT)(DA)(DG)(DC)(DT)(DG)(DT)(DC)(DA)(DC)(DG)(DG)
(DA)(DT)(DG)(DC)(DA)(DG)(DG)
;
H
4 'polyribonucleotide' CACCCUCGA I
5 'polypeptide(L)'
;MLISQRPTLSEDVLTDNRSQFVIEPLEPGFGYTLGNSLRRTLLSSIPGAAVTSIRIDGVLHEFTTVPGVKEDVTEIILNL
KSLVVSSEEDEPVTMYLRKQGPGEVTAGDIVPPAGVTVHNPGMHIATLNDKGKLEVELVVERGRGYVPAVQNRASGAEIG
RIPVDSIYSPVLKVTYKVDATRVEQRTDFDKLILDVETKNSISPRDALASAGKTLVELFGLARELNVEAEGIEIGPSPAE
ADHIASFALPIDDLDLTVRSYNCLKREGVHTVGELVARTESDLLDIRNFGQKSIDEVKIKLHQLGLSLKDSPPSFDPSEV
AGYDVATGTWSTEGAYDEQDYAETEQL
;
A,B
6 'polypeptide(L)'
;MLEGCILADSRQSKTAASPSPSRPQSSSNNSVPGAPNRVSFAKLREPLEVPGLLDVQTDSFEWLIGSPRWRESAAERGDV
NPVGGLEEVLYELSPIEDFSGSMSLSFSDPRFDDVKAPVDECKDKDMTYAAPLFVTAEFINNNTGEIKSQTVFMGDFPMM
TEKGTFIINGTERVVVSQLVRSPGVYFDETIDKSTDKTLHSVKVIPSRGAWLEFDVDKRDTVGVRIDRKRRQPVTVLLKA
LGWTSEQIVERFGFSEIMRSTLEKDNTVGTDEALLDIYRKLRPGEPPTKESAQTLLENLFFKEKRYDLARVGRYKVNKKL
GLHVGEPITSSTLTEEDVVATIEYLVRLHEGQTTMTVPGGVEVPVETDDIDHFGNRRLRTVGELIQNQIRVGMSRMERVV
RERMTTQDVEAITPQTLINIRPVVAAIKEFFGTSQLSQFMDQNNPLSGLTHKRRLSALGPGGLSRERAGLEVRDVHPSHY
GRMCPIETPEGPNIGLIGSLSVYARVNPFGFIETPYRKVVDGVVSDEIVYLTADEEDRHVVAQANSPIDADGRFVEPRVL
VRRKAGEVEYVPSSEVDYMDVSPRQMVSVATAMIPFLEHDDANRALMGANMQRQAVPLVRSEAPLVGTGMELRAAIDAGD
VVVAEESGVIEEVSADYITVMHDNGTRRTYRMRKFARSNHGTCANQCPIVDAGDRVEAGQVIADGPCTDDGEMALGKNLL
VAIMPWEGHNYEDAIILSNRLVEEDVLTSIHIEEHEIDARDTKLGAEEITRDIPNISDEVLADLDERGIVRIGAEVRDGD
ILVGKVTPKGETELTPEERLLRAIFGEKAREVRDTSLKVPHGESGKVIGIRVFSREDEDELPAGVNELVRVYVAQKRKIS
DGDKLAGRHGNKGVIGKILPVEDMPFLADGTPVDIILNTHGVPRRMNIGQILETHLGWCAHSGWKVDAAKGVPDWAARLP
DELLEAQPNAIVSTPVFDGAQEAELQGLLSCTLPNRDGDVLVDADGKAMLFDGRSGEPFPYPVTVGYMYIMKLHHLVDDK
IHARSTGPYSMITQQPLGGKAQFGGQRFGEMECWAMQAYGAAYTLQELLTIKSDDTVGRVKVYEAIVKGENIPEPGIPES
FKVLLKELQSLCLNVEVLSSDGAAIELREGEDEDLERAAANLGINLSRNESASVEDLA
;
C
7 'polypeptide(L)'
;MLDVNFFDELRIGLATAEDIRQWSYGEVKKPETINYRTLKPEKDGLFCEKIFGPTRDWECYCGKYKRVRFKGIICERCGV
EVTRAKVRRERMGHIELAAPVTHIWYFKGVPSRLGYLLDLAPKDLEKIIYFAAYVITSVDEEMRHNELSTLEAEMAVERK
AVEDQRDGELEARAQKLEADLAELEAEGAKADARRKVRDGGEREMRQIRDRAQRELDRLEDIWSTFTKLAPKQLIVDENL
YRELVDRYGEYFTGAMGAESIQKLIENFDIDAEAESLRDVIRNGKGQKKLRALKRLKVVAAFQQSGNSPMGMVLDAVPVI
PPELRPMVQLDGGRFATSDLNDLYRRVINRNNRLKRLIDLGAPEIIVNNEKRMLQESVDALFDNGRRGRPVTGPGNRPLK
SLSDLLKGKQGRFRQNLLGKRVDYSGRSVIVVGPQLKLHQCGLPKLMALELFKPFVMKRLVDLNHAQNIKSAKRMVERQR
PQVWDVLEEVIAEHPVLLNRAPTLHRLGIQAFEPMLVEGKAIQLHPLVCEAFNADFDGDQMAVHLPLSAEAQAEARILML
SSNNILSPASGRPLAMPRLDMVTGLYYLTTEVPGDTGEYQPASGDHPETGVYSSPAEAIMAADRGVLSVRAKIKVRLTQL
RPPVEIEAELFGHSGWQPGDAWMAETTLGRVMFNELLPLGYPFVNKQMHKKVQAAIINDLAERYPMIVVAQTVDKLKDAG
FYWATRSGVTVSMADVLVPPRKKEILDHYEERADKVEKQFQRGALNHDERNEALVEIWKEATDEVGQALREHYPDDNPII
TIVDSGATGNFTQTRTLAGMKGLVTNPKGEFIPRPVKSSFREGLTVLEYFINTHGARKGLADTALRTADSGYLTRRLVDV
SQDVIVREHDCQTERGIVVELAERAPDGTLIRDPYIETSAYARTLGTDAVDEAGNVIVERGQDLGDPEIDALLAAGITQV
KVRSVLTCATSTGVCATCYGRSMATGKLVDIGEAVGIVAAQSIGEPGTQLTMRTFHQGGVGEDITGGLPRVQELFEARVP
RGKAPIADVTGRVRLEDGERFYKITIVPDDGGEEVVYDKISKRQRLRVFKHEDGSERVLSDGDHVEVGQQLMEGSADPHE
VLRVQGPREVQIHLVREVQEVYRAQGVSIHDKHIEVIVRQMLRRVTIIDSGSTEFLPGSLIDRAEFEAENRRVVAEGGEP
AAGRPVLMGITKASLATDSWLSAASFQETTRVLTDAAINCRSDKLNGLKENVIIGKLIPAGTGINRYRNIAVQPTEEARA
AAYTIPSYEDQYYSPDFGAATGAAVPLDDYGYSDYR
;
D
8 'polypeptide(L)'
;MSISQSDASLAAVPAVDQFDPSSGASGGYDTPLGITNPPIDELLDRVSSKYALVIYAAKRARQINDYYNQLGEGILEYVG
PLVEPGLQEKPLSIALREIHADLLEHTEGE
;
E
#
# COMPACT_ATOMS: atom_id res chain seq x y z
N VAL A 4 -48.23 -60.60 -9.54
CA VAL A 4 -46.86 -61.09 -9.66
C VAL A 4 -45.88 -59.92 -9.46
N SER A 5 -44.59 -60.19 -9.68
CA SER A 5 -43.56 -59.18 -9.42
C SER A 5 -43.47 -58.15 -10.54
N GLY A 6 -43.83 -58.53 -11.77
CA GLY A 6 -43.80 -57.60 -12.87
C GLY A 6 -44.56 -56.31 -12.58
N ALA A 7 -45.54 -56.36 -11.68
CA ALA A 7 -46.30 -55.16 -11.35
C ALA A 7 -45.51 -54.23 -10.43
N ALA A 8 -44.89 -54.79 -9.40
CA ALA A 8 -43.99 -54.00 -8.56
C ALA A 8 -42.84 -53.42 -9.36
N ALA A 9 -42.51 -54.04 -10.51
CA ALA A 9 -41.53 -53.42 -11.41
C ALA A 9 -42.18 -52.39 -12.32
N ALA A 10 -43.44 -52.61 -12.70
CA ALA A 10 -44.16 -51.64 -13.51
C ALA A 10 -44.29 -50.31 -12.81
N GLU A 11 -44.40 -50.30 -11.49
CA GLU A 11 -44.42 -49.04 -10.75
C GLU A 11 -43.17 -48.22 -11.05
N ALA A 12 -42.00 -48.84 -10.87
CA ALA A 12 -40.74 -48.18 -11.19
C ALA A 12 -40.75 -47.68 -12.63
N ALA A 13 -40.91 -48.61 -13.59
CA ALA A 13 -40.88 -48.23 -15.00
C ALA A 13 -41.94 -47.18 -15.34
N LEU A 14 -42.94 -46.97 -14.48
CA LEU A 14 -43.88 -45.87 -14.68
C LEU A 14 -43.30 -44.55 -14.20
N MET A 15 -42.61 -44.57 -13.05
CA MET A 15 -42.00 -43.33 -12.57
C MET A 15 -40.82 -42.92 -13.45
N ARG A 16 -39.85 -43.81 -13.63
CA ARG A 16 -38.70 -43.52 -14.48
C ARG A 16 -39.11 -43.06 -15.88
N ALA A 17 -40.36 -43.30 -16.27
CA ALA A 17 -40.85 -42.84 -17.56
C ALA A 17 -41.50 -41.46 -17.50
N LEU A 18 -41.75 -40.91 -16.30
CA LEU A 18 -42.21 -39.54 -16.15
C LEU A 18 -41.10 -38.62 -15.69
N TYR A 19 -40.18 -39.13 -14.87
CA TYR A 19 -38.93 -38.43 -14.59
C TYR A 19 -38.32 -37.90 -15.87
N ASP A 20 -38.01 -38.83 -16.79
CA ASP A 20 -37.28 -38.51 -18.01
C ASP A 20 -37.99 -37.45 -18.85
N GLU A 21 -39.26 -37.18 -18.58
CA GLU A 21 -40.02 -36.23 -19.37
C GLU A 21 -40.38 -34.96 -18.62
N HIS A 22 -40.24 -34.94 -17.29
CA HIS A 22 -40.73 -33.80 -16.53
C HIS A 22 -39.80 -33.30 -15.44
N ALA A 23 -38.84 -34.08 -14.94
CA ALA A 23 -38.00 -33.60 -13.86
C ALA A 23 -37.07 -32.49 -14.34
N ALA A 24 -36.42 -32.70 -15.48
CA ALA A 24 -35.49 -31.72 -16.04
C ALA A 24 -36.18 -30.43 -16.46
N VAL A 25 -37.51 -30.40 -16.48
CA VAL A 25 -38.27 -29.20 -16.83
C VAL A 25 -38.87 -28.55 -15.59
N LEU A 26 -39.29 -29.38 -14.62
CA LEU A 26 -39.76 -28.88 -13.33
C LEU A 26 -38.65 -28.16 -12.59
N TRP A 27 -37.43 -28.72 -12.67
CA TRP A 27 -36.25 -28.09 -12.11
C TRP A 27 -36.12 -26.64 -12.54
N ARG A 28 -36.30 -26.36 -13.83
CA ARG A 28 -36.15 -25.00 -14.33
C ARG A 28 -37.20 -24.07 -13.74
N TYR A 29 -38.43 -24.55 -13.60
CA TYR A 29 -39.48 -23.77 -12.96
C TYR A 29 -39.04 -23.32 -11.57
N ALA A 30 -38.76 -24.28 -10.70
CA ALA A 30 -38.35 -23.92 -9.34
C ALA A 30 -37.06 -23.10 -9.35
N LEU A 31 -36.23 -23.26 -10.38
CA LEU A 31 -35.00 -22.48 -10.48
C LEU A 31 -35.30 -21.01 -10.67
N ARG A 32 -36.06 -20.69 -11.73
CA ARG A 32 -36.42 -19.30 -11.95
C ARG A 32 -37.13 -18.71 -10.74
N LEU A 33 -37.97 -19.50 -10.07
CA LEU A 33 -38.70 -18.93 -8.95
C LEU A 33 -37.83 -18.76 -7.69
N THR A 34 -36.76 -19.55 -7.56
CA THR A 34 -35.88 -19.44 -6.40
C THR A 34 -34.51 -18.86 -6.73
N GLY A 35 -34.12 -18.82 -8.00
CA GLY A 35 -32.76 -18.43 -8.32
C GLY A 35 -31.71 -19.27 -7.63
N ASP A 36 -32.06 -20.48 -7.21
CA ASP A 36 -31.17 -21.36 -6.46
C ASP A 36 -31.36 -22.77 -6.97
N ALA A 37 -30.39 -23.28 -7.73
CA ALA A 37 -30.50 -24.63 -8.26
C ALA A 37 -30.49 -25.70 -7.17
N ALA A 38 -29.93 -25.40 -5.99
CA ALA A 38 -29.90 -26.39 -4.93
C ALA A 38 -31.31 -26.64 -4.38
N GLN A 39 -32.00 -25.58 -3.98
CA GLN A 39 -33.38 -25.76 -3.56
C GLN A 39 -34.20 -26.41 -4.66
N ALA A 40 -34.18 -25.82 -5.86
CA ALA A 40 -34.88 -26.44 -7.00
C ALA A 40 -34.63 -27.94 -7.06
N GLU A 41 -33.36 -28.35 -6.92
CA GLU A 41 -33.04 -29.77 -6.86
C GLU A 41 -33.84 -30.47 -5.77
N ASP A 42 -33.96 -29.83 -4.60
CA ASP A 42 -34.72 -30.43 -3.50
C ASP A 42 -36.22 -30.48 -3.82
N VAL A 43 -36.79 -29.32 -4.16
CA VAL A 43 -38.20 -29.17 -4.48
C VAL A 43 -38.63 -30.21 -5.52
N VAL A 44 -37.78 -30.49 -6.49
CA VAL A 44 -38.15 -31.43 -7.55
C VAL A 44 -38.41 -32.81 -6.96
N GLN A 45 -37.50 -33.29 -6.11
CA GLN A 45 -37.68 -34.61 -5.50
C GLN A 45 -38.89 -34.61 -4.58
N GLU A 46 -39.07 -33.55 -3.78
CA GLU A 46 -40.25 -33.44 -2.94
C GLU A 46 -41.53 -33.59 -3.76
N THR A 47 -41.63 -32.81 -4.84
CA THR A 47 -42.79 -32.83 -5.72
C THR A 47 -43.01 -34.21 -6.32
N LEU A 48 -41.96 -34.80 -6.91
CA LEU A 48 -42.13 -36.08 -7.59
C LEU A 48 -42.47 -37.19 -6.61
N LEU A 49 -41.97 -37.11 -5.38
CA LEU A 49 -42.41 -38.06 -4.36
C LEU A 49 -43.91 -37.93 -4.13
N ARG A 50 -44.40 -36.70 -3.99
CA ARG A 50 -45.84 -36.54 -3.84
C ARG A 50 -46.58 -37.13 -5.04
N ALA A 51 -46.08 -36.88 -6.24
CA ALA A 51 -46.70 -37.42 -7.45
C ALA A 51 -46.83 -38.94 -7.34
N TRP A 52 -45.71 -39.61 -7.08
CA TRP A 52 -45.76 -41.06 -6.85
C TRP A 52 -46.78 -41.41 -5.76
N GLN A 53 -46.90 -40.55 -4.76
CA GLN A 53 -47.83 -40.78 -3.67
C GLN A 53 -49.27 -40.46 -4.06
N HIS A 54 -49.48 -39.69 -5.12
CA HIS A 54 -50.80 -39.31 -5.62
C HIS A 54 -50.97 -39.85 -7.03
N PRO A 55 -51.30 -41.14 -7.18
CA PRO A 55 -51.47 -41.72 -8.51
C PRO A 55 -52.77 -41.32 -9.20
N GLU A 56 -53.68 -40.66 -8.50
CA GLU A 56 -54.95 -40.21 -9.07
C GLU A 56 -54.77 -39.10 -10.12
N VAL A 57 -53.53 -38.76 -10.47
CA VAL A 57 -53.24 -37.67 -11.39
C VAL A 57 -52.60 -38.17 -12.68
N ILE A 58 -51.69 -39.15 -12.58
CA ILE A 58 -51.01 -39.65 -13.77
C ILE A 58 -51.83 -40.71 -14.49
N GLY A 59 -52.81 -41.31 -13.82
CA GLY A 59 -53.57 -42.39 -14.45
C GLY A 59 -54.20 -41.98 -15.76
N ASP A 60 -54.78 -40.79 -15.81
CA ASP A 60 -55.39 -40.28 -17.05
C ASP A 60 -54.32 -39.66 -17.93
N THR A 61 -53.42 -40.52 -18.41
CA THR A 61 -52.31 -40.14 -19.28
C THR A 61 -52.66 -39.01 -20.23
N ALA A 62 -53.87 -39.03 -20.78
CA ALA A 62 -54.28 -38.03 -21.75
C ALA A 62 -54.41 -36.62 -21.14
N ARG A 63 -54.26 -36.48 -19.83
CA ARG A 63 -54.38 -35.17 -19.18
C ARG A 63 -53.00 -34.64 -18.78
N PRO A 64 -52.80 -33.32 -18.81
CA PRO A 64 -51.47 -32.77 -18.47
C PRO A 64 -51.05 -33.01 -17.03
N ALA A 65 -50.02 -33.82 -16.84
CA ALA A 65 -49.41 -34.01 -15.52
C ALA A 65 -48.48 -32.86 -15.17
N ARG A 66 -47.63 -32.45 -16.13
CA ARG A 66 -46.73 -31.32 -15.94
C ARG A 66 -47.44 -30.13 -15.32
N ALA A 67 -48.65 -29.84 -15.82
CA ALA A 67 -49.42 -28.72 -15.33
C ALA A 67 -49.78 -28.91 -13.86
N TRP A 68 -50.08 -30.14 -13.46
CA TRP A 68 -50.35 -30.40 -12.06
C TRP A 68 -49.09 -30.25 -11.21
N LEU A 69 -47.92 -30.59 -11.77
CA LEU A 69 -46.68 -30.56 -11.00
C LEU A 69 -46.23 -29.13 -10.70
N PHE A 70 -46.33 -28.25 -11.70
CA PHE A 70 -45.86 -26.88 -11.52
C PHE A 70 -46.50 -26.24 -10.29
N THR A 71 -47.80 -26.47 -10.09
CA THR A 71 -48.50 -25.84 -8.97
C THR A 71 -48.01 -26.41 -7.64
N VAL A 72 -47.77 -27.73 -7.58
CA VAL A 72 -47.22 -28.34 -6.38
C VAL A 72 -45.96 -27.60 -5.96
N ALA A 73 -45.00 -27.49 -6.89
CA ALA A 73 -43.74 -26.83 -6.55
C ALA A 73 -43.99 -25.37 -6.16
N ARG A 74 -44.63 -24.61 -7.05
CA ARG A 74 -44.93 -23.21 -6.81
C ARG A 74 -45.53 -22.97 -5.43
N ASN A 75 -46.32 -23.92 -4.92
CA ASN A 75 -46.85 -23.77 -3.57
C ASN A 75 -45.79 -24.06 -2.52
N MET A 76 -44.97 -25.09 -2.73
CA MET A 76 -43.96 -25.44 -1.72
C MET A 76 -42.96 -24.30 -1.51
N ILE A 77 -42.53 -23.68 -2.60
CA ILE A 77 -41.58 -22.57 -2.46
C ILE A 77 -42.16 -21.50 -1.54
N ILE A 78 -43.38 -21.04 -1.84
CA ILE A 78 -43.95 -19.97 -1.01
C ILE A 78 -44.13 -20.45 0.42
N ASP A 79 -44.46 -21.73 0.61
CA ASP A 79 -44.51 -22.25 1.97
C ASP A 79 -43.19 -22.00 2.69
N GLU A 80 -42.08 -22.10 1.95
CA GLU A 80 -40.79 -21.70 2.55
C GLU A 80 -40.69 -20.18 2.68
N ARG A 81 -41.29 -19.43 1.76
CA ARG A 81 -41.27 -17.97 1.80
C ARG A 81 -42.26 -17.38 2.81
N ARG A 82 -42.84 -18.18 3.69
CA ARG A 82 -43.65 -17.64 4.78
C ARG A 82 -42.78 -16.74 5.64
N SER A 83 -43.14 -16.55 6.91
CA SER A 83 -42.35 -15.67 7.77
C SER A 83 -40.98 -16.24 8.09
N ALA A 84 -40.31 -16.83 7.09
CA ALA A 84 -38.94 -17.30 7.24
C ALA A 84 -37.93 -16.16 7.22
N ARG A 85 -38.39 -14.92 7.09
CA ARG A 85 -37.51 -13.76 7.11
C ARG A 85 -37.45 -13.16 8.51
N GLN A 101 -20.34 -8.99 17.72
CA GLN A 101 -19.19 -9.81 17.40
C GLN A 101 -17.94 -9.23 18.04
N SER A 102 -16.91 -10.07 18.22
CA SER A 102 -15.69 -9.71 18.93
C SER A 102 -15.93 -9.76 20.44
N THR A 103 -14.94 -10.23 21.19
CA THR A 103 -15.09 -10.34 22.64
C THR A 103 -14.31 -9.24 23.34
N PRO A 104 -14.88 -8.58 24.35
CA PRO A 104 -14.17 -7.46 25.00
C PRO A 104 -12.84 -7.88 25.61
N ASP A 105 -12.09 -6.89 26.10
CA ASP A 105 -10.82 -7.13 26.77
C ASP A 105 -11.06 -7.23 28.27
N GLU A 106 -10.51 -8.28 28.88
CA GLU A 106 -10.79 -8.59 30.28
C GLU A 106 -10.04 -7.70 31.26
N VAL A 107 -9.87 -6.42 30.94
CA VAL A 107 -9.12 -5.51 31.81
C VAL A 107 -9.86 -5.39 33.14
N ASN A 108 -10.97 -4.64 33.15
CA ASN A 108 -11.69 -4.34 34.38
C ASN A 108 -11.83 -5.59 35.24
N ALA A 109 -12.68 -6.54 34.84
CA ALA A 109 -12.87 -7.77 35.62
C ALA A 109 -11.57 -8.27 36.24
N ALA A 110 -10.48 -8.24 35.47
CA ALA A 110 -9.20 -8.76 35.98
C ALA A 110 -8.61 -7.84 37.04
N LEU A 111 -8.67 -6.52 36.84
CA LEU A 111 -8.21 -5.59 37.87
C LEU A 111 -9.06 -5.72 39.13
N ASP A 112 -10.37 -5.82 38.96
CA ASP A 112 -11.28 -6.06 40.08
C ASP A 112 -10.85 -7.28 40.88
N ARG A 113 -10.62 -8.41 40.20
CA ARG A 113 -10.20 -9.61 40.92
C ARG A 113 -8.81 -9.45 41.52
N LEU A 114 -7.95 -8.66 40.86
CA LEU A 114 -6.61 -8.43 41.39
C LEU A 114 -6.67 -7.66 42.70
N LEU A 115 -7.67 -6.79 42.84
CA LEU A 115 -7.92 -6.17 44.15
C LEU A 115 -8.55 -7.16 45.11
N ILE A 116 -9.64 -7.81 44.69
CA ILE A 116 -10.31 -8.80 45.54
C ILE A 116 -9.31 -9.80 46.08
N ALA A 117 -8.34 -10.19 45.25
CA ALA A 117 -7.30 -11.11 45.71
C ALA A 117 -6.30 -10.41 46.63
N ASP A 118 -6.20 -9.08 46.56
CA ASP A 118 -5.35 -8.35 47.49
C ASP A 118 -6.04 -8.07 48.81
N ALA A 119 -7.37 -8.12 48.84
CA ALA A 119 -8.14 -8.03 50.08
C ALA A 119 -8.59 -9.41 50.58
N LEU A 120 -7.99 -10.48 50.05
CA LEU A 120 -8.17 -11.83 50.58
C LEU A 120 -7.03 -12.25 51.49
N ALA A 121 -5.82 -11.73 51.27
CA ALA A 121 -4.73 -11.97 52.20
C ALA A 121 -4.93 -11.22 53.51
N GLN A 122 -5.79 -10.20 53.52
CA GLN A 122 -6.10 -9.46 54.73
C GLN A 122 -7.18 -10.14 55.55
N LEU A 123 -7.25 -11.47 55.48
CA LEU A 123 -8.32 -12.24 56.10
C LEU A 123 -7.72 -13.32 56.99
N SER A 124 -8.60 -14.04 57.68
CA SER A 124 -8.23 -15.20 58.48
C SER A 124 -8.69 -16.46 57.77
N ALA A 125 -7.89 -17.53 57.90
CA ALA A 125 -8.10 -18.72 57.06
C ALA A 125 -9.51 -19.27 57.16
N GLU A 126 -10.20 -19.04 58.29
CA GLU A 126 -11.56 -19.55 58.46
C GLU A 126 -12.57 -18.75 57.64
N HIS A 127 -12.53 -17.42 57.77
CA HIS A 127 -13.33 -16.58 56.89
C HIS A 127 -13.03 -16.87 55.43
N ARG A 128 -11.77 -17.18 55.12
CA ARG A 128 -11.39 -17.49 53.74
C ARG A 128 -12.04 -18.80 53.28
N ALA A 129 -11.81 -19.89 54.00
CA ALA A 129 -12.37 -21.17 53.60
C ALA A 129 -13.89 -21.12 53.50
N VAL A 130 -14.53 -20.23 54.26
CA VAL A 130 -15.98 -20.08 54.17
C VAL A 130 -16.36 -19.29 52.93
N ILE A 131 -15.71 -18.15 52.70
CA ILE A 131 -16.11 -17.31 51.57
C ILE A 131 -15.81 -18.00 50.25
N GLN A 132 -14.82 -18.89 50.20
CA GLN A 132 -14.50 -19.57 48.95
C GLN A 132 -15.50 -20.69 48.60
N ARG A 133 -16.69 -20.68 49.19
CA ARG A 133 -17.71 -21.69 48.94
C ARG A 133 -19.09 -21.04 48.96
N ILE A 144 -23.75 -24.52 52.49
CA ILE A 144 -22.34 -24.80 52.73
C ILE A 144 -22.16 -25.41 54.11
N ALA A 145 -23.14 -25.18 54.99
CA ALA A 145 -23.03 -25.60 56.39
C ALA A 145 -22.97 -27.11 56.56
N THR A 146 -23.03 -27.86 55.46
CA THR A 146 -22.96 -29.31 55.51
C THR A 146 -21.53 -29.83 55.52
N ASP A 147 -20.59 -29.08 54.94
CA ASP A 147 -19.20 -29.54 54.86
C ASP A 147 -18.41 -29.09 56.09
N LEU A 148 -18.24 -27.77 56.25
CA LEU A 148 -17.35 -27.24 57.27
C LEU A 148 -17.74 -27.65 58.69
N GLY A 149 -18.88 -28.33 58.87
CA GLY A 149 -19.23 -28.88 60.16
C GLY A 149 -19.45 -27.83 61.22
N ILE A 150 -20.29 -26.84 60.91
CA ILE A 150 -20.64 -25.78 61.83
C ILE A 150 -22.11 -25.43 61.63
N ALA A 151 -22.59 -24.46 62.39
CA ALA A 151 -23.98 -24.07 62.34
C ALA A 151 -24.28 -23.31 61.05
N GLU A 152 -25.57 -23.05 60.82
CA GLU A 152 -25.95 -22.11 59.78
C GLU A 152 -25.89 -20.68 60.31
N GLY A 153 -26.07 -20.48 61.61
CA GLY A 153 -25.83 -19.17 62.18
C GLY A 153 -24.36 -18.82 62.17
N THR A 154 -23.50 -19.78 62.45
CA THR A 154 -22.06 -19.57 62.27
C THR A 154 -21.74 -19.23 60.82
N VAL A 155 -22.40 -19.89 59.87
CA VAL A 155 -22.23 -19.54 58.47
C VAL A 155 -22.63 -18.07 58.33
N LYS A 156 -23.94 -17.79 58.38
CA LYS A 156 -24.45 -16.43 58.25
C LYS A 156 -23.52 -15.40 58.88
N SER A 157 -23.06 -15.63 60.11
CA SER A 157 -22.17 -14.69 60.76
C SER A 157 -20.83 -14.61 60.05
N ARG A 158 -20.03 -15.68 60.09
CA ARG A 158 -18.73 -15.67 59.43
C ARG A 158 -18.81 -15.04 58.04
N LEU A 159 -19.82 -15.40 57.25
CA LEU A 159 -20.09 -14.69 56.00
C LEU A 159 -20.27 -13.19 56.24
N HIS A 160 -21.10 -12.83 57.22
CA HIS A 160 -21.46 -11.44 57.49
C HIS A 160 -20.26 -10.59 57.86
N TYR A 161 -19.57 -10.99 58.93
CA TYR A 161 -18.36 -10.30 59.37
C TYR A 161 -17.27 -10.36 58.31
N ALA A 162 -17.12 -11.49 57.60
CA ALA A 162 -16.09 -11.61 56.58
C ALA A 162 -16.33 -10.64 55.45
N VAL A 163 -17.57 -10.59 54.95
CA VAL A 163 -17.94 -9.56 53.99
C VAL A 163 -17.55 -8.20 54.52
N ARG A 164 -18.04 -7.84 55.71
CA ARG A 164 -17.76 -6.50 56.22
C ARG A 164 -16.27 -6.22 56.30
N ALA A 165 -15.45 -7.23 56.59
CA ALA A 165 -14.01 -7.05 56.53
C ALA A 165 -13.55 -6.77 55.10
N LEU A 166 -14.15 -7.49 54.14
CA LEU A 166 -13.81 -7.28 52.73
C LEU A 166 -14.19 -5.88 52.27
N ARG A 167 -15.41 -5.46 52.62
CA ARG A 167 -15.89 -4.12 52.31
C ARG A 167 -15.00 -3.07 52.96
N LEU A 168 -14.66 -3.28 54.24
CA LEU A 168 -13.77 -2.36 54.94
C LEU A 168 -12.43 -2.25 54.23
N THR A 169 -11.80 -3.38 53.94
CA THR A 169 -10.50 -3.36 53.27
C THR A 169 -10.58 -2.65 51.92
N LEU A 170 -11.55 -3.06 51.09
CA LEU A 170 -11.70 -2.43 49.78
C LEU A 170 -11.82 -0.92 49.91
N GLN A 171 -12.81 -0.44 50.68
CA GLN A 171 -12.99 0.99 50.84
C GLN A 171 -11.80 1.64 51.54
N GLU A 172 -11.02 0.88 52.31
CA GLU A 172 -9.76 1.39 52.81
C GLU A 172 -8.83 1.75 51.66
N LEU A 173 -8.78 0.89 50.64
CA LEU A 173 -7.94 1.18 49.48
C LEU A 173 -8.55 2.27 48.59
N GLY A 174 -9.83 2.56 48.74
CA GLY A 174 -10.48 3.61 48.01
C GLY A 174 -11.40 3.18 46.88
N VAL A 175 -11.90 1.95 46.90
CA VAL A 175 -12.79 1.46 45.86
C VAL A 175 -14.10 2.25 45.88
N LEU E 2 44.75 50.45 16.56
CA LEU E 2 43.45 49.86 16.28
C LEU E 2 42.74 49.46 17.58
N ILE E 3 42.06 50.42 18.22
CA ILE E 3 41.48 50.23 19.53
C ILE E 3 40.02 50.68 19.53
N SER E 4 39.30 50.24 20.56
CA SER E 4 37.88 50.49 20.68
C SER E 4 37.54 51.98 20.68
N GLN E 5 36.60 52.35 19.82
CA GLN E 5 35.68 53.45 20.08
C GLN E 5 34.33 52.83 20.42
N ARG E 6 33.57 53.48 21.31
CA ARG E 6 32.27 52.92 21.66
C ARG E 6 31.25 53.17 20.54
N PRO E 7 30.30 52.26 20.36
CA PRO E 7 29.30 52.41 19.30
C PRO E 7 28.14 53.31 19.67
N THR E 8 27.65 54.02 18.67
CA THR E 8 26.55 54.97 18.79
C THR E 8 25.35 54.47 18.00
N LEU E 9 24.17 54.77 18.53
CA LEU E 9 22.89 54.39 17.94
C LEU E 9 22.08 55.64 17.64
N SER E 10 21.72 55.84 16.38
CA SER E 10 20.86 56.96 16.00
C SER E 10 19.63 56.46 15.25
N GLU E 11 18.53 57.22 15.38
CA GLU E 11 17.22 56.85 14.86
C GLU E 11 16.83 57.75 13.70
N ASP E 12 16.27 57.14 12.65
CA ASP E 12 15.74 57.81 11.48
C ASP E 12 14.29 57.37 11.27
N VAL E 13 13.39 58.32 11.12
CA VAL E 13 11.95 58.06 11.04
C VAL E 13 11.53 57.99 9.57
N LEU E 14 10.98 56.85 9.14
CA LEU E 14 10.48 56.76 7.77
C LEU E 14 9.00 57.11 7.71
N THR E 15 8.17 56.41 8.48
CA THR E 15 6.77 56.73 8.65
C THR E 15 6.45 56.79 10.14
N ASP E 16 5.18 57.00 10.46
CA ASP E 16 4.76 57.08 11.87
C ASP E 16 4.92 55.75 12.59
N ASN E 17 5.06 54.64 11.86
CA ASN E 17 5.19 53.32 12.46
C ASN E 17 6.33 52.54 11.84
N ARG E 18 7.40 53.22 11.42
CA ARG E 18 8.55 52.53 10.87
C ARG E 18 9.79 53.40 11.04
N SER E 19 10.86 52.80 11.57
CA SER E 19 12.08 53.52 11.83
C SER E 19 13.29 52.67 11.47
N GLN E 20 14.34 53.36 11.05
CA GLN E 20 15.65 52.78 10.81
C GLN E 20 16.59 53.19 11.93
N PHE E 21 17.38 52.25 12.41
CA PHE E 21 18.35 52.50 13.46
C PHE E 21 19.73 52.21 12.90
N VAL E 22 20.68 53.11 13.13
CA VAL E 22 22.06 52.91 12.68
C VAL E 22 22.93 52.76 13.90
N ILE E 23 23.62 51.63 13.97
CA ILE E 23 24.58 51.32 15.03
C ILE E 23 25.98 51.27 14.42
N GLU E 24 26.87 52.15 14.89
CA GLU E 24 28.22 52.23 14.34
C GLU E 24 29.14 52.89 15.34
N PRO E 25 30.40 52.47 15.47
CA PRO E 25 31.01 51.35 14.73
C PRO E 25 30.98 50.02 15.47
N LEU E 26 30.80 48.95 14.70
CA LEU E 26 30.76 47.58 15.20
C LEU E 26 31.98 46.81 14.68
N GLU E 27 32.38 45.81 15.45
CA GLU E 27 33.49 44.96 15.03
C GLU E 27 33.18 44.31 13.69
N PRO E 28 34.20 44.01 12.89
CA PRO E 28 33.95 43.41 11.57
C PRO E 28 33.31 42.03 11.70
N GLY E 29 32.20 41.85 10.97
CA GLY E 29 31.43 40.62 11.03
C GLY E 29 30.32 40.63 12.05
N PHE E 30 30.31 41.61 12.96
CA PHE E 30 29.36 41.64 14.07
C PHE E 30 27.99 42.22 13.69
N GLY E 31 27.91 43.01 12.62
CA GLY E 31 26.65 43.67 12.29
C GLY E 31 25.51 42.71 12.02
N TYR E 32 25.76 41.67 11.20
CA TYR E 32 24.68 40.75 10.86
C TYR E 32 24.14 40.05 12.10
N THR E 33 25.03 39.71 13.04
CA THR E 33 24.59 39.00 14.24
C THR E 33 23.72 39.89 15.10
N LEU E 34 24.04 41.18 15.21
CA LEU E 34 23.21 42.03 16.07
C LEU E 34 21.88 42.30 15.39
N GLY E 35 21.88 42.42 14.07
CA GLY E 35 20.62 42.56 13.37
C GLY E 35 19.72 41.37 13.62
N ASN E 36 20.29 40.16 13.50
CA ASN E 36 19.50 38.95 13.67
C ASN E 36 19.05 38.77 15.11
N SER E 37 19.90 39.05 16.10
CA SER E 37 19.51 38.88 17.49
C SER E 37 18.39 39.85 17.86
N LEU E 38 18.52 41.11 17.46
CA LEU E 38 17.47 42.08 17.75
C LEU E 38 16.18 41.71 17.01
N ARG E 39 16.30 41.26 15.77
CA ARG E 39 15.13 40.86 15.00
C ARG E 39 14.40 39.70 15.67
N ARG E 40 15.15 38.67 16.07
CA ARG E 40 14.52 37.49 16.68
C ARG E 40 13.83 37.87 17.98
N THR E 41 14.44 38.75 18.78
CA THR E 41 13.77 39.17 20.01
C THR E 41 12.53 40.02 19.71
N LEU E 42 12.61 40.86 18.68
CA LEU E 42 11.48 41.72 18.33
C LEU E 42 10.29 40.92 17.84
N LEU E 43 10.51 39.94 16.96
CA LEU E 43 9.42 39.24 16.31
C LEU E 43 8.69 38.29 17.27
N SER E 44 9.26 37.99 18.44
CA SER E 44 8.69 36.97 19.30
C SER E 44 8.53 37.35 20.77
N SER E 45 9.14 38.44 21.23
CA SER E 45 9.14 38.75 22.66
C SER E 45 8.95 40.25 22.88
N ILE E 46 7.89 40.81 22.30
CA ILE E 46 7.54 42.21 22.50
C ILE E 46 6.16 42.26 23.12
N PRO E 47 6.00 42.87 24.30
CA PRO E 47 4.69 42.86 24.96
C PRO E 47 3.64 43.63 24.17
N GLY E 48 2.45 43.06 24.09
CA GLY E 48 1.33 43.68 23.42
C GLY E 48 0.05 43.20 24.07
N ALA E 49 -1.07 43.71 23.57
CA ALA E 49 -2.38 43.32 24.04
C ALA E 49 -3.18 42.75 22.88
N ALA E 50 -4.07 41.81 23.19
CA ALA E 50 -4.89 41.19 22.17
C ALA E 50 -6.14 40.63 22.82
N VAL E 51 -7.11 40.30 21.98
CA VAL E 51 -8.37 39.75 22.45
C VAL E 51 -8.17 38.30 22.84
N THR E 52 -8.57 37.96 24.06
CA THR E 52 -8.48 36.58 24.52
C THR E 52 -9.69 35.77 24.07
N SER E 53 -10.89 36.31 24.29
CA SER E 53 -12.10 35.56 23.95
C SER E 53 -13.19 36.53 23.53
N ILE E 54 -14.27 35.98 22.96
CA ILE E 54 -15.44 36.76 22.62
C ILE E 54 -16.67 36.00 23.13
N ARG E 55 -17.81 36.69 23.05
CA ARG E 55 -19.08 36.11 23.46
C ARG E 55 -20.19 36.86 22.73
N ILE E 56 -20.89 36.16 21.84
CA ILE E 56 -22.03 36.71 21.12
C ILE E 56 -23.29 36.12 21.74
N ASP E 57 -24.31 36.94 21.92
CA ASP E 57 -25.50 36.49 22.65
C ASP E 57 -26.24 35.39 21.91
N GLY E 58 -26.56 35.60 20.65
CA GLY E 58 -27.33 34.63 19.90
C GLY E 58 -26.61 33.36 19.52
N VAL E 59 -25.31 33.25 19.80
CA VAL E 59 -24.52 32.10 19.40
C VAL E 59 -23.99 31.39 20.64
N LEU E 60 -23.66 30.12 20.45
CA LEU E 60 -23.07 29.27 21.47
C LEU E 60 -21.70 28.75 21.07
N HIS E 61 -21.48 28.52 19.78
CA HIS E 61 -20.17 28.09 19.28
C HIS E 61 -19.80 28.93 18.06
N GLU E 62 -18.74 28.52 17.36
CA GLU E 62 -18.25 29.29 16.23
C GLU E 62 -19.02 28.96 14.96
N PHE E 63 -19.38 27.68 14.78
CA PHE E 63 -19.89 27.20 13.51
C PHE E 63 -21.38 27.48 13.31
N THR E 64 -21.81 28.71 13.52
CA THR E 64 -23.20 29.08 13.31
C THR E 64 -23.25 30.42 12.58
N THR E 65 -24.46 30.99 12.51
CA THR E 65 -24.71 32.27 11.89
C THR E 65 -25.65 33.08 12.79
N VAL E 66 -25.57 34.40 12.66
CA VAL E 66 -26.46 35.33 13.36
C VAL E 66 -27.39 35.94 12.32
N PRO E 67 -28.70 35.96 12.56
CA PRO E 67 -29.61 36.51 11.54
C PRO E 67 -29.37 38.00 11.32
N GLY E 68 -29.31 38.39 10.05
CA GLY E 68 -29.19 39.79 9.69
C GLY E 68 -27.78 40.25 9.38
N VAL E 69 -26.76 39.43 9.63
CA VAL E 69 -25.37 39.79 9.36
C VAL E 69 -24.91 38.95 8.18
N LYS E 70 -24.07 39.55 7.33
CA LYS E 70 -23.64 38.86 6.12
C LYS E 70 -22.58 37.81 6.43
N GLU E 71 -21.67 38.12 7.35
CA GLU E 71 -20.60 37.21 7.71
C GLU E 71 -21.05 36.24 8.79
N ASP E 72 -20.65 34.98 8.65
CA ASP E 72 -20.90 34.01 9.71
C ASP E 72 -19.93 34.28 10.86
N VAL E 73 -20.07 33.50 11.93
CA VAL E 73 -19.26 33.73 13.12
C VAL E 73 -17.79 33.48 12.80
N THR E 74 -17.49 32.47 11.97
CA THR E 74 -16.11 32.18 11.64
C THR E 74 -15.44 33.36 10.94
N GLU E 75 -16.15 33.97 9.99
CA GLU E 75 -15.60 35.13 9.32
C GLU E 75 -15.51 36.33 10.25
N ILE E 76 -16.46 36.48 11.17
CA ILE E 76 -16.35 37.55 12.16
C ILE E 76 -15.10 37.37 13.00
N ILE E 77 -14.82 36.14 13.44
CA ILE E 77 -13.63 35.92 14.25
C ILE E 77 -12.37 36.18 13.44
N LEU E 78 -12.35 35.78 12.17
CA LEU E 78 -11.18 36.08 11.34
C LEU E 78 -10.99 37.58 11.21
N ASN E 79 -12.08 38.31 10.96
CA ASN E 79 -11.98 39.76 10.82
C ASN E 79 -11.58 40.42 12.14
N LEU E 80 -11.93 39.79 13.26
CA LEU E 80 -11.54 40.27 14.58
C LEU E 80 -10.08 39.94 14.91
N LYS E 81 -9.50 38.96 14.23
CA LYS E 81 -8.10 38.64 14.48
C LYS E 81 -7.20 39.78 14.06
N SER E 82 -7.64 40.61 13.11
CA SER E 82 -6.84 41.76 12.69
C SER E 82 -6.90 42.92 13.69
N LEU E 83 -7.73 42.82 14.72
CA LEU E 83 -7.89 43.94 15.65
C LEU E 83 -6.60 44.24 16.39
N VAL E 84 -6.15 45.48 16.29
CA VAL E 84 -5.00 45.97 17.05
C VAL E 84 -5.54 46.72 18.25
N VAL E 85 -5.00 46.41 19.43
CA VAL E 85 -5.49 47.00 20.67
C VAL E 85 -4.32 47.05 21.64
N SER E 86 -4.34 48.04 22.53
CA SER E 86 -3.35 48.12 23.60
C SER E 86 -4.07 48.23 24.93
N SER E 87 -3.44 47.69 25.98
CA SER E 87 -4.05 47.64 27.31
C SER E 87 -3.03 48.04 28.36
N GLU E 88 -3.50 48.80 29.34
CA GLU E 88 -2.71 49.26 30.48
C GLU E 88 -2.94 48.46 31.76
N GLU E 89 -3.88 47.51 31.75
CA GLU E 89 -4.31 46.88 33.00
C GLU E 89 -3.52 45.66 33.41
N ASP E 90 -2.92 44.93 32.46
CA ASP E 90 -2.20 43.70 32.76
C ASP E 90 -3.09 42.65 33.45
N GLU E 91 -4.40 42.83 33.35
CA GLU E 91 -5.39 41.92 33.91
C GLU E 91 -6.53 41.83 32.94
N PRO E 92 -7.34 40.77 32.99
CA PRO E 92 -8.43 40.64 32.03
C PRO E 92 -9.36 41.84 32.09
N VAL E 93 -9.78 42.32 30.91
CA VAL E 93 -10.70 43.46 30.85
C VAL E 93 -11.65 43.25 29.67
N THR E 94 -12.90 43.65 29.86
CA THR E 94 -13.97 43.38 28.90
C THR E 94 -14.33 44.62 28.09
N MET E 95 -14.40 44.45 26.77
CA MET E 95 -14.88 45.45 25.83
C MET E 95 -16.28 45.03 25.39
N TYR E 96 -17.09 46.01 25.01
CA TYR E 96 -18.47 45.76 24.61
C TYR E 96 -18.74 46.31 23.22
N LEU E 97 -19.69 45.68 22.53
CA LEU E 97 -20.11 46.12 21.21
C LEU E 97 -21.59 45.82 21.03
N ARG E 98 -22.40 46.86 20.85
CA ARG E 98 -23.81 46.72 20.55
C ARG E 98 -24.12 47.59 19.35
N LYS E 99 -24.69 46.99 18.31
CA LYS E 99 -25.02 47.74 17.11
C LYS E 99 -26.20 47.11 16.41
N GLN E 100 -27.11 47.97 15.94
CA GLN E 100 -28.31 47.56 15.23
C GLN E 100 -28.12 47.89 13.76
N GLY E 101 -28.67 47.03 12.91
CA GLY E 101 -28.64 47.24 11.47
C GLY E 101 -29.73 48.19 11.05
N PRO E 102 -29.70 48.60 9.78
CA PRO E 102 -28.73 48.37 8.71
C PRO E 102 -27.43 49.16 8.84
N GLY E 103 -26.40 48.72 8.13
CA GLY E 103 -25.14 49.42 8.08
C GLY E 103 -23.97 48.46 8.06
N GLU E 104 -22.81 48.98 8.48
CA GLU E 104 -21.58 48.21 8.54
C GLU E 104 -21.01 48.38 9.93
N VAL E 105 -20.61 47.27 10.55
CA VAL E 105 -19.98 47.27 11.85
C VAL E 105 -18.48 47.23 11.64
N THR E 106 -17.79 48.22 12.20
CA THR E 106 -16.36 48.41 12.15
C THR E 106 -15.79 48.32 13.55
N ALA E 107 -14.46 48.37 13.63
CA ALA E 107 -13.80 48.32 14.93
C ALA E 107 -14.03 49.58 15.77
N GLY E 108 -14.46 50.67 15.14
CA GLY E 108 -14.75 51.88 15.91
C GLY E 108 -16.03 51.80 16.72
N ASP E 109 -16.97 50.93 16.33
CA ASP E 109 -18.20 50.76 17.09
C ASP E 109 -17.99 50.04 18.42
N ILE E 110 -16.77 49.63 18.75
CA ILE E 110 -16.52 48.98 20.03
C ILE E 110 -16.30 50.05 21.10
N VAL E 111 -16.78 49.78 22.31
CA VAL E 111 -16.61 50.71 23.43
C VAL E 111 -15.56 50.13 24.37
N PRO E 112 -14.34 50.67 24.38
CA PRO E 112 -13.29 50.08 25.21
C PRO E 112 -13.30 50.65 26.62
N PRO E 113 -13.25 49.81 27.65
CA PRO E 113 -13.16 50.33 29.02
C PRO E 113 -11.88 51.11 29.22
N ALA E 114 -11.81 51.81 30.34
CA ALA E 114 -10.61 52.59 30.65
C ALA E 114 -9.40 51.68 30.73
N GLY E 115 -8.36 52.01 29.96
CA GLY E 115 -7.12 51.26 29.91
C GLY E 115 -6.81 50.65 28.56
N VAL E 116 -7.84 50.23 27.82
CA VAL E 116 -7.65 49.62 26.51
C VAL E 116 -8.03 50.64 25.43
N THR E 117 -7.42 50.47 24.26
CA THR E 117 -7.65 51.40 23.16
C THR E 117 -7.47 50.70 21.82
N VAL E 118 -8.38 51.01 20.89
CA VAL E 118 -8.38 50.51 19.52
C VAL E 118 -7.67 51.53 18.64
N HIS E 119 -6.74 51.05 17.81
CA HIS E 119 -5.91 51.94 17.01
C HIS E 119 -6.31 52.00 15.54
N ASN E 120 -7.30 51.22 15.10
CA ASN E 120 -7.79 51.28 13.72
C ASN E 120 -9.30 51.14 13.73
N PRO E 121 -10.01 52.20 14.10
CA PRO E 121 -11.48 52.11 14.19
C PRO E 121 -12.17 51.79 12.88
N GLY E 122 -11.48 51.81 11.75
CA GLY E 122 -12.10 51.62 10.47
C GLY E 122 -12.10 50.20 9.95
N MET E 123 -11.67 49.24 10.74
CA MET E 123 -11.62 47.85 10.29
C MET E 123 -13.03 47.31 10.13
N HIS E 124 -13.32 46.73 8.97
CA HIS E 124 -14.61 46.09 8.77
C HIS E 124 -14.72 44.83 9.64
N ILE E 125 -15.87 44.66 10.27
CA ILE E 125 -16.17 43.50 11.08
C ILE E 125 -17.36 42.72 10.51
N ALA E 126 -18.45 43.41 10.21
CA ALA E 126 -19.62 42.71 9.71
C ALA E 126 -20.52 43.67 8.95
N THR E 127 -21.40 43.12 8.12
CA THR E 127 -22.42 43.88 7.39
C THR E 127 -23.80 43.50 7.92
N LEU E 128 -24.54 44.48 8.44
CA LEU E 128 -25.86 44.25 8.99
C LEU E 128 -26.95 44.77 8.05
N ASN E 129 -27.94 43.93 7.78
CA ASN E 129 -29.09 44.29 6.97
C ASN E 129 -30.19 44.85 7.89
N ASP E 130 -31.42 44.94 7.40
CA ASP E 130 -32.51 45.47 8.22
C ASP E 130 -32.72 44.64 9.47
N LYS E 131 -32.68 43.31 9.34
CA LYS E 131 -32.97 42.41 10.45
C LYS E 131 -31.72 42.10 11.28
N GLY E 132 -30.66 42.88 11.15
CA GLY E 132 -29.42 42.59 11.85
C GLY E 132 -29.29 43.28 13.20
N LYS E 133 -28.78 42.53 14.17
CA LYS E 133 -28.50 43.01 15.52
C LYS E 133 -27.25 42.27 15.97
N LEU E 134 -26.29 42.99 16.54
CA LEU E 134 -25.04 42.38 16.96
C LEU E 134 -24.69 42.86 18.37
N GLU E 135 -24.59 41.91 19.30
CA GLU E 135 -24.20 42.16 20.68
C GLU E 135 -23.02 41.24 20.98
N VAL E 136 -21.89 41.83 21.33
CA VAL E 136 -20.64 41.08 21.49
C VAL E 136 -19.88 41.60 22.70
N GLU E 137 -19.35 40.68 23.50
CA GLU E 137 -18.40 40.98 24.56
C GLU E 137 -17.04 40.44 24.13
N LEU E 138 -15.98 41.20 24.37
CA LEU E 138 -14.64 40.80 23.97
C LEU E 138 -13.72 40.91 25.17
N VAL E 139 -13.13 39.80 25.59
CA VAL E 139 -12.21 39.78 26.70
C VAL E 139 -10.81 39.94 26.13
N VAL E 140 -10.13 41.00 26.58
CA VAL E 140 -8.81 41.40 26.14
C VAL E 140 -7.85 41.24 27.30
N GLU E 141 -6.74 40.55 27.05
CA GLU E 141 -5.67 40.36 28.01
C GLU E 141 -4.38 40.89 27.42
N ARG E 142 -3.35 40.96 28.26
CA ARG E 142 -2.03 41.42 27.86
C ARG E 142 -1.06 40.25 27.87
N GLY E 143 -0.24 40.17 26.83
CA GLY E 143 0.74 39.11 26.75
C GLY E 143 1.78 39.41 25.69
N ARG E 144 2.50 38.36 25.29
CA ARG E 144 3.53 38.46 24.27
C ARG E 144 3.52 37.18 23.43
N GLY E 145 3.90 37.33 22.16
CA GLY E 145 3.99 36.18 21.29
C GLY E 145 2.64 35.69 20.81
N TYR E 146 2.49 34.38 20.70
CA TYR E 146 1.25 33.76 20.22
C TYR E 146 0.88 32.62 21.14
N VAL E 147 -0.30 32.73 21.76
CA VAL E 147 -0.85 31.69 22.63
C VAL E 147 -2.13 31.19 21.99
N PRO E 148 -2.34 29.88 21.84
CA PRO E 148 -3.58 29.40 21.22
C PRO E 148 -4.76 29.71 22.10
N ALA E 149 -5.95 29.49 21.54
CA ALA E 149 -7.18 29.81 22.25
C ALA E 149 -7.32 28.91 23.47
N VAL E 150 -7.45 29.51 24.65
CA VAL E 150 -7.54 28.73 25.87
C VAL E 150 -8.80 27.88 25.82
N GLN E 151 -8.65 26.58 26.09
CA GLN E 151 -9.77 25.67 26.08
C GLN E 151 -10.76 26.01 27.20
N ASN E 152 -12.01 25.58 27.02
CA ASN E 152 -12.97 25.74 28.10
C ASN E 152 -12.80 24.64 29.15
N ARG E 153 -12.28 23.47 28.75
CA ARG E 153 -11.99 22.44 29.74
C ARG E 153 -10.84 22.84 30.65
N ALA E 154 -9.86 23.58 30.12
CA ALA E 154 -8.75 24.02 30.96
C ALA E 154 -9.10 25.27 31.74
N SER E 155 -9.86 26.18 31.14
CA SER E 155 -10.35 27.35 31.84
C SER E 155 -11.61 26.98 32.61
N GLY E 156 -12.09 27.92 33.41
CA GLY E 156 -13.38 27.80 34.04
C GLY E 156 -14.51 28.40 33.23
N ALA E 157 -14.24 28.74 31.96
CA ALA E 157 -15.28 29.30 31.12
C ALA E 157 -16.32 28.25 30.76
N GLU E 158 -17.58 28.66 30.76
CA GLU E 158 -18.69 27.78 30.45
C GLU E 158 -18.91 27.72 28.92
N ILE E 159 -20.11 27.36 28.49
CA ILE E 159 -20.35 27.10 27.08
C ILE E 159 -20.47 28.38 26.26
N GLY E 160 -21.10 29.41 26.80
CA GLY E 160 -21.32 30.61 26.01
C GLY E 160 -20.04 31.35 25.60
N ARG E 161 -18.91 31.02 26.21
CA ARG E 161 -17.66 31.71 25.90
C ARG E 161 -17.01 31.11 24.67
N ILE E 162 -16.49 31.98 23.79
CA ILE E 162 -15.85 31.56 22.56
C ILE E 162 -14.37 31.94 22.66
N PRO E 163 -13.46 30.99 22.79
CA PRO E 163 -12.03 31.33 22.79
C PRO E 163 -11.50 31.62 21.40
N VAL E 164 -10.53 32.53 21.35
CA VAL E 164 -9.90 32.93 20.10
C VAL E 164 -8.39 32.89 20.25
N ASP E 165 -7.69 32.67 19.14
CA ASP E 165 -6.24 32.74 19.14
C ASP E 165 -5.77 34.18 19.37
N SER E 166 -4.72 34.33 20.17
CA SER E 166 -4.19 35.63 20.57
C SER E 166 -2.84 35.88 19.90
N ILE E 167 -2.80 36.86 19.00
CA ILE E 167 -1.57 37.29 18.36
C ILE E 167 -1.10 38.56 19.06
N TYR E 168 -0.38 38.39 20.17
CA TYR E 168 -0.01 39.54 21.01
C TYR E 168 1.03 40.44 20.36
N SER E 169 1.89 39.89 19.50
CA SER E 169 3.05 40.67 19.06
C SER E 169 2.61 41.96 18.37
N PRO E 170 3.11 43.12 18.80
CA PRO E 170 2.81 44.38 18.11
C PRO E 170 3.72 44.72 16.94
N VAL E 171 4.84 44.03 16.78
CA VAL E 171 5.76 44.33 15.69
C VAL E 171 5.32 43.61 14.42
N LEU E 172 5.52 44.26 13.29
CA LEU E 172 5.07 43.76 12.00
C LEU E 172 6.20 43.19 11.15
N LYS E 173 7.26 43.96 10.93
CA LYS E 173 8.31 43.50 10.01
C LYS E 173 9.66 44.09 10.40
N VAL E 174 10.67 43.24 10.52
CA VAL E 174 12.02 43.65 10.90
C VAL E 174 13.01 43.08 9.89
N THR E 175 13.90 43.94 9.40
CA THR E 175 14.99 43.51 8.52
C THR E 175 16.24 44.30 8.88
N TYR E 176 17.36 43.97 8.22
CA TYR E 176 18.59 44.70 8.48
C TYR E 176 19.53 44.58 7.29
N LYS E 177 20.46 45.53 7.21
CA LYS E 177 21.52 45.52 6.22
C LYS E 177 22.76 46.10 6.90
N VAL E 178 23.93 45.73 6.39
CA VAL E 178 25.20 46.22 6.92
C VAL E 178 26.03 46.79 5.78
N ASP E 179 26.70 47.90 6.06
CA ASP E 179 27.67 48.47 5.13
C ASP E 179 29.04 48.20 5.75
N ALA E 180 29.86 47.44 5.05
CA ALA E 180 31.18 47.05 5.52
C ALA E 180 32.24 47.95 4.92
N THR E 181 33.23 48.28 5.72
CA THR E 181 34.37 49.08 5.30
C THR E 181 35.51 48.08 5.34
N ARG E 182 35.82 47.54 4.15
CA ARG E 182 36.83 46.54 3.90
C ARG E 182 38.05 47.11 3.19
N VAL E 183 38.31 48.41 3.36
CA VAL E 183 39.46 49.02 2.71
C VAL E 183 40.72 48.42 3.30
N GLU E 184 41.45 47.64 2.49
CA GLU E 184 42.60 46.87 2.96
C GLU E 184 43.59 47.72 3.74
N GLN E 185 43.20 48.16 4.94
CA GLN E 185 44.06 48.97 5.78
C GLN E 185 43.91 48.45 7.21
N ARG E 186 44.38 49.23 8.17
CA ARG E 186 44.25 48.90 9.59
C ARG E 186 42.83 49.12 10.12
N THR E 187 41.98 49.85 9.39
CA THR E 187 40.64 50.19 9.85
C THR E 187 39.54 49.56 9.00
N ASP E 188 39.04 48.40 9.45
CA ASP E 188 37.88 47.77 8.86
C ASP E 188 36.73 47.86 9.86
N PHE E 189 35.50 48.08 9.38
CA PHE E 189 34.42 48.19 10.36
C PHE E 189 33.05 48.12 9.68
N ASP E 190 32.07 47.63 10.44
CA ASP E 190 30.70 47.44 9.96
C ASP E 190 29.78 48.50 10.53
N LYS E 191 28.83 48.96 9.72
CA LYS E 191 27.77 49.88 10.13
C LYS E 191 26.43 49.19 9.90
N LEU E 192 25.67 49.01 10.98
CA LEU E 192 24.41 48.27 10.90
C LEU E 192 23.23 49.23 10.74
N ILE E 193 22.32 48.86 9.84
CA ILE E 193 21.08 49.57 9.59
C ILE E 193 19.96 48.58 9.85
N LEU E 194 19.22 48.79 10.95
CA LEU E 194 18.09 47.98 11.35
C LEU E 194 16.81 48.67 10.91
N ASP E 195 15.82 47.89 10.47
CA ASP E 195 14.54 48.41 9.99
C ASP E 195 13.42 47.75 10.76
N VAL E 196 12.65 48.55 11.49
CA VAL E 196 11.60 48.07 12.38
C VAL E 196 10.29 48.74 11.99
N GLU E 197 9.26 47.93 11.69
CA GLU E 197 7.92 48.39 11.38
C GLU E 197 6.91 47.74 12.32
N THR E 198 6.09 48.57 12.98
CA THR E 198 5.10 48.13 13.95
C THR E 198 3.70 48.39 13.42
N LYS E 199 2.69 47.94 14.18
CA LYS E 199 1.28 48.06 13.82
C LYS E 199 0.54 49.17 14.57
N ASN E 200 1.16 50.32 14.80
CA ASN E 200 0.53 51.41 15.52
C ASN E 200 0.11 51.04 16.95
N SER E 201 0.43 49.81 17.38
CA SER E 201 0.20 49.46 18.78
C SER E 201 1.25 50.12 19.67
N ILE E 202 2.50 50.14 19.20
CA ILE E 202 3.60 50.80 19.87
C ILE E 202 4.46 51.41 18.77
N SER E 203 5.28 52.40 19.14
CA SER E 203 6.17 53.00 18.17
C SER E 203 7.39 52.11 18.00
N PRO E 204 8.07 52.20 16.84
CA PRO E 204 9.25 51.34 16.64
C PRO E 204 10.30 51.50 17.72
N ARG E 205 10.47 52.72 18.23
CA ARG E 205 11.42 52.95 19.31
C ARG E 205 11.01 52.18 20.56
N ASP E 206 9.71 52.14 20.87
CA ASP E 206 9.27 51.41 22.04
C ASP E 206 9.50 49.91 21.89
N ALA E 207 9.26 49.37 20.70
CA ALA E 207 9.54 47.95 20.47
C ALA E 207 11.02 47.66 20.63
N LEU E 208 11.87 48.49 20.02
CA LEU E 208 13.31 48.29 20.15
C LEU E 208 13.76 48.45 21.59
N ALA E 209 13.14 49.36 22.35
CA ALA E 209 13.47 49.51 23.76
C ALA E 209 13.11 48.26 24.55
N SER E 210 11.95 47.67 24.24
CA SER E 210 11.57 46.43 24.91
C SER E 210 12.58 45.34 24.60
N ALA E 211 12.99 45.22 23.33
CA ALA E 211 13.99 44.24 22.96
C ALA E 211 15.32 44.50 23.65
N GLY E 212 15.71 45.77 23.75
CA GLY E 212 16.96 46.10 24.40
C GLY E 212 16.96 45.73 25.87
N LYS E 213 15.87 46.05 26.57
CA LYS E 213 15.76 45.66 27.97
C LYS E 213 15.77 44.14 28.08
N THR E 214 15.07 43.47 27.17
CA THR E 214 15.03 42.01 27.16
C THR E 214 16.44 41.44 27.11
N LEU E 215 17.23 41.91 26.15
CA LEU E 215 18.56 41.34 25.94
C LEU E 215 19.53 41.77 27.02
N VAL E 216 19.42 43.00 27.53
CA VAL E 216 20.28 43.40 28.64
C VAL E 216 20.06 42.49 29.84
N GLU E 217 18.78 42.29 30.20
CA GLU E 217 18.48 41.41 31.31
C GLU E 217 18.96 40.00 31.04
N LEU E 218 18.76 39.50 29.83
CA LEU E 218 19.13 38.13 29.50
C LEU E 218 20.64 37.92 29.55
N PHE E 219 21.39 38.82 28.89
CA PHE E 219 22.85 38.70 28.85
C PHE E 219 23.49 39.00 30.18
N GLY E 220 22.78 39.62 31.12
CA GLY E 220 23.34 39.79 32.45
C GLY E 220 23.70 38.48 33.13
N LEU E 221 23.14 37.36 32.68
CA LEU E 221 23.47 36.07 33.27
C LEU E 221 24.94 35.69 33.11
N ALA E 222 25.59 36.13 32.04
CA ALA E 222 26.99 35.77 31.83
C ALA E 222 27.94 36.54 32.75
N ARG E 223 27.57 37.75 33.17
CA ARG E 223 28.47 38.55 33.99
C ARG E 223 28.69 37.95 35.37
N GLU E 224 27.70 37.28 35.94
CA GLU E 224 27.87 36.70 37.27
C GLU E 224 28.80 35.49 37.19
N LEU E 225 29.79 35.46 38.07
CA LEU E 225 30.78 34.39 38.07
C LEU E 225 30.18 33.12 38.69
N ASN E 226 31.03 32.13 38.97
CA ASN E 226 30.57 30.85 39.51
C ASN E 226 31.23 30.58 40.85
N MET F 1 7.48 40.64 29.53
CA MET F 1 6.55 41.45 30.39
C MET F 1 6.67 41.02 31.84
N LEU F 2 6.07 39.88 32.17
CA LEU F 2 6.08 39.38 33.54
C LEU F 2 7.43 38.74 33.86
N ILE F 3 7.46 37.42 34.03
CA ILE F 3 8.69 36.73 34.40
C ILE F 3 8.88 35.50 33.53
N SER F 4 10.12 35.01 33.51
CA SER F 4 10.52 33.81 32.78
C SER F 4 11.75 33.31 33.53
N GLN F 5 11.50 32.58 34.62
CA GLN F 5 12.47 32.45 35.70
C GLN F 5 13.15 31.08 35.67
N ARG F 6 14.34 31.05 36.25
CA ARG F 6 15.16 29.87 36.42
C ARG F 6 16.16 29.68 35.28
N PRO F 7 16.61 30.72 34.59
CA PRO F 7 17.70 30.48 33.63
C PRO F 7 19.01 30.52 34.40
N THR F 8 19.76 29.42 34.32
CA THR F 8 20.99 29.27 35.07
C THR F 8 22.15 29.01 34.12
N LEU F 9 23.34 29.44 34.54
CA LEU F 9 24.57 29.26 33.79
C LEU F 9 25.48 28.36 34.60
N SER F 10 25.86 27.23 34.03
CA SER F 10 26.78 26.32 34.70
C SER F 10 28.00 26.09 33.82
N GLU F 11 29.14 25.90 34.46
CA GLU F 11 30.43 25.75 33.80
C GLU F 11 30.97 24.36 34.06
N ASP F 12 31.53 23.74 33.02
CA ASP F 12 32.24 22.49 33.12
C ASP F 12 33.66 22.74 32.61
N VAL F 13 34.65 22.42 33.42
CA VAL F 13 36.04 22.74 33.11
C VAL F 13 36.65 21.52 32.43
N LEU F 14 37.08 21.68 31.18
CA LEU F 14 37.73 20.58 30.47
C LEU F 14 39.24 20.61 30.72
N THR F 15 39.86 21.75 30.44
CA THR F 15 41.25 22.01 30.76
C THR F 15 41.31 23.30 31.57
N ASP F 16 42.53 23.72 31.91
CA ASP F 16 42.68 24.95 32.68
C ASP F 16 42.30 26.18 31.88
N ASN F 17 42.21 26.07 30.55
CA ASN F 17 41.88 27.18 29.67
C ASN F 17 40.83 26.76 28.64
N ARG F 18 39.91 25.90 29.03
CA ARG F 18 38.81 25.50 28.16
C ARG F 18 37.61 25.09 28.99
N SER F 19 36.46 25.66 28.67
CA SER F 19 35.26 25.37 29.45
C SER F 19 34.03 25.31 28.55
N GLN F 20 33.07 24.52 28.99
CA GLN F 20 31.74 24.48 28.40
C GLN F 20 30.77 25.19 29.33
N PHE F 21 29.91 26.03 28.75
CA PHE F 21 28.91 26.78 29.48
C PHE F 21 27.53 26.34 29.03
N VAL F 22 26.64 26.09 29.98
CA VAL F 22 25.26 25.74 29.68
C VAL F 22 24.36 26.83 30.23
N ILE F 23 23.54 27.41 29.36
CA ILE F 23 22.51 28.36 29.75
C ILE F 23 21.19 27.62 29.60
N GLU F 24 20.46 27.46 30.71
CA GLU F 24 19.30 26.59 30.64
C GLU F 24 18.27 26.90 31.71
N PRO F 25 16.97 26.89 31.39
CA PRO F 25 16.37 26.79 30.05
C PRO F 25 16.01 28.17 29.52
N LEU F 26 16.07 28.38 28.22
CA LEU F 26 15.74 29.67 27.62
C LEU F 26 14.42 29.56 26.87
N GLU F 27 13.69 30.66 26.83
CA GLU F 27 12.42 30.68 26.13
C GLU F 27 12.63 30.39 24.65
N PRO F 28 11.69 29.72 23.98
CA PRO F 28 11.85 29.46 22.55
C PRO F 28 11.76 30.75 21.75
N GLY F 29 12.75 31.02 20.90
CA GLY F 29 14.00 30.28 20.76
C GLY F 29 15.16 31.23 21.00
N PHE F 30 15.37 31.60 22.27
CA PHE F 30 16.38 32.60 22.60
C PHE F 30 17.79 32.03 22.56
N GLY F 31 17.93 30.71 22.70
CA GLY F 31 19.25 30.13 22.64
C GLY F 31 19.91 30.45 21.32
N TYR F 32 19.20 30.25 20.22
CA TYR F 32 19.74 30.57 18.92
C TYR F 32 19.96 32.08 18.77
N THR F 33 19.10 32.90 19.37
CA THR F 33 19.24 34.34 19.19
C THR F 33 20.56 34.82 19.79
N LEU F 34 20.84 34.43 21.03
CA LEU F 34 22.03 34.91 21.73
C LEU F 34 23.28 34.07 21.52
N GLY F 35 23.17 32.79 21.16
CA GLY F 35 24.37 31.97 21.01
C GLY F 35 25.36 32.51 19.99
N ASN F 36 24.89 32.82 18.79
CA ASN F 36 25.79 33.31 17.76
C ASN F 36 26.36 34.68 18.15
N SER F 37 25.53 35.52 18.77
CA SER F 37 26.01 36.81 19.21
C SER F 37 27.12 36.64 20.25
N LEU F 38 26.93 35.73 21.21
CA LEU F 38 27.95 35.49 22.22
C LEU F 38 29.24 34.95 21.60
N ARG F 39 29.11 34.03 20.64
CA ARG F 39 30.30 33.48 19.99
C ARG F 39 31.08 34.59 19.27
N ARG F 40 30.39 35.40 18.49
CA ARG F 40 31.06 36.46 17.74
C ARG F 40 31.67 37.49 18.70
N THR F 41 30.97 37.79 19.80
CA THR F 41 31.51 38.74 20.77
C THR F 41 32.76 38.19 21.43
N LEU F 42 32.78 36.88 21.69
CA LEU F 42 33.97 36.28 22.29
C LEU F 42 35.14 36.32 21.32
N LEU F 43 34.90 35.93 20.07
CA LEU F 43 36.00 35.83 19.11
C LEU F 43 36.45 37.18 18.57
N SER F 44 35.68 38.24 18.75
CA SER F 44 35.96 39.52 18.10
C SER F 44 35.92 40.73 19.01
N SER F 45 35.46 40.62 20.25
CA SER F 45 35.27 41.78 21.11
C SER F 45 35.81 41.52 22.51
N ILE F 46 37.03 40.98 22.57
CA ILE F 46 37.77 40.82 23.83
C ILE F 46 39.14 41.44 23.64
N PRO F 47 39.53 42.43 24.46
CA PRO F 47 40.83 43.07 24.24
C PRO F 47 41.99 42.12 24.49
N GLY F 48 42.96 42.15 23.58
CA GLY F 48 44.16 41.35 23.72
C GLY F 48 45.32 42.02 23.02
N ALA F 49 46.49 41.40 23.13
CA ALA F 49 47.69 41.86 22.44
C ALA F 49 48.26 40.73 21.60
N ALA F 50 48.89 41.09 20.48
CA ALA F 50 49.50 40.08 19.62
C ALA F 50 50.56 40.73 18.74
N VAL F 51 51.36 39.88 18.10
CA VAL F 51 52.43 40.34 17.23
C VAL F 51 51.82 40.79 15.90
N THR F 52 52.12 42.03 15.50
CA THR F 52 51.66 42.59 14.24
C THR F 52 52.61 42.26 13.09
N SER F 53 53.90 42.51 13.26
CA SER F 53 54.89 42.24 12.23
C SER F 53 56.21 41.89 12.91
N ILE F 54 57.12 41.27 12.15
CA ILE F 54 58.44 40.93 12.65
C ILE F 54 59.48 41.31 11.58
N ARG F 55 60.74 41.11 11.93
CA ARG F 55 61.84 41.37 11.00
C ARG F 55 63.01 40.49 11.41
N ILE F 56 63.41 39.58 10.52
CA ILE F 56 64.51 38.66 10.76
C ILE F 56 65.75 39.16 10.04
N ASP F 57 66.88 39.18 10.73
CA ASP F 57 68.13 39.67 10.15
C ASP F 57 68.62 38.68 9.09
N GLY F 58 69.02 39.20 7.94
CA GLY F 58 69.47 38.36 6.84
C GLY F 58 68.42 38.05 5.80
N VAL F 59 67.17 38.45 6.01
CA VAL F 59 66.08 38.18 5.09
C VAL F 59 65.57 39.54 4.60
N LEU F 60 65.77 39.81 3.31
CA LEU F 60 65.33 41.07 2.72
C LEU F 60 64.39 40.89 1.53
N HIS F 61 64.66 39.92 0.66
CA HIS F 61 63.82 39.66 -0.49
C HIS F 61 63.56 38.18 -0.73
N GLU F 62 64.22 37.28 0.00
CA GLU F 62 64.07 35.85 -0.24
C GLU F 62 62.89 35.25 0.52
N PHE F 63 62.71 35.63 1.80
CA PHE F 63 61.75 34.99 2.68
C PHE F 63 61.63 33.49 2.38
N THR F 64 62.77 32.79 2.40
CA THR F 64 62.77 31.37 2.11
C THR F 64 63.52 30.58 3.17
N THR F 65 64.80 30.87 3.38
CA THR F 65 65.57 30.15 4.39
C THR F 65 66.42 31.11 5.21
N VAL F 66 66.65 30.74 6.45
CA VAL F 66 67.57 31.42 7.35
C VAL F 66 68.75 30.49 7.58
N PRO F 67 69.99 30.91 7.31
CA PRO F 67 71.13 29.99 7.52
C PRO F 67 71.36 29.69 8.99
N GLY F 68 71.58 28.41 9.28
CA GLY F 68 71.91 27.94 10.61
C GLY F 68 70.74 27.38 11.40
N VAL F 69 69.50 27.58 10.93
CA VAL F 69 68.31 27.10 11.62
C VAL F 69 67.61 26.06 10.77
N LYS F 70 66.97 25.11 11.43
CA LYS F 70 66.30 24.03 10.71
C LYS F 70 65.02 24.52 10.04
N GLU F 71 64.30 25.43 10.69
CA GLU F 71 63.03 25.92 10.16
C GLU F 71 63.26 27.02 9.13
N ASP F 72 62.51 26.95 8.03
CA ASP F 72 62.50 28.00 7.02
C ASP F 72 61.71 29.20 7.53
N VAL F 73 61.64 30.25 6.71
CA VAL F 73 61.07 31.52 7.18
C VAL F 73 59.60 31.36 7.53
N THR F 74 58.84 30.64 6.69
CA THR F 74 57.41 30.51 6.94
C THR F 74 57.13 29.75 8.24
N GLU F 75 57.89 28.68 8.49
CA GLU F 75 57.71 27.93 9.73
C GLU F 75 58.11 28.74 10.95
N ILE F 76 59.16 29.58 10.82
CA ILE F 76 59.52 30.49 11.90
C ILE F 76 58.36 31.44 12.20
N ILE F 77 57.76 31.99 11.14
CA ILE F 77 56.64 32.91 11.31
C ILE F 77 55.47 32.18 11.96
N LEU F 78 55.24 30.93 11.57
CA LEU F 78 54.13 30.18 12.15
C LEU F 78 54.32 29.96 13.64
N ASN F 79 55.49 29.50 14.06
CA ASN F 79 55.70 29.28 15.49
C ASN F 79 55.75 30.59 16.28
N LEU F 80 56.14 31.69 15.63
CA LEU F 80 56.09 32.98 16.33
C LEU F 80 54.68 33.55 16.38
N LYS F 81 53.80 33.16 15.46
CA LYS F 81 52.44 33.66 15.46
C LYS F 81 51.62 33.08 16.61
N SER F 82 51.94 31.88 17.07
CA SER F 82 51.25 31.27 18.20
C SER F 82 51.69 31.83 19.54
N LEU F 83 52.69 32.71 19.54
CA LEU F 83 53.17 33.30 20.79
C LEU F 83 52.07 34.13 21.42
N VAL F 84 51.76 33.85 22.68
CA VAL F 84 50.73 34.57 23.41
C VAL F 84 51.40 35.70 24.20
N VAL F 85 50.82 36.89 24.12
CA VAL F 85 51.42 38.08 24.72
C VAL F 85 50.29 39.03 25.13
N SER F 86 50.54 39.79 26.19
CA SER F 86 49.64 40.84 26.63
C SER F 86 50.42 42.14 26.78
N SER F 87 49.75 43.26 26.51
CA SER F 87 50.41 44.56 26.57
C SER F 87 49.50 45.56 27.25
N GLU F 88 50.10 46.44 28.06
CA GLU F 88 49.36 47.50 28.72
C GLU F 88 49.49 48.84 27.99
N GLU F 89 50.39 48.92 27.01
CA GLU F 89 50.63 50.14 26.24
C GLU F 89 49.82 50.05 24.95
N ASP F 90 49.04 51.10 24.65
CA ASP F 90 48.18 51.05 23.49
C ASP F 90 48.97 51.18 22.19
N GLU F 91 50.05 51.94 22.19
CA GLU F 91 50.85 52.13 21.00
C GLU F 91 51.72 50.89 20.74
N PRO F 92 52.17 50.72 19.50
CA PRO F 92 53.03 49.57 19.18
C PRO F 92 54.27 49.55 20.06
N VAL F 93 54.76 48.35 20.33
CA VAL F 93 55.90 48.13 21.20
C VAL F 93 56.87 47.20 20.49
N THR F 94 58.16 47.49 20.60
CA THR F 94 59.18 46.73 19.89
C THR F 94 59.92 45.84 20.87
N MET F 95 59.94 44.54 20.58
CA MET F 95 60.71 43.54 21.30
C MET F 95 61.82 43.02 20.41
N TYR F 96 62.87 42.49 21.04
CA TYR F 96 63.99 41.91 20.31
C TYR F 96 64.21 40.49 20.80
N LEU F 97 64.75 39.64 19.92
CA LEU F 97 65.08 38.26 20.27
C LEU F 97 66.36 37.94 19.54
N ARG F 98 67.44 37.73 20.29
CA ARG F 98 68.74 37.43 19.72
C ARG F 98 69.37 36.26 20.45
N LYS F 99 69.78 35.23 19.71
CA LYS F 99 70.52 34.14 20.33
C LYS F 99 71.46 33.52 19.31
N GLN F 100 72.72 33.37 19.72
CA GLN F 100 73.78 32.81 18.91
C GLN F 100 74.27 31.49 19.46
N GLY F 101 74.75 30.63 18.57
CA GLY F 101 75.33 29.37 18.96
C GLY F 101 74.32 28.24 18.82
N PRO F 102 74.77 27.00 18.97
CA PRO F 102 73.83 25.88 18.89
C PRO F 102 72.94 25.86 20.13
N GLY F 103 71.78 25.22 19.98
CA GLY F 103 70.84 25.14 21.09
C GLY F 103 69.39 25.25 20.67
N GLU F 104 68.53 25.72 21.56
CA GLU F 104 67.11 25.88 21.26
C GLU F 104 66.64 27.27 21.66
N VAL F 105 65.84 27.88 20.78
CA VAL F 105 65.23 29.19 21.06
C VAL F 105 63.85 28.94 21.64
N THR F 106 63.59 29.53 22.81
CA THR F 106 62.30 29.43 23.47
C THR F 106 61.67 30.81 23.57
N ALA F 107 60.39 30.83 23.96
CA ALA F 107 59.71 32.10 24.19
C ALA F 107 60.22 32.78 25.45
N GLY F 108 60.86 32.03 26.35
CA GLY F 108 61.47 32.62 27.52
C GLY F 108 62.75 33.36 27.19
N ASP F 109 63.40 33.00 26.09
CA ASP F 109 64.60 33.69 25.63
C ASP F 109 64.30 35.09 25.09
N ILE F 110 63.03 35.48 25.08
CA ILE F 110 62.64 36.81 24.63
C ILE F 110 62.78 37.81 25.75
N VAL F 111 63.14 39.04 25.39
CA VAL F 111 63.31 40.13 26.34
C VAL F 111 62.11 41.06 26.19
N PRO F 112 61.14 41.05 27.11
CA PRO F 112 59.96 41.89 26.95
C PRO F 112 60.21 43.27 27.51
N PRO F 113 59.95 44.32 26.73
CA PRO F 113 60.08 45.68 27.26
C PRO F 113 59.06 45.94 28.35
N ALA F 114 59.27 47.04 29.07
CA ALA F 114 58.34 47.42 30.14
C ALA F 114 56.96 47.68 29.57
N GLY F 115 55.94 47.01 30.12
CA GLY F 115 54.56 47.17 29.69
C GLY F 115 53.96 45.90 29.12
N VAL F 116 54.78 45.07 28.49
CA VAL F 116 54.33 43.85 27.86
C VAL F 116 54.70 42.66 28.75
N THR F 117 53.99 41.55 28.56
CA THR F 117 54.19 40.35 29.34
C THR F 117 53.95 39.15 28.45
N VAL F 118 54.87 38.19 28.48
CA VAL F 118 54.76 36.95 27.74
C VAL F 118 54.23 35.87 28.67
N HIS F 119 53.20 35.15 28.22
CA HIS F 119 52.51 34.19 29.07
C HIS F 119 52.87 32.74 28.76
N ASN F 120 53.74 32.49 27.78
CA ASN F 120 54.20 31.13 27.46
C ASN F 120 55.69 31.16 27.19
N PRO F 121 56.51 31.37 28.23
CA PRO F 121 57.96 31.43 28.01
C PRO F 121 58.56 30.13 27.50
N GLY F 122 57.81 29.03 27.53
CA GLY F 122 58.32 27.73 27.14
C GLY F 122 58.00 27.29 25.73
N MET F 123 57.40 28.14 24.91
CA MET F 123 57.05 27.75 23.55
C MET F 123 58.30 27.61 22.71
N HIS F 124 58.43 26.47 22.03
CA HIS F 124 59.53 26.26 21.10
C HIS F 124 59.37 27.18 19.90
N ILE F 125 60.49 27.77 19.48
CA ILE F 125 60.54 28.66 18.31
C ILE F 125 61.41 28.06 17.21
N ALA F 126 62.63 27.67 17.55
CA ALA F 126 63.55 27.13 16.55
C ALA F 126 64.64 26.33 17.25
N THR F 127 65.29 25.48 16.47
CA THR F 127 66.47 24.74 16.89
C THR F 127 67.66 25.34 16.15
N LEU F 128 68.67 25.77 16.90
CA LEU F 128 69.84 26.46 16.36
C LEU F 128 70.95 25.43 16.19
N ASN F 129 71.56 25.42 15.00
CA ASN F 129 72.57 24.44 14.66
C ASN F 129 73.94 24.91 15.15
N ASP F 130 74.98 24.14 14.81
CA ASP F 130 76.34 24.50 15.20
C ASP F 130 76.75 25.80 14.51
N LYS F 131 77.22 26.77 15.30
CA LYS F 131 77.59 28.08 14.79
C LYS F 131 76.38 28.85 14.26
N GLY F 132 75.18 28.47 14.68
CA GLY F 132 73.97 29.10 14.18
C GLY F 132 73.60 30.33 15.00
N LYS F 133 73.06 31.33 14.30
CA LYS F 133 72.71 32.61 14.93
C LYS F 133 71.38 33.09 14.40
N LEU F 134 70.50 33.53 15.30
CA LEU F 134 69.18 34.02 14.91
C LEU F 134 68.88 35.31 15.67
N GLU F 135 68.65 36.39 14.91
CA GLU F 135 68.27 37.69 15.44
C GLU F 135 67.01 38.16 14.75
N VAL F 136 65.96 38.44 15.52
CA VAL F 136 64.66 38.82 14.99
C VAL F 136 64.05 39.91 15.87
N GLU F 137 63.46 40.91 15.24
CA GLU F 137 62.73 41.97 15.93
C GLU F 137 61.23 41.76 15.76
N LEU F 138 60.48 42.01 16.84
CA LEU F 138 59.05 41.69 16.92
C LEU F 138 58.25 42.92 17.30
N VAL F 139 57.27 43.28 16.47
CA VAL F 139 56.38 44.39 16.75
C VAL F 139 55.11 43.83 17.38
N VAL F 140 54.75 44.33 18.57
CA VAL F 140 53.59 43.88 19.32
C VAL F 140 52.60 45.03 19.41
N GLU F 141 51.34 44.77 19.08
CA GLU F 141 50.29 45.75 19.19
C GLU F 141 49.13 45.19 20.01
N ARG F 142 48.18 46.08 20.33
CA ARG F 142 46.96 45.74 21.05
C ARG F 142 45.79 45.81 20.09
N GLY F 143 44.91 44.82 20.14
CA GLY F 143 43.74 44.82 19.30
C GLY F 143 42.72 43.80 19.76
N ARG F 144 41.81 43.46 18.86
CA ARG F 144 40.79 42.46 19.12
C ARG F 144 40.52 41.67 17.85
N GLY F 145 40.16 40.40 18.03
CA GLY F 145 39.82 39.56 16.91
C GLY F 145 41.04 39.08 16.14
N TYR F 146 40.88 38.97 14.82
CA TYR F 146 41.94 38.52 13.93
C TYR F 146 41.94 39.41 12.71
N VAL F 147 43.06 40.09 12.46
CA VAL F 147 43.22 40.97 11.31
C VAL F 147 44.32 40.37 10.44
N PRO F 148 44.11 40.20 9.13
CA PRO F 148 45.12 39.54 8.30
C PRO F 148 46.40 40.36 8.15
N ALA F 149 47.43 39.67 7.67
CA ALA F 149 48.74 40.29 7.45
C ALA F 149 48.73 41.23 6.26
N VAL F 150 47.88 40.98 5.27
CA VAL F 150 47.90 41.80 4.06
C VAL F 150 47.61 43.25 4.40
N GLN F 151 46.66 43.49 5.30
CA GLN F 151 46.41 44.85 5.76
C GLN F 151 47.59 45.38 6.56
N ASN F 152 48.40 44.48 7.12
CA ASN F 152 49.64 44.81 7.80
C ASN F 152 50.79 45.02 6.81
N ARG F 153 50.50 45.14 5.51
CA ARG F 153 51.54 45.35 4.51
C ARG F 153 52.37 46.59 4.80
N ALA F 154 51.76 47.58 5.45
CA ALA F 154 52.45 48.82 5.78
C ALA F 154 53.34 48.69 7.02
N SER F 155 53.05 47.74 7.90
CA SER F 155 53.87 47.57 9.10
C SER F 155 55.24 47.00 8.80
N GLY F 156 55.43 46.38 7.63
CA GLY F 156 56.74 45.94 7.21
C GLY F 156 57.49 46.95 6.38
N ALA F 157 58.61 47.45 6.91
CA ALA F 157 59.46 48.37 6.17
C ALA F 157 60.15 47.64 5.02
N GLU F 158 60.40 48.38 3.94
CA GLU F 158 61.04 47.80 2.77
C GLU F 158 62.52 47.57 3.05
N ILE F 159 62.79 46.67 4.00
CA ILE F 159 64.13 46.42 4.50
C ILE F 159 64.08 45.17 5.36
N GLY F 160 63.50 44.09 4.84
CA GLY F 160 63.42 42.84 5.57
C GLY F 160 62.22 42.65 6.45
N ARG F 161 61.38 43.67 6.64
CA ARG F 161 60.27 43.54 7.57
C ARG F 161 59.14 42.74 6.94
N ILE F 162 58.63 41.77 7.68
CA ILE F 162 57.61 40.83 7.22
C ILE F 162 56.37 40.99 8.08
N PRO F 163 55.22 41.40 7.52
CA PRO F 163 54.00 41.44 8.31
C PRO F 163 53.43 40.04 8.50
N VAL F 164 52.78 39.84 9.63
CA VAL F 164 52.19 38.56 9.99
C VAL F 164 50.74 38.77 10.35
N ASP F 165 49.95 37.71 10.20
CA ASP F 165 48.56 37.77 10.64
C ASP F 165 48.54 37.96 12.15
N SER F 166 47.63 38.80 12.61
CA SER F 166 47.57 39.21 14.01
C SER F 166 46.39 38.52 14.67
N ILE F 167 46.67 37.65 15.64
CA ILE F 167 45.61 37.01 16.39
C ILE F 167 45.43 37.81 17.67
N TYR F 168 44.70 38.92 17.56
CA TYR F 168 44.53 39.81 18.70
C TYR F 168 43.61 39.18 19.74
N SER F 169 42.64 38.39 19.30
CA SER F 169 41.65 37.84 20.20
C SER F 169 42.33 36.92 21.20
N PRO F 170 42.04 37.04 22.50
CA PRO F 170 42.65 36.11 23.45
C PRO F 170 42.01 34.72 23.41
N VAL F 171 40.82 34.60 22.82
CA VAL F 171 40.16 33.32 22.64
C VAL F 171 40.56 32.75 21.28
N LEU F 172 40.69 31.43 21.20
CA LEU F 172 41.15 30.76 19.99
C LEU F 172 40.03 30.08 19.22
N LYS F 173 39.20 29.29 19.91
CA LYS F 173 38.20 28.51 19.18
C LYS F 173 36.93 28.41 20.01
N VAL F 174 35.82 28.79 19.41
CA VAL F 174 34.52 28.78 20.07
C VAL F 174 33.52 28.08 19.15
N THR F 175 32.72 27.20 19.74
CA THR F 175 31.64 26.56 19.03
C THR F 175 30.41 26.59 19.93
N TYR F 176 29.26 26.24 19.38
CA TYR F 176 28.06 26.21 20.20
C TYR F 176 27.03 25.33 19.53
N LYS F 177 26.12 24.81 20.35
CA LYS F 177 24.99 24.03 19.87
C LYS F 177 23.82 24.23 20.83
N VAL F 178 22.61 24.08 20.32
CA VAL F 178 21.41 24.26 21.12
C VAL F 178 20.57 23.00 21.05
N ASP F 179 20.12 22.55 22.22
CA ASP F 179 19.21 21.41 22.33
C ASP F 179 17.87 21.86 22.90
N ALA F 180 16.91 20.95 22.91
CA ALA F 180 15.59 21.24 23.46
C ALA F 180 15.45 20.65 24.85
N THR F 181 14.95 21.46 25.78
CA THR F 181 14.69 21.03 27.16
C THR F 181 13.25 21.41 27.53
N ARG F 182 12.54 20.50 28.19
CA ARG F 182 11.18 20.76 28.65
C ARG F 182 11.23 21.04 30.16
N VAL F 183 10.96 22.29 30.52
CA VAL F 183 10.99 22.66 31.94
C VAL F 183 9.81 22.03 32.68
N GLU F 184 8.58 22.31 32.22
CA GLU F 184 7.38 21.86 32.92
C GLU F 184 6.57 20.87 32.06
N GLN F 185 5.98 21.31 30.96
CA GLN F 185 5.17 20.45 30.11
C GLN F 185 5.54 20.57 28.64
N ARG F 186 5.70 21.80 28.14
CA ARG F 186 6.12 21.96 26.76
C ARG F 186 7.60 21.66 26.60
N THR F 187 7.95 21.15 25.42
CA THR F 187 9.33 20.83 25.07
C THR F 187 9.78 21.78 23.96
N ASP F 188 9.55 23.06 24.16
CA ASP F 188 9.97 24.09 23.23
C ASP F 188 11.16 24.87 23.73
N PHE F 189 11.33 24.95 25.06
CA PHE F 189 12.42 25.71 25.65
C PHE F 189 13.76 25.27 25.07
N ASP F 190 14.69 26.20 25.00
CA ASP F 190 16.00 25.96 24.41
C ASP F 190 17.06 25.90 25.51
N LYS F 191 18.04 25.03 25.30
CA LYS F 191 19.22 24.90 26.16
C LYS F 191 20.45 25.21 25.32
N LEU F 192 21.19 26.25 25.70
CA LEU F 192 22.34 26.72 24.94
C LEU F 192 23.61 26.11 25.52
N ILE F 193 24.49 25.61 24.65
CA ILE F 193 25.75 25.00 25.02
C ILE F 193 26.86 25.73 24.28
N LEU F 194 27.68 26.46 25.02
CA LEU F 194 28.86 27.15 24.51
C LEU F 194 30.09 26.32 24.84
N ASP F 195 31.03 26.24 23.89
CA ASP F 195 32.29 25.55 24.08
C ASP F 195 33.37 26.54 23.73
N VAL F 196 34.18 26.94 24.71
CA VAL F 196 35.17 28.00 24.51
C VAL F 196 36.54 27.47 24.89
N GLU F 197 37.49 27.59 23.96
CA GLU F 197 38.88 27.26 24.18
C GLU F 197 39.67 28.55 23.93
N THR F 198 40.35 29.01 24.97
CA THR F 198 41.08 30.25 24.97
C THR F 198 42.56 29.99 25.22
N LYS F 199 43.33 31.08 25.31
CA LYS F 199 44.74 31.01 25.62
C LYS F 199 44.93 31.25 27.11
N ASN F 200 46.12 30.95 27.58
CA ASN F 200 46.40 31.13 29.01
C ASN F 200 46.46 32.60 29.43
N SER F 201 46.11 33.55 28.55
CA SER F 201 46.07 34.95 28.96
C SER F 201 44.92 35.22 29.92
N ILE F 202 43.75 34.62 29.67
CA ILE F 202 42.61 34.74 30.56
C ILE F 202 41.86 33.40 30.61
N SER F 203 41.10 33.23 31.69
CA SER F 203 40.28 32.04 31.86
C SER F 203 38.96 32.17 31.12
N PRO F 204 38.32 31.05 30.79
CA PRO F 204 37.03 31.13 30.09
C PRO F 204 35.98 31.94 30.85
N ARG F 205 35.98 31.90 32.18
CA ARG F 205 34.99 32.64 32.94
C ARG F 205 35.10 34.13 32.69
N ASP F 206 36.32 34.66 32.76
CA ASP F 206 36.53 36.10 32.55
C ASP F 206 36.25 36.48 31.10
N ALA F 207 36.61 35.61 30.15
CA ALA F 207 36.33 35.88 28.75
C ALA F 207 34.83 36.01 28.51
N LEU F 208 34.05 35.04 29.03
CA LEU F 208 32.61 35.09 28.86
C LEU F 208 32.02 36.31 29.57
N ALA F 209 32.59 36.69 30.72
CA ALA F 209 32.11 37.87 31.41
C ALA F 209 32.37 39.14 30.59
N SER F 210 33.53 39.22 29.95
CA SER F 210 33.84 40.38 29.11
C SER F 210 32.87 40.46 27.93
N ALA F 211 32.63 39.33 27.26
CA ALA F 211 31.68 39.35 26.14
C ALA F 211 30.29 39.75 26.62
N GLY F 212 29.88 39.25 27.78
CA GLY F 212 28.58 39.61 28.32
C GLY F 212 28.47 41.09 28.62
N LYS F 213 29.51 41.66 29.23
CA LYS F 213 29.49 43.09 29.54
C LYS F 213 29.38 43.93 28.27
N THR F 214 30.20 43.60 27.26
CA THR F 214 30.13 44.34 26.01
C THR F 214 28.73 44.24 25.41
N LEU F 215 28.14 43.05 25.41
CA LEU F 215 26.83 42.88 24.79
C LEU F 215 25.74 43.59 25.59
N VAL F 216 25.86 43.60 26.91
CA VAL F 216 24.91 44.34 27.74
C VAL F 216 24.93 45.81 27.38
N GLU F 217 26.12 46.40 27.29
CA GLU F 217 26.19 47.81 26.90
C GLU F 217 25.61 48.01 25.49
N LEU F 218 25.90 47.07 24.59
CA LEU F 218 25.47 47.22 23.21
C LEU F 218 23.95 47.28 23.12
N PHE F 219 23.26 46.34 23.77
CA PHE F 219 21.80 46.36 23.78
C PHE F 219 21.23 47.42 24.73
N GLY F 220 22.02 47.89 25.71
CA GLY F 220 21.60 49.03 26.48
C GLY F 220 21.45 50.27 25.64
N LEU F 221 22.17 50.33 24.52
CA LEU F 221 21.93 51.46 23.62
C LEU F 221 20.49 51.45 23.12
N ALA F 222 19.91 50.26 22.90
CA ALA F 222 18.51 50.17 22.51
C ALA F 222 17.59 50.37 23.70
N ARG F 223 18.03 49.95 24.89
CA ARG F 223 17.19 50.11 26.08
C ARG F 223 17.00 51.57 26.45
N GLU F 224 18.01 52.40 26.20
CA GLU F 224 17.96 53.81 26.59
C GLU F 224 17.00 54.65 25.76
N LEU F 225 16.23 54.06 24.84
CA LEU F 225 15.33 54.87 24.02
C LEU F 225 14.09 55.28 24.81
N ASN F 226 13.28 54.30 25.22
CA ASN F 226 12.04 54.60 25.93
C ASN F 226 11.94 53.94 27.30
N VAL F 227 12.41 52.70 27.43
CA VAL F 227 12.27 51.93 28.67
C VAL F 227 10.82 51.55 28.84
N GLU F 228 10.45 50.32 28.44
CA GLU F 228 9.11 49.84 28.70
C GLU F 228 9.09 48.53 29.47
N ALA F 229 8.84 47.40 28.81
CA ALA F 229 8.53 46.18 29.52
C ALA F 229 9.24 44.96 28.96
N GLU F 230 9.76 44.13 29.89
CA GLU F 230 10.14 42.75 29.62
C GLU F 230 10.61 42.07 30.90
N GLY F 231 10.34 40.78 31.04
CA GLY F 231 10.55 40.08 32.29
C GLY F 231 12.01 39.96 32.71
N ILE F 232 12.20 39.29 33.84
CA ILE F 232 13.49 39.23 34.53
C ILE F 232 14.03 37.81 34.48
N SER G 28 -8.24 37.95 -22.63
CA SER G 28 -8.96 37.62 -21.41
C SER G 28 -9.32 36.14 -21.40
N ASN G 29 -9.53 35.59 -20.19
CA ASN G 29 -9.85 34.19 -20.01
C ASN G 29 -11.21 34.06 -19.34
N ASN G 30 -12.10 33.28 -19.96
CA ASN G 30 -13.41 32.97 -19.41
C ASN G 30 -14.24 34.24 -19.21
N SER G 31 -14.59 34.84 -20.35
CA SER G 31 -15.39 36.06 -20.37
C SER G 31 -16.81 35.71 -20.81
N VAL G 32 -17.53 35.01 -19.95
CA VAL G 32 -18.91 34.62 -20.26
C VAL G 32 -19.84 34.80 -19.06
N PRO G 33 -19.47 34.49 -17.80
CA PRO G 33 -20.47 34.63 -16.72
C PRO G 33 -20.36 35.93 -15.96
N GLY G 34 -19.18 36.55 -15.95
CA GLY G 34 -18.92 37.70 -15.11
C GLY G 34 -17.89 37.37 -14.04
N ALA G 35 -16.92 36.53 -14.40
CA ALA G 35 -15.90 36.07 -13.46
C ALA G 35 -14.76 37.07 -13.38
N PRO G 36 -13.86 36.90 -12.40
CA PRO G 36 -12.68 37.77 -12.35
C PRO G 36 -11.85 37.66 -13.62
N ASN G 37 -11.20 38.77 -13.98
CA ASN G 37 -10.46 38.87 -15.24
C ASN G 37 -9.11 38.18 -15.06
N ARG G 38 -9.07 36.90 -15.38
CA ARG G 38 -7.82 36.14 -15.37
C ARG G 38 -7.21 36.22 -16.77
N VAL G 39 -5.98 36.71 -16.85
CA VAL G 39 -5.32 36.95 -18.12
C VAL G 39 -4.54 35.70 -18.50
N SER G 40 -4.64 35.30 -19.76
CA SER G 40 -4.07 34.05 -20.23
C SER G 40 -2.93 34.30 -21.19
N PHE G 41 -1.90 33.47 -21.11
CA PHE G 41 -0.81 33.44 -22.08
C PHE G 41 -1.21 32.68 -23.35
N ALA G 42 -2.47 32.79 -23.74
CA ALA G 42 -3.00 31.94 -24.80
C ALA G 42 -2.59 32.47 -26.17
N LYS G 43 -2.07 31.57 -27.01
CA LYS G 43 -1.78 31.89 -28.41
C LYS G 43 -2.84 31.38 -29.37
N LEU G 44 -3.58 30.33 -29.01
CA LEU G 44 -4.59 29.75 -29.86
C LEU G 44 -5.98 30.11 -29.33
N ARG G 45 -6.85 30.55 -30.23
CA ARG G 45 -8.20 30.93 -29.85
C ARG G 45 -9.07 29.70 -29.62
N GLU G 46 -10.05 29.85 -28.73
CA GLU G 46 -10.97 28.77 -28.41
C GLU G 46 -12.20 28.87 -29.31
N PRO G 47 -12.35 28.00 -30.31
CA PRO G 47 -13.53 28.10 -31.18
C PRO G 47 -14.82 27.65 -30.50
N LEU G 48 -14.74 26.67 -29.59
CA LEU G 48 -15.89 26.19 -28.85
C LEU G 48 -15.59 26.23 -27.36
N GLU G 49 -16.49 26.83 -26.59
CA GLU G 49 -16.33 26.89 -25.15
C GLU G 49 -16.72 25.55 -24.53
N VAL G 50 -16.10 25.26 -23.38
CA VAL G 50 -16.27 23.97 -22.70
C VAL G 50 -17.75 23.68 -22.52
N PRO G 51 -18.22 22.46 -22.82
CA PRO G 51 -19.63 22.15 -22.59
C PRO G 51 -19.95 21.97 -21.11
N GLY G 52 -21.18 21.57 -20.80
CA GLY G 52 -21.55 21.30 -19.44
C GLY G 52 -20.84 20.07 -18.90
N LEU G 53 -19.88 20.28 -18.00
CA LEU G 53 -19.08 19.18 -17.50
C LEU G 53 -19.92 18.11 -16.81
N LEU G 54 -21.16 18.43 -16.46
CA LEU G 54 -22.07 17.47 -15.82
C LEU G 54 -23.10 16.88 -16.78
N ASP G 55 -22.90 17.04 -18.09
CA ASP G 55 -23.88 16.55 -19.05
C ASP G 55 -23.93 15.03 -19.11
N VAL G 56 -22.87 14.34 -18.70
CA VAL G 56 -22.87 12.88 -18.79
C VAL G 56 -24.01 12.30 -17.96
N GLN G 57 -24.13 12.75 -16.71
CA GLN G 57 -25.21 12.29 -15.85
C GLN G 57 -26.54 12.89 -16.28
N THR G 58 -26.56 14.20 -16.55
CA THR G 58 -27.79 14.91 -16.84
C THR G 58 -28.48 14.35 -18.08
N ASP G 59 -27.80 14.40 -19.23
CA ASP G 59 -28.40 13.94 -20.48
C ASP G 59 -28.86 12.49 -20.35
N SER G 60 -28.05 11.64 -19.71
CA SER G 60 -28.44 10.25 -19.56
C SER G 60 -29.76 10.11 -18.81
N PHE G 61 -29.88 10.79 -17.66
CA PHE G 61 -31.10 10.66 -16.89
C PHE G 61 -32.29 11.30 -17.62
N GLU G 62 -32.08 12.44 -18.26
CA GLU G 62 -33.16 13.09 -18.99
C GLU G 62 -33.65 12.20 -20.12
N TRP G 63 -32.73 11.50 -20.80
CA TRP G 63 -33.14 10.51 -21.79
C TRP G 63 -33.90 9.36 -21.13
N LEU G 64 -33.49 8.96 -19.93
CA LEU G 64 -34.18 7.87 -19.25
C LEU G 64 -35.64 8.22 -19.00
N ILE G 65 -35.90 9.43 -18.51
CA ILE G 65 -37.26 9.84 -18.18
C ILE G 65 -37.90 10.71 -19.26
N GLY G 66 -37.22 10.92 -20.38
CA GLY G 66 -37.79 11.68 -21.48
C GLY G 66 -38.25 13.07 -21.10
N SER G 67 -37.36 13.85 -20.49
CA SER G 67 -37.71 15.21 -20.11
C SER G 67 -37.87 16.08 -21.35
N PRO G 68 -38.61 17.20 -21.23
CA PRO G 68 -38.73 18.09 -22.39
C PRO G 68 -37.40 18.60 -22.92
N ARG G 69 -36.44 18.86 -22.03
CA ARG G 69 -35.13 19.34 -22.48
C ARG G 69 -34.46 18.31 -23.38
N TRP G 70 -34.46 17.04 -22.95
CA TRP G 70 -33.86 15.99 -23.76
C TRP G 70 -34.57 15.84 -25.10
N ARG G 71 -35.90 15.96 -25.09
CA ARG G 71 -36.64 15.78 -26.33
C ARG G 71 -36.37 16.92 -27.30
N GLU G 72 -36.24 18.15 -26.79
CA GLU G 72 -35.86 19.26 -27.67
C GLU G 72 -34.43 19.07 -28.18
N SER G 73 -33.53 18.57 -27.33
CA SER G 73 -32.17 18.30 -27.77
C SER G 73 -32.16 17.29 -28.92
N ALA G 74 -32.91 16.21 -28.78
CA ALA G 74 -32.99 15.21 -29.85
C ALA G 74 -33.73 15.76 -31.07
N ALA G 75 -34.66 16.70 -30.85
CA ALA G 75 -35.40 17.28 -31.96
C ALA G 75 -34.49 18.12 -32.85
N GLU G 76 -33.70 19.01 -32.24
CA GLU G 76 -32.79 19.83 -33.03
C GLU G 76 -31.61 19.02 -33.57
N ARG G 77 -31.30 17.88 -32.96
CA ARG G 77 -30.21 17.05 -33.43
C ARG G 77 -30.52 16.32 -34.74
N GLY G 78 -31.76 16.38 -35.21
CA GLY G 78 -32.17 15.67 -36.40
C GLY G 78 -32.71 14.29 -36.17
N ASP G 79 -32.82 13.85 -34.92
CA ASP G 79 -33.31 12.51 -34.63
C ASP G 79 -34.73 12.32 -35.17
N VAL G 80 -35.05 11.08 -35.52
CA VAL G 80 -36.37 10.71 -36.02
C VAL G 80 -36.92 9.63 -35.09
N ASN G 81 -38.07 9.90 -34.48
CA ASN G 81 -38.68 9.00 -33.52
C ASN G 81 -37.72 8.70 -32.38
N PRO G 82 -37.39 9.68 -31.56
CA PRO G 82 -36.62 9.40 -30.34
C PRO G 82 -37.50 8.74 -29.29
N VAL G 83 -36.85 8.00 -28.39
CA VAL G 83 -37.54 7.22 -27.38
C VAL G 83 -36.87 7.46 -26.04
N GLY G 84 -37.66 7.82 -25.03
CA GLY G 84 -37.16 7.91 -23.68
C GLY G 84 -36.87 6.54 -23.11
N GLY G 85 -36.13 6.53 -22.00
CA GLY G 85 -35.71 5.27 -21.41
C GLY G 85 -36.87 4.43 -20.90
N LEU G 86 -37.83 5.08 -20.25
CA LEU G 86 -39.01 4.35 -19.78
C LEU G 86 -39.89 3.91 -20.95
N GLU G 87 -40.06 4.79 -21.94
CA GLU G 87 -40.91 4.47 -23.08
C GLU G 87 -40.37 3.25 -23.82
N GLU G 88 -39.04 3.14 -23.93
CA GLU G 88 -38.46 2.00 -24.63
C GLU G 88 -38.80 0.69 -23.92
N VAL G 89 -38.61 0.65 -22.59
CA VAL G 89 -38.92 -0.56 -21.83
C VAL G 89 -40.40 -0.90 -21.96
N LEU G 90 -41.26 0.10 -21.84
CA LEU G 90 -42.69 -0.18 -21.89
C LEU G 90 -43.14 -0.62 -23.28
N TYR G 91 -42.49 -0.12 -24.34
CA TYR G 91 -42.83 -0.56 -25.68
C TYR G 91 -42.33 -1.98 -25.92
N GLU G 92 -41.12 -2.30 -25.47
CA GLU G 92 -40.62 -3.65 -25.60
C GLU G 92 -41.49 -4.64 -24.82
N LEU G 93 -42.06 -4.20 -23.70
CA LEU G 93 -42.93 -5.06 -22.91
C LEU G 93 -44.30 -5.22 -23.57
N SER G 94 -44.90 -4.12 -24.02
CA SER G 94 -46.25 -4.17 -24.57
C SER G 94 -46.26 -4.92 -25.90
N PRO G 95 -47.27 -5.76 -26.15
CA PRO G 95 -48.37 -6.15 -25.26
C PRO G 95 -48.06 -7.44 -24.48
N ILE G 96 -48.88 -7.74 -23.47
CA ILE G 96 -48.73 -8.96 -22.67
C ILE G 96 -49.89 -9.88 -23.01
N GLU G 97 -49.57 -11.03 -23.61
CA GLU G 97 -50.58 -12.00 -24.01
C GLU G 97 -50.24 -13.36 -23.43
N ASP G 98 -51.28 -14.14 -23.15
CA ASP G 98 -51.11 -15.53 -22.73
C ASP G 98 -50.79 -16.36 -23.96
N PHE G 99 -50.78 -17.69 -23.81
CA PHE G 99 -50.46 -18.55 -24.94
C PHE G 99 -51.56 -18.53 -25.99
N SER G 100 -52.81 -18.29 -25.58
CA SER G 100 -53.92 -18.29 -26.53
C SER G 100 -54.05 -16.96 -27.25
N GLY G 101 -53.87 -15.85 -26.53
CA GLY G 101 -54.06 -14.54 -27.09
C GLY G 101 -55.42 -13.94 -26.84
N SER G 102 -56.22 -14.52 -25.95
CA SER G 102 -57.55 -14.00 -25.66
C SER G 102 -57.51 -12.77 -24.76
N MET G 103 -56.44 -12.58 -23.99
CA MET G 103 -56.29 -11.44 -23.09
C MET G 103 -54.98 -10.73 -23.40
N SER G 104 -55.00 -9.40 -23.26
CA SER G 104 -53.83 -8.58 -23.52
C SER G 104 -53.79 -7.45 -22.50
N LEU G 105 -52.58 -6.95 -22.24
CA LEU G 105 -52.38 -5.82 -21.33
C LEU G 105 -51.28 -4.93 -21.90
N SER G 106 -51.52 -3.63 -21.93
CA SER G 106 -50.54 -2.72 -22.53
C SER G 106 -50.31 -1.50 -21.64
N PHE G 107 -49.08 -1.01 -21.65
CA PHE G 107 -48.65 0.16 -20.90
C PHE G 107 -48.24 1.28 -21.84
N SER G 108 -48.37 2.52 -21.38
CA SER G 108 -47.94 3.67 -22.16
C SER G 108 -47.88 4.89 -21.25
N ASP G 109 -47.41 6.00 -21.82
CA ASP G 109 -47.40 7.33 -21.20
C ASP G 109 -46.97 7.27 -19.74
N PRO G 110 -45.67 7.18 -19.46
CA PRO G 110 -45.21 7.30 -18.07
C PRO G 110 -45.03 8.75 -17.66
N ARG G 111 -45.51 9.09 -16.47
CA ARG G 111 -45.43 10.44 -15.95
C ARG G 111 -45.08 10.39 -14.47
N PHE G 112 -44.66 11.55 -13.94
CA PHE G 112 -44.21 11.67 -12.56
C PHE G 112 -45.00 12.75 -11.86
N ASP G 113 -45.40 12.49 -10.62
CA ASP G 113 -45.94 13.53 -9.75
C ASP G 113 -44.78 14.27 -9.10
N ASP G 114 -45.11 15.30 -8.31
CA ASP G 114 -44.06 16.05 -7.62
C ASP G 114 -43.27 15.13 -6.70
N VAL G 115 -42.07 15.59 -6.33
CA VAL G 115 -41.18 14.77 -5.52
C VAL G 115 -41.78 14.59 -4.13
N LYS G 116 -41.47 13.45 -3.51
CA LYS G 116 -42.06 13.12 -2.21
C LYS G 116 -41.55 14.06 -1.13
N ALA G 117 -40.24 14.23 -1.03
CA ALA G 117 -39.63 15.10 -0.02
C ALA G 117 -38.44 15.82 -0.63
N PRO G 118 -38.14 17.03 -0.17
CA PRO G 118 -36.98 17.75 -0.71
C PRO G 118 -35.66 17.06 -0.38
N VAL G 119 -34.63 17.49 -1.11
CA VAL G 119 -33.33 16.80 -1.10
C VAL G 119 -32.74 16.79 0.32
N ASP G 120 -32.60 17.97 0.91
CA ASP G 120 -31.95 18.08 2.22
C ASP G 120 -32.75 17.35 3.29
N GLU G 121 -34.08 17.42 3.20
CA GLU G 121 -34.90 16.69 4.17
C GLU G 121 -34.70 15.19 4.03
N CYS G 122 -34.53 14.69 2.80
CA CYS G 122 -34.20 13.28 2.61
C CYS G 122 -32.89 12.95 3.30
N LYS G 123 -31.86 13.78 3.12
CA LYS G 123 -30.62 13.53 3.84
C LYS G 123 -30.86 13.46 5.34
N ASP G 124 -31.64 14.40 5.88
CA ASP G 124 -31.81 14.49 7.32
C ASP G 124 -32.51 13.25 7.86
N LYS G 125 -33.61 12.84 7.24
CA LYS G 125 -34.48 11.79 7.79
C LYS G 125 -34.13 10.39 7.27
N ASP G 126 -32.99 10.22 6.62
CA ASP G 126 -32.52 8.89 6.21
C ASP G 126 -33.55 8.17 5.32
N MET G 127 -34.10 8.90 4.36
CA MET G 127 -35.00 8.33 3.37
C MET G 127 -34.40 8.51 1.98
N THR G 128 -35.10 8.00 0.98
CA THR G 128 -34.60 7.97 -0.39
C THR G 128 -35.29 9.05 -1.22
N TYR G 129 -34.48 9.81 -1.98
CA TYR G 129 -35.00 10.84 -2.87
C TYR G 129 -35.66 10.17 -4.07
N ALA G 130 -36.98 10.32 -4.18
CA ALA G 130 -37.72 9.64 -5.23
C ALA G 130 -38.98 10.42 -5.59
N ALA G 131 -39.51 10.13 -6.78
CA ALA G 131 -40.75 10.68 -7.27
C ALA G 131 -41.66 9.53 -7.70
N PRO G 132 -42.96 9.60 -7.41
CA PRO G 132 -43.84 8.49 -7.81
C PRO G 132 -43.99 8.41 -9.32
N LEU G 133 -43.93 7.19 -9.85
CA LEU G 133 -44.04 6.95 -11.28
C LEU G 133 -45.43 6.44 -11.62
N PHE G 134 -46.10 7.11 -12.55
CA PHE G 134 -47.41 6.71 -13.03
C PHE G 134 -47.30 6.28 -14.48
N VAL G 135 -48.06 5.24 -14.85
CA VAL G 135 -48.19 4.78 -16.22
C VAL G 135 -49.68 4.62 -16.51
N THR G 136 -50.00 4.48 -17.79
CA THR G 136 -51.37 4.26 -18.23
C THR G 136 -51.44 2.85 -18.81
N ALA G 137 -52.14 1.96 -18.11
CA ALA G 137 -52.28 0.58 -18.53
C ALA G 137 -53.73 0.29 -18.90
N GLU G 138 -53.91 -0.61 -19.86
CA GLU G 138 -55.25 -1.00 -20.27
C GLU G 138 -55.30 -2.49 -20.60
N PHE G 139 -56.42 -3.10 -20.20
CA PHE G 139 -56.67 -4.52 -20.37
C PHE G 139 -57.60 -4.73 -21.56
N ILE G 140 -57.14 -5.48 -22.55
CA ILE G 140 -57.88 -5.77 -23.75
C ILE G 140 -58.39 -7.21 -23.66
N ASN G 141 -59.69 -7.39 -23.76
CA ASN G 141 -60.32 -8.71 -23.67
C ASN G 141 -60.81 -9.10 -25.06
N ASN G 142 -60.21 -10.14 -25.62
CA ASN G 142 -60.57 -10.55 -26.98
C ASN G 142 -61.88 -11.31 -27.02
N ASN G 143 -62.20 -12.05 -25.96
CA ASN G 143 -63.42 -12.85 -25.92
C ASN G 143 -64.65 -12.04 -25.54
N THR G 144 -64.49 -10.78 -25.13
CA THR G 144 -65.61 -9.92 -24.79
C THR G 144 -65.63 -8.61 -25.57
N GLY G 145 -64.54 -8.24 -26.22
CA GLY G 145 -64.50 -7.03 -27.03
C GLY G 145 -64.75 -5.77 -26.24
N GLU G 146 -64.09 -5.64 -25.09
CA GLU G 146 -64.23 -4.46 -24.25
C GLU G 146 -62.93 -4.26 -23.49
N ILE G 147 -62.51 -3.00 -23.35
CA ILE G 147 -61.21 -2.66 -22.80
C ILE G 147 -61.42 -1.74 -21.60
N LYS G 148 -60.58 -1.92 -20.58
CA LYS G 148 -60.59 -1.05 -19.40
C LYS G 148 -59.20 -0.46 -19.23
N SER G 149 -59.10 0.86 -19.32
CA SER G 149 -57.83 1.58 -19.29
C SER G 149 -57.82 2.57 -18.13
N GLN G 150 -56.79 2.50 -17.29
CA GLN G 150 -56.69 3.37 -16.14
C GLN G 150 -55.23 3.67 -15.84
N THR G 151 -55.01 4.49 -14.82
CA THR G 151 -53.69 4.88 -14.35
C THR G 151 -53.28 3.97 -13.21
N VAL G 152 -52.05 3.45 -13.26
CA VAL G 152 -51.52 2.55 -12.25
C VAL G 152 -50.23 3.13 -11.70
N PHE G 153 -50.14 3.23 -10.37
CA PHE G 153 -48.91 3.64 -9.72
C PHE G 153 -47.90 2.49 -9.76
N MET G 154 -46.72 2.75 -10.32
CA MET G 154 -45.73 1.70 -10.50
C MET G 154 -44.73 1.62 -9.36
N GLY G 155 -44.26 2.76 -8.85
CA GLY G 155 -43.37 2.73 -7.72
C GLY G 155 -42.70 4.07 -7.52
N ASP G 156 -41.99 4.16 -6.39
CA ASP G 156 -41.15 5.32 -6.12
C ASP G 156 -39.88 5.21 -6.96
N PHE G 157 -39.68 6.18 -7.85
CA PHE G 157 -38.59 6.16 -8.80
C PHE G 157 -37.49 7.09 -8.31
N PRO G 158 -36.27 6.60 -8.06
CA PRO G 158 -35.20 7.49 -7.57
C PRO G 158 -34.88 8.59 -8.58
N MET G 159 -34.87 9.83 -8.09
CA MET G 159 -34.65 10.99 -8.94
C MET G 159 -33.22 11.51 -8.78
N MET G 160 -32.71 12.08 -9.87
CA MET G 160 -31.36 12.63 -9.90
C MET G 160 -31.40 14.10 -9.46
N THR G 161 -30.47 14.47 -8.59
CA THR G 161 -30.35 15.85 -8.16
C THR G 161 -29.88 16.73 -9.31
N GLU G 162 -29.98 18.05 -9.11
CA GLU G 162 -29.46 18.97 -10.11
C GLU G 162 -27.96 18.82 -10.28
N LYS G 163 -27.26 18.28 -9.29
CA LYS G 163 -25.82 18.07 -9.37
C LYS G 163 -25.46 16.68 -9.89
N GLY G 164 -26.42 15.94 -10.42
CA GLY G 164 -26.13 14.64 -11.00
C GLY G 164 -25.94 13.53 -10.00
N THR G 165 -26.48 13.67 -8.79
CA THR G 165 -26.33 12.67 -7.74
C THR G 165 -27.70 12.09 -7.38
N PHE G 166 -27.66 10.89 -6.80
CA PHE G 166 -28.83 10.29 -6.19
C PHE G 166 -28.68 10.35 -4.68
N ILE G 167 -29.80 10.15 -3.98
CA ILE G 167 -29.80 10.12 -2.52
C ILE G 167 -30.51 8.85 -2.09
N ILE G 168 -29.77 7.91 -1.53
CA ILE G 168 -30.30 6.64 -1.06
C ILE G 168 -30.15 6.60 0.45
N ASN G 169 -31.28 6.49 1.15
CA ASN G 169 -31.28 6.36 2.60
C ASN G 169 -30.44 7.46 3.25
N GLY G 170 -30.53 8.66 2.68
CA GLY G 170 -29.85 9.81 3.24
C GLY G 170 -28.38 9.93 2.92
N THR G 171 -27.89 9.22 1.90
CA THR G 171 -26.50 9.32 1.49
C THR G 171 -26.45 9.66 0.01
N GLU G 172 -25.63 10.66 -0.34
CA GLU G 172 -25.43 11.01 -1.74
C GLU G 172 -24.55 9.97 -2.42
N ARG G 173 -25.06 9.40 -3.49
CA ARG G 173 -24.35 8.42 -4.29
C ARG G 173 -24.26 8.92 -5.72
N VAL G 174 -23.28 8.39 -6.44
CA VAL G 174 -23.07 8.71 -7.85
C VAL G 174 -23.08 7.41 -8.64
N VAL G 175 -23.83 7.39 -9.73
CA VAL G 175 -23.86 6.24 -10.63
C VAL G 175 -22.79 6.47 -11.70
N VAL G 176 -21.78 5.63 -11.71
CA VAL G 176 -20.61 5.83 -12.55
C VAL G 176 -20.87 5.21 -13.92
N SER G 177 -20.49 5.95 -14.97
CA SER G 177 -20.59 5.43 -16.33
C SER G 177 -19.69 4.21 -16.48
N GLN G 178 -20.17 3.20 -17.19
CA GLN G 178 -19.48 1.93 -17.30
C GLN G 178 -18.99 1.70 -18.72
N LEU G 179 -17.73 1.28 -18.85
CA LEU G 179 -17.15 0.87 -20.13
C LEU G 179 -17.41 -0.62 -20.32
N VAL G 180 -18.29 -0.94 -21.27
CA VAL G 180 -18.63 -2.33 -21.59
C VAL G 180 -18.20 -2.62 -23.02
N ARG G 181 -18.28 -3.89 -23.38
CA ARG G 181 -17.97 -4.31 -24.74
C ARG G 181 -19.20 -4.07 -25.62
N SER G 182 -19.02 -3.32 -26.69
CA SER G 182 -20.16 -2.96 -27.53
C SER G 182 -20.74 -4.21 -28.19
N PRO G 183 -22.07 -4.27 -28.36
CA PRO G 183 -22.64 -5.39 -29.12
C PRO G 183 -22.21 -5.35 -30.58
N GLY G 184 -22.17 -6.51 -31.19
CA GLY G 184 -21.81 -6.62 -32.59
C GLY G 184 -21.04 -7.90 -32.84
N VAL G 185 -20.37 -7.94 -34.00
CA VAL G 185 -19.57 -9.09 -34.43
C VAL G 185 -18.10 -8.71 -34.33
N TYR G 186 -17.30 -9.56 -33.71
CA TYR G 186 -15.88 -9.31 -33.52
C TYR G 186 -15.07 -10.53 -33.93
N PHE G 187 -13.92 -10.27 -34.56
CA PHE G 187 -13.02 -11.32 -35.03
C PHE G 187 -11.68 -11.20 -34.32
N ASP G 188 -11.09 -12.35 -34.02
CA ASP G 188 -9.84 -12.41 -33.27
C ASP G 188 -8.88 -13.38 -33.96
N GLU G 189 -7.61 -12.99 -34.01
CA GLU G 189 -6.54 -13.83 -34.56
C GLU G 189 -5.64 -14.23 -33.40
N THR G 190 -5.76 -15.48 -32.96
CA THR G 190 -4.92 -16.02 -31.91
C THR G 190 -3.83 -16.89 -32.52
N ILE G 191 -2.80 -17.15 -31.72
CA ILE G 191 -1.65 -17.93 -32.15
C ILE G 191 -1.55 -19.16 -31.25
N ASP G 192 -1.51 -20.34 -31.87
CA ASP G 192 -1.44 -21.58 -31.10
C ASP G 192 -0.08 -21.70 -30.41
N LYS G 193 -0.07 -22.42 -29.29
CA LYS G 193 1.13 -22.58 -28.49
C LYS G 193 1.99 -23.74 -28.94
N SER G 194 1.37 -24.88 -29.26
CA SER G 194 2.11 -26.09 -29.60
C SER G 194 2.39 -26.21 -31.09
N THR G 195 1.40 -25.93 -31.94
CA THR G 195 1.55 -26.10 -33.38
C THR G 195 2.04 -24.84 -34.09
N ASP G 196 2.01 -23.68 -33.42
CA ASP G 196 2.57 -22.45 -33.97
C ASP G 196 1.89 -22.07 -35.29
N LYS G 197 0.57 -22.25 -35.35
CA LYS G 197 -0.21 -21.85 -36.50
C LYS G 197 -1.22 -20.79 -36.09
N THR G 198 -1.59 -19.94 -37.05
CA THR G 198 -2.49 -18.81 -36.80
C THR G 198 -3.93 -19.31 -36.84
N LEU G 199 -4.61 -19.24 -35.70
CA LEU G 199 -6.01 -19.61 -35.59
C LEU G 199 -6.87 -18.35 -35.52
N HIS G 200 -8.15 -18.50 -35.84
CA HIS G 200 -9.08 -17.38 -35.85
C HIS G 200 -10.38 -17.77 -35.16
N SER G 201 -11.04 -16.76 -34.60
CA SER G 201 -12.30 -16.95 -33.88
C SER G 201 -13.19 -15.74 -34.12
N VAL G 202 -14.48 -15.93 -33.84
CA VAL G 202 -15.50 -14.90 -34.02
C VAL G 202 -16.48 -14.98 -32.87
N LYS G 203 -16.93 -13.82 -32.41
CA LYS G 203 -17.92 -13.72 -31.35
C LYS G 203 -19.02 -12.77 -31.80
N VAL G 204 -20.27 -13.21 -31.71
CA VAL G 204 -21.41 -12.35 -32.01
C VAL G 204 -22.05 -12.02 -30.66
N ILE G 205 -21.69 -10.86 -30.11
CA ILE G 205 -22.08 -10.46 -28.77
C ILE G 205 -23.37 -9.65 -28.88
N PRO G 206 -24.49 -10.11 -28.34
CA PRO G 206 -25.72 -9.32 -28.36
C PRO G 206 -25.89 -8.47 -27.10
N SER G 207 -26.80 -7.50 -27.21
CA SER G 207 -27.16 -6.70 -26.04
C SER G 207 -27.86 -7.54 -24.99
N ARG G 208 -28.41 -8.69 -25.36
CA ARG G 208 -29.07 -9.59 -24.42
C ARG G 208 -29.36 -10.90 -25.15
N GLY G 209 -29.20 -12.01 -24.43
CA GLY G 209 -29.51 -13.31 -24.99
C GLY G 209 -28.32 -14.26 -24.97
N ALA G 210 -28.38 -15.31 -25.77
CA ALA G 210 -27.33 -16.32 -25.80
C ALA G 210 -26.18 -15.86 -26.68
N TRP G 211 -24.99 -16.36 -26.38
CA TRP G 211 -23.78 -16.03 -27.11
C TRP G 211 -23.49 -17.10 -28.15
N LEU G 212 -22.77 -16.69 -29.20
CA LEU G 212 -22.47 -17.56 -30.33
C LEU G 212 -21.05 -17.23 -30.81
N GLU G 213 -20.15 -18.21 -30.71
CA GLU G 213 -18.76 -17.97 -31.10
C GLU G 213 -18.28 -19.07 -32.03
N PHE G 214 -17.83 -18.67 -33.21
CA PHE G 214 -17.21 -19.59 -34.16
C PHE G 214 -15.71 -19.60 -33.98
N ASP G 215 -15.06 -20.65 -34.50
CA ASP G 215 -13.61 -20.75 -34.37
C ASP G 215 -13.08 -21.77 -35.36
N VAL G 216 -11.78 -21.66 -35.63
CA VAL G 216 -11.06 -22.61 -36.46
C VAL G 216 -9.98 -23.26 -35.59
N ASP G 217 -10.19 -24.51 -35.23
CA ASP G 217 -9.21 -25.25 -34.43
C ASP G 217 -7.95 -25.44 -35.26
N LYS G 218 -6.99 -26.21 -34.72
CA LYS G 218 -5.73 -26.44 -35.40
C LYS G 218 -5.78 -27.60 -36.38
N ARG G 219 -6.96 -28.19 -36.60
CA ARG G 219 -7.13 -29.24 -37.60
C ARG G 219 -7.82 -28.71 -38.85
N ASP G 220 -7.79 -27.41 -39.07
CA ASP G 220 -8.36 -26.80 -40.28
C ASP G 220 -9.82 -27.21 -40.44
N THR G 221 -10.57 -27.10 -39.35
CA THR G 221 -12.02 -27.32 -39.33
C THR G 221 -12.68 -26.18 -38.59
N VAL G 222 -13.91 -25.86 -38.99
CA VAL G 222 -14.66 -24.74 -38.46
C VAL G 222 -15.74 -25.26 -37.52
N GLY G 223 -15.86 -24.64 -36.34
CA GLY G 223 -16.85 -25.04 -35.37
C GLY G 223 -17.51 -23.83 -34.75
N VAL G 224 -18.57 -24.09 -33.99
CA VAL G 224 -19.39 -23.07 -33.37
C VAL G 224 -19.78 -23.54 -31.97
N ARG G 225 -19.61 -22.67 -30.98
CA ARG G 225 -20.08 -22.91 -29.62
C ARG G 225 -21.29 -22.01 -29.38
N ILE G 226 -22.40 -22.64 -28.98
CA ILE G 226 -23.67 -21.98 -28.79
C ILE G 226 -23.90 -21.85 -27.28
N ASP G 227 -23.76 -20.64 -26.76
CA ASP G 227 -24.04 -20.37 -25.35
C ASP G 227 -23.12 -21.18 -24.44
N ARG G 228 -21.81 -21.03 -24.67
CA ARG G 228 -20.77 -21.66 -23.85
C ARG G 228 -20.72 -23.18 -24.06
N LYS G 229 -21.73 -23.75 -24.71
CA LYS G 229 -21.88 -25.20 -24.76
C LYS G 229 -20.78 -25.81 -25.63
N ARG G 230 -20.88 -27.12 -25.85
CA ARG G 230 -19.87 -27.85 -26.60
C ARG G 230 -19.68 -27.26 -27.99
N ARG G 231 -18.49 -27.49 -28.55
CA ARG G 231 -18.14 -26.97 -29.87
C ARG G 231 -18.67 -27.93 -30.93
N GLN G 232 -19.74 -27.53 -31.61
CA GLN G 232 -20.33 -28.33 -32.67
C GLN G 232 -19.69 -27.97 -34.01
N PRO G 233 -19.70 -28.86 -34.99
CA PRO G 233 -19.24 -28.46 -36.32
C PRO G 233 -20.12 -27.35 -36.89
N VAL G 234 -19.49 -26.43 -37.63
CA VAL G 234 -20.20 -25.27 -38.14
C VAL G 234 -21.33 -25.67 -39.08
N THR G 235 -21.25 -26.85 -39.70
CA THR G 235 -22.30 -27.30 -40.60
C THR G 235 -23.53 -27.83 -39.86
N VAL G 236 -23.38 -28.17 -38.58
CA VAL G 236 -24.55 -28.58 -37.78
C VAL G 236 -25.58 -27.47 -37.77
N LEU G 237 -25.14 -26.23 -37.55
CA LEU G 237 -26.06 -25.10 -37.53
C LEU G 237 -26.74 -24.92 -38.89
N LEU G 238 -25.98 -25.05 -39.98
CA LEU G 238 -26.57 -24.88 -41.30
C LEU G 238 -27.59 -25.97 -41.60
N LYS G 239 -27.31 -27.20 -41.18
CA LYS G 239 -28.28 -28.27 -41.36
C LYS G 239 -29.54 -28.01 -40.54
N ALA G 240 -29.37 -27.46 -39.33
CA ALA G 240 -30.54 -27.18 -38.50
C ALA G 240 -31.45 -26.13 -39.11
N LEU G 241 -30.90 -25.24 -39.92
CA LEU G 241 -31.67 -24.16 -40.52
C LEU G 241 -32.38 -24.56 -41.81
N GLY G 242 -32.15 -25.77 -42.31
CA GLY G 242 -32.77 -26.22 -43.53
C GLY G 242 -31.91 -26.12 -44.78
N TRP G 243 -30.59 -25.98 -44.64
CA TRP G 243 -29.70 -25.89 -45.78
C TRP G 243 -29.18 -27.27 -46.14
N THR G 244 -29.28 -27.61 -47.43
CA THR G 244 -28.80 -28.90 -47.90
C THR G 244 -27.28 -28.92 -47.90
N SER G 245 -26.71 -30.11 -47.65
CA SER G 245 -25.26 -30.25 -47.66
C SER G 245 -24.67 -29.76 -48.97
N GLU G 246 -25.36 -30.00 -50.08
CA GLU G 246 -24.81 -29.60 -51.38
C GLU G 246 -24.76 -28.08 -51.50
N GLN G 247 -25.78 -27.38 -51.04
CA GLN G 247 -25.73 -25.92 -51.07
C GLN G 247 -24.66 -25.38 -50.12
N ILE G 248 -24.43 -26.07 -49.00
CA ILE G 248 -23.34 -25.70 -48.11
C ILE G 248 -22.01 -25.79 -48.84
N VAL G 249 -21.77 -26.91 -49.52
CA VAL G 249 -20.56 -27.04 -50.34
C VAL G 249 -20.52 -25.96 -51.41
N GLU G 250 -21.70 -25.56 -51.90
CA GLU G 250 -21.76 -24.51 -52.92
C GLU G 250 -21.24 -23.18 -52.39
N ARG G 251 -21.59 -22.85 -51.15
CA ARG G 251 -21.19 -21.55 -50.62
C ARG G 251 -19.74 -21.54 -50.12
N PHE G 252 -19.37 -22.53 -49.31
CA PHE G 252 -18.06 -22.53 -48.65
C PHE G 252 -17.08 -23.48 -49.33
N GLY G 253 -17.15 -23.60 -50.66
CA GLY G 253 -16.28 -24.54 -51.36
C GLY G 253 -14.89 -24.04 -51.63
N PHE G 254 -14.69 -22.72 -51.63
CA PHE G 254 -13.38 -22.14 -51.91
C PHE G 254 -12.36 -22.42 -50.80
N SER G 255 -12.80 -23.01 -49.69
CA SER G 255 -11.91 -23.34 -48.57
C SER G 255 -11.90 -24.84 -48.35
N GLU G 256 -10.71 -25.41 -48.19
CA GLU G 256 -10.59 -26.83 -47.88
C GLU G 256 -11.02 -27.14 -46.45
N ILE G 257 -10.91 -26.17 -45.56
CA ILE G 257 -11.24 -26.40 -44.15
C ILE G 257 -12.73 -26.64 -43.96
N MET G 258 -13.56 -25.95 -44.74
CA MET G 258 -15.00 -26.17 -44.64
C MET G 258 -15.40 -27.49 -45.29
N ARG G 259 -14.79 -27.83 -46.43
CA ARG G 259 -15.00 -29.15 -47.02
C ARG G 259 -14.66 -30.25 -46.04
N SER G 260 -13.50 -30.13 -45.38
CA SER G 260 -13.11 -31.13 -44.39
C SER G 260 -14.06 -31.14 -43.19
N THR G 261 -14.64 -30.00 -42.85
CA THR G 261 -15.64 -29.97 -41.78
C THR G 261 -16.88 -30.77 -42.17
N LEU G 262 -17.42 -30.52 -43.35
CA LEU G 262 -18.59 -31.27 -43.78
C LEU G 262 -18.28 -32.75 -43.95
N GLU G 263 -17.03 -33.08 -44.27
CA GLU G 263 -16.66 -34.50 -44.42
C GLU G 263 -16.54 -35.17 -43.06
N LYS G 264 -15.75 -34.60 -42.14
CA LYS G 264 -15.57 -35.13 -40.80
C LYS G 264 -16.84 -35.04 -39.95
N ASP G 265 -17.92 -34.49 -40.48
CA ASP G 265 -19.16 -34.42 -39.73
C ASP G 265 -19.64 -35.82 -39.36
N ASN G 266 -20.34 -35.92 -38.22
CA ASN G 266 -20.82 -37.19 -37.72
C ASN G 266 -22.17 -37.56 -38.34
N THR G 267 -23.18 -36.73 -38.11
CA THR G 267 -24.54 -36.97 -38.59
C THR G 267 -24.90 -35.98 -39.69
N VAL G 268 -25.72 -36.44 -40.64
CA VAL G 268 -26.21 -35.61 -41.73
C VAL G 268 -27.72 -35.73 -41.80
N GLY G 269 -28.38 -34.62 -42.14
CA GLY G 269 -29.83 -34.57 -42.17
C GLY G 269 -30.36 -33.37 -41.42
N THR G 270 -31.37 -32.70 -42.00
CA THR G 270 -31.91 -31.50 -41.37
C THR G 270 -32.51 -31.80 -40.01
N ASP G 271 -33.17 -32.96 -39.88
CA ASP G 271 -33.83 -33.35 -38.63
C ASP G 271 -32.91 -34.11 -37.69
N GLU G 272 -31.63 -34.27 -38.03
CA GLU G 272 -30.67 -35.00 -37.21
C GLU G 272 -29.79 -34.06 -36.40
N ALA G 273 -29.08 -33.15 -37.10
CA ALA G 273 -28.27 -32.16 -36.43
C ALA G 273 -29.10 -31.28 -35.51
N LEU G 274 -30.37 -31.09 -35.84
CA LEU G 274 -31.25 -30.31 -34.98
C LEU G 274 -31.40 -30.96 -33.61
N LEU G 275 -31.68 -32.26 -33.58
CA LEU G 275 -31.78 -32.97 -32.31
C LEU G 275 -30.43 -33.06 -31.60
N ASP G 276 -29.35 -33.17 -32.36
CA ASP G 276 -28.01 -33.06 -31.78
C ASP G 276 -27.85 -31.77 -30.98
N ILE G 277 -28.17 -30.64 -31.62
CA ILE G 277 -28.13 -29.35 -30.94
C ILE G 277 -29.03 -29.36 -29.71
N TYR G 278 -30.24 -29.91 -29.84
CA TYR G 278 -31.17 -29.89 -28.72
C TYR G 278 -30.60 -30.62 -27.51
N ARG G 279 -30.08 -31.83 -27.73
CA ARG G 279 -29.59 -32.61 -26.59
C ARG G 279 -28.29 -32.07 -26.02
N LYS G 280 -27.53 -31.27 -26.78
CA LYS G 280 -26.36 -30.62 -26.20
C LYS G 280 -26.69 -29.27 -25.55
N LEU G 281 -27.80 -28.65 -25.92
CA LEU G 281 -28.19 -27.34 -25.39
C LEU G 281 -29.08 -27.48 -24.16
N ARG G 282 -30.07 -28.36 -24.21
CA ARG G 282 -30.99 -28.61 -23.09
C ARG G 282 -31.02 -30.10 -22.83
N PRO G 283 -29.96 -30.64 -22.20
CA PRO G 283 -29.90 -32.09 -21.99
C PRO G 283 -30.93 -32.58 -21.00
N GLY G 284 -31.21 -33.88 -21.08
CA GLY G 284 -32.11 -34.52 -20.15
C GLY G 284 -33.58 -34.40 -20.48
N GLU G 285 -33.92 -33.85 -21.64
CA GLU G 285 -35.31 -33.67 -22.02
C GLU G 285 -35.63 -34.47 -23.29
N PRO G 286 -36.88 -34.88 -23.46
CA PRO G 286 -37.26 -35.58 -24.70
C PRO G 286 -37.12 -34.66 -25.89
N PRO G 287 -36.42 -35.07 -26.95
CA PRO G 287 -36.22 -34.17 -28.09
C PRO G 287 -37.33 -34.27 -29.12
N THR G 288 -38.19 -33.26 -29.19
CA THR G 288 -39.21 -33.15 -30.22
C THR G 288 -38.69 -32.27 -31.34
N LYS G 289 -38.98 -32.66 -32.58
CA LYS G 289 -38.54 -31.87 -33.72
C LYS G 289 -39.00 -30.43 -33.60
N GLU G 290 -40.26 -30.22 -33.20
CA GLU G 290 -40.78 -28.86 -33.07
C GLU G 290 -40.34 -28.19 -31.77
N SER G 291 -40.11 -28.96 -30.70
CA SER G 291 -39.61 -28.34 -29.47
C SER G 291 -38.23 -27.73 -29.67
N ALA G 292 -37.42 -28.33 -30.55
CA ALA G 292 -36.12 -27.75 -30.88
C ALA G 292 -36.25 -26.67 -31.95
N GLN G 293 -37.12 -26.90 -32.94
CA GLN G 293 -37.34 -25.89 -33.97
C GLN G 293 -37.87 -24.59 -33.37
N THR G 294 -38.56 -24.66 -32.23
CA THR G 294 -39.10 -23.46 -31.61
C THR G 294 -38.00 -22.64 -30.96
N LEU G 295 -37.15 -23.27 -30.15
CA LEU G 295 -36.14 -22.51 -29.42
C LEU G 295 -35.00 -22.08 -30.34
N LEU G 296 -34.61 -22.92 -31.29
CA LEU G 296 -33.54 -22.52 -32.20
C LEU G 296 -33.94 -21.33 -33.05
N GLU G 297 -35.24 -21.06 -33.18
CA GLU G 297 -35.71 -19.82 -33.80
C GLU G 297 -35.93 -18.71 -32.78
N ASN G 298 -36.24 -19.07 -31.53
CA ASN G 298 -36.49 -18.05 -30.52
C ASN G 298 -35.21 -17.47 -29.93
N LEU G 299 -34.16 -18.29 -29.83
CA LEU G 299 -32.94 -17.84 -29.19
C LEU G 299 -32.10 -16.91 -30.07
N PHE G 300 -32.40 -16.81 -31.36
CA PHE G 300 -31.59 -16.00 -32.26
C PHE G 300 -32.39 -15.17 -33.25
N PHE G 301 -33.69 -15.42 -33.43
CA PHE G 301 -34.48 -14.73 -34.45
C PHE G 301 -35.80 -14.16 -33.94
N LYS G 302 -36.22 -14.48 -32.73
CA LYS G 302 -37.39 -13.86 -32.13
C LYS G 302 -36.95 -12.83 -31.10
N GLU G 303 -37.70 -11.73 -31.03
CA GLU G 303 -37.35 -10.62 -30.15
C GLU G 303 -37.62 -10.90 -28.68
N LYS G 304 -38.11 -12.09 -28.34
CA LYS G 304 -38.39 -12.40 -26.94
C LYS G 304 -37.10 -12.53 -26.14
N ARG G 305 -36.26 -13.51 -26.48
CA ARG G 305 -35.07 -13.82 -25.70
C ARG G 305 -33.78 -13.47 -26.43
N TYR G 306 -33.85 -12.54 -27.38
CA TYR G 306 -32.66 -12.11 -28.10
C TYR G 306 -32.95 -10.76 -28.73
N ASP G 307 -32.01 -9.82 -28.60
CA ASP G 307 -32.21 -8.47 -29.10
C ASP G 307 -30.88 -7.74 -29.18
N LEU G 308 -30.52 -7.31 -30.38
CA LEU G 308 -29.44 -6.33 -30.55
C LEU G 308 -30.06 -4.95 -30.51
N ALA G 309 -29.58 -4.11 -29.59
CA ALA G 309 -30.04 -2.73 -29.56
C ALA G 309 -29.81 -2.11 -30.94
N ARG G 310 -30.45 -0.95 -31.18
CA ARG G 310 -30.25 -0.26 -32.45
C ARG G 310 -28.76 -0.13 -32.76
N VAL G 311 -27.94 0.15 -31.74
CA VAL G 311 -26.51 0.28 -31.93
C VAL G 311 -25.89 -1.05 -32.35
N GLY G 312 -26.33 -2.14 -31.72
CA GLY G 312 -25.79 -3.44 -32.11
C GLY G 312 -26.09 -3.79 -33.55
N ARG G 313 -27.35 -3.58 -33.97
CA ARG G 313 -27.72 -3.83 -35.36
C ARG G 313 -26.88 -2.99 -36.31
N TYR G 314 -26.69 -1.70 -35.99
CA TYR G 314 -25.89 -0.82 -36.86
C TYR G 314 -24.45 -1.32 -36.95
N LYS G 315 -23.86 -1.67 -35.81
CA LYS G 315 -22.48 -2.15 -35.79
C LYS G 315 -22.32 -3.40 -36.66
N VAL G 316 -23.23 -4.36 -36.51
CA VAL G 316 -23.17 -5.57 -37.34
C VAL G 316 -23.35 -5.21 -38.80
N ASN G 317 -24.32 -4.33 -39.11
CA ASN G 317 -24.58 -3.98 -40.50
C ASN G 317 -23.35 -3.37 -41.16
N LYS G 318 -22.53 -2.64 -40.41
CA LYS G 318 -21.30 -2.14 -41.01
C LYS G 318 -20.26 -3.25 -41.15
N LYS G 319 -20.02 -4.04 -40.10
CA LYS G 319 -18.91 -4.98 -40.15
C LYS G 319 -19.08 -6.00 -41.27
N LEU G 320 -20.32 -6.39 -41.56
CA LEU G 320 -20.58 -7.33 -42.65
C LEU G 320 -20.89 -6.64 -43.97
N GLY G 321 -21.28 -5.37 -43.94
CA GLY G 321 -21.58 -4.64 -45.16
C GLY G 321 -22.92 -5.02 -45.76
N LEU G 322 -23.95 -5.12 -44.93
CA LEU G 322 -25.30 -5.42 -45.37
C LEU G 322 -26.28 -4.48 -44.68
N HIS G 323 -27.40 -4.24 -45.35
CA HIS G 323 -28.43 -3.32 -44.84
C HIS G 323 -27.85 -1.94 -44.54
N VAL G 324 -26.80 -1.56 -45.26
CA VAL G 324 -26.14 -0.27 -45.00
C VAL G 324 -27.02 0.91 -45.34
N GLY G 325 -28.18 0.68 -45.95
CA GLY G 325 -29.10 1.76 -46.26
C GLY G 325 -30.43 1.64 -45.55
N GLU G 326 -30.72 0.45 -45.02
CA GLU G 326 -32.00 0.24 -44.37
C GLU G 326 -32.06 1.02 -43.05
N PRO G 327 -33.22 1.60 -42.71
CA PRO G 327 -33.35 2.21 -41.39
C PRO G 327 -33.29 1.16 -40.30
N ILE G 328 -32.61 1.50 -39.20
CA ILE G 328 -32.41 0.55 -38.11
C ILE G 328 -33.76 0.18 -37.50
N THR G 329 -34.40 -0.85 -38.05
CA THR G 329 -35.68 -1.34 -37.55
C THR G 329 -35.62 -2.78 -37.06
N SER G 330 -34.71 -3.60 -37.61
CA SER G 330 -34.58 -4.99 -37.19
C SER G 330 -33.71 -5.04 -35.94
N SER G 331 -34.33 -5.33 -34.80
CA SER G 331 -33.62 -5.48 -33.54
C SER G 331 -33.21 -6.92 -33.26
N THR G 332 -33.00 -7.72 -34.30
CA THR G 332 -32.75 -9.14 -34.13
C THR G 332 -31.76 -9.62 -35.18
N LEU G 333 -31.15 -10.76 -34.89
CA LEU G 333 -30.24 -11.41 -35.81
C LEU G 333 -31.02 -12.19 -36.87
N THR G 334 -30.44 -12.27 -38.06
CA THR G 334 -31.06 -12.97 -39.19
C THR G 334 -30.11 -14.04 -39.72
N GLU G 335 -30.69 -15.04 -40.40
CA GLU G 335 -29.88 -16.11 -40.97
C GLU G 335 -28.87 -15.55 -41.97
N GLU G 336 -29.28 -14.54 -42.74
CA GLU G 336 -28.37 -13.89 -43.67
C GLU G 336 -27.11 -13.41 -42.95
N ASP G 337 -27.28 -12.81 -41.77
CA ASP G 337 -26.13 -12.36 -41.00
C ASP G 337 -25.21 -13.53 -40.65
N VAL G 338 -25.79 -14.65 -40.24
CA VAL G 338 -24.97 -15.80 -39.85
C VAL G 338 -24.17 -16.31 -41.05
N VAL G 339 -24.83 -16.43 -42.21
CA VAL G 339 -24.13 -16.92 -43.39
C VAL G 339 -22.99 -15.97 -43.77
N ALA G 340 -23.29 -14.67 -43.85
CA ALA G 340 -22.26 -13.70 -44.19
C ALA G 340 -21.13 -13.69 -43.16
N THR G 341 -21.46 -13.94 -41.89
CA THR G 341 -20.45 -13.96 -40.84
C THR G 341 -19.51 -15.15 -41.03
N ILE G 342 -20.07 -16.33 -41.30
CA ILE G 342 -19.22 -17.49 -41.52
C ILE G 342 -18.34 -17.29 -42.75
N GLU G 343 -18.89 -16.66 -43.79
CA GLU G 343 -18.09 -16.34 -44.97
C GLU G 343 -16.93 -15.42 -44.60
N TYR G 344 -17.23 -14.33 -43.90
CA TYR G 344 -16.21 -13.41 -43.43
C TYR G 344 -15.10 -14.15 -42.69
N LEU G 345 -15.48 -15.00 -41.73
CA LEU G 345 -14.50 -15.75 -40.95
C LEU G 345 -13.63 -16.62 -41.84
N VAL G 346 -14.27 -17.51 -42.61
CA VAL G 346 -13.50 -18.47 -43.41
C VAL G 346 -12.56 -17.75 -44.36
N ARG G 347 -12.97 -16.60 -44.89
CA ARG G 347 -12.07 -15.85 -45.77
C ARG G 347 -10.92 -15.24 -44.98
N LEU G 348 -11.19 -14.72 -43.78
CA LEU G 348 -10.10 -14.17 -42.98
C LEU G 348 -9.08 -15.23 -42.61
N HIS G 349 -9.51 -16.47 -42.40
CA HIS G 349 -8.56 -17.49 -41.98
C HIS G 349 -7.51 -17.75 -43.05
N GLU G 350 -7.91 -17.74 -44.32
CA GLU G 350 -7.02 -18.09 -45.43
C GLU G 350 -6.49 -16.86 -46.15
N GLY G 351 -6.20 -15.79 -45.41
CA GLY G 351 -5.44 -14.68 -45.95
C GLY G 351 -6.22 -13.66 -46.75
N GLN G 352 -7.52 -13.86 -46.95
CA GLN G 352 -8.29 -12.90 -47.73
C GLN G 352 -8.42 -11.58 -46.98
N THR G 353 -8.45 -10.48 -47.73
CA THR G 353 -8.45 -9.13 -47.16
C THR G 353 -9.63 -8.29 -47.62
N THR G 354 -10.58 -8.86 -48.37
CA THR G 354 -11.71 -8.11 -48.89
C THR G 354 -12.86 -9.08 -49.06
N MET G 355 -14.09 -8.59 -48.83
CA MET G 355 -15.24 -9.48 -49.00
C MET G 355 -16.49 -8.65 -49.27
N THR G 356 -17.34 -9.18 -50.15
CA THR G 356 -18.65 -8.60 -50.43
C THR G 356 -19.71 -9.68 -50.17
N VAL G 357 -20.62 -9.41 -49.25
CA VAL G 357 -21.70 -10.36 -48.98
C VAL G 357 -22.60 -10.45 -50.20
N PRO G 358 -23.12 -11.63 -50.56
CA PRO G 358 -24.07 -11.71 -51.67
C PRO G 358 -25.17 -10.68 -51.57
N GLY G 359 -25.08 -9.64 -52.39
CA GLY G 359 -26.01 -8.53 -52.29
C GLY G 359 -25.60 -7.47 -51.29
N GLY G 360 -24.31 -7.31 -51.03
CA GLY G 360 -23.85 -6.35 -50.06
C GLY G 360 -22.64 -5.59 -50.57
N VAL G 361 -22.37 -4.47 -49.91
CA VAL G 361 -21.24 -3.63 -50.31
C VAL G 361 -19.92 -4.31 -49.96
N GLU G 362 -18.86 -3.86 -50.63
CA GLU G 362 -17.52 -4.36 -50.33
C GLU G 362 -17.08 -3.88 -48.95
N VAL G 363 -16.36 -4.74 -48.24
CA VAL G 363 -15.94 -4.43 -46.87
C VAL G 363 -14.57 -5.07 -46.61
N PRO G 364 -13.68 -4.38 -45.91
CA PRO G 364 -12.38 -4.99 -45.59
C PRO G 364 -12.52 -6.11 -44.58
N VAL G 365 -11.55 -7.02 -44.61
CA VAL G 365 -11.53 -8.19 -43.74
C VAL G 365 -10.39 -8.00 -42.76
N GLU G 366 -10.73 -7.81 -41.49
CA GLU G 366 -9.74 -7.53 -40.46
C GLU G 366 -10.29 -7.98 -39.11
N THR G 367 -9.41 -8.00 -38.12
CA THR G 367 -9.78 -8.30 -36.74
C THR G 367 -10.04 -6.99 -35.99
N ASP G 368 -10.85 -7.09 -34.94
CA ASP G 368 -11.26 -5.93 -34.17
C ASP G 368 -10.51 -5.87 -32.84
N ASP G 369 -10.39 -4.66 -32.30
CA ASP G 369 -9.50 -4.41 -31.18
C ASP G 369 -10.14 -4.68 -29.83
N ILE G 370 -11.45 -4.47 -29.71
CA ILE G 370 -12.24 -4.61 -28.47
C ILE G 370 -11.79 -3.62 -27.40
N ASP G 371 -10.63 -2.98 -27.59
CA ASP G 371 -10.22 -1.86 -26.77
C ASP G 371 -10.45 -0.52 -27.46
N HIS G 372 -10.55 -0.54 -28.80
CA HIS G 372 -10.89 0.66 -29.55
C HIS G 372 -12.21 1.22 -29.07
N PHE G 373 -12.25 2.53 -28.83
CA PHE G 373 -13.46 3.14 -28.28
C PHE G 373 -14.62 3.19 -29.29
N GLY G 374 -14.46 2.54 -30.45
CA GLY G 374 -15.56 2.32 -31.36
C GLY G 374 -16.20 0.98 -31.08
N ASN G 375 -15.41 0.06 -30.52
CA ASN G 375 -15.92 -1.22 -30.04
C ASN G 375 -16.06 -1.28 -28.52
N ARG G 376 -15.47 -0.32 -27.80
CA ARG G 376 -15.61 -0.21 -26.35
C ARG G 376 -16.66 0.87 -26.08
N ARG G 377 -17.85 0.44 -25.68
CA ARG G 377 -18.97 1.33 -25.50
C ARG G 377 -19.04 1.83 -24.08
N LEU G 378 -19.74 2.95 -23.89
CA LEU G 378 -19.95 3.54 -22.58
C LEU G 378 -21.46 3.64 -22.34
N ARG G 379 -21.93 3.02 -21.27
CA ARG G 379 -23.32 3.12 -20.87
C ARG G 379 -23.38 3.85 -19.53
N THR G 380 -24.14 4.94 -19.50
CA THR G 380 -24.20 5.87 -18.39
C THR G 380 -25.36 5.52 -17.46
N VAL G 381 -25.83 6.50 -16.68
CA VAL G 381 -26.83 6.23 -15.65
C VAL G 381 -28.14 5.76 -16.27
N GLY G 382 -28.61 6.46 -17.30
CA GLY G 382 -29.89 6.12 -17.90
C GLY G 382 -29.97 4.66 -18.31
N GLU G 383 -28.95 4.18 -19.02
CA GLU G 383 -28.97 2.80 -19.51
C GLU G 383 -28.80 1.81 -18.37
N LEU G 384 -27.89 2.10 -17.44
CA LEU G 384 -27.67 1.21 -16.31
C LEU G 384 -28.94 1.04 -15.48
N ILE G 385 -29.75 2.10 -15.39
CA ILE G 385 -31.02 2.00 -14.67
C ILE G 385 -32.08 1.34 -15.54
N GLN G 386 -32.03 1.57 -16.85
CA GLN G 386 -33.00 0.95 -17.75
C GLN G 386 -32.90 -0.56 -17.67
N ASN G 387 -31.68 -1.10 -17.58
CA ASN G 387 -31.55 -2.55 -17.51
C ASN G 387 -32.21 -3.12 -16.24
N GLN G 388 -32.04 -2.42 -15.11
CA GLN G 388 -32.66 -2.88 -13.87
C GLN G 388 -34.17 -2.77 -13.93
N ILE G 389 -34.69 -1.66 -14.48
CA ILE G 389 -36.13 -1.54 -14.66
C ILE G 389 -36.63 -2.66 -15.57
N ARG G 390 -35.84 -3.03 -16.58
CA ARG G 390 -36.23 -4.10 -17.48
C ARG G 390 -36.33 -5.43 -16.75
N VAL G 391 -35.34 -5.73 -15.90
CA VAL G 391 -35.40 -6.95 -15.10
C VAL G 391 -36.66 -6.96 -14.25
N GLY G 392 -36.89 -5.86 -13.52
CA GLY G 392 -38.09 -5.79 -12.70
C GLY G 392 -39.37 -5.97 -13.50
N MET G 393 -39.43 -5.34 -14.68
CA MET G 393 -40.64 -5.41 -15.49
C MET G 393 -40.87 -6.82 -16.02
N SER G 394 -39.80 -7.55 -16.33
CA SER G 394 -39.97 -8.94 -16.76
C SER G 394 -40.45 -9.82 -15.61
N ARG G 395 -39.84 -9.64 -14.43
CA ARG G 395 -40.28 -10.38 -13.25
C ARG G 395 -41.75 -10.13 -12.98
N MET G 396 -42.22 -8.90 -13.22
CA MET G 396 -43.63 -8.61 -13.04
C MET G 396 -44.47 -9.19 -14.19
N GLU G 397 -43.92 -9.18 -15.41
CA GLU G 397 -44.66 -9.69 -16.56
C GLU G 397 -45.04 -11.15 -16.37
N ARG G 398 -44.12 -11.94 -15.84
CA ARG G 398 -44.42 -13.35 -15.62
C ARG G 398 -45.56 -13.51 -14.61
N VAL G 399 -45.49 -12.77 -13.51
CA VAL G 399 -46.56 -12.81 -12.52
C VAL G 399 -47.87 -12.36 -13.14
N VAL G 400 -47.81 -11.40 -14.06
CA VAL G 400 -49.02 -10.96 -14.74
C VAL G 400 -49.62 -12.10 -15.54
N ARG G 401 -48.82 -12.74 -16.38
CA ARG G 401 -49.34 -13.85 -17.17
C ARG G 401 -49.93 -14.95 -16.29
N GLU G 402 -49.34 -15.18 -15.12
CA GLU G 402 -49.91 -16.19 -14.23
C GLU G 402 -51.22 -15.72 -13.61
N ARG G 403 -51.28 -14.45 -13.19
CA ARG G 403 -52.48 -13.93 -12.55
C ARG G 403 -53.64 -13.75 -13.53
N MET G 404 -53.36 -13.66 -14.82
CA MET G 404 -54.44 -13.53 -15.80
C MET G 404 -55.28 -14.80 -15.84
N THR G 405 -54.64 -15.96 -15.99
CA THR G 405 -55.33 -17.23 -16.13
C THR G 405 -55.93 -17.73 -14.81
N THR G 406 -55.75 -17.01 -13.72
CA THR G 406 -56.30 -17.39 -12.42
C THR G 406 -57.59 -16.65 -12.09
N GLN G 407 -57.57 -15.32 -12.15
CA GLN G 407 -58.75 -14.53 -11.87
C GLN G 407 -59.75 -14.65 -13.03
N ASP G 408 -60.99 -14.24 -12.76
CA ASP G 408 -62.02 -14.26 -13.79
C ASP G 408 -61.69 -13.28 -14.91
N VAL G 409 -62.35 -13.46 -16.04
CA VAL G 409 -62.05 -12.69 -17.23
C VAL G 409 -63.01 -11.52 -17.39
N GLU G 410 -63.55 -11.01 -16.27
CA GLU G 410 -64.43 -9.85 -16.34
C GLU G 410 -64.28 -8.92 -15.15
N ALA G 411 -63.79 -9.42 -14.01
CA ALA G 411 -63.47 -8.59 -12.86
C ALA G 411 -62.00 -8.26 -12.77
N ILE G 412 -61.23 -8.54 -13.83
CA ILE G 412 -59.81 -8.24 -13.86
C ILE G 412 -59.62 -6.78 -14.22
N THR G 413 -58.79 -6.09 -13.46
CA THR G 413 -58.38 -4.72 -13.75
C THR G 413 -56.86 -4.65 -13.73
N PRO G 414 -56.28 -3.64 -14.38
CA PRO G 414 -54.83 -3.46 -14.28
C PRO G 414 -54.31 -3.52 -12.86
N GLN G 415 -55.12 -3.12 -11.88
CA GLN G 415 -54.67 -3.13 -10.49
C GLN G 415 -54.58 -4.55 -9.94
N THR G 416 -55.37 -5.49 -10.48
CA THR G 416 -55.31 -6.86 -10.03
C THR G 416 -54.18 -7.64 -10.68
N LEU G 417 -53.77 -7.23 -11.89
CA LEU G 417 -52.74 -7.94 -12.63
C LEU G 417 -51.34 -7.48 -12.30
N ILE G 418 -51.18 -6.25 -11.79
CA ILE G 418 -49.88 -5.62 -11.64
C ILE G 418 -49.38 -5.82 -10.22
N ASN G 419 -48.19 -6.40 -10.09
CA ASN G 419 -47.51 -6.55 -8.81
C ASN G 419 -46.17 -5.82 -8.92
N ILE G 420 -46.08 -4.66 -8.28
CA ILE G 420 -44.94 -3.76 -8.46
C ILE G 420 -43.82 -4.10 -7.48
N ARG G 421 -43.97 -5.18 -6.73
CA ARG G 421 -42.94 -5.55 -5.76
C ARG G 421 -41.58 -5.77 -6.42
N PRO G 422 -41.46 -6.57 -7.48
CA PRO G 422 -40.12 -6.78 -8.08
C PRO G 422 -39.52 -5.53 -8.68
N VAL G 423 -40.32 -4.57 -9.12
CA VAL G 423 -39.77 -3.36 -9.73
C VAL G 423 -39.07 -2.49 -8.69
N VAL G 424 -39.77 -2.16 -7.61
CA VAL G 424 -39.16 -1.39 -6.54
C VAL G 424 -38.00 -2.16 -5.94
N ALA G 425 -38.17 -3.48 -5.78
CA ALA G 425 -37.07 -4.29 -5.27
C ALA G 425 -35.87 -4.25 -6.21
N ALA G 426 -36.11 -4.14 -7.52
CA ALA G 426 -35.00 -4.10 -8.48
C ALA G 426 -34.22 -2.79 -8.38
N ILE G 427 -34.94 -1.66 -8.39
CA ILE G 427 -34.21 -0.40 -8.30
C ILE G 427 -33.52 -0.27 -6.94
N LYS G 428 -34.14 -0.80 -5.88
CA LYS G 428 -33.49 -0.78 -4.56
C LYS G 428 -32.26 -1.68 -4.54
N GLU G 429 -32.35 -2.86 -5.14
CA GLU G 429 -31.19 -3.75 -5.24
C GLU G 429 -30.06 -3.07 -5.98
N PHE G 430 -30.37 -2.34 -7.04
CA PHE G 430 -29.34 -1.66 -7.80
C PHE G 430 -28.68 -0.58 -6.96
N PHE G 431 -29.43 0.46 -6.59
CA PHE G 431 -28.81 1.58 -5.89
C PHE G 431 -28.17 1.16 -4.57
N GLY G 432 -28.80 0.22 -3.87
CA GLY G 432 -28.27 -0.21 -2.58
C GLY G 432 -27.05 -1.10 -2.71
N THR G 433 -27.08 -2.02 -3.68
CA THR G 433 -25.99 -2.97 -3.90
C THR G 433 -25.64 -2.97 -5.38
N SER G 434 -24.56 -2.28 -5.74
CA SER G 434 -24.07 -2.28 -7.10
C SER G 434 -22.68 -1.66 -7.12
N GLN G 435 -21.79 -2.21 -7.93
CA GLN G 435 -20.45 -1.65 -8.04
C GLN G 435 -20.47 -0.25 -8.64
N LEU G 436 -21.55 0.14 -9.33
CA LEU G 436 -21.62 1.43 -9.99
C LEU G 436 -22.30 2.51 -9.14
N SER G 437 -23.14 2.13 -8.19
CA SER G 437 -23.71 3.07 -7.23
C SER G 437 -22.66 3.29 -6.15
N GLN G 438 -21.83 4.32 -6.33
CA GLN G 438 -20.67 4.53 -5.48
C GLN G 438 -20.90 5.67 -4.51
N PHE G 439 -20.41 5.51 -3.30
CA PHE G 439 -20.41 6.58 -2.31
C PHE G 439 -19.69 7.79 -2.86
N MET G 440 -20.41 8.91 -2.98
CA MET G 440 -19.86 10.07 -3.69
C MET G 440 -18.62 10.60 -2.98
N ASP G 441 -17.60 10.92 -3.78
CA ASP G 441 -16.41 11.59 -3.27
C ASP G 441 -16.72 13.06 -3.02
N GLN G 442 -16.66 13.48 -1.76
CA GLN G 442 -17.04 14.83 -1.37
C GLN G 442 -15.98 15.46 -0.50
N ASN G 443 -14.70 15.28 -0.86
CA ASN G 443 -13.64 16.01 -0.18
C ASN G 443 -13.67 17.48 -0.57
N ASN G 444 -13.66 17.75 -1.87
CA ASN G 444 -13.78 19.10 -2.40
C ASN G 444 -14.56 19.03 -3.70
N PRO G 445 -15.11 20.16 -4.16
CA PRO G 445 -15.96 20.12 -5.37
C PRO G 445 -15.35 19.39 -6.56
N LEU G 446 -14.04 19.55 -6.78
CA LEU G 446 -13.41 18.90 -7.92
C LEU G 446 -13.49 17.38 -7.80
N SER G 447 -13.33 16.86 -6.60
CA SER G 447 -13.42 15.41 -6.41
C SER G 447 -14.80 14.89 -6.82
N GLY G 448 -15.86 15.57 -6.37
CA GLY G 448 -17.20 15.17 -6.75
C GLY G 448 -17.44 15.25 -8.24
N LEU G 449 -17.01 16.36 -8.86
CA LEU G 449 -17.15 16.50 -10.31
C LEU G 449 -16.48 15.33 -11.03
N THR G 450 -15.20 15.10 -10.73
CA THR G 450 -14.49 13.99 -11.37
C THR G 450 -15.22 12.68 -11.15
N HIS G 451 -15.72 12.45 -9.93
CA HIS G 451 -16.43 11.21 -9.66
C HIS G 451 -17.63 11.06 -10.59
N LYS G 452 -18.40 12.14 -10.76
CA LYS G 452 -19.54 12.07 -11.66
C LYS G 452 -19.13 11.91 -13.12
N ARG G 453 -17.87 12.22 -13.46
CA ARG G 453 -17.39 12.05 -14.82
C ARG G 453 -16.45 10.86 -14.97
N ARG G 454 -16.67 9.81 -14.16
CA ARG G 454 -15.79 8.64 -14.20
C ARG G 454 -16.27 7.64 -15.24
N LEU G 455 -15.31 6.86 -15.74
CA LEU G 455 -15.56 5.76 -16.66
C LEU G 455 -14.91 4.53 -16.04
N SER G 456 -15.74 3.58 -15.60
CA SER G 456 -15.27 2.39 -14.90
C SER G 456 -15.42 1.17 -15.80
N ALA G 457 -14.35 0.38 -15.89
CA ALA G 457 -14.36 -0.84 -16.69
C ALA G 457 -14.87 -2.05 -15.91
N LEU G 458 -14.80 -2.02 -14.59
CA LEU G 458 -15.27 -3.12 -13.76
C LEU G 458 -16.79 -3.10 -13.66
N GLY G 459 -17.34 -4.25 -13.25
CA GLY G 459 -18.76 -4.35 -12.98
C GLY G 459 -19.45 -5.46 -13.75
N PRO G 460 -20.73 -5.67 -13.46
CA PRO G 460 -21.48 -6.73 -14.16
C PRO G 460 -21.55 -6.46 -15.66
N GLY G 461 -21.41 -7.53 -16.44
CA GLY G 461 -21.37 -7.43 -17.88
C GLY G 461 -20.04 -6.99 -18.45
N GLY G 462 -19.17 -6.39 -17.63
CA GLY G 462 -17.87 -5.96 -18.09
C GLY G 462 -16.82 -7.03 -17.89
N LEU G 463 -16.05 -6.93 -16.81
CA LEU G 463 -15.00 -7.90 -16.53
C LEU G 463 -14.66 -7.86 -15.05
N SER G 464 -14.03 -8.93 -14.58
CA SER G 464 -13.51 -9.00 -13.22
C SER G 464 -12.12 -8.41 -13.16
N ARG G 465 -11.72 -7.97 -11.96
CA ARG G 465 -10.39 -7.38 -11.81
C ARG G 465 -9.31 -8.40 -12.13
N GLU G 466 -9.48 -9.64 -11.67
CA GLU G 466 -8.55 -10.70 -12.04
C GLU G 466 -8.57 -10.99 -13.54
N ARG G 467 -9.52 -10.42 -14.28
CA ARG G 467 -9.63 -10.64 -15.71
C ARG G 467 -9.33 -9.37 -16.48
N ALA G 468 -8.16 -8.77 -16.22
CA ALA G 468 -7.78 -7.52 -16.86
C ALA G 468 -6.26 -7.51 -16.99
N GLY G 469 -5.78 -7.85 -18.19
CA GLY G 469 -4.36 -7.90 -18.43
C GLY G 469 -3.75 -6.51 -18.56
N LEU G 470 -2.45 -6.50 -18.86
CA LEU G 470 -1.73 -5.25 -19.06
C LEU G 470 -2.17 -4.50 -20.31
N GLU G 471 -3.05 -5.09 -21.12
CA GLU G 471 -3.49 -4.49 -22.37
C GLU G 471 -4.77 -3.69 -22.24
N VAL G 472 -5.64 -4.06 -21.29
CA VAL G 472 -6.87 -3.30 -21.09
C VAL G 472 -6.61 -1.98 -20.37
N ARG G 473 -5.45 -1.84 -19.73
CA ARG G 473 -5.18 -0.74 -18.81
C ARG G 473 -4.35 0.37 -19.45
N ASP G 474 -3.49 0.04 -20.40
CA ASP G 474 -2.63 1.06 -21.00
C ASP G 474 -3.43 1.94 -21.94
N VAL G 475 -2.83 3.08 -22.29
CA VAL G 475 -3.51 4.06 -23.13
C VAL G 475 -3.67 3.52 -24.54
N HIS G 476 -4.84 3.77 -25.14
CA HIS G 476 -5.13 3.38 -26.51
C HIS G 476 -5.22 4.62 -27.40
N PRO G 477 -4.71 4.56 -28.64
CA PRO G 477 -4.69 5.77 -29.47
C PRO G 477 -6.07 6.37 -29.73
N SER G 478 -7.16 5.64 -29.47
CA SER G 478 -8.50 6.18 -29.68
C SER G 478 -8.98 7.01 -28.49
N HIS G 479 -8.26 6.98 -27.37
CA HIS G 479 -8.63 7.78 -26.21
C HIS G 479 -8.46 9.28 -26.44
N TYR G 480 -7.83 9.68 -27.55
CA TYR G 480 -7.57 11.09 -27.79
C TYR G 480 -8.87 11.86 -27.82
N GLY G 481 -8.97 12.88 -26.97
CA GLY G 481 -10.16 13.71 -26.90
C GLY G 481 -11.37 13.06 -26.28
N ARG G 482 -11.26 11.83 -25.78
CA ARG G 482 -12.38 11.09 -25.24
C ARG G 482 -12.15 10.70 -23.78
N MET G 483 -11.12 9.93 -23.49
CA MET G 483 -10.75 9.58 -22.13
C MET G 483 -9.35 10.07 -21.83
N CYS G 484 -9.18 10.67 -20.66
CA CYS G 484 -7.89 11.22 -20.29
C CYS G 484 -6.87 10.12 -20.11
N PRO G 485 -5.65 10.26 -20.64
CA PRO G 485 -4.61 9.26 -20.41
C PRO G 485 -3.85 9.46 -19.11
N ILE G 486 -4.13 10.53 -18.37
CA ILE G 486 -3.38 10.87 -17.17
C ILE G 486 -4.14 10.51 -15.90
N GLU G 487 -5.35 11.02 -15.74
CA GLU G 487 -6.11 10.84 -14.50
C GLU G 487 -6.58 9.39 -14.40
N THR G 488 -5.87 8.59 -13.59
CA THR G 488 -6.22 7.20 -13.35
C THR G 488 -5.55 6.81 -12.05
N PRO G 489 -6.19 5.99 -11.21
CA PRO G 489 -5.53 5.57 -9.98
C PRO G 489 -4.23 4.84 -10.26
N GLU G 490 -3.33 4.86 -9.28
CA GLU G 490 -2.07 4.15 -9.38
C GLU G 490 -2.05 2.87 -8.56
N GLY G 491 -3.14 2.55 -7.88
CA GLY G 491 -3.24 1.32 -7.12
C GLY G 491 -3.60 0.15 -8.01
N PRO G 492 -4.30 -0.85 -7.45
CA PRO G 492 -4.68 -2.01 -8.26
C PRO G 492 -5.72 -1.72 -9.32
N ASN G 493 -6.29 -0.51 -9.33
CA ASN G 493 -7.32 -0.13 -10.29
C ASN G 493 -6.77 0.75 -11.41
N ILE G 494 -5.45 0.76 -11.60
CA ILE G 494 -4.85 1.61 -12.62
C ILE G 494 -5.34 1.18 -13.99
N GLY G 495 -5.72 2.15 -14.82
CA GLY G 495 -6.20 1.89 -16.16
C GLY G 495 -7.63 1.43 -16.24
N LEU G 496 -8.19 0.89 -15.15
CA LEU G 496 -9.58 0.45 -15.16
C LEU G 496 -10.55 1.59 -14.92
N ILE G 497 -10.08 2.72 -14.40
CA ILE G 497 -10.92 3.86 -14.09
C ILE G 497 -10.30 5.09 -14.74
N GLY G 498 -11.05 5.72 -15.66
CA GLY G 498 -10.60 6.92 -16.32
C GLY G 498 -11.57 8.07 -16.06
N SER G 499 -11.17 9.26 -16.50
CA SER G 499 -12.01 10.44 -16.44
C SER G 499 -12.35 10.91 -17.84
N LEU G 500 -13.62 11.26 -18.05
CA LEU G 500 -14.03 11.72 -19.37
C LEU G 500 -13.27 12.98 -19.75
N SER G 501 -12.89 13.06 -21.02
CA SER G 501 -12.21 14.26 -21.51
C SER G 501 -13.14 15.46 -21.42
N VAL G 502 -12.54 16.65 -21.57
CA VAL G 502 -13.28 17.88 -21.32
C VAL G 502 -14.42 18.04 -22.33
N TYR G 503 -14.08 18.11 -23.62
CA TYR G 503 -15.06 18.35 -24.66
C TYR G 503 -15.82 17.10 -25.09
N ALA G 504 -15.50 15.94 -24.52
CA ALA G 504 -16.15 14.71 -24.93
C ALA G 504 -17.62 14.68 -24.53
N ARG G 505 -18.42 13.96 -25.32
CA ARG G 505 -19.81 13.72 -25.01
C ARG G 505 -20.14 12.27 -25.38
N VAL G 506 -21.34 11.84 -25.00
CA VAL G 506 -21.81 10.48 -25.25
C VAL G 506 -22.99 10.56 -26.21
N ASN G 507 -22.96 9.74 -27.26
CA ASN G 507 -24.07 9.68 -28.21
C ASN G 507 -25.13 8.71 -27.72
N PRO G 508 -26.35 8.80 -28.27
CA PRO G 508 -27.41 7.87 -27.85
C PRO G 508 -27.04 6.41 -28.00
N PHE G 509 -26.06 6.09 -28.83
CA PHE G 509 -25.65 4.70 -28.98
C PHE G 509 -24.78 4.24 -27.82
N GLY G 510 -23.95 5.13 -27.26
CA GLY G 510 -23.15 4.78 -26.11
C GLY G 510 -21.68 5.10 -26.29
N PHE G 511 -21.27 5.41 -27.53
CA PHE G 511 -19.88 5.75 -27.78
C PHE G 511 -19.61 7.21 -27.43
N ILE G 512 -18.33 7.52 -27.27
CA ILE G 512 -17.89 8.83 -26.81
C ILE G 512 -17.45 9.63 -28.02
N GLU G 513 -18.13 10.74 -28.27
CA GLU G 513 -17.82 11.63 -29.39
C GLU G 513 -16.93 12.76 -28.90
N THR G 514 -16.15 13.32 -29.83
CA THR G 514 -15.32 14.47 -29.51
C THR G 514 -15.35 15.42 -30.70
N PRO G 515 -15.25 16.73 -30.44
CA PRO G 515 -15.40 17.69 -31.53
C PRO G 515 -14.12 17.90 -32.33
N TYR G 516 -14.30 18.27 -33.59
CA TYR G 516 -13.20 18.58 -34.47
C TYR G 516 -13.62 19.69 -35.43
N ARG G 517 -12.63 20.49 -35.83
CA ARG G 517 -12.84 21.60 -36.77
C ARG G 517 -12.63 21.08 -38.19
N LYS G 518 -13.64 21.26 -39.04
CA LYS G 518 -13.59 20.77 -40.40
C LYS G 518 -12.71 21.68 -41.26
N VAL G 519 -11.70 21.10 -41.90
CA VAL G 519 -10.82 21.82 -42.82
C VAL G 519 -11.30 21.56 -44.24
N VAL G 520 -11.74 22.61 -44.91
CA VAL G 520 -12.30 22.49 -46.27
C VAL G 520 -11.17 22.24 -47.25
N ASP G 521 -10.47 23.30 -47.65
CA ASP G 521 -9.41 23.23 -48.65
C ASP G 521 -8.14 23.86 -48.05
N GLY G 522 -7.52 23.16 -47.11
CA GLY G 522 -6.42 23.74 -46.38
C GLY G 522 -6.79 24.96 -45.59
N VAL G 523 -8.09 25.16 -45.33
CA VAL G 523 -8.60 26.33 -44.62
C VAL G 523 -9.29 25.85 -43.35
N VAL G 524 -8.88 26.40 -42.22
CA VAL G 524 -9.53 26.07 -40.95
C VAL G 524 -10.90 26.74 -40.91
N SER G 525 -11.93 25.96 -40.60
CA SER G 525 -13.30 26.46 -40.53
C SER G 525 -13.80 26.39 -39.10
N ASP G 526 -14.72 27.30 -38.76
CA ASP G 526 -15.38 27.29 -37.47
C ASP G 526 -16.47 26.23 -37.39
N GLU G 527 -16.72 25.49 -38.47
CA GLU G 527 -17.68 24.39 -38.43
C GLU G 527 -17.11 23.25 -37.58
N ILE G 528 -17.84 22.89 -36.53
CA ILE G 528 -17.40 21.87 -35.58
C ILE G 528 -18.32 20.67 -35.71
N VAL G 529 -17.73 19.48 -35.82
CA VAL G 529 -18.50 18.25 -35.91
C VAL G 529 -17.93 17.25 -34.92
N TYR G 530 -18.82 16.50 -34.27
CA TYR G 530 -18.42 15.51 -33.28
C TYR G 530 -18.26 14.16 -33.96
N LEU G 531 -17.10 13.54 -33.77
CA LEU G 531 -16.80 12.25 -34.37
C LEU G 531 -16.62 11.20 -33.28
N THR G 532 -16.98 9.96 -33.63
CA THR G 532 -16.74 8.81 -32.78
C THR G 532 -15.32 8.32 -33.02
N ALA G 533 -14.98 7.16 -32.46
CA ALA G 533 -13.64 6.61 -32.65
C ALA G 533 -13.45 6.14 -34.08
N ASP G 534 -14.29 5.20 -34.53
CA ASP G 534 -14.16 4.68 -35.89
C ASP G 534 -14.38 5.80 -36.92
N GLU G 535 -15.33 6.70 -36.64
CA GLU G 535 -15.54 7.83 -37.53
C GLU G 535 -14.28 8.70 -37.62
N GLU G 536 -13.59 8.87 -36.49
CA GLU G 536 -12.36 9.66 -36.49
C GLU G 536 -11.27 8.96 -37.29
N ASP G 537 -11.21 7.63 -37.21
CA ASP G 537 -10.15 6.91 -37.92
C ASP G 537 -10.29 7.03 -39.43
N ARG G 538 -11.51 7.23 -39.94
CA ARG G 538 -11.71 7.33 -41.38
C ARG G 538 -11.23 8.65 -41.97
N HIS G 539 -10.66 9.54 -41.16
CA HIS G 539 -10.09 10.80 -41.65
C HIS G 539 -8.73 11.00 -41.00
N VAL G 540 -8.13 12.15 -41.25
CA VAL G 540 -6.86 12.53 -40.65
C VAL G 540 -7.01 13.92 -40.03
N VAL G 541 -6.50 14.08 -38.81
CA VAL G 541 -6.70 15.29 -38.03
C VAL G 541 -5.35 15.88 -37.67
N ALA G 542 -5.26 17.20 -37.69
CA ALA G 542 -4.04 17.91 -37.34
C ALA G 542 -4.04 18.26 -35.87
N GLN G 543 -2.83 18.35 -35.29
CA GLN G 543 -2.71 18.71 -33.89
C GLN G 543 -3.23 20.14 -33.68
N ALA G 544 -3.65 20.40 -32.44
CA ALA G 544 -4.28 21.68 -32.13
C ALA G 544 -3.34 22.84 -32.39
N ASN G 545 -2.08 22.72 -31.97
CA ASN G 545 -1.12 23.82 -32.06
C ASN G 545 -0.41 23.83 -33.41
N SER G 546 -1.20 23.84 -34.48
CA SER G 546 -0.65 24.04 -35.81
C SER G 546 -0.68 25.52 -36.17
N PRO G 547 0.37 26.07 -36.80
CA PRO G 547 0.30 27.47 -37.21
C PRO G 547 -0.75 27.68 -38.28
N ILE G 548 -1.63 28.66 -38.06
CA ILE G 548 -2.78 28.91 -38.92
C ILE G 548 -2.77 30.38 -39.32
N ASP G 549 -3.10 30.65 -40.58
CA ASP G 549 -3.25 32.02 -41.06
C ASP G 549 -4.47 32.67 -40.43
N ALA G 550 -4.44 34.02 -40.39
CA ALA G 550 -5.59 34.74 -39.88
C ALA G 550 -6.85 34.45 -40.67
N ASP G 551 -6.70 34.06 -41.94
CA ASP G 551 -7.85 33.66 -42.76
C ASP G 551 -8.23 32.20 -42.56
N GLY G 552 -7.26 31.33 -42.33
CA GLY G 552 -7.53 29.93 -42.09
C GLY G 552 -6.56 28.98 -42.75
N ARG G 553 -5.71 29.50 -43.64
CA ARG G 553 -4.76 28.67 -44.35
C ARG G 553 -3.56 28.35 -43.46
N PHE G 554 -3.12 27.09 -43.51
CA PHE G 554 -1.98 26.67 -42.71
C PHE G 554 -0.70 27.34 -43.20
N VAL G 555 0.15 27.73 -42.25
CA VAL G 555 1.39 28.41 -42.61
C VAL G 555 2.38 27.41 -43.21
N GLU G 556 2.61 26.30 -42.52
CA GLU G 556 3.58 25.33 -43.02
C GLU G 556 2.89 24.30 -43.91
N PRO G 557 3.52 23.90 -45.02
CA PRO G 557 2.93 22.83 -45.84
C PRO G 557 2.79 21.52 -45.08
N ARG G 558 3.82 21.10 -44.35
CA ARG G 558 3.77 19.89 -43.55
C ARG G 558 3.17 20.20 -42.18
N VAL G 559 2.28 19.34 -41.72
CA VAL G 559 1.70 19.49 -40.38
C VAL G 559 1.63 18.14 -39.70
N LEU G 560 1.78 18.17 -38.37
CA LEU G 560 1.61 16.98 -37.55
C LEU G 560 0.18 16.48 -37.68
N VAL G 561 0.03 15.19 -37.91
CA VAL G 561 -1.29 14.60 -38.19
C VAL G 561 -1.37 13.22 -37.58
N ARG G 562 -2.51 12.94 -36.97
CA ARG G 562 -2.85 11.64 -36.42
C ARG G 562 -3.67 10.87 -37.45
N ARG G 563 -3.32 9.60 -37.62
CA ARG G 563 -3.81 8.75 -38.69
C ARG G 563 -4.29 7.43 -38.11
N LYS G 564 -5.16 6.78 -38.86
CA LYS G 564 -5.74 5.50 -38.47
C LYS G 564 -4.73 4.59 -37.78
N ALA G 565 -5.22 3.75 -36.88
CA ALA G 565 -4.39 2.80 -36.13
C ALA G 565 -3.39 3.51 -35.21
N GLY G 566 -3.66 4.76 -34.86
CA GLY G 566 -2.78 5.50 -33.97
C GLY G 566 -1.40 5.71 -34.56
N GLU G 567 -1.33 6.24 -35.77
CA GLU G 567 -0.07 6.52 -36.45
C GLU G 567 0.13 8.03 -36.53
N VAL G 568 1.25 8.51 -36.02
CA VAL G 568 1.53 9.95 -36.01
C VAL G 568 2.59 10.23 -37.06
N GLU G 569 2.33 11.21 -37.91
CA GLU G 569 3.32 11.58 -38.92
C GLU G 569 2.98 12.93 -39.50
N TYR G 570 3.93 13.51 -40.23
CA TYR G 570 3.68 14.75 -40.95
C TYR G 570 2.96 14.46 -42.25
N VAL G 571 2.13 15.40 -42.68
CA VAL G 571 1.36 15.22 -43.91
C VAL G 571 1.19 16.60 -44.55
N PRO G 572 1.01 16.69 -45.88
CA PRO G 572 0.80 18.00 -46.49
C PRO G 572 -0.46 18.69 -46.01
N SER G 573 -0.45 20.02 -46.10
CA SER G 573 -1.58 20.82 -45.65
C SER G 573 -2.84 20.53 -46.45
N SER G 574 -2.68 20.11 -47.70
CA SER G 574 -3.83 19.78 -48.55
C SER G 574 -4.43 18.43 -48.22
N GLU G 575 -3.93 17.74 -47.19
CA GLU G 575 -4.45 16.45 -46.78
C GLU G 575 -5.26 16.51 -45.49
N VAL G 576 -5.06 17.54 -44.66
CA VAL G 576 -5.77 17.63 -43.40
C VAL G 576 -7.26 17.77 -43.66
N ASP G 577 -8.05 16.86 -43.10
CA ASP G 577 -9.51 16.91 -43.22
C ASP G 577 -10.13 17.69 -42.06
N TYR G 578 -9.76 17.35 -40.83
CA TYR G 578 -10.19 18.07 -39.64
C TYR G 578 -8.97 18.40 -38.81
N MET G 579 -9.19 19.09 -37.70
CA MET G 579 -8.13 19.33 -36.72
C MET G 579 -8.76 19.46 -35.34
N ASP G 580 -7.89 19.43 -34.33
CA ASP G 580 -8.36 19.46 -32.95
C ASP G 580 -9.00 20.81 -32.63
N VAL G 581 -9.89 20.80 -31.64
CA VAL G 581 -10.58 22.01 -31.23
C VAL G 581 -9.66 22.87 -30.37
N SER G 582 -9.22 22.33 -29.25
CA SER G 582 -8.38 23.04 -28.30
C SER G 582 -7.20 22.18 -27.91
N PRO G 583 -6.07 22.79 -27.55
CA PRO G 583 -4.91 21.98 -27.11
C PRO G 583 -5.24 21.02 -25.99
N ARG G 584 -5.99 21.47 -24.98
CA ARG G 584 -6.37 20.65 -23.84
C ARG G 584 -7.50 19.67 -24.15
N GLN G 585 -7.67 19.31 -25.42
CA GLN G 585 -8.79 18.46 -25.82
C GLN G 585 -8.66 17.04 -25.27
N MET G 586 -7.44 16.58 -25.02
CA MET G 586 -7.21 15.19 -24.65
C MET G 586 -7.21 14.94 -23.15
N VAL G 587 -7.14 15.99 -22.33
CA VAL G 587 -6.94 15.83 -20.90
C VAL G 587 -8.27 15.89 -20.17
N SER G 588 -8.25 15.56 -18.88
CA SER G 588 -9.43 15.59 -18.04
C SER G 588 -9.61 16.99 -17.45
N VAL G 589 -10.66 17.14 -16.63
CA VAL G 589 -10.88 18.41 -15.95
C VAL G 589 -9.75 18.70 -14.97
N ALA G 590 -9.45 17.74 -14.10
CA ALA G 590 -8.39 17.95 -13.12
C ALA G 590 -7.04 18.14 -13.79
N THR G 591 -6.74 17.32 -14.80
CA THR G 591 -5.47 17.44 -15.50
C THR G 591 -5.32 18.80 -16.17
N ALA G 592 -6.41 19.32 -16.74
CA ALA G 592 -6.39 20.66 -17.31
C ALA G 592 -6.15 21.74 -16.27
N MET G 593 -6.12 21.38 -14.99
CA MET G 593 -5.93 22.34 -13.91
C MET G 593 -4.48 22.41 -13.44
N ILE G 594 -3.56 21.77 -14.16
CA ILE G 594 -2.14 21.78 -13.81
C ILE G 594 -1.46 22.84 -14.67
N PRO G 595 -0.95 23.93 -14.09
CA PRO G 595 -0.21 24.90 -14.90
C PRO G 595 1.11 24.30 -15.38
N PHE G 596 1.56 24.76 -16.55
CA PHE G 596 2.79 24.25 -17.16
C PHE G 596 2.76 22.72 -17.22
N LEU G 597 1.57 22.16 -17.51
CA LEU G 597 1.45 20.72 -17.55
C LEU G 597 2.37 20.11 -18.59
N GLU G 598 2.67 20.82 -19.68
CA GLU G 598 3.52 20.27 -20.72
C GLU G 598 4.94 20.00 -20.26
N HIS G 599 5.31 20.44 -19.05
CA HIS G 599 6.67 20.27 -18.55
C HIS G 599 6.76 19.25 -17.42
N ASP G 600 5.69 18.48 -17.17
CA ASP G 600 5.68 17.48 -16.11
C ASP G 600 5.47 16.10 -16.71
N ASP G 601 6.20 15.11 -16.19
CA ASP G 601 6.06 13.75 -16.67
C ASP G 601 4.71 13.17 -16.25
N ALA G 602 4.28 12.14 -16.98
CA ALA G 602 2.94 11.59 -16.76
C ALA G 602 2.78 11.02 -15.37
N ASN G 603 3.86 10.56 -14.74
CA ASN G 603 3.76 10.01 -13.39
C ASN G 603 3.42 11.08 -12.37
N ARG G 604 4.27 12.11 -12.29
CA ARG G 604 4.00 13.19 -11.34
C ARG G 604 2.73 13.94 -11.72
N ALA G 605 2.38 13.99 -13.01
CA ALA G 605 1.13 14.61 -13.43
C ALA G 605 -0.07 13.80 -12.96
N LEU G 606 0.00 12.48 -13.10
CA LEU G 606 -1.03 11.62 -12.54
C LEU G 606 -1.22 11.90 -11.06
N MET G 607 -0.11 11.94 -10.32
CA MET G 607 -0.22 12.18 -8.89
C MET G 607 -0.81 13.55 -8.60
N GLY G 608 -0.45 14.56 -9.39
CA GLY G 608 -0.99 15.88 -9.16
C GLY G 608 -2.49 15.94 -9.36
N ALA G 609 -2.96 15.38 -10.49
CA ALA G 609 -4.39 15.39 -10.76
C ALA G 609 -5.15 14.56 -9.74
N ASN G 610 -4.57 13.43 -9.30
CA ASN G 610 -5.27 12.59 -8.34
C ASN G 610 -5.29 13.22 -6.95
N MET G 611 -4.27 14.01 -6.61
CA MET G 611 -4.22 14.63 -5.29
C MET G 611 -5.02 15.92 -5.22
N GLN G 612 -5.23 16.60 -6.35
CA GLN G 612 -6.15 17.73 -6.35
C GLN G 612 -7.53 17.31 -5.84
N ARG G 613 -7.95 16.09 -6.17
CA ARG G 613 -9.21 15.57 -5.66
C ARG G 613 -9.15 15.20 -4.19
N GLN G 614 -7.96 15.22 -3.58
CA GLN G 614 -7.80 14.96 -2.16
C GLN G 614 -7.61 16.25 -1.36
N ALA G 615 -7.77 17.40 -1.99
CA ALA G 615 -7.61 18.67 -1.30
C ALA G 615 -8.69 18.84 -0.22
N VAL G 616 -8.31 19.49 0.87
CA VAL G 616 -9.18 19.71 2.01
C VAL G 616 -9.68 21.15 1.95
N PRO G 617 -10.99 21.39 2.09
CA PRO G 617 -11.48 22.78 2.08
C PRO G 617 -11.00 23.52 3.31
N LEU G 618 -10.33 24.65 3.08
CA LEU G 618 -9.75 25.43 4.14
C LEU G 618 -10.81 26.36 4.75
N VAL G 619 -10.49 26.92 5.92
CA VAL G 619 -11.40 27.86 6.56
C VAL G 619 -11.73 28.99 5.58
N ARG G 620 -10.72 29.70 5.13
CA ARG G 620 -10.85 30.69 4.07
C ARG G 620 -10.07 30.20 2.84
N SER G 621 -10.62 30.51 1.66
CA SER G 621 -10.06 30.02 0.41
C SER G 621 -9.47 31.17 -0.40
N GLU G 622 -8.32 30.92 -1.00
CA GLU G 622 -7.64 31.89 -1.85
C GLU G 622 -7.45 31.29 -3.23
N ALA G 623 -7.93 31.98 -4.25
CA ALA G 623 -7.72 31.52 -5.62
C ALA G 623 -6.23 31.57 -5.95
N PRO G 624 -5.74 30.63 -6.74
CA PRO G 624 -4.31 30.61 -7.07
C PRO G 624 -3.93 31.79 -7.95
N LEU G 625 -2.71 32.28 -7.73
CA LEU G 625 -2.16 33.31 -8.61
C LEU G 625 -1.95 32.76 -10.00
N VAL G 626 -1.24 31.64 -10.11
CA VAL G 626 -0.97 30.99 -11.39
C VAL G 626 -2.07 29.96 -11.62
N GLY G 627 -2.92 30.22 -12.61
CA GLY G 627 -4.00 29.31 -12.92
C GLY G 627 -3.90 28.77 -14.34
N THR G 628 -4.97 28.15 -14.80
CA THR G 628 -5.04 27.56 -16.13
C THR G 628 -6.26 28.00 -16.94
N GLY G 629 -7.30 28.53 -16.29
CA GLY G 629 -8.55 28.86 -16.93
C GLY G 629 -9.67 27.89 -16.59
N MET G 630 -9.33 26.63 -16.29
CA MET G 630 -10.34 25.62 -16.00
C MET G 630 -10.95 25.79 -14.62
N GLU G 631 -10.32 26.56 -13.73
CA GLU G 631 -10.82 26.67 -12.36
C GLU G 631 -12.26 27.17 -12.34
N LEU G 632 -12.57 28.19 -13.13
CA LEU G 632 -13.89 28.78 -13.12
C LEU G 632 -14.96 27.74 -13.45
N ARG G 633 -14.88 27.16 -14.65
CA ARG G 633 -15.92 26.23 -15.08
C ARG G 633 -15.94 24.98 -14.21
N ALA G 634 -14.78 24.53 -13.74
CA ALA G 634 -14.76 23.41 -12.82
C ALA G 634 -15.61 23.72 -11.59
N ALA G 635 -15.35 24.87 -10.96
CA ALA G 635 -16.09 25.24 -9.76
C ALA G 635 -17.58 25.38 -10.06
N ILE G 636 -17.92 26.05 -11.15
CA ILE G 636 -19.33 26.33 -11.43
C ILE G 636 -20.08 25.04 -11.75
N ASP G 637 -19.58 24.27 -12.72
CA ASP G 637 -20.25 23.03 -13.11
C ASP G 637 -20.22 22.00 -11.99
N ALA G 638 -19.31 22.13 -11.03
CA ALA G 638 -19.29 21.19 -9.91
C ALA G 638 -20.62 21.20 -9.16
N GLY G 639 -21.20 22.38 -8.96
CA GLY G 639 -22.49 22.52 -8.33
C GLY G 639 -22.46 22.88 -6.86
N ASP G 640 -21.28 23.03 -6.27
CA ASP G 640 -21.16 23.37 -4.86
C ASP G 640 -21.11 24.88 -4.63
N VAL G 641 -21.41 25.68 -5.65
CA VAL G 641 -21.55 27.12 -5.50
C VAL G 641 -23.02 27.46 -5.69
N VAL G 642 -23.33 28.76 -5.68
CA VAL G 642 -24.69 29.24 -5.86
C VAL G 642 -24.68 30.23 -7.02
N VAL G 643 -25.27 29.82 -8.15
CA VAL G 643 -25.35 30.65 -9.34
C VAL G 643 -26.78 31.14 -9.49
N ALA G 644 -26.93 32.38 -9.97
CA ALA G 644 -28.24 32.96 -10.18
C ALA G 644 -28.86 32.41 -11.46
N GLU G 645 -30.08 31.87 -11.35
CA GLU G 645 -30.75 31.31 -12.51
C GLU G 645 -31.17 32.41 -13.48
N GLU G 646 -31.76 33.48 -12.97
CA GLU G 646 -32.25 34.58 -13.78
C GLU G 646 -31.69 35.89 -13.26
N SER G 647 -31.45 36.82 -14.18
CA SER G 647 -30.86 38.11 -13.83
C SER G 647 -31.80 38.89 -12.92
N GLY G 648 -31.20 39.79 -12.15
CA GLY G 648 -31.97 40.63 -11.25
C GLY G 648 -31.06 41.39 -10.32
N VAL G 649 -31.66 41.95 -9.27
CA VAL G 649 -30.94 42.68 -8.25
C VAL G 649 -31.13 41.97 -6.91
N ILE G 650 -30.17 42.18 -6.01
CA ILE G 650 -30.20 41.56 -4.69
C ILE G 650 -31.07 42.43 -3.78
N GLU G 651 -32.22 41.89 -3.37
CA GLU G 651 -33.12 42.63 -2.49
C GLU G 651 -32.63 42.60 -1.05
N GLU G 652 -32.34 41.40 -0.54
CA GLU G 652 -31.87 41.25 0.83
C GLU G 652 -30.89 40.07 0.90
N VAL G 653 -29.70 40.33 1.45
CA VAL G 653 -28.65 39.33 1.55
C VAL G 653 -28.29 39.15 3.02
N SER G 654 -28.21 37.90 3.46
CA SER G 654 -27.81 37.55 4.82
C SER G 654 -26.87 36.36 4.75
N ALA G 655 -26.18 36.10 5.86
CA ALA G 655 -25.36 34.91 5.95
C ALA G 655 -26.17 33.64 5.81
N ASP G 656 -27.48 33.71 6.02
CA ASP G 656 -28.36 32.55 5.92
C ASP G 656 -28.88 32.33 4.51
N TYR G 657 -29.32 33.39 3.83
CA TYR G 657 -29.91 33.26 2.50
C TYR G 657 -29.69 34.53 1.70
N ILE G 658 -29.97 34.45 0.41
CA ILE G 658 -29.80 35.55 -0.54
C ILE G 658 -31.06 35.63 -1.38
N THR G 659 -31.77 36.76 -1.33
CA THR G 659 -32.98 36.96 -2.11
C THR G 659 -32.70 37.86 -3.30
N VAL G 660 -33.08 37.39 -4.49
CA VAL G 660 -32.83 38.08 -5.74
C VAL G 660 -34.19 38.53 -6.29
N MET G 661 -34.32 39.84 -6.54
CA MET G 661 -35.51 40.44 -7.13
C MET G 661 -35.27 40.56 -8.62
N HIS G 662 -35.96 39.74 -9.40
CA HIS G 662 -35.78 39.75 -10.85
C HIS G 662 -36.33 41.05 -11.45
N ASP G 663 -36.05 41.24 -12.73
CA ASP G 663 -36.54 42.43 -13.42
C ASP G 663 -38.04 42.35 -13.67
N ASN G 664 -38.56 41.16 -13.99
CA ASN G 664 -39.97 41.01 -14.27
C ASN G 664 -40.82 41.27 -13.03
N GLY G 665 -40.33 40.88 -11.85
CA GLY G 665 -41.07 41.11 -10.62
C GLY G 665 -41.00 39.94 -9.65
N THR G 666 -40.57 38.78 -10.13
CA THR G 666 -40.50 37.60 -9.29
C THR G 666 -39.26 37.65 -8.40
N ARG G 667 -39.28 36.83 -7.35
CA ARG G 667 -38.20 36.76 -6.38
C ARG G 667 -37.77 35.31 -6.21
N ARG G 668 -36.46 35.08 -6.21
CA ARG G 668 -35.91 33.77 -5.90
C ARG G 668 -34.91 33.89 -4.76
N THR G 669 -35.02 33.02 -3.76
CA THR G 669 -34.15 33.05 -2.61
C THR G 669 -33.32 31.78 -2.58
N TYR G 670 -32.00 31.93 -2.60
CA TYR G 670 -31.06 30.83 -2.50
C TYR G 670 -30.58 30.73 -1.06
N ARG G 671 -30.71 29.54 -0.48
CA ARG G 671 -30.26 29.32 0.90
C ARG G 671 -28.83 28.81 0.90
N MET G 672 -28.01 29.37 1.77
CA MET G 672 -26.62 28.96 1.87
C MET G 672 -26.52 27.73 2.75
N ARG G 673 -25.68 26.77 2.33
CA ARG G 673 -25.38 25.59 3.12
C ARG G 673 -24.20 25.94 4.03
N LYS G 674 -24.45 25.97 5.34
CA LYS G 674 -23.49 26.46 6.32
C LYS G 674 -23.02 25.32 7.22
N PHE G 675 -21.71 25.09 7.24
CA PHE G 675 -21.09 24.12 8.14
C PHE G 675 -21.74 22.75 8.00
N ALA G 676 -21.96 22.32 6.76
CA ALA G 676 -22.53 21.02 6.48
C ALA G 676 -21.44 19.97 6.42
N ARG G 677 -21.72 18.81 6.99
CA ARG G 677 -20.78 17.70 6.97
C ARG G 677 -20.78 17.06 5.58
N SER G 678 -19.59 16.99 4.97
CA SER G 678 -19.46 16.27 3.71
C SER G 678 -19.36 14.77 3.96
N ASN G 679 -19.43 14.01 2.87
CA ASN G 679 -19.33 12.56 2.99
C ASN G 679 -18.03 12.13 3.64
N HIS G 680 -16.99 12.94 3.52
CA HIS G 680 -15.67 12.59 4.03
C HIS G 680 -15.23 13.49 5.18
N GLY G 681 -16.18 14.13 5.86
CA GLY G 681 -15.88 14.91 7.04
C GLY G 681 -15.44 16.33 6.76
N THR G 682 -15.23 16.72 5.52
CA THR G 682 -14.85 18.09 5.21
C THR G 682 -16.04 19.03 5.43
N CYS G 683 -15.77 20.32 5.44
CA CYS G 683 -16.77 21.34 5.73
C CYS G 683 -17.23 21.99 4.44
N ALA G 684 -18.49 21.75 4.07
CA ALA G 684 -19.12 22.40 2.94
C ALA G 684 -19.84 23.64 3.45
N ASN G 685 -19.27 24.81 3.19
CA ASN G 685 -19.75 26.07 3.74
C ASN G 685 -19.82 27.10 2.62
N GLN G 686 -21.02 27.60 2.35
CA GLN G 686 -21.23 28.60 1.30
C GLN G 686 -21.29 29.98 1.93
N CYS G 687 -20.70 30.96 1.25
CA CYS G 687 -20.70 32.34 1.71
C CYS G 687 -21.15 33.26 0.58
N PRO G 688 -22.08 34.19 0.83
CA PRO G 688 -22.45 35.15 -0.21
C PRO G 688 -21.28 36.01 -0.63
N ILE G 689 -21.24 36.35 -1.92
CA ILE G 689 -20.26 37.26 -2.47
C ILE G 689 -20.85 38.63 -2.74
N VAL G 690 -22.01 38.66 -3.41
CA VAL G 690 -22.65 39.92 -3.71
C VAL G 690 -23.16 40.56 -2.42
N ASP G 691 -23.45 41.85 -2.51
CA ASP G 691 -23.94 42.64 -1.39
C ASP G 691 -25.37 43.10 -1.67
N ALA G 692 -25.94 43.83 -0.70
CA ALA G 692 -27.32 44.27 -0.82
C ALA G 692 -27.45 45.31 -1.94
N GLY G 693 -28.43 45.11 -2.82
CA GLY G 693 -28.66 46.03 -3.91
C GLY G 693 -27.63 45.95 -5.02
N ASP G 694 -27.10 44.76 -5.29
CA ASP G 694 -26.09 44.56 -6.31
C ASP G 694 -26.73 44.01 -7.57
N ARG G 695 -26.53 44.69 -8.69
CA ARG G 695 -26.96 44.18 -9.98
C ARG G 695 -26.15 42.93 -10.33
N VAL G 696 -26.85 41.84 -10.62
CA VAL G 696 -26.21 40.57 -10.95
C VAL G 696 -26.86 40.02 -12.22
N GLU G 697 -26.02 39.60 -13.17
CA GLU G 697 -26.51 39.04 -14.42
C GLU G 697 -26.86 37.56 -14.25
N ALA G 698 -27.51 37.00 -15.26
CA ALA G 698 -27.88 35.59 -15.23
C ALA G 698 -26.65 34.71 -15.38
N GLY G 699 -26.57 33.67 -14.55
CA GLY G 699 -25.44 32.78 -14.59
C GLY G 699 -24.21 33.24 -13.85
N GLN G 700 -24.32 34.31 -13.05
CA GLN G 700 -23.19 34.82 -12.29
C GLN G 700 -23.17 34.18 -10.91
N VAL G 701 -21.96 33.97 -10.39
CA VAL G 701 -21.78 33.39 -9.07
C VAL G 701 -22.11 34.47 -8.03
N ILE G 702 -23.17 34.22 -7.25
CA ILE G 702 -23.54 35.12 -6.16
C ILE G 702 -23.04 34.62 -4.81
N ALA G 703 -22.58 33.39 -4.73
CA ALA G 703 -22.06 32.84 -3.49
C ALA G 703 -21.24 31.61 -3.85
N ASP G 704 -20.08 31.48 -3.23
CA ASP G 704 -19.18 30.37 -3.51
C ASP G 704 -18.97 29.55 -2.24
N GLY G 705 -18.70 28.26 -2.45
CA GLY G 705 -18.60 27.32 -1.36
C GLY G 705 -17.17 26.91 -1.07
N PRO G 706 -16.97 25.66 -0.65
CA PRO G 706 -15.62 25.23 -0.25
C PRO G 706 -14.67 25.19 -1.44
N CYS G 707 -13.42 25.54 -1.18
CA CYS G 707 -12.38 25.56 -2.21
C CYS G 707 -12.82 26.41 -3.40
N THR G 708 -13.36 27.59 -3.11
CA THR G 708 -13.84 28.48 -4.15
C THR G 708 -13.57 29.92 -3.73
N ASP G 709 -13.24 30.76 -4.72
CA ASP G 709 -12.98 32.18 -4.48
C ASP G 709 -13.47 32.95 -5.71
N ASP G 710 -14.57 33.69 -5.54
CA ASP G 710 -15.15 34.47 -6.63
C ASP G 710 -15.51 33.59 -7.83
N GLY G 711 -15.78 32.31 -7.57
CA GLY G 711 -16.22 31.39 -8.60
C GLY G 711 -15.14 30.49 -9.16
N GLU G 712 -13.92 30.54 -8.63
CA GLU G 712 -12.81 29.74 -9.14
C GLU G 712 -12.37 28.74 -8.08
N MET G 713 -11.96 27.56 -8.53
CA MET G 713 -11.49 26.53 -7.61
C MET G 713 -10.24 27.01 -6.88
N ALA G 714 -10.34 27.08 -5.55
CA ALA G 714 -9.23 27.50 -4.69
C ALA G 714 -8.90 26.33 -3.77
N LEU G 715 -8.21 25.32 -4.33
CA LEU G 715 -7.91 24.10 -3.60
C LEU G 715 -6.78 24.26 -2.60
N GLY G 716 -6.15 25.42 -2.52
CA GLY G 716 -5.02 25.61 -1.64
C GLY G 716 -4.74 27.08 -1.40
N LYS G 717 -3.47 27.37 -1.09
CA LYS G 717 -3.04 28.71 -0.77
C LYS G 717 -1.75 29.04 -1.53
N ASN G 718 -1.56 30.32 -1.79
CA ASN G 718 -0.33 30.82 -2.41
C ASN G 718 0.71 31.03 -1.31
N LEU G 719 1.77 30.24 -1.31
CA LEU G 719 2.78 30.27 -0.27
C LEU G 719 4.11 30.72 -0.83
N LEU G 720 4.80 31.57 -0.07
CA LEU G 720 6.14 32.01 -0.41
C LEU G 720 7.12 30.86 -0.18
N VAL G 721 7.69 30.35 -1.27
CA VAL G 721 8.50 29.14 -1.26
C VAL G 721 9.95 29.49 -1.54
N ALA G 722 10.85 28.84 -0.80
CA ALA G 722 12.29 28.88 -1.05
C ALA G 722 12.77 27.45 -1.28
N ILE G 723 13.54 27.24 -2.33
CA ILE G 723 14.01 25.91 -2.72
C ILE G 723 15.43 25.79 -2.22
N MET G 724 15.60 25.18 -1.04
CA MET G 724 16.92 25.02 -0.44
C MET G 724 16.84 23.95 0.63
N PRO G 725 17.90 23.18 0.85
CA PRO G 725 17.95 22.31 2.03
C PRO G 725 18.08 23.14 3.28
N TRP G 726 17.51 22.65 4.38
CA TRP G 726 17.51 23.40 5.64
C TRP G 726 17.71 22.41 6.79
N GLU G 727 18.97 22.25 7.18
CA GLU G 727 19.36 21.53 8.40
C GLU G 727 18.77 20.12 8.46
N GLY G 728 18.40 19.55 7.32
CA GLY G 728 17.92 18.19 7.27
C GLY G 728 16.47 17.98 7.65
N HIS G 729 15.75 19.04 8.02
CA HIS G 729 14.35 18.88 8.40
C HIS G 729 13.45 18.63 7.19
N ASN G 730 13.88 19.01 5.99
CA ASN G 730 13.14 18.76 4.76
C ASN G 730 13.74 17.61 3.97
N TYR G 731 14.47 16.71 4.63
CA TYR G 731 15.26 15.71 3.93
C TYR G 731 14.37 14.78 3.12
N GLU G 732 14.72 14.64 1.84
CA GLU G 732 13.91 13.94 0.85
C GLU G 732 12.41 14.05 1.09
N ASP G 733 11.81 15.08 0.51
CA ASP G 733 10.37 15.25 0.34
C ASP G 733 9.67 15.72 1.61
N ALA G 734 10.36 15.81 2.74
CA ALA G 734 9.78 16.47 3.90
C ALA G 734 9.71 17.98 3.65
N ILE G 735 8.76 18.62 4.33
CA ILE G 735 8.43 20.02 4.09
C ILE G 735 8.57 20.78 5.40
N ILE G 736 9.15 21.97 5.33
CA ILE G 736 9.23 22.85 6.50
C ILE G 736 8.30 24.03 6.27
N LEU G 737 7.52 24.38 7.30
CA LEU G 737 6.55 25.45 7.18
C LEU G 737 6.77 26.52 8.24
N SER G 738 6.33 27.74 7.93
CA SER G 738 6.39 28.85 8.86
C SER G 738 5.20 28.82 9.81
N ASN G 739 5.46 29.09 11.09
CA ASN G 739 4.39 29.14 12.07
C ASN G 739 3.36 30.21 11.76
N ARG G 740 3.67 31.13 10.83
CA ARG G 740 2.67 32.09 10.37
C ARG G 740 1.40 31.36 9.92
N LEU G 741 1.57 30.32 9.11
CA LEU G 741 0.44 29.53 8.63
C LEU G 741 -0.39 28.94 9.76
N VAL G 742 0.21 28.79 10.94
CA VAL G 742 -0.56 28.38 12.12
C VAL G 742 -1.21 29.58 12.78
N GLU G 743 -0.45 30.68 12.92
CA GLU G 743 -0.96 31.84 13.66
C GLU G 743 -2.11 32.50 12.92
N GLU G 744 -2.06 32.54 11.59
CA GLU G 744 -3.05 33.24 10.79
C GLU G 744 -4.04 32.28 10.13
N ASP G 745 -4.08 31.02 10.57
CA ASP G 745 -5.05 30.05 10.06
C ASP G 745 -5.02 30.00 8.53
N VAL G 746 -3.81 30.01 7.98
CA VAL G 746 -3.66 29.96 6.53
C VAL G 746 -3.98 28.57 6.00
N LEU G 747 -3.58 27.53 6.73
CA LEU G 747 -3.83 26.14 6.35
C LEU G 747 -4.73 25.44 7.36
N THR G 748 -5.55 26.20 8.08
CA THR G 748 -6.52 25.61 9.00
C THR G 748 -7.72 25.10 8.21
N SER G 749 -8.29 23.98 8.68
CA SER G 749 -9.44 23.37 8.00
C SER G 749 -10.42 22.86 9.03
N ILE G 750 -11.70 22.85 8.65
CA ILE G 750 -12.77 22.37 9.53
C ILE G 750 -13.12 20.95 9.14
N HIS G 751 -13.31 20.10 10.15
CA HIS G 751 -13.74 18.72 9.93
C HIS G 751 -14.87 18.38 10.90
N ILE G 752 -15.87 17.66 10.40
CA ILE G 752 -17.07 17.36 11.18
C ILE G 752 -17.27 15.85 11.22
N GLU G 753 -17.49 15.32 12.42
CA GLU G 753 -17.79 13.91 12.63
C GLU G 753 -19.22 13.76 13.13
N GLU G 754 -19.84 12.66 12.70
CA GLU G 754 -21.20 12.29 13.06
C GLU G 754 -21.12 11.11 14.02
N HIS G 755 -21.73 11.25 15.19
CA HIS G 755 -21.81 10.18 16.17
C HIS G 755 -23.27 9.81 16.36
N GLU G 756 -23.53 8.52 16.58
CA GLU G 756 -24.89 8.01 16.54
C GLU G 756 -25.08 6.94 17.60
N ILE G 757 -26.25 6.94 18.24
CA ILE G 757 -26.60 5.88 19.19
C ILE G 757 -28.11 5.70 19.18
N ASP G 758 -28.54 4.48 19.51
CA ASP G 758 -29.95 4.11 19.52
C ASP G 758 -30.29 3.40 20.82
N ALA G 759 -31.56 3.51 21.20
CA ALA G 759 -32.12 2.86 22.39
C ALA G 759 -33.08 1.78 21.92
N ARG G 760 -32.72 0.52 22.14
CA ARG G 760 -33.47 -0.62 21.65
C ARG G 760 -34.23 -1.28 22.79
N ASP G 761 -35.08 -2.23 22.41
CA ASP G 761 -35.77 -3.10 23.36
C ASP G 761 -34.95 -4.35 23.57
N THR G 762 -34.58 -4.63 24.81
CA THR G 762 -33.74 -5.78 25.14
C THR G 762 -34.61 -6.90 25.71
N LYS G 763 -33.95 -8.02 26.02
CA LYS G 763 -34.68 -9.18 26.51
C LYS G 763 -35.19 -8.97 27.94
N LEU G 764 -34.47 -8.18 28.73
CA LEU G 764 -34.81 -7.96 30.13
C LEU G 764 -35.48 -6.61 30.36
N GLY G 765 -35.92 -5.95 29.30
CA GLY G 765 -36.54 -4.64 29.42
C GLY G 765 -36.27 -3.80 28.20
N ALA G 766 -35.89 -2.54 28.40
CA ALA G 766 -35.60 -1.63 27.30
C ALA G 766 -34.49 -0.68 27.72
N GLU G 767 -33.50 -0.51 26.85
CA GLU G 767 -32.45 0.47 27.11
C GLU G 767 -33.03 1.88 27.15
N GLU G 768 -32.66 2.64 28.17
CA GLU G 768 -33.15 3.99 28.35
C GLU G 768 -31.97 4.97 28.35
N ILE G 769 -32.15 6.07 27.63
CA ILE G 769 -31.16 7.14 27.57
C ILE G 769 -31.48 8.10 28.72
N THR G 770 -30.63 8.12 29.73
CA THR G 770 -30.88 8.93 30.92
C THR G 770 -29.59 9.60 31.39
N ARG G 771 -29.76 10.77 32.00
CA ARG G 771 -28.64 11.45 32.63
C ARG G 771 -28.18 10.71 33.88
N ASP G 772 -29.06 9.93 34.50
CA ASP G 772 -28.76 9.16 35.69
C ASP G 772 -28.01 7.91 35.27
N ILE G 773 -26.69 7.89 35.47
CA ILE G 773 -25.84 6.76 35.12
C ILE G 773 -25.24 6.21 36.40
N PRO G 774 -25.24 4.89 36.61
CA PRO G 774 -24.71 4.36 37.88
C PRO G 774 -23.22 4.59 38.02
N ASN G 775 -22.83 5.03 39.22
CA ASN G 775 -21.42 5.15 39.59
C ASN G 775 -20.68 6.08 38.64
N ILE G 776 -21.30 7.23 38.34
CA ILE G 776 -20.68 8.28 37.54
C ILE G 776 -20.78 9.59 38.32
N SER G 777 -19.68 10.32 38.42
CA SER G 777 -19.64 11.55 39.18
C SER G 777 -20.50 12.62 38.51
N ASP G 778 -20.86 13.63 39.30
CA ASP G 778 -21.59 14.79 38.79
C ASP G 778 -20.71 15.74 37.99
N GLU G 779 -19.40 15.48 37.94
CA GLU G 779 -18.48 16.34 37.21
C GLU G 779 -18.41 15.96 35.73
N VAL G 780 -18.42 14.67 35.42
CA VAL G 780 -18.44 14.24 34.03
C VAL G 780 -19.79 14.50 33.40
N LEU G 781 -20.86 14.39 34.18
CA LEU G 781 -22.22 14.64 33.71
C LEU G 781 -22.59 16.11 33.74
N ALA G 782 -21.62 17.00 33.99
CA ALA G 782 -21.94 18.41 34.14
C ALA G 782 -22.31 19.06 32.81
N ASP G 783 -21.85 18.49 31.70
CA ASP G 783 -22.09 19.06 30.38
C ASP G 783 -23.31 18.48 29.69
N LEU G 784 -24.05 17.60 30.36
CA LEU G 784 -25.23 16.98 29.77
C LEU G 784 -26.49 17.71 30.19
N ASP G 785 -27.48 17.71 29.30
CA ASP G 785 -28.80 18.25 29.62
C ASP G 785 -29.56 17.22 30.44
N GLU G 786 -30.85 17.49 30.69
CA GLU G 786 -31.63 16.59 31.54
C GLU G 786 -31.88 15.24 30.89
N ARG G 787 -31.66 15.11 29.57
CA ARG G 787 -31.91 13.88 28.86
C ARG G 787 -30.69 12.96 28.80
N GLY G 788 -29.52 13.44 29.21
CA GLY G 788 -28.28 12.72 29.02
C GLY G 788 -27.56 13.07 27.75
N ILE G 789 -28.00 14.09 27.03
CA ILE G 789 -27.38 14.51 25.77
C ILE G 789 -26.47 15.70 26.06
N VAL G 790 -25.32 15.72 25.38
CA VAL G 790 -24.43 16.87 25.50
C VAL G 790 -25.15 18.11 24.97
N ARG G 791 -24.86 19.25 25.58
CA ARG G 791 -25.47 20.51 25.17
C ARG G 791 -24.65 21.15 24.05
N ILE G 792 -25.32 21.96 23.24
CA ILE G 792 -24.66 22.60 22.10
C ILE G 792 -23.59 23.56 22.61
N GLY G 793 -22.42 23.53 21.98
CA GLY G 793 -21.33 24.41 22.31
C GLY G 793 -20.30 23.82 23.25
N ALA G 794 -20.60 22.68 23.87
CA ALA G 794 -19.67 22.08 24.83
C ALA G 794 -18.49 21.46 24.09
N GLU G 795 -17.29 21.72 24.60
CA GLU G 795 -16.08 21.10 24.07
C GLU G 795 -15.89 19.74 24.74
N VAL G 796 -15.75 18.70 23.92
CA VAL G 796 -15.67 17.33 24.40
C VAL G 796 -14.35 16.72 23.97
N ARG G 797 -13.63 16.14 24.93
CA ARG G 797 -12.42 15.40 24.65
C ARG G 797 -12.77 13.93 24.42
N ASP G 798 -11.76 13.14 24.06
CA ASP G 798 -11.98 11.72 23.84
C ASP G 798 -12.30 11.03 25.16
N GLY G 799 -13.31 10.17 25.14
CA GLY G 799 -13.77 9.47 26.32
C GLY G 799 -14.91 10.14 27.05
N ASP G 800 -15.17 11.42 26.78
CA ASP G 800 -16.26 12.11 27.45
C ASP G 800 -17.61 11.57 26.97
N ILE G 801 -18.59 11.65 27.86
CA ILE G 801 -19.93 11.14 27.56
C ILE G 801 -20.65 12.15 26.66
N LEU G 802 -21.24 11.66 25.57
CA LEU G 802 -22.09 12.44 24.70
C LEU G 802 -23.57 12.13 24.86
N VAL G 803 -23.92 10.85 24.98
CA VAL G 803 -25.28 10.43 25.22
C VAL G 803 -25.25 9.31 26.26
N GLY G 804 -25.92 9.54 27.38
CA GLY G 804 -25.93 8.56 28.46
C GLY G 804 -27.01 7.51 28.27
N LYS G 805 -26.60 6.29 27.91
CA LYS G 805 -27.50 5.17 27.74
C LYS G 805 -27.06 4.02 28.65
N VAL G 806 -27.99 3.45 29.39
CA VAL G 806 -27.75 2.32 30.27
C VAL G 806 -28.63 1.17 29.81
N THR G 807 -28.09 -0.05 29.87
CA THR G 807 -28.83 -1.23 29.44
C THR G 807 -28.98 -2.21 30.58
N PRO G 808 -30.17 -2.74 30.85
CA PRO G 808 -30.33 -3.67 31.97
C PRO G 808 -29.68 -5.01 31.67
N LYS G 809 -28.86 -5.48 32.62
CA LYS G 809 -28.15 -6.74 32.49
C LYS G 809 -28.72 -7.73 33.50
N GLY G 810 -28.91 -8.97 33.05
CA GLY G 810 -29.46 -9.99 33.91
C GLY G 810 -28.50 -10.39 35.03
N GLU G 811 -29.07 -11.04 36.04
CA GLU G 811 -28.28 -11.47 37.18
C GLU G 811 -27.42 -12.69 36.87
N THR G 812 -27.90 -13.59 36.01
CA THR G 812 -27.17 -14.80 35.66
C THR G 812 -25.96 -14.53 34.77
N GLU G 813 -25.66 -13.27 34.47
CA GLU G 813 -24.54 -12.91 33.60
C GLU G 813 -23.42 -12.22 34.38
N LEU G 814 -23.41 -12.34 35.70
CA LEU G 814 -22.49 -11.61 36.55
C LEU G 814 -21.32 -12.48 36.97
N THR G 815 -20.13 -11.90 36.97
CA THR G 815 -18.94 -12.61 37.41
C THR G 815 -19.03 -12.92 38.91
N PRO G 816 -18.47 -14.05 39.36
CA PRO G 816 -18.44 -14.30 40.80
C PRO G 816 -17.78 -13.17 41.58
N GLU G 817 -16.67 -12.63 41.08
CA GLU G 817 -16.10 -11.44 41.72
C GLU G 817 -17.02 -10.24 41.54
N GLU G 818 -17.68 -10.13 40.39
CA GLU G 818 -18.65 -9.06 40.20
C GLU G 818 -19.84 -9.21 41.13
N ARG G 819 -20.33 -10.44 41.30
CA ARG G 819 -21.45 -10.66 42.22
C ARG G 819 -21.04 -10.39 43.66
N LEU G 820 -19.81 -10.75 44.03
CA LEU G 820 -19.34 -10.44 45.38
C LEU G 820 -19.20 -8.93 45.57
N LEU G 821 -18.52 -8.26 44.63
CA LEU G 821 -18.42 -6.80 44.70
C LEU G 821 -19.78 -6.15 44.79
N ARG G 822 -20.80 -6.77 44.17
CA ARG G 822 -22.17 -6.26 44.30
C ARG G 822 -22.75 -6.59 45.67
N ALA G 823 -22.31 -7.68 46.29
CA ALA G 823 -22.79 -8.04 47.61
C ALA G 823 -22.02 -7.32 48.72
N ILE G 824 -20.74 -7.05 48.50
CA ILE G 824 -19.92 -6.41 49.52
C ILE G 824 -20.05 -4.89 49.41
N PHE G 825 -21.01 -4.42 48.62
CA PHE G 825 -21.32 -3.00 48.53
C PHE G 825 -22.82 -2.80 48.70
N GLU G 831 -29.19 -3.10 38.30
CA GLU G 831 -29.16 -4.19 37.34
C GLU G 831 -28.76 -3.70 35.95
N VAL G 832 -28.41 -2.42 35.84
CA VAL G 832 -28.08 -1.79 34.57
C VAL G 832 -26.58 -1.60 34.47
N ARG G 833 -26.07 -1.70 33.25
CA ARG G 833 -24.67 -1.46 32.92
C ARG G 833 -24.55 -0.27 31.99
N ASP G 834 -23.35 0.33 32.00
CA ASP G 834 -23.08 1.54 31.24
C ASP G 834 -22.87 1.21 29.77
N THR G 835 -23.68 1.80 28.91
CA THR G 835 -23.53 1.71 27.46
C THR G 835 -23.60 3.10 26.85
N SER G 836 -23.08 4.09 27.57
CA SER G 836 -23.16 5.47 27.13
C SER G 836 -22.35 5.71 25.86
N LEU G 837 -22.77 6.70 25.10
CA LEU G 837 -22.03 7.11 23.91
C LEU G 837 -20.87 8.01 24.34
N LYS G 838 -19.66 7.47 24.29
CA LYS G 838 -18.46 8.24 24.61
C LYS G 838 -17.76 8.68 23.34
N VAL G 839 -16.93 9.71 23.47
CA VAL G 839 -16.19 10.23 22.32
C VAL G 839 -15.06 9.26 22.00
N PRO G 840 -14.92 8.81 20.75
CA PRO G 840 -13.84 7.88 20.42
C PRO G 840 -12.47 8.51 20.61
N HIS G 841 -11.47 7.65 20.73
CA HIS G 841 -10.10 8.12 20.90
C HIS G 841 -9.66 8.90 19.67
N GLY G 842 -9.08 10.07 19.90
CA GLY G 842 -8.56 10.90 18.82
C GLY G 842 -9.53 11.93 18.29
N GLU G 843 -10.75 11.98 18.83
CA GLU G 843 -11.74 12.95 18.41
C GLU G 843 -11.86 14.05 19.46
N SER G 844 -12.12 15.28 18.99
CA SER G 844 -12.24 16.41 19.89
C SER G 844 -12.73 17.64 19.14
N GLY G 845 -13.78 18.28 19.64
CA GLY G 845 -14.29 19.46 18.97
C GLY G 845 -15.46 20.05 19.71
N LYS G 846 -16.11 21.02 19.06
CA LYS G 846 -17.30 21.65 19.60
C LYS G 846 -18.53 20.94 19.09
N VAL G 847 -19.47 20.65 20.00
CA VAL G 847 -20.75 20.07 19.60
C VAL G 847 -21.60 21.16 18.98
N ILE G 848 -21.90 21.01 17.68
CA ILE G 848 -22.60 22.04 16.93
C ILE G 848 -24.06 21.69 16.66
N GLY G 849 -24.43 20.41 16.67
CA GLY G 849 -25.78 20.02 16.33
C GLY G 849 -26.18 18.71 16.98
N ILE G 850 -27.47 18.60 17.29
CA ILE G 850 -28.05 17.40 17.85
C ILE G 850 -29.33 17.09 17.09
N ARG G 851 -29.60 15.81 16.86
CA ARG G 851 -30.83 15.38 16.21
C ARG G 851 -31.38 14.18 16.97
N VAL G 852 -32.63 14.27 17.40
CA VAL G 852 -33.27 13.25 18.22
C VAL G 852 -34.53 12.77 17.52
N PHE G 853 -34.70 11.44 17.47
CA PHE G 853 -35.86 10.80 16.89
C PHE G 853 -36.42 9.85 17.94
N SER G 854 -37.72 9.95 18.23
CA SER G 854 -38.33 9.12 19.26
C SER G 854 -39.55 8.41 18.71
N ARG G 855 -39.59 7.08 18.86
CA ARG G 855 -40.78 6.34 18.46
C ARG G 855 -42.01 6.87 19.16
N GLU G 856 -41.89 7.27 20.43
CA GLU G 856 -43.00 7.87 21.14
C GLU G 856 -43.50 9.13 20.42
N ASP G 857 -42.62 9.85 19.74
CA ASP G 857 -42.98 11.09 19.08
C ASP G 857 -43.05 10.93 17.57
N GLU G 858 -43.80 9.93 17.11
CA GLU G 858 -44.15 9.75 15.70
C GLU G 858 -42.96 9.37 14.82
N ASP G 859 -41.75 9.46 15.35
CA ASP G 859 -40.55 9.21 14.55
C ASP G 859 -40.45 7.73 14.19
N GLU G 860 -40.45 7.43 12.90
CA GLU G 860 -40.46 6.05 12.43
C GLU G 860 -39.03 5.50 12.49
N LEU G 861 -38.78 4.65 13.48
CA LEU G 861 -37.52 3.97 13.66
C LEU G 861 -37.65 2.50 13.30
N PRO G 862 -36.54 1.83 12.99
CA PRO G 862 -36.62 0.39 12.71
C PRO G 862 -37.24 -0.36 13.88
N ALA G 863 -37.99 -1.42 13.55
CA ALA G 863 -38.70 -2.16 14.58
C ALA G 863 -37.75 -2.62 15.67
N GLY G 864 -38.08 -2.27 16.91
CA GLY G 864 -37.25 -2.58 18.06
C GLY G 864 -36.44 -1.41 18.59
N VAL G 865 -36.58 -0.23 18.00
CA VAL G 865 -35.88 0.97 18.45
C VAL G 865 -36.90 1.97 18.95
N ASN G 866 -36.62 2.58 20.09
CA ASN G 866 -37.49 3.58 20.69
C ASN G 866 -36.97 5.01 20.56
N GLU G 867 -35.66 5.19 20.47
CA GLU G 867 -35.08 6.52 20.39
C GLU G 867 -33.74 6.43 19.67
N LEU G 868 -33.35 7.53 19.04
CA LEU G 868 -32.12 7.59 18.26
C LEU G 868 -31.57 9.01 18.35
N VAL G 869 -30.29 9.14 18.66
CA VAL G 869 -29.66 10.45 18.82
C VAL G 869 -28.40 10.49 17.96
N ARG G 870 -28.26 11.58 17.19
CA ARG G 870 -27.07 11.88 16.42
C ARG G 870 -26.48 13.19 16.92
N VAL G 871 -25.19 13.16 17.25
CA VAL G 871 -24.46 14.32 17.74
C VAL G 871 -23.38 14.66 16.72
N TYR G 872 -23.35 15.91 16.29
CA TYR G 872 -22.38 16.39 15.32
C TYR G 872 -21.28 17.15 16.07
N VAL G 873 -20.03 16.73 15.88
CA VAL G 873 -18.88 17.35 16.54
C VAL G 873 -17.99 17.96 15.47
N ALA G 874 -17.66 19.24 15.62
CA ALA G 874 -16.83 19.97 14.68
C ALA G 874 -15.49 20.30 15.30
N GLN G 875 -14.40 20.05 14.56
CA GLN G 875 -13.04 20.32 14.99
C GLN G 875 -12.38 21.27 14.02
N LYS G 876 -11.66 22.25 14.57
CA LYS G 876 -10.91 23.23 13.81
C LYS G 876 -9.44 22.81 13.82
N ARG G 877 -9.03 22.09 12.78
CA ARG G 877 -7.70 21.48 12.74
C ARG G 877 -6.73 22.47 12.12
N LYS G 878 -5.79 22.95 12.94
CA LYS G 878 -4.65 23.69 12.44
C LYS G 878 -3.64 22.71 11.83
N ILE G 879 -2.74 23.26 11.02
CA ILE G 879 -1.71 22.42 10.40
C ILE G 879 -0.75 21.93 11.48
N SER G 880 -0.45 20.63 11.44
CA SER G 880 0.33 19.98 12.48
C SER G 880 1.51 19.24 11.87
N ASP G 881 2.47 18.90 12.72
CA ASP G 881 3.60 18.09 12.29
C ASP G 881 3.11 16.75 11.77
N GLY G 882 3.35 16.48 10.49
CA GLY G 882 3.00 15.22 9.86
C GLY G 882 1.85 15.33 8.88
N ASP G 883 1.06 16.40 8.93
CA ASP G 883 0.03 16.59 7.92
C ASP G 883 0.67 16.62 6.54
N LYS G 884 -0.09 16.18 5.54
CA LYS G 884 0.41 16.01 4.19
C LYS G 884 -0.03 17.18 3.31
N LEU G 885 0.94 17.89 2.76
CA LEU G 885 0.70 18.93 1.77
C LEU G 885 1.21 18.45 0.41
N ALA G 886 0.81 19.16 -0.64
CA ALA G 886 1.20 18.77 -1.99
C ALA G 886 0.86 19.90 -2.93
N GLY G 887 1.57 19.93 -4.06
CA GLY G 887 1.29 20.83 -5.15
C GLY G 887 0.49 20.16 -6.24
N ARG G 888 0.46 20.82 -7.40
CA ARG G 888 -0.32 20.32 -8.52
C ARG G 888 0.50 19.45 -9.47
N HIS G 889 1.78 19.21 -9.16
CA HIS G 889 2.67 18.44 -10.04
C HIS G 889 3.15 17.18 -9.36
N GLY G 890 2.29 16.56 -8.56
CA GLY G 890 2.68 15.35 -7.86
C GLY G 890 3.80 15.59 -6.88
N ASN G 891 4.04 16.85 -6.54
CA ASN G 891 5.05 17.23 -5.55
C ASN G 891 4.40 17.21 -4.18
N LYS G 892 4.54 16.09 -3.48
CA LYS G 892 3.89 15.85 -2.21
C LYS G 892 4.92 15.74 -1.10
N GLY G 893 4.45 15.93 0.13
CA GLY G 893 5.33 15.79 1.29
C GLY G 893 4.58 16.07 2.59
N VAL G 894 5.13 15.53 3.69
CA VAL G 894 4.55 15.76 5.01
C VAL G 894 5.30 16.89 5.69
N ILE G 895 4.69 17.44 6.75
CA ILE G 895 5.28 18.55 7.50
C ILE G 895 6.23 17.95 8.53
N GLY G 896 7.53 18.21 8.34
CA GLY G 896 8.53 17.66 9.24
C GLY G 896 8.91 18.61 10.36
N LYS G 897 8.62 19.90 10.20
CA LYS G 897 8.91 20.87 11.24
C LYS G 897 8.20 22.17 10.89
N ILE G 898 7.62 22.81 11.90
CA ILE G 898 7.00 24.12 11.77
C ILE G 898 7.82 25.07 12.64
N LEU G 899 8.73 25.82 12.01
CA LEU G 899 9.60 26.71 12.74
C LEU G 899 8.89 28.03 13.06
N PRO G 900 9.36 28.76 14.07
CA PRO G 900 8.80 30.09 14.33
C PRO G 900 9.09 31.04 13.18
N VAL G 901 8.27 32.09 13.11
CA VAL G 901 8.36 33.03 11.99
C VAL G 901 9.75 33.65 11.91
N GLU G 902 10.45 33.77 13.04
CA GLU G 902 11.75 34.42 13.03
C GLU G 902 12.87 33.48 12.58
N ASP G 903 12.69 32.16 12.73
CA ASP G 903 13.73 31.22 12.32
C ASP G 903 13.79 31.05 10.81
N MET G 904 12.71 31.39 10.10
CA MET G 904 12.64 31.10 8.68
C MET G 904 13.62 31.99 7.91
N PRO G 905 14.26 31.47 6.87
CA PRO G 905 15.05 32.34 5.98
C PRO G 905 14.18 33.41 5.36
N PHE G 906 14.55 34.66 5.57
CA PHE G 906 13.74 35.79 5.14
C PHE G 906 14.43 36.55 4.01
N LEU G 907 13.60 37.17 3.17
CA LEU G 907 14.09 37.90 2.02
C LEU G 907 14.80 39.18 2.46
N ALA G 908 15.23 39.98 1.48
CA ALA G 908 16.02 41.16 1.78
C ALA G 908 15.23 42.17 2.60
N ASP G 909 13.93 42.30 2.32
CA ASP G 909 13.09 43.30 2.97
C ASP G 909 12.48 42.81 4.28
N GLY G 910 12.89 41.65 4.78
CA GLY G 910 12.45 41.16 6.07
C GLY G 910 11.32 40.15 6.03
N THR G 911 10.70 39.94 4.87
CA THR G 911 9.56 39.02 4.81
C THR G 911 10.07 37.59 4.89
N PRO G 912 9.74 36.84 5.93
CA PRO G 912 10.19 35.44 6.00
C PRO G 912 9.40 34.56 5.06
N VAL G 913 10.08 33.58 4.48
CA VAL G 913 9.44 32.62 3.59
C VAL G 913 8.42 31.82 4.39
N ASP G 914 7.56 31.08 3.69
CA ASP G 914 6.51 30.30 4.32
C ASP G 914 6.76 28.80 4.29
N ILE G 915 7.43 28.30 3.25
CA ILE G 915 7.63 26.87 3.07
C ILE G 915 8.98 26.64 2.44
N ILE G 916 9.71 25.67 2.97
CA ILE G 916 11.02 25.25 2.45
C ILE G 916 10.88 23.83 1.93
N LEU G 917 11.24 23.67 0.65
CA LEU G 917 11.23 22.40 -0.06
C LEU G 917 12.67 21.99 -0.34
N ASN G 918 12.99 20.73 -0.08
CA ASN G 918 14.34 20.24 -0.37
C ASN G 918 14.58 20.25 -1.88
N THR G 919 15.82 20.57 -2.26
CA THR G 919 16.14 20.65 -3.69
C THR G 919 16.38 19.28 -4.29
N HIS G 920 16.88 18.33 -3.50
CA HIS G 920 17.27 17.03 -4.05
C HIS G 920 16.08 16.27 -4.62
N GLY G 921 14.89 16.46 -4.06
CA GLY G 921 13.71 15.75 -4.54
C GLY G 921 12.98 16.49 -5.63
N VAL G 922 13.71 17.27 -6.42
CA VAL G 922 13.10 18.09 -7.48
C VAL G 922 13.53 17.59 -8.85
N PRO G 923 14.83 17.54 -9.18
CA PRO G 923 15.22 17.21 -10.56
C PRO G 923 15.12 15.72 -10.88
N ARG G 924 14.92 14.86 -9.89
CA ARG G 924 14.75 13.44 -10.16
C ARG G 924 13.36 13.14 -10.70
N ARG G 925 12.34 13.82 -10.17
CA ARG G 925 10.96 13.51 -10.50
C ARG G 925 10.53 14.07 -11.85
N MET G 926 11.33 14.95 -12.46
CA MET G 926 11.03 15.48 -13.78
C MET G 926 9.75 16.32 -13.76
N ASN G 927 9.52 17.02 -12.66
CA ASN G 927 8.38 17.92 -12.52
C ASN G 927 8.88 19.36 -12.57
N ILE G 928 9.39 19.75 -13.75
CA ILE G 928 9.88 21.11 -13.93
C ILE G 928 8.77 22.14 -13.79
N GLY G 929 7.52 21.72 -13.96
CA GLY G 929 6.40 22.61 -13.81
C GLY G 929 6.52 23.52 -12.61
N GLN G 930 6.66 22.93 -11.42
CA GLN G 930 6.76 23.74 -10.20
C GLN G 930 7.79 24.84 -10.38
N ILE G 931 8.99 24.51 -10.87
CA ILE G 931 10.01 25.52 -11.11
C ILE G 931 9.41 26.68 -11.90
N LEU G 932 8.95 26.40 -13.12
CA LEU G 932 8.27 27.42 -13.90
C LEU G 932 7.16 28.07 -13.06
N GLU G 933 6.29 27.24 -12.49
CA GLU G 933 5.19 27.77 -11.69
C GLU G 933 5.71 28.69 -10.60
N THR G 934 6.82 28.32 -9.96
CA THR G 934 7.42 29.18 -8.95
C THR G 934 7.74 30.54 -9.54
N HIS G 935 8.54 30.55 -10.62
CA HIS G 935 8.98 31.81 -11.20
C HIS G 935 7.79 32.69 -11.55
N LEU G 936 6.92 32.21 -12.44
CA LEU G 936 5.72 32.96 -12.78
C LEU G 936 4.98 33.40 -11.52
N GLY G 937 4.88 32.51 -10.54
CA GLY G 937 4.22 32.87 -9.29
C GLY G 937 4.71 34.20 -8.75
N TRP G 938 6.04 34.31 -8.60
CA TRP G 938 6.61 35.56 -8.09
C TRP G 938 6.23 36.72 -9.01
N CYS G 939 6.36 36.54 -10.32
CA CYS G 939 6.01 37.60 -11.25
C CYS G 939 4.55 38.04 -11.07
N ALA G 940 3.69 37.11 -10.65
CA ALA G 940 2.30 37.47 -10.40
C ALA G 940 2.14 38.23 -9.09
N HIS G 941 2.94 37.87 -8.09
CA HIS G 941 2.84 38.55 -6.79
C HIS G 941 3.36 39.98 -6.88
N SER G 942 4.49 40.18 -7.56
CA SER G 942 5.11 41.50 -7.64
C SER G 942 4.60 42.32 -8.82
N GLY G 943 4.20 41.66 -9.91
CA GLY G 943 3.85 42.36 -11.13
C GLY G 943 5.08 42.63 -11.99
N TRP G 944 4.82 43.11 -13.20
CA TRP G 944 5.91 43.44 -14.10
C TRP G 944 5.47 44.58 -15.02
N LYS G 945 6.45 45.16 -15.70
CA LYS G 945 6.23 46.26 -16.63
C LYS G 945 7.25 46.12 -17.75
N VAL G 946 6.80 45.71 -18.92
CA VAL G 946 7.70 45.48 -20.05
C VAL G 946 8.06 46.82 -20.69
N ASP G 947 9.33 46.97 -21.05
CA ASP G 947 9.80 48.19 -21.69
C ASP G 947 9.10 48.39 -23.03
N ALA G 948 8.09 49.26 -23.06
CA ALA G 948 7.37 49.50 -24.31
C ALA G 948 8.11 50.47 -25.22
N ALA G 949 8.90 51.37 -24.65
CA ALA G 949 9.66 52.32 -25.46
C ALA G 949 10.61 51.58 -26.38
N LYS G 950 10.93 52.22 -27.52
CA LYS G 950 11.77 51.63 -28.54
C LYS G 950 11.18 50.30 -29.01
N GLY G 951 9.87 50.25 -29.12
CA GLY G 951 9.18 49.08 -29.66
C GLY G 951 8.97 48.00 -28.61
N VAL G 952 8.20 47.00 -29.01
CA VAL G 952 7.96 45.84 -28.15
C VAL G 952 9.18 44.92 -28.24
N PRO G 953 9.76 44.50 -27.11
CA PRO G 953 10.90 43.58 -27.18
C PRO G 953 10.60 42.35 -28.02
N ASP G 954 11.66 41.64 -28.44
CA ASP G 954 11.50 40.54 -29.37
C ASP G 954 10.93 39.28 -28.72
N TRP G 955 11.03 39.13 -27.41
CA TRP G 955 10.50 37.95 -26.75
C TRP G 955 9.00 38.07 -26.51
N ALA G 956 8.53 39.27 -26.17
CA ALA G 956 7.13 39.50 -25.86
C ALA G 956 6.30 39.87 -27.08
N ALA G 957 6.84 39.64 -28.29
CA ALA G 957 6.07 39.94 -29.49
C ALA G 957 4.84 39.06 -29.60
N ARG G 958 4.90 37.84 -29.06
CA ARG G 958 3.78 36.91 -29.10
C ARG G 958 2.87 37.03 -27.89
N LEU G 959 3.27 37.77 -26.86
CA LEU G 959 2.41 37.96 -25.70
C LEU G 959 1.30 38.94 -26.04
N PRO G 960 0.08 38.71 -25.54
CA PRO G 960 -0.98 39.71 -25.71
C PRO G 960 -0.63 41.01 -25.00
N ASP G 961 -1.15 42.11 -25.53
CA ASP G 961 -0.85 43.42 -24.94
C ASP G 961 -1.32 43.52 -23.50
N GLU G 962 -2.21 42.64 -23.05
CA GLU G 962 -2.71 42.68 -21.69
C GLU G 962 -1.68 42.21 -20.66
N LEU G 963 -0.60 41.57 -21.11
CA LEU G 963 0.41 41.04 -20.20
C LEU G 963 1.64 41.92 -20.05
N LEU G 964 1.81 42.93 -20.92
CA LEU G 964 2.99 43.76 -20.84
C LEU G 964 3.05 44.56 -19.54
N GLU G 965 1.94 44.67 -18.82
CA GLU G 965 1.91 45.38 -17.54
C GLU G 965 0.99 44.62 -16.59
N ALA G 966 1.46 44.43 -15.36
CA ALA G 966 0.69 43.67 -14.37
C ALA G 966 0.95 44.27 -12.99
N GLN G 967 -0.13 44.47 -12.24
CA GLN G 967 -0.03 44.96 -10.87
C GLN G 967 0.28 43.79 -9.94
N PRO G 968 0.77 44.08 -8.73
CA PRO G 968 1.02 43.00 -7.76
C PRO G 968 -0.26 42.24 -7.45
N ASN G 969 -0.10 40.96 -7.14
CA ASN G 969 -1.22 40.06 -6.88
C ASN G 969 -2.14 39.95 -8.11
N ALA G 970 -1.52 39.85 -9.29
CA ALA G 970 -2.27 39.70 -10.53
C ALA G 970 -2.55 38.22 -10.78
N ILE G 971 -3.67 37.96 -11.45
CA ILE G 971 -4.11 36.61 -11.77
C ILE G 971 -3.79 36.32 -13.23
N VAL G 972 -3.18 35.17 -13.49
CA VAL G 972 -2.74 34.80 -14.83
C VAL G 972 -3.17 33.37 -15.12
N SER G 973 -3.20 33.04 -16.40
CA SER G 973 -3.59 31.70 -16.85
C SER G 973 -2.49 31.15 -17.76
N THR G 974 -2.07 29.91 -17.48
CA THR G 974 -1.13 29.18 -18.32
C THR G 974 -1.87 27.96 -18.87
N PRO G 975 -2.63 28.11 -19.95
CA PRO G 975 -3.37 26.98 -20.49
C PRO G 975 -2.46 25.80 -20.79
N VAL G 976 -3.00 24.59 -20.60
CA VAL G 976 -2.23 23.37 -20.84
C VAL G 976 -1.81 23.30 -22.30
N PHE G 977 -0.54 22.95 -22.52
CA PHE G 977 0.02 22.79 -23.85
C PHE G 977 -0.01 24.10 -24.64
N ASP G 978 -0.47 25.17 -24.02
CA ASP G 978 -0.31 26.51 -24.57
C ASP G 978 0.33 27.36 -23.49
N GLY G 979 -0.06 28.63 -23.39
CA GLY G 979 0.36 29.43 -22.26
C GLY G 979 1.82 29.87 -22.30
N ALA G 980 2.31 30.24 -21.12
CA ALA G 980 3.62 30.87 -21.00
C ALA G 980 4.73 29.94 -21.51
N GLN G 981 5.54 30.46 -22.43
CA GLN G 981 6.73 29.77 -22.89
C GLN G 981 7.94 30.23 -22.09
N GLU G 982 8.95 29.37 -22.02
CA GLU G 982 10.10 29.64 -21.17
C GLU G 982 10.75 30.99 -21.51
N ALA G 983 10.76 31.36 -22.79
CA ALA G 983 11.36 32.63 -23.18
C ALA G 983 10.59 33.81 -22.58
N GLU G 984 9.26 33.79 -22.71
CA GLU G 984 8.44 34.87 -22.16
C GLU G 984 8.61 34.96 -20.65
N LEU G 985 8.73 33.81 -19.98
CA LEU G 985 8.92 33.80 -18.53
C LEU G 985 10.27 34.40 -18.15
N GLN G 986 11.33 34.05 -18.88
CA GLN G 986 12.63 34.68 -18.71
C GLN G 986 12.52 36.19 -18.80
N GLY G 987 11.86 36.69 -19.85
CA GLY G 987 11.67 38.13 -19.99
C GLY G 987 10.94 38.74 -18.81
N LEU G 988 9.82 38.12 -18.40
CA LEU G 988 9.05 38.66 -17.29
C LEU G 988 9.89 38.73 -16.02
N LEU G 989 10.72 37.72 -15.77
CA LEU G 989 11.64 37.81 -14.64
C LEU G 989 12.61 38.98 -14.81
N SER G 990 12.96 39.30 -16.06
CA SER G 990 13.81 40.46 -16.29
C SER G 990 13.11 41.76 -15.92
N CYS G 991 11.80 41.85 -16.12
CA CYS G 991 11.07 43.09 -15.86
C CYS G 991 10.11 42.99 -14.67
N THR G 992 10.54 42.38 -13.56
CA THR G 992 9.68 42.28 -12.38
C THR G 992 9.58 43.63 -11.68
N LEU G 993 8.41 43.89 -11.09
CA LEU G 993 8.19 45.14 -10.38
C LEU G 993 9.01 45.17 -9.09
N PRO G 994 9.45 46.36 -8.68
CA PRO G 994 10.12 46.50 -7.38
C PRO G 994 9.10 46.55 -6.24
N ASN G 995 9.62 46.42 -5.02
CA ASN G 995 8.78 46.40 -3.84
C ASN G 995 8.41 47.83 -3.47
N ARG G 996 7.84 48.01 -2.28
CA ARG G 996 7.40 49.34 -1.85
C ARG G 996 8.59 50.26 -1.60
N ASP G 997 9.74 49.70 -1.22
CA ASP G 997 10.94 50.50 -1.01
C ASP G 997 11.69 50.81 -2.29
N GLY G 998 11.27 50.25 -3.42
CA GLY G 998 11.93 50.47 -4.69
C GLY G 998 13.01 49.48 -5.03
N ASP G 999 13.13 48.38 -4.28
CA ASP G 999 14.18 47.40 -4.50
C ASP G 999 13.61 46.15 -5.18
N VAL G 1000 14.36 45.62 -6.13
CA VAL G 1000 14.02 44.37 -6.80
C VAL G 1000 14.69 43.24 -6.04
N LEU G 1001 13.88 42.32 -5.50
CA LEU G 1001 14.41 41.30 -4.61
C LEU G 1001 14.98 40.11 -5.36
N VAL G 1002 14.30 39.65 -6.41
CA VAL G 1002 14.71 38.46 -7.14
C VAL G 1002 15.47 38.88 -8.39
N ASP G 1003 16.41 38.03 -8.80
CA ASP G 1003 17.23 38.28 -9.97
C ASP G 1003 16.53 37.80 -11.24
N ALA G 1004 17.11 38.15 -12.39
CA ALA G 1004 16.57 37.69 -13.66
C ALA G 1004 16.57 36.17 -13.75
N ASP G 1005 17.50 35.52 -13.05
CA ASP G 1005 17.50 34.06 -12.98
C ASP G 1005 16.33 33.53 -12.15
N GLY G 1006 15.70 34.39 -11.36
CA GLY G 1006 14.61 33.98 -10.51
C GLY G 1006 15.00 33.72 -9.07
N LYS G 1007 16.27 33.79 -8.73
CA LYS G 1007 16.76 33.55 -7.38
C LYS G 1007 16.91 34.87 -6.63
N ALA G 1008 16.92 34.76 -5.30
CA ALA G 1008 17.05 35.92 -4.44
C ALA G 1008 17.95 35.57 -3.26
N MET G 1009 18.47 36.62 -2.62
CA MET G 1009 19.38 36.47 -1.49
C MET G 1009 18.57 36.39 -0.20
N LEU G 1010 18.76 35.33 0.56
CA LEU G 1010 18.02 35.09 1.79
C LEU G 1010 18.96 35.15 2.99
N PHE G 1011 18.39 35.53 4.14
CA PHE G 1011 19.12 35.65 5.39
C PHE G 1011 18.68 34.54 6.34
N ASP G 1012 19.65 33.85 6.93
CA ASP G 1012 19.33 32.80 7.90
C ASP G 1012 18.81 33.45 9.18
N GLY G 1013 17.52 33.25 9.47
CA GLY G 1013 16.91 33.85 10.65
C GLY G 1013 17.43 33.33 11.96
N ARG G 1014 18.22 32.25 11.95
CA ARG G 1014 18.74 31.68 13.19
C ARG G 1014 20.10 32.27 13.57
N SER G 1015 20.99 32.46 12.58
CA SER G 1015 22.31 33.00 12.82
C SER G 1015 22.47 34.45 12.39
N GLY G 1016 21.78 34.85 11.32
CA GLY G 1016 21.83 36.21 10.81
C GLY G 1016 22.67 36.35 9.57
N GLU G 1017 23.70 35.52 9.41
CA GLU G 1017 24.55 35.63 8.24
C GLU G 1017 23.73 35.32 6.98
N PRO G 1018 23.87 36.09 5.92
CA PRO G 1018 23.15 35.77 4.69
C PRO G 1018 23.66 34.47 4.09
N PHE G 1019 22.74 33.73 3.47
CA PHE G 1019 23.13 32.46 2.88
C PHE G 1019 24.12 32.70 1.73
N PRO G 1020 25.15 31.86 1.61
CA PRO G 1020 26.25 32.21 0.68
C PRO G 1020 25.80 32.39 -0.76
N TYR G 1021 24.79 31.65 -1.20
CA TYR G 1021 24.43 31.66 -2.61
C TYR G 1021 22.97 32.09 -2.79
N PRO G 1022 22.64 32.69 -3.94
CA PRO G 1022 21.24 33.04 -4.20
C PRO G 1022 20.37 31.78 -4.27
N VAL G 1023 19.11 31.94 -3.90
CA VAL G 1023 18.17 30.82 -3.81
C VAL G 1023 16.94 31.15 -4.63
N THR G 1024 16.45 30.15 -5.38
CA THR G 1024 15.18 30.28 -6.07
C THR G 1024 14.07 30.54 -5.06
N VAL G 1025 13.38 31.67 -5.24
CA VAL G 1025 12.32 32.09 -4.35
C VAL G 1025 11.12 32.48 -5.20
N GLY G 1026 9.93 32.06 -4.79
CA GLY G 1026 8.75 32.41 -5.54
C GLY G 1026 7.50 32.15 -4.74
N TYR G 1027 6.38 32.03 -5.45
CA TYR G 1027 5.11 31.67 -4.83
C TYR G 1027 4.56 30.43 -5.52
N MET G 1028 4.25 29.41 -4.72
CA MET G 1028 3.68 28.17 -5.23
C MET G 1028 2.33 27.93 -4.59
N TYR G 1029 1.43 27.32 -5.34
CA TYR G 1029 0.11 26.97 -4.85
C TYR G 1029 0.21 25.61 -4.18
N ILE G 1030 0.05 25.57 -2.86
CA ILE G 1030 0.14 24.35 -2.08
C ILE G 1030 -1.24 24.02 -1.53
N MET G 1031 -1.61 22.75 -1.62
CA MET G 1031 -2.90 22.25 -1.15
C MET G 1031 -2.69 21.41 0.10
N LYS G 1032 -3.69 21.41 0.97
CA LYS G 1032 -3.67 20.59 2.17
C LYS G 1032 -4.44 19.31 1.86
N LEU G 1033 -3.71 18.20 1.75
CA LEU G 1033 -4.33 16.93 1.39
C LEU G 1033 -5.02 16.30 2.59
N HIS G 1034 -5.98 15.44 2.30
CA HIS G 1034 -6.78 14.77 3.35
C HIS G 1034 -6.04 13.54 3.87
N HIS G 1035 -4.85 13.78 4.43
CA HIS G 1035 -4.05 12.74 5.06
C HIS G 1035 -3.35 13.39 6.25
N LEU G 1036 -4.08 13.51 7.35
CA LEU G 1036 -3.66 14.27 8.51
C LEU G 1036 -3.39 13.33 9.68
N VAL G 1037 -2.34 13.65 10.45
CA VAL G 1037 -1.97 12.78 11.56
C VAL G 1037 -3.10 12.71 12.58
N ASP G 1038 -3.93 13.74 12.66
CA ASP G 1038 -5.03 13.72 13.61
C ASP G 1038 -5.96 12.53 13.37
N ASP G 1039 -6.03 12.05 12.13
CA ASP G 1039 -6.83 10.88 11.80
C ASP G 1039 -6.01 9.60 11.71
N LYS G 1040 -4.75 9.68 11.29
CA LYS G 1040 -3.96 8.50 11.00
C LYS G 1040 -3.15 7.98 12.18
N ILE G 1041 -3.08 8.72 13.28
CA ILE G 1041 -2.38 8.24 14.46
C ILE G 1041 -3.22 7.20 15.17
N HIS G 1042 -2.58 6.17 15.70
CA HIS G 1042 -3.30 5.12 16.41
C HIS G 1042 -2.33 4.34 17.28
N ALA G 1043 -2.83 3.86 18.42
CA ALA G 1043 -2.08 3.02 19.33
C ALA G 1043 -3.05 2.20 20.15
N ARG G 1044 -2.59 1.02 20.59
CA ARG G 1044 -3.44 0.10 21.34
C ARG G 1044 -2.59 -0.66 22.34
N SER G 1045 -3.04 -0.68 23.59
CA SER G 1045 -2.49 -1.62 24.58
C SER G 1045 -3.27 -2.93 24.48
N THR G 1046 -4.54 -2.90 24.88
CA THR G 1046 -5.45 -4.03 24.72
C THR G 1046 -6.75 -3.51 24.13
N GLY G 1047 -7.69 -4.42 23.90
CA GLY G 1047 -8.96 -4.06 23.32
C GLY G 1047 -9.71 -5.26 22.80
N PRO G 1048 -10.66 -5.03 21.89
CA PRO G 1048 -11.52 -6.14 21.43
C PRO G 1048 -10.73 -7.20 20.70
N TYR G 1049 -11.21 -8.43 20.78
CA TYR G 1049 -10.62 -9.57 20.10
C TYR G 1049 -11.71 -10.29 19.31
N SER G 1050 -11.38 -10.71 18.09
CA SER G 1050 -12.34 -11.47 17.31
C SER G 1050 -12.71 -12.75 18.04
N MET G 1051 -14.01 -13.07 18.02
CA MET G 1051 -14.51 -14.18 18.82
C MET G 1051 -13.96 -15.52 18.31
N ILE G 1052 -13.91 -15.69 16.99
CA ILE G 1052 -13.52 -16.99 16.44
C ILE G 1052 -12.03 -17.23 16.63
N THR G 1053 -11.20 -16.35 16.08
CA THR G 1053 -9.75 -16.52 16.11
C THR G 1053 -9.11 -15.99 17.39
N GLN G 1054 -9.85 -15.24 18.21
CA GLN G 1054 -9.32 -14.70 19.47
C GLN G 1054 -8.11 -13.81 19.23
N GLN G 1055 -8.01 -13.23 18.05
CA GLN G 1055 -6.93 -12.30 17.77
C GLN G 1055 -7.45 -10.87 17.82
N PRO G 1056 -6.59 -9.91 18.17
CA PRO G 1056 -7.04 -8.52 18.25
C PRO G 1056 -7.73 -8.08 16.97
N LEU G 1057 -8.69 -7.17 17.12
CA LEU G 1057 -9.40 -6.62 15.97
C LEU G 1057 -8.44 -5.81 15.10
N GLY G 1058 -8.96 -5.37 13.96
CA GLY G 1058 -8.18 -4.54 13.04
C GLY G 1058 -8.81 -3.19 12.82
N GLY G 1059 -8.02 -2.23 12.40
CA GLY G 1059 -8.55 -0.90 12.13
C GLY G 1059 -8.53 0.00 13.35
N LYS G 1060 -8.31 1.29 13.10
CA LYS G 1060 -8.32 2.27 14.18
C LYS G 1060 -9.72 2.42 14.77
N ALA G 1061 -10.74 2.43 13.91
CA ALA G 1061 -12.10 2.67 14.38
C ALA G 1061 -12.55 1.59 15.37
N GLN G 1062 -12.04 0.38 15.25
CA GLN G 1062 -12.35 -0.71 16.17
C GLN G 1062 -11.32 -0.83 17.29
N PHE G 1063 -10.43 0.15 17.44
CA PHE G 1063 -9.38 0.12 18.45
C PHE G 1063 -8.54 -1.15 18.31
N GLY G 1064 -8.23 -1.52 17.07
CA GLY G 1064 -7.49 -2.73 16.81
C GLY G 1064 -5.99 -2.54 16.88
N GLY G 1065 -5.28 -3.66 16.78
CA GLY G 1065 -3.83 -3.65 16.77
C GLY G 1065 -3.27 -3.80 15.36
N GLN G 1066 -1.96 -3.57 15.26
CA GLN G 1066 -1.28 -3.71 13.98
C GLN G 1066 -1.02 -5.18 13.70
N ARG G 1067 -1.00 -5.52 12.41
CA ARG G 1067 -0.85 -6.91 11.98
C ARG G 1067 0.63 -7.23 11.79
N PHE G 1068 1.15 -8.13 12.62
CA PHE G 1068 2.50 -8.65 12.43
C PHE G 1068 2.40 -9.77 11.40
N GLY G 1069 2.62 -9.41 10.13
CA GLY G 1069 2.38 -10.31 9.03
C GLY G 1069 3.43 -11.39 8.90
N GLU G 1070 3.38 -12.07 7.76
CA GLU G 1070 4.32 -13.16 7.50
C GLU G 1070 5.73 -12.63 7.30
N MET G 1071 5.88 -11.60 6.46
CA MET G 1071 7.21 -11.04 6.21
C MET G 1071 7.85 -10.54 7.50
N GLU G 1072 7.05 -9.98 8.41
CA GLU G 1072 7.60 -9.47 9.66
C GLU G 1072 8.04 -10.62 10.56
N CYS G 1073 7.33 -11.74 10.52
CA CYS G 1073 7.80 -12.94 11.22
C CYS G 1073 9.12 -13.41 10.63
N TRP G 1074 9.26 -13.34 9.31
CA TRP G 1074 10.55 -13.64 8.70
C TRP G 1074 11.64 -12.71 9.22
N ALA G 1075 11.30 -11.43 9.40
CA ALA G 1075 12.27 -10.49 9.94
C ALA G 1075 12.73 -10.91 11.34
N MET G 1076 11.78 -11.20 12.23
CA MET G 1076 12.14 -11.68 13.55
C MET G 1076 13.05 -12.90 13.46
N GLN G 1077 12.63 -13.91 12.69
CA GLN G 1077 13.44 -15.12 12.58
C GLN G 1077 14.84 -14.79 12.06
N ALA G 1078 14.94 -13.86 11.13
CA ALA G 1078 16.24 -13.48 10.59
C ALA G 1078 17.12 -12.87 11.67
N TYR G 1079 16.53 -12.04 12.54
CA TYR G 1079 17.28 -11.51 13.67
C TYR G 1079 17.57 -12.57 14.72
N GLY G 1080 16.87 -13.69 14.70
CA GLY G 1080 17.00 -14.69 15.74
C GLY G 1080 16.31 -14.34 17.03
N ALA G 1081 15.46 -13.32 17.05
CA ALA G 1081 14.73 -12.92 18.25
C ALA G 1081 13.58 -13.91 18.49
N ALA G 1082 13.96 -15.12 18.90
CA ALA G 1082 12.98 -16.17 19.11
C ALA G 1082 11.94 -15.76 20.15
N TYR G 1083 12.41 -15.27 21.30
CA TYR G 1083 11.49 -14.95 22.39
C TYR G 1083 10.54 -13.83 21.99
N THR G 1084 11.03 -12.84 21.25
CA THR G 1084 10.14 -11.77 20.80
C THR G 1084 9.07 -12.31 19.85
N LEU G 1085 9.44 -13.25 18.97
CA LEU G 1085 8.47 -13.82 18.04
C LEU G 1085 7.40 -14.59 18.81
N GLN G 1086 7.82 -15.48 19.72
CA GLN G 1086 6.84 -16.19 20.53
C GLN G 1086 5.94 -15.22 21.28
N GLU G 1087 6.53 -14.21 21.91
CA GLU G 1087 5.76 -13.18 22.60
C GLU G 1087 4.71 -12.57 21.69
N LEU G 1088 5.10 -12.24 20.45
CA LEU G 1088 4.18 -11.62 19.51
C LEU G 1088 3.03 -12.55 19.16
N LEU G 1089 3.32 -13.84 19.02
CA LEU G 1089 2.32 -14.79 18.55
C LEU G 1089 1.59 -15.52 19.68
N THR G 1090 1.90 -15.22 20.93
CA THR G 1090 1.26 -15.89 22.05
C THR G 1090 0.65 -14.89 23.03
N ILE G 1091 1.45 -14.43 24.00
CA ILE G 1091 0.89 -13.62 25.08
C ILE G 1091 0.38 -12.28 24.56
N LYS G 1092 0.98 -11.73 23.51
CA LYS G 1092 0.50 -10.46 22.98
C LYS G 1092 -0.67 -10.61 22.00
N SER G 1093 -1.04 -11.84 21.64
CA SER G 1093 -2.08 -12.04 20.64
C SER G 1093 -3.26 -12.86 21.18
N ASP G 1094 -3.21 -14.18 21.02
CA ASP G 1094 -4.37 -15.03 21.23
C ASP G 1094 -4.17 -16.08 22.31
N ASP G 1095 -3.18 -15.90 23.18
CA ASP G 1095 -3.05 -16.75 24.37
C ASP G 1095 -4.08 -16.28 25.37
N THR G 1096 -5.19 -17.04 25.48
CA THR G 1096 -6.31 -16.58 26.30
C THR G 1096 -5.89 -16.34 27.75
N VAL G 1097 -5.12 -17.25 28.32
CA VAL G 1097 -4.67 -17.10 29.70
C VAL G 1097 -3.36 -16.31 29.78
N GLY G 1098 -2.53 -16.40 28.75
CA GLY G 1098 -1.24 -15.75 28.80
C GLY G 1098 -1.32 -14.23 28.80
N ARG G 1099 -2.21 -13.67 27.97
CA ARG G 1099 -2.32 -12.22 27.90
C ARG G 1099 -2.86 -11.63 29.20
N VAL G 1100 -3.80 -12.33 29.84
CA VAL G 1100 -4.33 -11.86 31.11
C VAL G 1100 -3.25 -11.90 32.18
N LYS G 1101 -2.47 -12.99 32.23
CA LYS G 1101 -1.39 -13.06 33.20
C LYS G 1101 -0.32 -12.02 32.92
N VAL G 1102 -0.12 -11.64 31.65
CA VAL G 1102 0.81 -10.57 31.33
C VAL G 1102 0.31 -9.25 31.89
N TYR G 1103 -0.98 -8.94 31.68
CA TYR G 1103 -1.56 -7.73 32.24
C TYR G 1103 -1.38 -7.69 33.75
N GLU G 1104 -1.72 -8.80 34.41
CA GLU G 1104 -1.59 -8.88 35.86
C GLU G 1104 -0.15 -8.71 36.30
N ALA G 1105 0.79 -9.34 35.60
CA ALA G 1105 2.20 -9.25 35.97
C ALA G 1105 2.73 -7.84 35.76
N ILE G 1106 2.20 -7.12 34.79
CA ILE G 1106 2.63 -5.73 34.59
C ILE G 1106 2.13 -4.86 35.75
N VAL G 1107 0.83 -4.95 36.07
CA VAL G 1107 0.32 -4.10 37.14
C VAL G 1107 0.86 -4.53 38.50
N LYS G 1108 1.35 -5.76 38.64
CA LYS G 1108 1.95 -6.22 39.89
C LYS G 1108 3.42 -5.90 39.98
N GLY G 1109 4.08 -5.59 38.87
CA GLY G 1109 5.52 -5.44 38.85
C GLY G 1109 6.29 -6.74 38.75
N GLU G 1110 5.59 -7.88 38.75
CA GLU G 1110 6.25 -9.16 38.61
C GLU G 1110 6.81 -9.33 37.20
N ASN G 1111 7.43 -10.47 36.95
CA ASN G 1111 8.00 -10.75 35.65
C ASN G 1111 6.92 -11.29 34.71
N ILE G 1112 7.24 -11.31 33.42
CA ILE G 1112 6.28 -11.78 32.41
C ILE G 1112 6.17 -13.30 32.51
N PRO G 1113 4.96 -13.87 32.55
CA PRO G 1113 4.83 -15.33 32.68
C PRO G 1113 5.20 -16.07 31.42
N GLU G 1114 5.06 -17.39 31.44
CA GLU G 1114 5.43 -18.21 30.27
C GLU G 1114 4.27 -18.28 29.30
N PRO G 1115 4.48 -18.02 28.01
CA PRO G 1115 3.36 -18.07 27.06
C PRO G 1115 2.76 -19.47 26.97
N GLY G 1116 1.46 -19.50 26.68
CA GLY G 1116 0.70 -20.71 26.49
C GLY G 1116 0.52 -21.05 25.03
N ILE G 1117 -0.59 -21.74 24.73
CA ILE G 1117 -0.86 -22.21 23.37
C ILE G 1117 -1.83 -21.24 22.70
N PRO G 1118 -1.62 -20.87 21.44
CA PRO G 1118 -2.56 -19.98 20.76
C PRO G 1118 -3.92 -20.66 20.58
N GLU G 1119 -4.98 -19.94 20.94
CA GLU G 1119 -6.33 -20.46 20.73
C GLU G 1119 -6.61 -20.69 19.25
N SER G 1120 -6.04 -19.86 18.38
CA SER G 1120 -6.24 -20.02 16.95
C SER G 1120 -5.76 -21.39 16.48
N PHE G 1121 -4.70 -21.93 17.08
CA PHE G 1121 -4.24 -23.25 16.70
C PHE G 1121 -5.20 -24.34 17.15
N LYS G 1122 -5.81 -24.16 18.33
CA LYS G 1122 -6.88 -25.05 18.74
C LYS G 1122 -8.00 -25.04 17.71
N VAL G 1123 -8.34 -23.86 17.21
CA VAL G 1123 -9.34 -23.76 16.15
C VAL G 1123 -8.88 -24.51 14.90
N LEU G 1124 -7.59 -24.38 14.55
CA LEU G 1124 -7.07 -25.11 13.41
C LEU G 1124 -7.29 -26.62 13.57
N LEU G 1125 -6.96 -27.16 14.74
CA LEU G 1125 -7.12 -28.59 14.94
C LEU G 1125 -8.58 -28.99 14.78
N LYS G 1126 -9.49 -28.21 15.38
CA LYS G 1126 -10.92 -28.52 15.26
C LYS G 1126 -11.39 -28.44 13.81
N GLU G 1127 -10.82 -27.51 13.04
CA GLU G 1127 -11.19 -27.39 11.63
C GLU G 1127 -10.68 -28.57 10.81
N LEU G 1128 -9.46 -29.02 11.07
CA LEU G 1128 -8.97 -30.22 10.38
C LEU G 1128 -9.80 -31.44 10.76
N GLN G 1129 -10.29 -31.50 11.99
CA GLN G 1129 -11.19 -32.60 12.36
C GLN G 1129 -12.50 -32.53 11.59
N SER G 1130 -13.00 -31.32 11.33
CA SER G 1130 -14.26 -31.17 10.61
C SER G 1130 -14.19 -31.72 9.18
N LEU G 1131 -12.99 -31.97 8.66
CA LEU G 1131 -12.80 -32.53 7.33
C LEU G 1131 -12.46 -34.01 7.37
N CYS G 1132 -12.83 -34.70 8.44
CA CYS G 1132 -12.56 -36.13 8.58
C CYS G 1132 -11.06 -36.42 8.57
N LEU G 1133 -10.30 -35.60 9.30
CA LEU G 1133 -8.87 -35.80 9.49
C LEU G 1133 -8.59 -35.88 10.99
N ASN G 1134 -8.06 -37.02 11.42
CA ASN G 1134 -7.80 -37.28 12.83
C ASN G 1134 -6.44 -36.73 13.21
N VAL G 1135 -6.41 -35.49 13.69
CA VAL G 1135 -5.17 -34.86 14.13
C VAL G 1135 -5.02 -35.06 15.63
N GLU G 1136 -3.82 -35.45 16.05
CA GLU G 1136 -3.54 -35.76 17.45
C GLU G 1136 -2.16 -35.26 17.83
N VAL G 1137 -2.05 -34.75 19.06
CA VAL G 1137 -0.77 -34.31 19.61
C VAL G 1137 -0.24 -35.40 20.53
N LEU G 1138 0.99 -35.84 20.28
CA LEU G 1138 1.60 -36.92 21.02
C LEU G 1138 2.73 -36.38 21.89
N SER G 1139 2.87 -36.97 23.08
CA SER G 1139 3.95 -36.59 23.99
C SER G 1139 5.22 -37.34 23.63
N SER G 1140 6.28 -37.14 24.43
CA SER G 1140 7.53 -37.82 24.18
C SER G 1140 7.40 -39.33 24.37
N ASP G 1141 6.47 -39.77 25.22
CA ASP G 1141 6.28 -41.21 25.44
C ASP G 1141 5.47 -41.85 24.33
N GLY G 1142 4.56 -41.10 23.71
CA GLY G 1142 3.70 -41.62 22.66
C GLY G 1142 2.21 -41.53 22.94
N ALA G 1143 1.82 -41.15 24.15
CA ALA G 1143 0.41 -41.07 24.51
C ALA G 1143 -0.19 -39.78 23.95
N ALA G 1144 -1.37 -39.88 23.35
CA ALA G 1144 -2.07 -38.70 22.87
C ALA G 1144 -2.55 -37.87 24.06
N ILE G 1145 -2.34 -36.56 23.99
CA ILE G 1145 -2.68 -35.64 25.06
C ILE G 1145 -3.86 -34.77 24.62
N GLU G 1146 -4.74 -34.46 25.56
CA GLU G 1146 -5.90 -33.63 25.28
C GLU G 1146 -5.65 -32.19 25.73
N PHE H 6 4.61 -28.24 26.05
CA PHE H 6 5.55 -29.18 25.42
C PHE H 6 4.88 -30.47 25.00
N PHE H 7 4.73 -30.66 23.70
CA PHE H 7 4.27 -31.92 23.12
C PHE H 7 5.02 -32.16 21.83
N ASP H 8 5.55 -33.38 21.68
CA ASP H 8 6.51 -33.67 20.61
C ASP H 8 5.85 -33.69 19.23
N GLU H 9 5.08 -34.73 18.93
CA GLU H 9 4.61 -34.97 17.57
C GLU H 9 3.16 -34.52 17.40
N LEU H 10 2.81 -34.21 16.15
CA LEU H 10 1.43 -33.95 15.75
C LEU H 10 1.04 -34.99 14.71
N ARG H 11 0.21 -35.94 15.10
CA ARG H 11 -0.23 -37.00 14.21
C ARG H 11 -1.49 -36.58 13.47
N ILE H 12 -1.59 -36.99 12.21
CA ILE H 12 -2.79 -36.78 11.39
C ILE H 12 -3.10 -38.08 10.66
N GLY H 13 -4.39 -38.35 10.49
CA GLY H 13 -4.79 -39.57 9.83
C GLY H 13 -6.25 -39.53 9.43
N LEU H 14 -6.68 -40.61 8.79
CA LEU H 14 -8.08 -40.73 8.38
C LEU H 14 -8.96 -40.97 9.59
N ALA H 15 -10.10 -40.29 9.63
CA ALA H 15 -11.03 -40.39 10.75
C ALA H 15 -12.00 -41.53 10.49
N THR H 16 -11.86 -42.61 11.26
CA THR H 16 -12.80 -43.71 11.18
C THR H 16 -14.18 -43.24 11.60
N ALA H 17 -15.21 -43.81 10.98
CA ALA H 17 -16.58 -43.52 11.38
C ALA H 17 -16.74 -43.67 12.88
N GLU H 18 -16.10 -44.68 13.47
CA GLU H 18 -16.11 -44.84 14.92
C GLU H 18 -15.53 -43.62 15.60
N ASP H 19 -14.46 -43.04 15.05
CA ASP H 19 -13.89 -41.83 15.62
C ASP H 19 -14.86 -40.66 15.47
N ILE H 20 -15.52 -40.55 14.32
CA ILE H 20 -16.49 -39.47 14.12
C ILE H 20 -17.59 -39.55 15.18
N ARG H 21 -18.04 -40.77 15.49
CA ARG H 21 -19.07 -40.92 16.52
C ARG H 21 -18.51 -40.72 17.92
N GLN H 22 -17.24 -41.08 18.14
CA GLN H 22 -16.63 -40.92 19.46
C GLN H 22 -16.42 -39.45 19.79
N TRP H 23 -16.17 -38.61 18.78
CA TRP H 23 -16.05 -37.18 19.02
C TRP H 23 -17.40 -36.56 19.35
N SER H 24 -18.43 -36.92 18.59
CA SER H 24 -19.70 -36.22 18.65
C SER H 24 -20.38 -36.42 20.00
N TYR H 25 -20.91 -35.34 20.55
CA TYR H 25 -21.70 -35.38 21.77
C TYR H 25 -23.19 -35.60 21.48
N GLY H 26 -23.53 -36.03 20.28
CA GLY H 26 -24.91 -36.28 19.90
C GLY H 26 -25.11 -36.06 18.43
N GLU H 27 -26.14 -36.71 17.89
CA GLU H 27 -26.46 -36.61 16.48
C GLU H 27 -27.37 -35.43 16.22
N VAL H 28 -27.15 -34.74 15.10
CA VAL H 28 -27.97 -33.61 14.69
C VAL H 28 -29.10 -34.16 13.83
N LYS H 29 -30.26 -34.40 14.46
CA LYS H 29 -31.39 -34.96 13.74
C LYS H 29 -32.17 -33.88 12.98
N LYS H 30 -32.69 -32.90 13.71
CA LYS H 30 -33.55 -31.90 13.10
C LYS H 30 -32.73 -30.89 12.30
N PRO H 31 -33.29 -30.34 11.22
CA PRO H 31 -32.56 -29.34 10.43
C PRO H 31 -32.71 -27.91 10.93
N GLU H 32 -33.56 -27.65 11.91
CA GLU H 32 -33.78 -26.29 12.37
C GLU H 32 -32.50 -25.72 12.98
N THR H 33 -32.46 -24.38 13.03
CA THR H 33 -31.32 -23.67 13.61
C THR H 33 -31.67 -23.17 15.01
N ILE H 34 -32.39 -22.06 15.09
CA ILE H 34 -32.84 -21.48 16.34
C ILE H 34 -34.31 -21.06 16.19
N ASN H 35 -34.84 -20.44 17.22
CA ASN H 35 -36.13 -19.77 17.16
C ASN H 35 -35.89 -18.28 16.96
N TYR H 36 -36.64 -17.69 16.04
CA TYR H 36 -36.45 -16.29 15.67
C TYR H 36 -37.23 -15.33 16.59
N ARG H 37 -37.86 -15.85 17.65
CA ARG H 37 -38.54 -15.03 18.64
C ARG H 37 -37.88 -15.13 20.02
N THR H 38 -37.62 -16.34 20.48
CA THR H 38 -37.02 -16.55 21.80
C THR H 38 -35.50 -16.60 21.78
N LEU H 39 -34.87 -16.60 20.60
CA LEU H 39 -33.44 -16.73 20.43
C LEU H 39 -32.89 -18.01 21.04
N LYS H 40 -33.74 -18.96 21.38
CA LYS H 40 -33.31 -20.21 21.98
C LYS H 40 -32.99 -21.22 20.87
N PRO H 41 -31.87 -21.94 20.95
CA PRO H 41 -31.59 -22.94 19.92
C PRO H 41 -32.54 -24.13 20.03
N GLU H 42 -33.01 -24.59 18.88
CA GLU H 42 -33.96 -25.70 18.86
C GLU H 42 -33.28 -26.99 19.30
N LYS H 43 -34.05 -27.82 20.00
CA LYS H 43 -33.52 -29.11 20.45
C LYS H 43 -33.20 -30.00 19.26
N ASP H 44 -32.07 -30.70 19.35
CA ASP H 44 -31.59 -31.59 18.30
C ASP H 44 -31.28 -30.86 16.99
N GLY H 45 -31.24 -29.53 17.02
CA GLY H 45 -30.89 -28.75 15.85
C GLY H 45 -29.39 -28.55 15.73
N LEU H 46 -29.02 -27.63 14.84
CA LEU H 46 -27.61 -27.31 14.64
C LEU H 46 -27.01 -26.59 15.84
N PHE H 47 -27.82 -26.20 16.82
CA PHE H 47 -27.33 -25.52 18.02
C PHE H 47 -27.86 -26.19 19.28
N CYS H 48 -28.16 -27.48 19.20
CA CYS H 48 -28.76 -28.19 20.33
C CYS H 48 -27.87 -28.06 21.55
N GLU H 49 -28.46 -27.62 22.67
CA GLU H 49 -27.71 -27.44 23.90
C GLU H 49 -27.36 -28.76 24.57
N LYS H 50 -28.13 -29.82 24.32
CA LYS H 50 -27.74 -31.14 24.80
C LYS H 50 -26.44 -31.61 24.13
N ILE H 51 -26.23 -31.22 22.87
CA ILE H 51 -25.09 -31.69 22.09
C ILE H 51 -23.91 -30.74 22.29
N PHE H 52 -24.06 -29.50 21.83
CA PHE H 52 -22.91 -28.60 21.74
C PHE H 52 -22.65 -27.88 23.06
N GLY H 53 -23.71 -27.39 23.72
CA GLY H 53 -23.55 -26.78 25.02
C GLY H 53 -24.52 -25.64 25.27
N PRO H 54 -24.49 -25.10 26.48
CA PRO H 54 -25.42 -24.02 26.83
C PRO H 54 -25.04 -22.69 26.19
N THR H 55 -26.05 -21.92 25.80
CA THR H 55 -25.80 -20.59 25.27
C THR H 55 -25.09 -19.71 26.30
N ARG H 56 -25.61 -19.68 27.52
CA ARG H 56 -25.04 -18.91 28.61
C ARG H 56 -24.44 -19.86 29.66
N ASP H 57 -23.57 -19.30 30.49
CA ASP H 57 -22.82 -20.12 31.44
C ASP H 57 -23.76 -20.66 32.51
N TRP H 58 -23.78 -21.99 32.67
CA TRP H 58 -24.55 -22.66 33.71
C TRP H 58 -26.04 -22.38 33.59
N GLU H 59 -26.51 -22.09 32.38
CA GLU H 59 -27.93 -21.87 32.11
C GLU H 59 -28.41 -22.93 31.14
N CYS H 60 -29.33 -23.77 31.60
CA CYS H 60 -29.87 -24.84 30.77
C CYS H 60 -31.04 -24.32 29.93
N TYR H 61 -31.56 -25.19 29.06
CA TYR H 61 -32.61 -24.75 28.14
C TYR H 61 -33.93 -24.53 28.86
N CYS H 62 -34.45 -25.57 29.52
CA CYS H 62 -35.74 -25.46 30.20
C CYS H 62 -35.73 -24.46 31.33
N GLY H 63 -34.56 -24.01 31.78
CA GLY H 63 -34.47 -23.00 32.81
C GLY H 63 -34.54 -23.52 34.23
N LYS H 64 -34.37 -24.82 34.45
CA LYS H 64 -34.41 -25.35 35.80
C LYS H 64 -33.13 -25.06 36.57
N TYR H 65 -31.98 -25.14 35.91
CA TYR H 65 -30.68 -24.92 36.53
C TYR H 65 -30.05 -23.67 35.90
N LYS H 66 -30.07 -22.57 36.66
CA LYS H 66 -29.50 -21.31 36.22
C LYS H 66 -28.40 -20.80 37.15
N ARG H 67 -28.00 -21.61 38.13
CA ARG H 67 -27.05 -21.18 39.16
C ARG H 67 -25.76 -21.99 39.05
N VAL H 68 -24.72 -21.48 39.70
CA VAL H 68 -23.42 -22.14 39.64
C VAL H 68 -23.33 -23.33 40.58
N ARG H 69 -24.21 -23.41 41.59
CA ARG H 69 -24.15 -24.53 42.53
C ARG H 69 -24.23 -25.87 41.81
N PHE H 70 -25.01 -25.93 40.73
CA PHE H 70 -25.16 -27.15 39.95
C PHE H 70 -24.02 -27.22 38.94
N LYS H 71 -22.90 -27.79 39.39
CA LYS H 71 -21.71 -27.95 38.56
C LYS H 71 -21.63 -29.41 38.15
N GLY H 72 -21.89 -29.69 36.87
CA GLY H 72 -21.84 -31.04 36.36
C GLY H 72 -23.15 -31.79 36.38
N ILE H 73 -24.27 -31.10 36.56
CA ILE H 73 -25.58 -31.75 36.61
C ILE H 73 -26.16 -31.81 35.21
N ILE H 74 -26.58 -33.00 34.81
CA ILE H 74 -27.30 -33.18 33.55
C ILE H 74 -28.78 -32.96 33.83
N CYS H 75 -29.31 -31.82 33.38
CA CYS H 75 -30.71 -31.52 33.61
C CYS H 75 -31.59 -32.63 33.03
N GLU H 76 -32.63 -33.00 33.77
CA GLU H 76 -33.50 -34.09 33.35
C GLU H 76 -34.61 -33.64 32.42
N ARG H 77 -34.98 -32.36 32.43
CA ARG H 77 -36.08 -31.88 31.61
C ARG H 77 -35.64 -31.33 30.26
N CYS H 78 -34.37 -30.92 30.12
CA CYS H 78 -33.86 -30.50 28.82
C CYS H 78 -32.56 -31.18 28.42
N GLY H 79 -31.87 -31.86 29.34
CA GLY H 79 -30.71 -32.63 28.96
C GLY H 79 -29.47 -31.82 28.66
N VAL H 80 -29.38 -30.59 29.14
CA VAL H 80 -28.24 -29.72 28.88
C VAL H 80 -27.29 -29.79 30.07
N GLU H 81 -26.00 -29.90 29.77
CA GLU H 81 -25.00 -29.84 30.83
C GLU H 81 -24.82 -28.39 31.30
N VAL H 82 -24.14 -28.22 32.42
CA VAL H 82 -23.97 -26.92 33.05
C VAL H 82 -22.49 -26.62 33.27
N THR H 83 -21.79 -26.25 32.19
CA THR H 83 -20.44 -25.72 32.24
C THR H 83 -20.43 -24.35 31.56
N ARG H 84 -19.24 -23.80 31.34
CA ARG H 84 -19.13 -22.52 30.67
C ARG H 84 -19.44 -22.67 29.19
N ALA H 85 -19.94 -21.58 28.58
CA ALA H 85 -20.23 -21.58 27.16
C ALA H 85 -18.99 -21.84 26.30
N LYS H 86 -17.79 -21.82 26.91
CA LYS H 86 -16.58 -22.11 26.16
C LYS H 86 -16.67 -23.45 25.43
N VAL H 87 -17.43 -24.40 25.96
CA VAL H 87 -17.51 -25.71 25.34
C VAL H 87 -18.18 -25.65 23.97
N ARG H 88 -18.98 -24.61 23.70
CA ARG H 88 -19.53 -24.44 22.36
C ARG H 88 -18.47 -24.10 21.33
N ARG H 89 -17.19 -24.04 21.73
CA ARG H 89 -16.08 -23.85 20.81
C ARG H 89 -15.28 -25.13 20.60
N GLU H 90 -15.68 -26.24 21.23
CA GLU H 90 -14.90 -27.47 21.16
C GLU H 90 -15.72 -28.74 21.08
N ARG H 91 -17.01 -28.72 21.43
CA ARG H 91 -17.84 -29.93 21.34
C ARG H 91 -18.31 -30.12 19.91
N MET H 92 -17.96 -31.26 19.32
CA MET H 92 -18.35 -31.59 17.96
C MET H 92 -19.70 -32.32 17.96
N GLY H 93 -20.45 -32.14 16.88
CA GLY H 93 -21.62 -32.93 16.60
C GLY H 93 -21.38 -33.91 15.47
N HIS H 94 -22.46 -34.52 15.01
CA HIS H 94 -22.36 -35.37 13.83
C HIS H 94 -23.75 -35.69 13.29
N ILE H 95 -23.78 -36.03 12.01
CA ILE H 95 -24.97 -36.51 11.33
C ILE H 95 -24.69 -37.95 10.92
N GLU H 96 -25.58 -38.85 11.32
CA GLU H 96 -25.49 -40.25 10.92
C GLU H 96 -26.20 -40.42 9.59
N LEU H 97 -25.45 -40.79 8.56
CA LEU H 97 -26.00 -40.86 7.22
C LEU H 97 -26.75 -42.17 7.02
N ALA H 98 -27.89 -42.09 6.35
CA ALA H 98 -28.66 -43.28 6.01
C ALA H 98 -28.09 -44.01 4.80
N ALA H 99 -27.08 -43.44 4.14
CA ALA H 99 -26.43 -44.07 3.01
C ALA H 99 -24.98 -43.61 2.99
N PRO H 100 -24.02 -44.51 2.79
CA PRO H 100 -22.61 -44.07 2.76
C PRO H 100 -22.37 -43.03 1.68
N VAL H 101 -21.34 -42.20 1.90
CA VAL H 101 -20.99 -41.10 1.01
C VAL H 101 -19.47 -41.05 0.90
N THR H 102 -18.99 -40.50 -0.21
CA THR H 102 -17.56 -40.43 -0.49
C THR H 102 -17.01 -39.05 -0.18
N HIS H 103 -15.79 -39.02 0.33
CA HIS H 103 -15.09 -37.77 0.62
C HIS H 103 -14.52 -37.22 -0.67
N ILE H 104 -14.97 -36.03 -1.07
CA ILE H 104 -14.59 -35.50 -2.37
C ILE H 104 -13.08 -35.33 -2.48
N TRP H 105 -12.41 -35.10 -1.35
CA TRP H 105 -10.97 -34.87 -1.39
C TRP H 105 -10.23 -36.04 -2.01
N TYR H 106 -10.66 -37.26 -1.71
CA TYR H 106 -9.98 -38.45 -2.22
C TYR H 106 -10.55 -38.94 -3.53
N PHE H 107 -11.67 -38.38 -3.98
CA PHE H 107 -12.22 -38.75 -5.29
C PHE H 107 -11.77 -37.77 -6.37
N LYS H 108 -12.13 -36.49 -6.22
CA LYS H 108 -11.88 -35.52 -7.29
C LYS H 108 -10.51 -34.87 -7.20
N GLY H 109 -9.90 -34.84 -6.02
CA GLY H 109 -8.55 -34.33 -5.90
C GLY H 109 -7.60 -35.07 -6.81
N VAL H 110 -6.85 -34.33 -7.63
CA VAL H 110 -5.96 -34.96 -8.61
C VAL H 110 -4.62 -35.26 -7.96
N PRO H 111 -4.09 -36.49 -8.07
CA PRO H 111 -4.71 -37.65 -8.73
C PRO H 111 -5.80 -38.30 -7.88
N SER H 112 -6.85 -38.79 -8.53
CA SER H 112 -7.94 -39.44 -7.83
C SER H 112 -7.40 -40.59 -6.97
N ARG H 113 -7.40 -40.41 -5.65
CA ARG H 113 -6.84 -41.42 -4.76
C ARG H 113 -7.60 -42.74 -4.88
N LEU H 114 -8.94 -42.67 -4.92
CA LEU H 114 -9.72 -43.90 -5.06
C LEU H 114 -9.43 -44.57 -6.40
N GLY H 115 -9.36 -43.78 -7.48
CA GLY H 115 -9.03 -44.35 -8.78
C GLY H 115 -7.68 -45.02 -8.80
N TYR H 116 -6.74 -44.54 -7.98
CA TYR H 116 -5.45 -45.19 -7.86
C TYR H 116 -5.52 -46.43 -6.99
N LEU H 117 -6.43 -46.46 -6.01
CA LEU H 117 -6.53 -47.60 -5.12
C LEU H 117 -7.24 -48.78 -5.79
N LEU H 118 -8.37 -48.53 -6.44
CA LEU H 118 -9.15 -49.58 -7.07
C LEU H 118 -8.84 -49.74 -8.55
N ASP H 119 -7.84 -49.02 -9.08
CA ASP H 119 -7.49 -49.06 -10.49
C ASP H 119 -8.66 -48.66 -11.39
N LEU H 120 -9.60 -47.89 -10.86
CA LEU H 120 -10.73 -47.42 -11.63
C LEU H 120 -10.42 -46.04 -12.22
N ALA H 121 -10.83 -45.85 -13.47
CA ALA H 121 -10.62 -44.56 -14.11
C ALA H 121 -11.42 -43.48 -13.38
N PRO H 122 -10.89 -42.25 -13.30
CA PRO H 122 -11.66 -41.19 -12.62
C PRO H 122 -13.04 -40.96 -13.21
N LYS H 123 -13.19 -41.06 -14.53
CA LYS H 123 -14.50 -40.84 -15.14
C LYS H 123 -15.45 -41.99 -14.83
N ASP H 124 -14.96 -43.23 -14.90
CA ASP H 124 -15.76 -44.37 -14.49
C ASP H 124 -16.19 -44.23 -13.03
N LEU H 125 -15.27 -43.83 -12.17
CA LEU H 125 -15.59 -43.63 -10.75
C LEU H 125 -16.63 -42.53 -10.59
N GLU H 126 -16.52 -41.46 -11.38
CA GLU H 126 -17.52 -40.40 -11.32
C GLU H 126 -18.89 -40.92 -11.71
N LYS H 127 -18.95 -41.76 -12.74
CA LYS H 127 -20.24 -42.35 -13.11
C LYS H 127 -20.79 -43.23 -11.99
N ILE H 128 -19.94 -44.01 -11.33
CA ILE H 128 -20.41 -44.88 -10.27
C ILE H 128 -20.98 -44.05 -9.11
N ILE H 129 -20.19 -43.11 -8.60
CA ILE H 129 -20.55 -42.44 -7.35
C ILE H 129 -21.86 -41.67 -7.53
N TYR H 130 -22.01 -40.97 -8.66
CA TYR H 130 -23.16 -40.09 -8.89
C TYR H 130 -24.28 -40.78 -9.66
N PHE H 131 -24.37 -42.11 -9.55
CA PHE H 131 -25.52 -42.88 -10.05
C PHE H 131 -25.75 -42.64 -11.54
N ALA H 132 -24.68 -42.84 -12.31
CA ALA H 132 -24.75 -42.83 -13.77
C ALA H 132 -24.42 -44.18 -14.39
N ALA H 133 -23.89 -45.12 -13.61
CA ALA H 133 -23.56 -46.44 -14.13
C ALA H 133 -23.49 -47.41 -12.96
N TYR H 134 -24.01 -48.62 -13.15
CA TYR H 134 -23.87 -49.66 -12.16
C TYR H 134 -22.45 -50.25 -12.20
N VAL H 135 -22.08 -50.92 -11.12
CA VAL H 135 -20.77 -51.55 -11.00
C VAL H 135 -20.95 -52.93 -10.38
N ILE H 136 -20.19 -53.89 -10.89
CA ILE H 136 -20.25 -55.28 -10.41
C ILE H 136 -19.37 -55.38 -9.17
N THR H 137 -19.99 -55.76 -8.04
CA THR H 137 -19.24 -55.93 -6.80
C THR H 137 -18.68 -57.33 -6.66
N SER H 138 -19.43 -58.35 -7.09
CA SER H 138 -18.99 -59.73 -6.99
C SER H 138 -19.73 -60.56 -8.03
N VAL H 139 -19.11 -61.66 -8.43
CA VAL H 139 -19.71 -62.58 -9.40
C VAL H 139 -19.26 -63.99 -9.06
N ASP H 140 -20.23 -64.90 -8.94
CA ASP H 140 -19.96 -66.31 -8.65
C ASP H 140 -19.54 -66.99 -9.94
N GLU H 141 -18.23 -66.96 -10.22
CA GLU H 141 -17.74 -67.47 -11.49
C GLU H 141 -17.84 -68.99 -11.58
N GLU H 142 -17.77 -69.69 -10.43
CA GLU H 142 -17.77 -71.15 -10.46
C GLU H 142 -19.16 -71.68 -10.81
N MET H 143 -20.20 -71.12 -10.19
CA MET H 143 -21.57 -71.50 -10.54
C MET H 143 -21.84 -71.19 -12.01
N ARG H 144 -21.36 -70.06 -12.49
CA ARG H 144 -21.50 -69.73 -13.91
C ARG H 144 -20.81 -70.78 -14.78
N HIS H 145 -19.62 -71.21 -14.37
CA HIS H 145 -18.93 -72.24 -15.15
C HIS H 145 -19.71 -73.54 -15.16
N ASN H 146 -20.36 -73.86 -14.05
CA ASN H 146 -21.14 -75.09 -13.95
C ASN H 146 -22.48 -75.01 -14.65
N GLU H 147 -22.94 -73.80 -15.02
CA GLU H 147 -24.22 -73.65 -15.73
C GLU H 147 -24.08 -73.03 -17.12
N LEU H 148 -22.85 -72.82 -17.59
CA LEU H 148 -22.65 -72.11 -18.85
C LEU H 148 -23.29 -72.83 -20.03
N SER H 149 -23.14 -74.14 -20.11
CA SER H 149 -23.69 -74.87 -21.26
C SER H 149 -25.19 -74.67 -21.37
N THR H 150 -25.90 -74.83 -20.25
CA THR H 150 -27.35 -74.68 -20.26
C THR H 150 -27.75 -73.25 -20.61
N LEU H 151 -27.08 -72.26 -20.01
CA LEU H 151 -27.42 -70.87 -20.33
C LEU H 151 -27.17 -70.56 -21.79
N GLU H 152 -26.09 -71.11 -22.36
CA GLU H 152 -25.79 -70.92 -23.77
C GLU H 152 -26.89 -71.49 -24.65
N ALA H 153 -27.33 -72.72 -24.34
CA ALA H 153 -28.39 -73.33 -25.13
C ALA H 153 -29.67 -72.49 -25.08
N GLU H 154 -30.03 -72.00 -23.89
CA GLU H 154 -31.25 -71.21 -23.77
C GLU H 154 -31.14 -69.89 -24.54
N MET H 155 -29.99 -69.22 -24.45
CA MET H 155 -29.79 -67.99 -25.22
C MET H 155 -29.90 -68.26 -26.72
N ALA H 156 -29.30 -69.36 -27.18
CA ALA H 156 -29.36 -69.69 -28.61
C ALA H 156 -30.80 -69.94 -29.04
N VAL H 157 -31.58 -70.64 -28.22
CA VAL H 157 -32.98 -70.90 -28.56
C VAL H 157 -33.75 -69.58 -28.64
N GLU H 158 -33.45 -68.65 -27.73
CA GLU H 158 -34.12 -67.35 -27.77
C GLU H 158 -33.80 -66.61 -29.07
N ARG H 159 -32.52 -66.58 -29.46
CA ARG H 159 -32.15 -65.94 -30.71
C ARG H 159 -32.86 -66.60 -31.90
N LYS H 160 -32.91 -67.93 -31.90
CA LYS H 160 -33.58 -68.63 -33.00
C LYS H 160 -35.07 -68.30 -33.04
N ALA H 161 -35.70 -68.17 -31.87
CA ALA H 161 -37.12 -67.79 -31.84
C ALA H 161 -37.31 -66.42 -32.47
N VAL H 162 -36.46 -65.46 -32.12
CA VAL H 162 -36.53 -64.14 -32.75
C VAL H 162 -36.44 -64.29 -34.27
N GLU H 163 -35.45 -65.06 -34.75
CA GLU H 163 -35.26 -65.17 -36.19
C GLU H 163 -36.46 -65.81 -36.87
N ASP H 164 -37.02 -66.87 -36.27
CA ASP H 164 -38.17 -67.55 -36.87
C ASP H 164 -39.37 -66.62 -36.96
N GLN H 165 -39.68 -65.92 -35.86
CA GLN H 165 -40.79 -64.99 -35.88
C GLN H 165 -40.57 -63.90 -36.94
N ARG H 166 -39.34 -63.40 -37.04
CA ARG H 166 -39.03 -62.41 -38.05
C ARG H 166 -39.34 -62.92 -39.44
N ASP H 167 -38.88 -64.14 -39.76
CA ASP H 167 -39.08 -64.68 -41.10
C ASP H 167 -40.55 -64.86 -41.41
N GLY H 168 -41.32 -65.39 -40.45
CA GLY H 168 -42.75 -65.54 -40.67
C GLY H 168 -43.45 -64.21 -40.94
N GLU H 169 -43.11 -63.20 -40.13
CA GLU H 169 -43.73 -61.89 -40.30
C GLU H 169 -43.37 -61.28 -41.65
N LEU H 170 -42.10 -61.37 -42.03
CA LEU H 170 -41.67 -60.87 -43.33
C LEU H 170 -42.39 -61.58 -44.46
N GLU H 171 -42.60 -62.89 -44.31
CA GLU H 171 -43.33 -63.64 -45.33
C GLU H 171 -44.75 -63.13 -45.47
N ALA H 172 -45.44 -62.93 -44.35
CA ALA H 172 -46.80 -62.40 -44.40
C ALA H 172 -46.81 -61.08 -45.17
N ARG H 173 -45.90 -60.17 -44.82
CA ARG H 173 -45.92 -58.86 -45.47
C ARG H 173 -45.61 -58.98 -46.96
N ALA H 174 -44.64 -59.81 -47.33
CA ALA H 174 -44.27 -59.93 -48.74
C ALA H 174 -45.42 -60.50 -49.57
N GLN H 175 -46.14 -61.48 -49.01
CA GLN H 175 -47.25 -62.07 -49.75
C GLN H 175 -48.39 -61.07 -49.87
N LYS H 176 -48.68 -60.31 -48.81
CA LYS H 176 -49.68 -59.26 -48.96
C LYS H 176 -49.24 -58.23 -49.97
N LEU H 177 -47.93 -57.96 -50.08
CA LEU H 177 -47.44 -57.02 -51.07
C LEU H 177 -47.73 -57.52 -52.48
N GLU H 178 -47.38 -58.77 -52.78
CA GLU H 178 -47.64 -59.31 -54.11
C GLU H 178 -49.13 -59.30 -54.41
N ALA H 179 -49.96 -59.72 -53.45
CA ALA H 179 -51.39 -59.76 -53.67
C ALA H 179 -51.95 -58.36 -53.90
N ASP H 180 -51.47 -57.38 -53.14
CA ASP H 180 -51.96 -56.02 -53.29
C ASP H 180 -51.55 -55.43 -54.63
N LEU H 181 -50.33 -55.73 -55.09
CA LEU H 181 -49.93 -55.23 -56.40
C LEU H 181 -50.78 -55.85 -57.49
N ALA H 182 -51.06 -57.15 -57.41
CA ALA H 182 -51.95 -57.78 -58.38
C ALA H 182 -53.35 -57.15 -58.33
N GLU H 183 -53.83 -56.86 -57.12
CA GLU H 183 -55.18 -56.31 -56.98
C GLU H 183 -55.27 -54.90 -57.53
N LEU H 184 -54.28 -54.05 -57.21
CA LEU H 184 -54.23 -52.70 -57.76
C LEU H 184 -53.96 -52.72 -59.27
N GLU H 185 -53.41 -53.82 -59.78
CA GLU H 185 -53.32 -53.97 -61.24
C GLU H 185 -54.67 -54.32 -61.84
N ALA H 186 -55.45 -55.16 -61.15
CA ALA H 186 -56.82 -55.43 -61.61
C ALA H 186 -57.64 -54.15 -61.63
N GLU H 187 -57.42 -53.27 -60.66
CA GLU H 187 -58.08 -51.97 -60.66
C GLU H 187 -57.57 -51.06 -61.77
N GLY H 188 -56.45 -51.39 -62.39
CA GLY H 188 -55.95 -50.62 -63.52
C GLY H 188 -55.17 -49.39 -63.16
N ALA H 189 -54.68 -49.28 -61.93
CA ALA H 189 -53.93 -48.10 -61.52
C ALA H 189 -52.65 -47.98 -62.33
N LYS H 190 -52.18 -46.75 -62.48
CA LYS H 190 -50.95 -46.48 -63.22
C LYS H 190 -49.75 -47.08 -62.47
N ALA H 191 -48.75 -47.49 -63.25
CA ALA H 191 -47.60 -48.19 -62.68
C ALA H 191 -46.88 -47.36 -61.63
N ASP H 192 -47.00 -46.03 -61.68
CA ASP H 192 -46.34 -45.19 -60.68
C ASP H 192 -46.94 -45.41 -59.30
N ALA H 193 -48.27 -45.54 -59.22
CA ALA H 193 -48.91 -45.86 -57.95
C ALA H 193 -48.44 -47.20 -57.42
N ARG H 194 -48.30 -48.19 -58.31
CA ARG H 194 -47.79 -49.49 -57.88
C ARG H 194 -46.36 -49.37 -57.38
N ARG H 195 -45.56 -48.49 -57.99
CA ARG H 195 -44.21 -48.26 -57.48
C ARG H 195 -44.25 -47.66 -56.08
N LYS H 196 -45.19 -46.75 -55.83
CA LYS H 196 -45.36 -46.20 -54.49
C LYS H 196 -45.66 -47.32 -53.48
N VAL H 197 -46.65 -48.16 -53.80
CA VAL H 197 -47.02 -49.25 -52.88
C VAL H 197 -45.85 -50.22 -52.71
N ARG H 198 -45.09 -50.45 -53.78
CA ARG H 198 -43.93 -51.33 -53.73
C ARG H 198 -42.90 -50.82 -52.73
N ASP H 199 -42.51 -49.55 -52.88
CA ASP H 199 -41.55 -48.97 -51.96
C ASP H 199 -42.09 -48.95 -50.54
N GLY H 200 -43.40 -48.75 -50.38
CA GLY H 200 -43.98 -48.80 -49.04
C GLY H 200 -43.84 -50.17 -48.40
N GLY H 201 -44.11 -51.22 -49.16
CA GLY H 201 -43.93 -52.56 -48.64
C GLY H 201 -42.50 -52.87 -48.27
N GLU H 202 -41.55 -52.48 -49.14
CA GLU H 202 -40.15 -52.67 -48.81
C GLU H 202 -39.78 -51.90 -47.54
N ARG H 203 -40.32 -50.69 -47.38
CA ARG H 203 -40.08 -49.91 -46.18
C ARG H 203 -40.57 -50.64 -44.93
N GLU H 204 -41.80 -51.15 -44.97
CA GLU H 204 -42.35 -51.84 -43.81
C GLU H 204 -41.55 -53.10 -43.49
N MET H 205 -41.16 -53.86 -44.51
CA MET H 205 -40.36 -55.06 -44.27
C MET H 205 -39.02 -54.70 -43.65
N ARG H 206 -38.42 -53.59 -44.09
CA ARG H 206 -37.16 -53.15 -43.47
C ARG H 206 -37.37 -52.80 -42.01
N GLN H 207 -38.48 -52.13 -41.69
CA GLN H 207 -38.75 -51.80 -40.28
C GLN H 207 -38.89 -53.07 -39.45
N ILE H 208 -39.58 -54.08 -39.98
CA ILE H 208 -39.73 -55.34 -39.25
C ILE H 208 -38.36 -55.98 -39.01
N ARG H 209 -37.57 -56.09 -40.08
CA ARG H 209 -36.25 -56.68 -39.94
C ARG H 209 -35.39 -55.91 -38.96
N ASP H 210 -35.55 -54.59 -38.89
CA ASP H 210 -34.73 -53.80 -37.99
C ASP H 210 -35.17 -53.95 -36.54
N ARG H 211 -36.48 -54.06 -36.30
CA ARG H 211 -36.94 -54.46 -34.98
C ARG H 211 -36.25 -55.75 -34.55
N ALA H 212 -36.31 -56.77 -35.43
CA ALA H 212 -35.70 -58.05 -35.10
C ALA H 212 -34.19 -57.92 -34.89
N GLN H 213 -33.54 -57.05 -35.66
CA GLN H 213 -32.09 -56.91 -35.57
C GLN H 213 -31.69 -56.21 -34.27
N ARG H 214 -32.41 -55.17 -33.87
CA ARG H 214 -32.14 -54.55 -32.58
C ARG H 214 -32.32 -55.57 -31.46
N GLU H 215 -33.38 -56.38 -31.53
CA GLU H 215 -33.58 -57.40 -30.50
C GLU H 215 -32.44 -58.40 -30.48
N LEU H 216 -32.00 -58.85 -31.67
CA LEU H 216 -30.93 -59.82 -31.76
C LEU H 216 -29.63 -59.25 -31.21
N ASP H 217 -29.33 -57.99 -31.52
CA ASP H 217 -28.11 -57.37 -31.02
C ASP H 217 -28.19 -57.15 -29.51
N ARG H 218 -29.37 -56.84 -28.98
CA ARG H 218 -29.53 -56.79 -27.52
C ARG H 218 -29.19 -58.13 -26.90
N LEU H 219 -29.72 -59.22 -27.47
CA LEU H 219 -29.41 -60.53 -26.92
C LEU H 219 -27.92 -60.85 -27.03
N GLU H 220 -27.30 -60.49 -28.15
CA GLU H 220 -25.87 -60.69 -28.32
C GLU H 220 -25.08 -59.96 -27.25
N ASP H 221 -25.43 -58.68 -27.01
CA ASP H 221 -24.71 -57.89 -26.01
C ASP H 221 -24.91 -58.46 -24.61
N ILE H 222 -26.14 -58.88 -24.31
CA ILE H 222 -26.42 -59.47 -23.00
C ILE H 222 -25.53 -60.68 -22.77
N TRP H 223 -25.52 -61.62 -23.74
CA TRP H 223 -24.72 -62.82 -23.58
C TRP H 223 -23.24 -62.50 -23.50
N SER H 224 -22.77 -61.58 -24.35
CA SER H 224 -21.35 -61.23 -24.35
C SER H 224 -20.95 -60.64 -23.00
N THR H 225 -21.78 -59.77 -22.43
CA THR H 225 -21.44 -59.15 -21.16
C THR H 225 -21.47 -60.16 -20.03
N PHE H 226 -22.45 -61.06 -20.03
CA PHE H 226 -22.51 -62.05 -18.96
C PHE H 226 -21.37 -63.06 -19.06
N THR H 227 -20.95 -63.41 -20.28
CA THR H 227 -19.84 -64.35 -20.43
C THR H 227 -18.54 -63.75 -19.92
N LYS H 228 -18.27 -62.51 -20.30
CA LYS H 228 -17.04 -61.81 -19.90
C LYS H 228 -17.33 -60.83 -18.76
N LEU H 229 -17.95 -61.32 -17.70
CA LEU H 229 -18.33 -60.50 -16.56
C LEU H 229 -17.28 -60.63 -15.47
N ALA H 230 -16.79 -59.50 -14.99
CA ALA H 230 -15.75 -59.44 -13.98
C ALA H 230 -16.08 -58.30 -13.02
N PRO H 231 -15.53 -58.33 -11.81
CA PRO H 231 -15.70 -57.18 -10.91
C PRO H 231 -15.11 -55.92 -11.49
N LYS H 232 -15.53 -54.78 -10.92
CA LYS H 232 -15.08 -53.45 -11.32
C LYS H 232 -15.53 -53.06 -12.71
N GLN H 233 -16.42 -53.83 -13.33
CA GLN H 233 -16.92 -53.48 -14.66
C GLN H 233 -18.08 -52.50 -14.53
N LEU H 234 -18.19 -51.60 -15.49
CA LEU H 234 -19.23 -50.58 -15.52
C LEU H 234 -20.26 -50.91 -16.58
N ILE H 235 -21.53 -50.63 -16.27
CA ILE H 235 -22.64 -50.86 -17.18
C ILE H 235 -23.42 -49.56 -17.24
N VAL H 236 -23.14 -48.75 -18.27
CA VAL H 236 -23.80 -47.45 -18.38
C VAL H 236 -25.25 -47.59 -18.81
N ASP H 237 -25.56 -48.63 -19.59
CA ASP H 237 -26.93 -48.84 -20.06
C ASP H 237 -27.76 -49.42 -18.93
N GLU H 238 -28.78 -48.68 -18.51
CA GLU H 238 -29.61 -49.13 -17.38
C GLU H 238 -30.47 -50.32 -17.78
N ASN H 239 -31.03 -50.29 -18.99
CA ASN H 239 -31.84 -51.42 -19.46
C ASN H 239 -31.01 -52.70 -19.53
N LEU H 240 -29.74 -52.58 -19.91
CA LEU H 240 -28.88 -53.75 -19.97
C LEU H 240 -28.69 -54.36 -18.58
N TYR H 241 -28.42 -53.52 -17.58
CA TYR H 241 -28.24 -54.04 -16.23
C TYR H 241 -29.53 -54.63 -15.69
N ARG H 242 -30.67 -54.01 -16.00
CA ARG H 242 -31.95 -54.59 -15.59
C ARG H 242 -32.14 -55.96 -16.22
N GLU H 243 -31.81 -56.11 -17.50
CA GLU H 243 -31.88 -57.42 -18.14
C GLU H 243 -30.96 -58.41 -17.47
N LEU H 244 -29.74 -57.97 -17.11
CA LEU H 244 -28.79 -58.87 -16.47
C LEU H 244 -29.31 -59.37 -15.14
N VAL H 245 -29.91 -58.48 -14.34
CA VAL H 245 -30.46 -58.92 -13.05
C VAL H 245 -31.69 -59.80 -13.26
N ASP H 246 -32.51 -59.48 -14.28
CA ASP H 246 -33.72 -60.25 -14.53
C ASP H 246 -33.38 -61.66 -15.01
N ARG H 247 -32.27 -61.83 -15.71
CA ARG H 247 -31.90 -63.13 -16.26
C ARG H 247 -30.93 -63.87 -15.34
N TYR H 248 -29.71 -63.37 -15.23
CA TYR H 248 -28.62 -64.04 -14.53
C TYR H 248 -28.31 -63.37 -13.20
N GLY H 249 -29.34 -62.88 -12.51
CA GLY H 249 -29.12 -62.24 -11.23
C GLY H 249 -28.58 -63.17 -10.16
N GLU H 250 -28.80 -64.48 -10.31
CA GLU H 250 -28.35 -65.45 -9.32
C GLU H 250 -26.84 -65.65 -9.34
N TYR H 251 -26.15 -65.18 -10.37
CA TYR H 251 -24.73 -65.48 -10.54
C TYR H 251 -23.81 -64.34 -10.11
N PHE H 252 -24.29 -63.09 -10.16
CA PHE H 252 -23.47 -61.94 -9.81
C PHE H 252 -24.25 -61.01 -8.90
N THR H 253 -23.52 -60.04 -8.33
CA THR H 253 -24.09 -59.01 -7.48
C THR H 253 -23.52 -57.67 -7.93
N GLY H 254 -24.41 -56.71 -8.19
CA GLY H 254 -24.00 -55.38 -8.58
C GLY H 254 -24.72 -54.33 -7.77
N ALA H 255 -24.16 -53.12 -7.79
CA ALA H 255 -24.72 -52.02 -7.02
C ALA H 255 -24.27 -50.71 -7.64
N MET H 256 -24.77 -49.61 -7.08
CA MET H 256 -24.51 -48.27 -7.59
C MET H 256 -24.12 -47.35 -6.44
N GLY H 257 -23.70 -46.14 -6.79
CA GLY H 257 -23.44 -45.13 -5.79
C GLY H 257 -22.19 -45.38 -4.97
N ALA H 258 -22.13 -44.69 -3.83
CA ALA H 258 -20.95 -44.75 -2.97
C ALA H 258 -20.90 -46.02 -2.14
N GLU H 259 -22.07 -46.59 -1.79
CA GLU H 259 -22.08 -47.86 -1.06
C GLU H 259 -21.42 -48.95 -1.88
N SER H 260 -21.54 -48.89 -3.21
CA SER H 260 -20.87 -49.88 -4.06
C SER H 260 -19.35 -49.77 -3.94
N ILE H 261 -18.82 -48.55 -3.93
CA ILE H 261 -17.38 -48.39 -3.77
C ILE H 261 -16.94 -48.81 -2.37
N GLN H 262 -17.78 -48.55 -1.37
CA GLN H 262 -17.50 -49.09 -0.04
C GLN H 262 -17.33 -50.60 -0.10
N LYS H 263 -18.25 -51.27 -0.81
CA LYS H 263 -18.15 -52.72 -0.95
C LYS H 263 -16.90 -53.12 -1.71
N LEU H 264 -16.55 -52.37 -2.76
CA LEU H 264 -15.34 -52.68 -3.52
C LEU H 264 -14.10 -52.59 -2.64
N ILE H 265 -14.02 -51.57 -1.80
CA ILE H 265 -12.89 -51.46 -0.87
C ILE H 265 -12.91 -52.62 0.11
N GLU H 266 -14.09 -53.05 0.54
CA GLU H 266 -14.16 -54.17 1.48
C GLU H 266 -13.59 -55.45 0.84
N ASN H 267 -14.00 -55.73 -0.39
CA ASN H 267 -13.53 -56.93 -1.10
C ASN H 267 -12.25 -56.62 -1.87
N PHE H 268 -11.23 -56.17 -1.14
CA PHE H 268 -9.96 -55.74 -1.73
C PHE H 268 -8.82 -56.23 -0.84
N ASP H 269 -7.89 -56.96 -1.44
CA ASP H 269 -6.70 -57.43 -0.74
C ASP H 269 -5.59 -56.40 -0.96
N ILE H 270 -5.26 -55.65 0.08
CA ILE H 270 -4.29 -54.57 -0.05
C ILE H 270 -2.89 -55.13 -0.32
N ASP H 271 -2.47 -56.11 0.48
CA ASP H 271 -1.12 -56.65 0.37
C ASP H 271 -0.90 -57.30 -0.99
N ALA H 272 -1.88 -58.04 -1.49
CA ALA H 272 -1.73 -58.74 -2.76
C ALA H 272 -1.53 -57.76 -3.90
N GLU H 273 -2.37 -56.72 -3.95
CA GLU H 273 -2.23 -55.70 -4.99
C GLU H 273 -0.90 -54.96 -4.85
N ALA H 274 -0.46 -54.72 -3.61
CA ALA H 274 0.84 -54.10 -3.40
C ALA H 274 1.96 -54.93 -4.02
N GLU H 275 1.96 -56.22 -3.76
CA GLU H 275 3.02 -57.07 -4.30
C GLU H 275 2.90 -57.21 -5.82
N SER H 276 1.68 -57.18 -6.36
CA SER H 276 1.52 -57.18 -7.81
C SER H 276 2.17 -55.93 -8.41
N LEU H 277 1.92 -54.76 -7.81
CA LEU H 277 2.52 -53.54 -8.29
C LEU H 277 4.04 -53.59 -8.19
N ARG H 278 4.56 -54.16 -7.10
CA ARG H 278 6.01 -54.28 -6.98
C ARG H 278 6.57 -55.20 -8.05
N ASP H 279 5.87 -56.29 -8.36
CA ASP H 279 6.33 -57.16 -9.44
C ASP H 279 6.37 -56.41 -10.76
N VAL H 280 5.35 -55.60 -11.03
CA VAL H 280 5.37 -54.79 -12.24
C VAL H 280 6.54 -53.80 -12.20
N ILE H 281 6.90 -53.33 -11.02
CA ILE H 281 7.93 -52.30 -10.90
C ILE H 281 9.31 -52.90 -11.17
N ARG H 282 9.61 -54.05 -10.55
CA ARG H 282 10.92 -54.66 -10.71
C ARG H 282 11.30 -54.78 -12.19
N ASN H 283 10.31 -55.04 -13.05
CA ASN H 283 10.57 -55.38 -14.45
C ASN H 283 9.38 -54.89 -15.27
N GLY H 284 9.56 -53.74 -15.92
CA GLY H 284 8.47 -53.17 -16.71
C GLY H 284 8.96 -52.00 -17.54
N LYS H 285 8.10 -51.61 -18.47
CA LYS H 285 8.38 -50.46 -19.34
C LYS H 285 8.08 -49.17 -18.59
N GLY H 286 8.95 -48.17 -18.77
CA GLY H 286 8.70 -46.87 -18.15
C GLY H 286 7.28 -46.39 -18.39
N GLN H 287 6.81 -46.50 -19.64
CA GLN H 287 5.45 -46.11 -19.99
C GLN H 287 4.44 -46.68 -19.01
N LYS H 288 4.46 -47.99 -18.82
CA LYS H 288 3.54 -48.67 -17.92
C LYS H 288 4.13 -48.89 -16.53
N LYS H 289 5.34 -48.41 -16.28
CA LYS H 289 5.95 -48.51 -14.97
C LYS H 289 5.68 -47.28 -14.11
N LEU H 290 5.60 -46.09 -14.71
CA LEU H 290 5.28 -44.90 -13.93
C LEU H 290 3.88 -44.99 -13.34
N ARG H 291 2.91 -45.45 -14.14
CA ARG H 291 1.55 -45.58 -13.66
C ARG H 291 1.45 -46.57 -12.50
N ALA H 292 2.32 -47.58 -12.48
CA ALA H 292 2.32 -48.54 -11.38
C ALA H 292 3.08 -48.01 -10.16
N LEU H 293 4.16 -47.27 -10.40
CA LEU H 293 4.89 -46.64 -9.31
C LEU H 293 3.99 -45.70 -8.51
N LYS H 294 3.27 -44.83 -9.22
CA LYS H 294 2.41 -43.87 -8.53
C LYS H 294 1.27 -44.56 -7.79
N ARG H 295 0.75 -45.66 -8.34
CA ARG H 295 -0.28 -46.41 -7.64
C ARG H 295 0.28 -47.05 -6.36
N LEU H 296 1.48 -47.63 -6.45
CA LEU H 296 2.12 -48.17 -5.26
C LEU H 296 2.28 -47.09 -4.20
N LYS H 297 2.64 -45.88 -4.63
CA LYS H 297 2.81 -44.79 -3.67
C LYS H 297 1.59 -44.64 -2.78
N VAL H 298 0.40 -44.89 -3.32
CA VAL H 298 -0.84 -44.77 -2.56
C VAL H 298 -1.18 -46.04 -1.81
N VAL H 299 -0.95 -47.20 -2.42
CA VAL H 299 -1.40 -48.45 -1.82
C VAL H 299 -0.51 -48.84 -0.64
N ALA H 300 0.81 -48.69 -0.79
CA ALA H 300 1.72 -49.06 0.29
C ALA H 300 1.47 -48.25 1.54
N ALA H 301 0.92 -47.04 1.41
CA ALA H 301 0.57 -46.24 2.57
C ALA H 301 -0.47 -46.97 3.43
N PHE H 302 -1.60 -47.33 2.82
CA PHE H 302 -2.61 -48.10 3.54
C PHE H 302 -2.05 -49.42 4.02
N GLN H 303 -1.11 -50.01 3.29
CA GLN H 303 -0.54 -51.28 3.70
C GLN H 303 0.23 -51.13 5.02
N GLN H 304 1.22 -50.24 5.05
CA GLN H 304 2.08 -50.14 6.23
C GLN H 304 1.37 -49.47 7.40
N SER H 305 0.74 -48.31 7.15
CA SER H 305 0.26 -47.49 8.26
C SER H 305 -0.70 -48.25 9.17
N GLY H 306 -1.48 -49.18 8.63
CA GLY H 306 -2.45 -49.92 9.41
C GLY H 306 -3.84 -49.32 9.44
N ASN H 307 -4.08 -48.22 8.72
CA ASN H 307 -5.41 -47.63 8.61
C ASN H 307 -6.11 -48.18 7.38
N SER H 308 -7.41 -48.46 7.53
CA SER H 308 -8.15 -49.08 6.44
C SER H 308 -8.52 -48.02 5.40
N PRO H 309 -8.49 -48.37 4.11
CA PRO H 309 -8.98 -47.42 3.10
C PRO H 309 -10.44 -47.08 3.23
N MET H 310 -11.20 -47.90 3.96
CA MET H 310 -12.64 -47.64 4.12
C MET H 310 -12.91 -46.25 4.65
N GLY H 311 -11.94 -45.63 5.33
CA GLY H 311 -12.12 -44.28 5.83
C GLY H 311 -12.46 -43.26 4.76
N MET H 312 -12.10 -43.53 3.51
CA MET H 312 -12.42 -42.58 2.44
C MET H 312 -13.91 -42.54 2.15
N VAL H 313 -14.67 -43.53 2.61
CA VAL H 313 -16.13 -43.53 2.49
C VAL H 313 -16.71 -43.32 3.89
N LEU H 314 -17.60 -42.34 4.01
CA LEU H 314 -18.10 -41.90 5.29
C LEU H 314 -19.50 -42.42 5.55
N ASP H 315 -19.73 -42.91 6.77
CA ASP H 315 -21.06 -43.23 7.25
C ASP H 315 -21.66 -42.14 8.12
N ALA H 316 -20.82 -41.29 8.71
CA ALA H 316 -21.26 -40.16 9.52
C ALA H 316 -20.36 -38.98 9.24
N VAL H 317 -20.93 -37.78 9.27
CA VAL H 317 -20.21 -36.54 8.98
C VAL H 317 -20.18 -35.69 10.24
N PRO H 318 -19.03 -35.15 10.64
CA PRO H 318 -18.98 -34.35 11.85
C PRO H 318 -19.56 -32.96 11.66
N VAL H 319 -20.03 -32.39 12.76
CA VAL H 319 -20.62 -31.06 12.81
C VAL H 319 -19.68 -30.16 13.60
N ILE H 320 -19.27 -29.06 12.97
CA ILE H 320 -18.30 -28.14 13.57
C ILE H 320 -18.97 -27.38 14.71
N PRO H 321 -18.27 -27.08 15.81
CA PRO H 321 -18.93 -26.42 16.95
C PRO H 321 -19.61 -25.13 16.53
N PRO H 322 -20.62 -24.68 17.29
CA PRO H 322 -21.39 -23.52 16.84
C PRO H 322 -20.60 -22.23 16.79
N GLU H 323 -19.67 -22.02 17.73
CA GLU H 323 -18.94 -20.75 17.77
C GLU H 323 -18.05 -20.55 16.55
N LEU H 324 -17.71 -21.63 15.84
CA LEU H 324 -16.95 -21.54 14.61
C LEU H 324 -17.83 -21.42 13.38
N ARG H 325 -19.15 -21.44 13.56
CA ARG H 325 -20.12 -21.15 12.49
C ARG H 325 -21.19 -20.24 13.07
N PRO H 326 -20.81 -19.08 13.58
CA PRO H 326 -21.73 -18.29 14.40
C PRO H 326 -22.80 -17.61 13.56
N MET H 327 -23.90 -17.27 14.23
CA MET H 327 -25.02 -16.57 13.64
C MET H 327 -25.20 -15.25 14.37
N VAL H 328 -24.95 -14.15 13.68
CA VAL H 328 -24.95 -12.83 14.29
C VAL H 328 -26.26 -12.13 13.95
N GLN H 329 -26.62 -11.16 14.78
CA GLN H 329 -27.80 -10.36 14.61
C GLN H 329 -27.45 -9.01 13.98
N LEU H 330 -28.35 -8.51 13.14
CA LEU H 330 -28.15 -7.24 12.46
C LEU H 330 -28.89 -6.13 13.21
N ASP H 331 -28.41 -4.90 13.04
CA ASP H 331 -29.00 -3.75 13.71
C ASP H 331 -30.42 -3.46 13.24
N GLY H 332 -30.87 -4.10 12.17
CA GLY H 332 -32.23 -3.94 11.68
C GLY H 332 -33.20 -4.99 12.16
N GLY H 333 -32.80 -5.82 13.12
CA GLY H 333 -33.65 -6.88 13.63
C GLY H 333 -33.53 -8.19 12.88
N ARG H 334 -32.99 -8.18 11.67
CA ARG H 334 -32.81 -9.39 10.88
C ARG H 334 -31.53 -10.11 11.33
N PHE H 335 -31.28 -11.27 10.73
CA PHE H 335 -30.17 -12.14 11.12
C PHE H 335 -29.25 -12.39 9.94
N ALA H 336 -27.95 -12.49 10.22
CA ALA H 336 -26.96 -12.96 9.27
C ALA H 336 -26.32 -14.20 9.84
N THR H 337 -26.01 -15.17 8.98
CA THR H 337 -25.48 -16.44 9.42
C THR H 337 -24.27 -16.83 8.58
N SER H 338 -23.51 -17.79 9.09
CA SER H 338 -22.38 -18.33 8.36
C SER H 338 -22.85 -19.23 7.23
N ASP H 339 -22.06 -19.29 6.16
CA ASP H 339 -22.39 -20.17 5.04
C ASP H 339 -22.37 -21.64 5.45
N LEU H 340 -21.51 -22.00 6.40
CA LEU H 340 -21.47 -23.38 6.86
C LEU H 340 -22.82 -23.82 7.42
N ASN H 341 -23.56 -22.91 8.05
CA ASN H 341 -24.88 -23.27 8.55
C ASN H 341 -25.80 -23.66 7.39
N ASP H 342 -25.77 -22.89 6.30
CA ASP H 342 -26.59 -23.24 5.14
C ASP H 342 -26.17 -24.57 4.55
N LEU H 343 -24.87 -24.81 4.45
CA LEU H 343 -24.38 -26.07 3.87
C LEU H 343 -24.81 -27.26 4.73
N TYR H 344 -24.49 -27.22 6.02
CA TYR H 344 -24.90 -28.27 6.94
C TYR H 344 -26.42 -28.47 6.91
N ARG H 345 -27.17 -27.38 6.83
CA ARG H 345 -28.62 -27.46 6.86
C ARG H 345 -29.15 -28.17 5.61
N ARG H 346 -28.60 -27.85 4.44
CA ARG H 346 -29.00 -28.52 3.22
C ARG H 346 -28.69 -30.01 3.30
N VAL H 347 -27.51 -30.35 3.83
CA VAL H 347 -27.14 -31.76 3.98
C VAL H 347 -28.13 -32.46 4.89
N ILE H 348 -28.49 -31.83 6.01
CA ILE H 348 -29.41 -32.44 6.96
C ILE H 348 -30.78 -32.64 6.31
N ASN H 349 -31.25 -31.65 5.56
CA ASN H 349 -32.54 -31.78 4.90
C ASN H 349 -32.55 -32.99 3.97
N ARG H 350 -31.51 -33.11 3.13
CA ARG H 350 -31.49 -34.24 2.19
C ARG H 350 -31.34 -35.57 2.92
N ASN H 351 -30.59 -35.61 4.02
CA ASN H 351 -30.43 -36.85 4.76
C ASN H 351 -31.75 -37.30 5.41
N ASN H 352 -32.48 -36.37 6.02
CA ASN H 352 -33.78 -36.71 6.60
C ASN H 352 -34.75 -37.15 5.51
N ARG H 353 -34.69 -36.51 4.34
CA ARG H 353 -35.54 -36.96 3.23
C ARG H 353 -35.16 -38.38 2.81
N LEU H 354 -33.87 -38.70 2.83
CA LEU H 354 -33.45 -40.07 2.51
C LEU H 354 -34.06 -41.06 3.50
N LYS H 355 -34.02 -40.73 4.79
CA LYS H 355 -34.67 -41.60 5.78
C LYS H 355 -36.15 -41.78 5.46
N ARG H 356 -36.84 -40.68 5.15
CA ARG H 356 -38.25 -40.78 4.78
C ARG H 356 -38.44 -41.73 3.60
N LEU H 357 -37.64 -41.55 2.55
CA LEU H 357 -37.82 -42.36 1.34
C LEU H 357 -37.55 -43.83 1.62
N ILE H 358 -36.54 -44.12 2.45
CA ILE H 358 -36.27 -45.53 2.78
C ILE H 358 -37.43 -46.12 3.54
N ASP H 359 -38.00 -45.36 4.49
CA ASP H 359 -39.12 -45.90 5.27
C ASP H 359 -40.36 -46.10 4.41
N LEU H 360 -40.62 -45.17 3.49
CA LEU H 360 -41.83 -45.19 2.68
C LEU H 360 -41.72 -46.14 1.48
N GLY H 361 -40.57 -46.77 1.27
CA GLY H 361 -40.42 -47.66 0.13
C GLY H 361 -40.60 -46.95 -1.20
N ALA H 362 -40.14 -45.70 -1.29
CA ALA H 362 -40.29 -44.95 -2.53
C ALA H 362 -39.62 -45.70 -3.68
N PRO H 363 -39.96 -45.34 -4.92
CA PRO H 363 -39.36 -46.02 -6.07
C PRO H 363 -37.84 -45.94 -6.01
N GLU H 364 -37.19 -47.00 -6.49
CA GLU H 364 -35.73 -47.04 -6.48
C GLU H 364 -35.15 -45.82 -7.18
N ILE H 365 -35.83 -45.31 -8.21
CA ILE H 365 -35.32 -44.13 -8.91
C ILE H 365 -35.18 -42.95 -7.96
N ILE H 366 -36.21 -42.70 -7.14
CA ILE H 366 -36.16 -41.55 -6.24
C ILE H 366 -35.08 -41.75 -5.18
N VAL H 367 -35.00 -42.96 -4.61
CA VAL H 367 -34.02 -43.20 -3.56
C VAL H 367 -32.60 -43.00 -4.08
N ASN H 368 -32.31 -43.53 -5.28
CA ASN H 368 -30.97 -43.40 -5.84
C ASN H 368 -30.68 -41.95 -6.23
N ASN H 369 -31.63 -41.30 -6.90
CA ASN H 369 -31.44 -39.91 -7.29
C ASN H 369 -31.36 -38.97 -6.09
N GLU H 370 -31.84 -39.42 -4.92
CA GLU H 370 -31.69 -38.65 -3.69
C GLU H 370 -30.34 -38.90 -3.03
N LYS H 371 -29.88 -40.15 -3.05
CA LYS H 371 -28.55 -40.44 -2.56
C LYS H 371 -27.50 -39.66 -3.34
N ARG H 372 -27.71 -39.50 -4.65
CA ARG H 372 -26.79 -38.68 -5.43
C ARG H 372 -26.75 -37.24 -4.91
N MET H 373 -27.92 -36.67 -4.61
CA MET H 373 -27.97 -35.30 -4.12
C MET H 373 -27.32 -35.18 -2.75
N LEU H 374 -27.51 -36.19 -1.90
CA LEU H 374 -26.80 -36.20 -0.62
C LEU H 374 -25.29 -36.22 -0.83
N GLN H 375 -24.83 -37.02 -1.78
CA GLN H 375 -23.41 -37.04 -2.12
C GLN H 375 -22.93 -35.66 -2.53
N GLU H 376 -23.65 -35.02 -3.44
CA GLU H 376 -23.23 -33.69 -3.90
C GLU H 376 -23.24 -32.68 -2.76
N SER H 377 -24.21 -32.79 -1.85
CA SER H 377 -24.30 -31.83 -0.76
C SER H 377 -23.15 -32.01 0.23
N VAL H 378 -22.78 -33.26 0.54
CA VAL H 378 -21.63 -33.48 1.43
C VAL H 378 -20.35 -33.04 0.74
N ASP H 379 -20.26 -33.27 -0.57
CA ASP H 379 -19.13 -32.77 -1.34
C ASP H 379 -19.01 -31.26 -1.23
N ALA H 380 -20.14 -30.56 -1.28
CA ALA H 380 -20.13 -29.11 -1.12
C ALA H 380 -19.72 -28.72 0.30
N LEU H 381 -20.24 -29.45 1.30
CA LEU H 381 -19.88 -29.16 2.68
C LEU H 381 -18.37 -29.20 2.86
N PHE H 382 -17.71 -30.20 2.29
CA PHE H 382 -16.27 -30.35 2.52
C PHE H 382 -15.45 -29.45 1.61
N ASP H 383 -15.81 -29.35 0.32
CA ASP H 383 -15.05 -28.55 -0.63
C ASP H 383 -15.99 -28.11 -1.76
N ASN H 384 -16.79 -27.08 -1.46
CA ASN H 384 -17.73 -26.57 -2.44
C ASN H 384 -17.01 -26.04 -3.67
N GLY H 385 -17.54 -26.35 -4.84
CA GLY H 385 -16.95 -25.93 -6.09
C GLY H 385 -15.86 -26.85 -6.61
N ARG H 386 -15.42 -27.82 -5.81
CA ARG H 386 -14.34 -28.71 -6.27
C ARG H 386 -14.77 -29.48 -7.51
N ARG H 387 -15.96 -30.09 -7.46
CA ARG H 387 -16.53 -30.78 -8.62
C ARG H 387 -17.65 -29.94 -9.22
N GLY H 388 -17.56 -29.67 -10.52
CA GLY H 388 -18.67 -29.05 -11.22
C GLY H 388 -18.89 -27.62 -10.77
N ARG H 389 -20.15 -27.21 -10.74
CA ARG H 389 -20.55 -25.84 -10.45
C ARG H 389 -20.70 -25.63 -8.95
N PRO H 390 -20.24 -24.50 -8.41
CA PRO H 390 -20.36 -24.28 -6.96
C PRO H 390 -21.81 -24.05 -6.55
N VAL H 391 -22.07 -24.32 -5.27
CA VAL H 391 -23.38 -24.05 -4.68
C VAL H 391 -23.51 -22.53 -4.54
N THR H 392 -24.43 -21.94 -5.31
CA THR H 392 -24.60 -20.50 -5.30
C THR H 392 -25.49 -20.06 -4.15
N GLY H 393 -25.08 -19.02 -3.44
CA GLY H 393 -25.90 -18.42 -2.42
C GLY H 393 -26.73 -17.29 -3.00
N PRO H 394 -27.24 -16.40 -2.15
CA PRO H 394 -28.00 -15.24 -2.65
C PRO H 394 -27.07 -14.33 -3.44
N GLY H 395 -27.46 -14.04 -4.68
CA GLY H 395 -26.67 -13.20 -5.55
C GLY H 395 -25.68 -13.95 -6.42
N ASN H 396 -25.89 -15.23 -6.66
CA ASN H 396 -24.99 -16.05 -7.48
C ASN H 396 -23.56 -15.98 -6.93
N ARG H 397 -23.45 -16.08 -5.60
CA ARG H 397 -22.17 -16.03 -4.91
C ARG H 397 -21.81 -17.41 -4.41
N PRO H 398 -20.67 -17.98 -4.81
CA PRO H 398 -20.33 -19.33 -4.34
C PRO H 398 -20.11 -19.35 -2.83
N LEU H 399 -20.76 -20.27 -2.16
CA LEU H 399 -20.65 -20.37 -0.71
C LEU H 399 -19.28 -20.90 -0.31
N LYS H 400 -18.79 -20.42 0.83
CA LYS H 400 -17.53 -20.90 1.38
C LYS H 400 -17.73 -22.26 2.03
N SER H 401 -16.75 -23.14 1.85
CA SER H 401 -16.76 -24.48 2.43
C SER H 401 -15.71 -24.58 3.52
N LEU H 402 -15.69 -25.74 4.19
CA LEU H 402 -14.71 -25.96 5.24
C LEU H 402 -13.28 -25.90 4.70
N SER H 403 -13.07 -26.42 3.49
CA SER H 403 -11.74 -26.35 2.89
C SER H 403 -11.37 -24.95 2.44
N ASP H 404 -12.37 -24.09 2.19
CA ASP H 404 -12.08 -22.70 1.86
C ASP H 404 -11.59 -21.93 3.08
N LEU H 405 -11.78 -22.46 4.28
CA LEU H 405 -11.32 -21.80 5.50
C LEU H 405 -9.81 -21.87 5.67
N LEU H 406 -9.11 -22.61 4.81
CA LEU H 406 -7.68 -22.86 5.00
C LEU H 406 -6.83 -22.50 3.79
N LYS H 407 -7.44 -22.08 2.68
CA LYS H 407 -6.70 -21.83 1.46
C LYS H 407 -6.34 -20.35 1.32
N GLY H 408 -5.17 -20.10 0.73
CA GLY H 408 -4.79 -18.76 0.33
C GLY H 408 -4.52 -17.82 1.49
N LYS H 409 -4.48 -16.53 1.14
CA LYS H 409 -4.15 -15.50 2.11
C LYS H 409 -5.21 -15.38 3.20
N GLN H 410 -6.48 -15.63 2.88
CA GLN H 410 -7.55 -15.54 3.85
C GLN H 410 -7.76 -16.84 4.61
N GLY H 411 -7.04 -17.90 4.27
CA GLY H 411 -7.15 -19.15 5.00
C GLY H 411 -6.60 -19.04 6.41
N ARG H 412 -6.92 -20.05 7.21
CA ARG H 412 -6.50 -20.04 8.61
C ARG H 412 -4.98 -19.98 8.72
N PHE H 413 -4.28 -20.79 7.92
CA PHE H 413 -2.83 -20.89 8.05
C PHE H 413 -2.14 -19.55 7.87
N ARG H 414 -2.33 -18.93 6.71
CA ARG H 414 -1.59 -17.70 6.40
C ARG H 414 -2.15 -16.49 7.14
N GLN H 415 -3.46 -16.43 7.35
CA GLN H 415 -4.06 -15.23 7.93
C GLN H 415 -4.01 -15.21 9.44
N ASN H 416 -4.17 -16.37 10.10
CA ASN H 416 -4.36 -16.41 11.54
C ASN H 416 -3.33 -17.27 12.27
N LEU H 417 -2.33 -17.81 11.59
CA LEU H 417 -1.34 -18.66 12.24
C LEU H 417 0.09 -18.19 11.96
N LEU H 418 0.41 -17.96 10.69
CA LEU H 418 1.74 -17.46 10.35
C LEU H 418 1.91 -16.01 10.79
N GLY H 419 0.83 -15.25 10.83
CA GLY H 419 0.89 -13.86 11.24
C GLY H 419 -0.38 -13.41 11.94
N LYS H 420 -0.27 -13.14 13.24
CA LYS H 420 -1.40 -12.70 14.06
C LYS H 420 -1.41 -11.18 14.15
N ARG H 421 -2.46 -10.65 14.75
CA ARG H 421 -2.52 -9.25 15.16
C ARG H 421 -2.16 -9.17 16.64
N VAL H 422 -1.51 -8.09 17.04
CA VAL H 422 -0.84 -8.04 18.33
C VAL H 422 -1.35 -6.85 19.14
N ASP H 423 -1.48 -7.07 20.45
CA ASP H 423 -1.65 -6.00 21.42
C ASP H 423 -0.35 -5.19 21.54
N TYR H 424 -0.44 -4.11 22.30
CA TYR H 424 0.72 -3.26 22.58
C TYR H 424 1.42 -2.85 21.28
N SER H 425 0.64 -2.20 20.41
CA SER H 425 1.15 -1.79 19.11
C SER H 425 0.38 -0.57 18.64
N GLY H 426 1.01 0.18 17.75
CA GLY H 426 0.41 1.37 17.20
C GLY H 426 1.01 1.67 15.85
N ARG H 427 0.59 2.80 15.29
CA ARG H 427 1.10 3.22 13.99
C ARG H 427 0.81 4.68 13.79
N SER H 428 1.67 5.35 13.04
CA SER H 428 1.49 6.77 12.77
C SER H 428 2.37 7.22 11.61
N VAL H 429 2.15 8.46 11.18
CA VAL H 429 2.95 9.06 10.13
C VAL H 429 4.36 9.28 10.63
N ILE H 430 5.33 9.20 9.73
CA ILE H 430 6.74 9.37 10.07
C ILE H 430 7.21 10.73 9.60
N VAL H 431 8.10 11.32 10.38
CA VAL H 431 8.71 12.61 10.07
C VAL H 431 10.20 12.49 10.35
N VAL H 432 11.01 13.17 9.52
CA VAL H 432 12.45 13.13 9.71
C VAL H 432 12.84 13.92 10.95
N GLY H 433 13.72 13.35 11.75
CA GLY H 433 14.24 14.00 12.93
C GLY H 433 15.75 14.09 12.89
N PRO H 434 16.28 15.17 12.32
CA PRO H 434 17.74 15.25 12.15
C PRO H 434 18.49 15.25 13.47
N GLN H 435 17.97 15.92 14.49
CA GLN H 435 18.67 16.02 15.77
C GLN H 435 18.76 14.68 16.48
N LEU H 436 17.93 13.70 16.11
CA LEU H 436 17.94 12.42 16.79
C LEU H 436 19.27 11.69 16.57
N LYS H 437 19.65 10.89 17.56
CA LYS H 437 20.77 9.98 17.39
C LYS H 437 20.30 8.70 16.71
N LEU H 438 21.26 7.94 16.16
CA LEU H 438 20.90 6.77 15.37
C LEU H 438 20.09 5.77 16.18
N HIS H 439 20.35 5.68 17.49
CA HIS H 439 19.67 4.71 18.35
C HIS H 439 18.37 5.26 18.92
N GLN H 440 17.96 6.46 18.52
CA GLN H 440 16.78 7.12 19.07
C GLN H 440 15.67 7.18 18.04
N CYS H 441 14.44 7.17 18.53
CA CYS H 441 13.27 7.49 17.71
C CYS H 441 12.32 8.31 18.56
N GLY H 442 11.55 9.17 17.92
CA GLY H 442 10.63 10.02 18.65
C GLY H 442 9.19 9.63 18.43
N LEU H 443 8.50 9.21 19.51
CA LEU H 443 7.10 8.86 19.32
C LEU H 443 6.20 9.88 20.03
N PRO H 444 4.97 10.07 19.54
CA PRO H 444 4.05 11.01 20.19
C PRO H 444 3.76 10.60 21.63
N LYS H 445 3.37 11.59 22.42
CA LYS H 445 3.00 11.33 23.80
C LYS H 445 1.74 10.49 23.89
N LEU H 446 0.74 10.79 23.05
CA LEU H 446 -0.52 10.07 23.11
C LEU H 446 -0.36 8.61 22.67
N MET H 447 0.63 8.33 21.83
CA MET H 447 0.91 6.95 21.45
C MET H 447 1.53 6.19 22.61
N ALA H 448 2.58 6.76 23.22
CA ALA H 448 3.26 6.09 24.32
C ALA H 448 2.34 5.89 25.50
N LEU H 449 1.46 6.86 25.79
CA LEU H 449 0.57 6.74 26.93
C LEU H 449 -0.30 5.48 26.81
N GLU H 450 -0.90 5.28 25.64
CA GLU H 450 -1.71 4.07 25.44
C GLU H 450 -0.83 2.83 25.43
N LEU H 451 0.30 2.87 24.74
CA LEU H 451 1.17 1.70 24.68
C LEU H 451 1.59 1.25 26.07
N PHE H 452 2.04 2.20 26.91
CA PHE H 452 2.51 1.90 28.25
C PHE H 452 1.42 2.07 29.31
N LYS H 453 0.14 1.99 28.92
CA LYS H 453 -0.95 2.23 29.86
C LYS H 453 -0.79 1.45 31.16
N PRO H 454 -0.62 0.13 31.15
CA PRO H 454 -0.54 -0.59 32.44
C PRO H 454 0.66 -0.18 33.27
N PHE H 455 1.80 0.08 32.63
CA PHE H 455 2.98 0.53 33.37
C PHE H 455 2.71 1.87 34.06
N VAL H 456 2.06 2.79 33.33
CA VAL H 456 1.72 4.09 33.91
C VAL H 456 0.76 3.91 35.07
N MET H 457 -0.20 3.00 34.95
CA MET H 457 -1.12 2.75 36.05
C MET H 457 -0.36 2.26 37.28
N LYS H 458 0.54 1.30 37.08
CA LYS H 458 1.37 0.80 38.18
C LYS H 458 2.11 1.93 38.87
N ARG H 459 2.80 2.77 38.11
CA ARG H 459 3.63 3.78 38.76
C ARG H 459 2.78 4.92 39.34
N LEU H 460 1.60 5.17 38.78
CA LEU H 460 0.70 6.16 39.37
C LEU H 460 0.16 5.67 40.72
N VAL H 461 -0.10 4.36 40.83
CA VAL H 461 -0.57 3.86 42.11
C VAL H 461 0.57 3.68 43.10
N ASP H 462 1.81 3.55 42.63
CA ASP H 462 2.94 3.47 43.55
C ASP H 462 3.23 4.84 44.18
N LEU H 463 3.39 5.87 43.35
CA LEU H 463 3.70 7.21 43.85
C LEU H 463 2.51 7.89 44.50
N ASN H 464 1.41 7.16 44.72
CA ASN H 464 0.24 7.67 45.44
C ASN H 464 -0.41 8.84 44.70
N HIS H 465 -0.22 8.92 43.38
CA HIS H 465 -1.03 9.81 42.58
C HIS H 465 -2.45 9.30 42.42
N ALA H 466 -2.65 8.00 42.61
CA ALA H 466 -3.97 7.38 42.55
C ALA H 466 -4.13 6.44 43.74
N GLN H 467 -5.35 6.37 44.27
CA GLN H 467 -5.59 5.54 45.46
C GLN H 467 -5.37 4.06 45.13
N ASN H 468 -6.03 3.56 44.09
CA ASN H 468 -5.89 2.18 43.67
C ASN H 468 -5.63 2.12 42.17
N ILE H 469 -5.27 0.92 41.70
CA ILE H 469 -4.93 0.73 40.30
C ILE H 469 -6.13 1.05 39.40
N LYS H 470 -7.34 0.80 39.90
CA LYS H 470 -8.55 1.11 39.14
C LYS H 470 -8.65 2.60 38.86
N SER H 471 -8.50 3.43 39.91
CA SER H 471 -8.53 4.87 39.71
C SER H 471 -7.34 5.33 38.88
N ALA H 472 -6.22 4.60 38.91
CA ALA H 472 -5.11 4.91 38.02
C ALA H 472 -5.52 4.72 36.56
N LYS H 473 -6.25 3.65 36.27
CA LYS H 473 -6.77 3.45 34.92
C LYS H 473 -7.69 4.60 34.52
N ARG H 474 -8.59 4.98 35.42
CA ARG H 474 -9.47 6.11 35.10
C ARG H 474 -8.67 7.37 34.83
N MET H 475 -7.62 7.60 35.62
CA MET H 475 -6.79 8.79 35.43
C MET H 475 -6.14 8.78 34.04
N VAL H 476 -5.58 7.65 33.64
CA VAL H 476 -4.95 7.58 32.32
C VAL H 476 -5.99 7.78 31.22
N GLU H 477 -7.18 7.20 31.39
CA GLU H 477 -8.20 7.34 30.35
C GLU H 477 -8.71 8.77 30.25
N ARG H 478 -8.70 9.52 31.35
CA ARG H 478 -9.07 10.92 31.32
C ARG H 478 -7.88 11.83 31.05
N GLN H 479 -6.67 11.27 30.95
CA GLN H 479 -5.46 12.01 30.61
C GLN H 479 -5.22 13.16 31.59
N ARG H 480 -5.12 12.81 32.87
CA ARG H 480 -4.86 13.82 33.89
C ARG H 480 -3.40 14.24 33.83
N PRO H 481 -3.09 15.51 34.11
CA PRO H 481 -1.73 16.01 33.86
C PRO H 481 -0.63 15.27 34.59
N GLN H 482 -0.94 14.46 35.61
CA GLN H 482 0.11 13.81 36.37
C GLN H 482 0.86 12.77 35.53
N VAL H 483 0.22 12.21 34.50
CA VAL H 483 0.79 11.08 33.80
C VAL H 483 2.02 11.50 33.00
N TRP H 484 1.99 12.70 32.43
CA TRP H 484 3.05 13.09 31.50
C TRP H 484 4.41 13.14 32.18
N ASP H 485 4.45 13.57 33.45
CA ASP H 485 5.70 13.51 34.19
C ASP H 485 6.03 12.08 34.60
N VAL H 486 5.00 11.27 34.89
CA VAL H 486 5.24 9.89 35.30
C VAL H 486 5.64 9.03 34.11
N LEU H 487 5.01 9.27 32.95
CA LEU H 487 5.28 8.46 31.77
C LEU H 487 6.76 8.42 31.44
N GLU H 488 7.46 9.56 31.63
CA GLU H 488 8.88 9.59 31.30
C GLU H 488 9.66 8.54 32.08
N GLU H 489 9.32 8.34 33.36
CA GLU H 489 10.00 7.33 34.15
C GLU H 489 9.77 5.93 33.59
N VAL H 490 8.59 5.71 32.99
CA VAL H 490 8.24 4.37 32.50
C VAL H 490 9.01 4.04 31.22
N ILE H 491 8.98 4.95 30.25
CA ILE H 491 9.60 4.70 28.95
C ILE H 491 11.11 4.75 29.03
N ALA H 492 11.66 5.14 30.17
CA ALA H 492 13.10 5.36 30.29
C ALA H 492 13.88 4.11 29.86
N GLU H 493 14.65 4.24 28.78
CA GLU H 493 15.50 3.15 28.28
C GLU H 493 14.72 1.89 27.95
N HIS H 494 13.42 2.03 27.67
CA HIS H 494 12.60 0.89 27.28
C HIS H 494 12.46 0.89 25.77
N PRO H 495 13.19 0.04 25.05
CA PRO H 495 13.19 0.14 23.58
C PRO H 495 11.87 -0.29 22.98
N VAL H 496 11.62 0.21 21.77
CA VAL H 496 10.46 -0.16 20.97
C VAL H 496 10.96 -0.58 19.60
N LEU H 497 10.07 -1.22 18.84
CA LEU H 497 10.40 -1.72 17.51
C LEU H 497 9.61 -0.95 16.47
N LEU H 498 10.30 -0.47 15.44
CA LEU H 498 9.68 0.24 14.33
C LEU H 498 9.72 -0.65 13.09
N ASN H 499 8.58 -0.75 12.42
CA ASN H 499 8.38 -1.59 11.25
C ASN H 499 7.71 -0.77 10.16
N ARG H 500 8.16 -0.92 8.92
CA ARG H 500 7.51 -0.30 7.77
C ARG H 500 7.25 -1.37 6.72
N ALA H 501 5.98 -1.54 6.37
CA ALA H 501 5.65 -2.48 5.31
C ALA H 501 5.89 -1.84 3.95
N PRO H 502 6.37 -2.61 2.95
CA PRO H 502 6.66 -4.04 3.03
C PRO H 502 7.96 -4.36 3.76
N THR H 503 7.92 -5.35 4.65
CA THR H 503 9.10 -5.81 5.38
C THR H 503 9.88 -6.79 4.49
N LEU H 504 10.72 -6.21 3.63
CA LEU H 504 11.41 -7.01 2.63
C LEU H 504 12.59 -7.79 3.21
N HIS H 505 13.44 -7.12 3.98
CA HIS H 505 14.53 -7.78 4.70
C HIS H 505 14.42 -7.46 6.18
N ARG H 506 15.35 -8.01 6.96
CA ARG H 506 15.25 -7.91 8.41
C ARG H 506 15.50 -6.49 8.90
N LEU H 507 16.27 -5.69 8.17
CA LEU H 507 16.43 -4.29 8.53
C LEU H 507 15.16 -3.49 8.31
N GLY H 508 14.10 -4.11 7.79
CA GLY H 508 12.79 -3.48 7.75
C GLY H 508 12.14 -3.34 9.12
N ILE H 509 12.73 -3.95 10.14
CA ILE H 509 12.33 -3.76 11.52
C ILE H 509 13.58 -3.44 12.33
N GLN H 510 13.54 -2.37 13.10
CA GLN H 510 14.68 -2.01 13.94
C GLN H 510 14.21 -1.48 15.29
N ALA H 511 15.04 -1.67 16.30
CA ALA H 511 14.72 -1.21 17.64
C ALA H 511 15.31 0.17 17.87
N PHE H 512 14.62 0.94 18.72
CA PHE H 512 15.01 2.31 19.02
C PHE H 512 14.69 2.62 20.47
N GLU H 513 15.40 3.59 21.02
CA GLU H 513 15.01 4.14 22.30
C GLU H 513 13.94 5.21 22.08
N PRO H 514 12.77 5.10 22.73
CA PRO H 514 11.71 6.07 22.48
C PRO H 514 11.95 7.37 23.22
N MET H 515 11.62 8.46 22.53
CA MET H 515 11.71 9.81 23.07
C MET H 515 10.33 10.43 22.95
N LEU H 516 9.80 10.91 24.07
CA LEU H 516 8.49 11.55 24.09
C LEU H 516 8.58 12.86 23.30
N VAL H 517 7.81 12.96 22.22
CA VAL H 517 7.74 14.20 21.45
C VAL H 517 6.29 14.68 21.43
N GLU H 518 6.12 15.99 21.40
CA GLU H 518 4.80 16.56 21.16
C GLU H 518 4.39 16.28 19.73
N GLY H 519 3.16 16.63 19.41
CA GLY H 519 2.61 16.30 18.12
C GLY H 519 2.15 14.85 18.07
N LYS H 520 1.85 14.40 16.86
CA LYS H 520 1.22 13.10 16.65
C LYS H 520 1.89 12.31 15.53
N ALA H 521 3.16 12.61 15.23
CA ALA H 521 3.91 11.89 14.21
C ALA H 521 5.13 11.24 14.85
N ILE H 522 5.56 10.12 14.26
CA ILE H 522 6.78 9.45 14.69
C ILE H 522 7.97 10.16 14.06
N GLN H 523 9.00 10.40 14.87
CA GLN H 523 10.23 11.02 14.40
C GLN H 523 11.27 9.93 14.16
N LEU H 524 11.73 9.82 12.92
CA LEU H 524 12.64 8.77 12.49
C LEU H 524 14.00 9.37 12.14
N HIS H 525 15.05 8.60 12.39
CA HIS H 525 16.39 9.07 12.09
C HIS H 525 16.60 9.09 10.57
N PRO H 526 17.30 10.10 10.04
CA PRO H 526 17.43 10.19 8.58
C PRO H 526 18.29 9.09 7.96
N LEU H 527 19.17 8.45 8.74
CA LEU H 527 20.10 7.50 8.16
C LEU H 527 19.45 6.13 7.93
N VAL H 528 18.44 5.77 8.72
CA VAL H 528 17.81 4.47 8.56
C VAL H 528 16.80 4.43 7.44
N CYS H 529 16.47 5.58 6.85
CA CYS H 529 15.50 5.61 5.74
C CYS H 529 15.87 4.62 4.65
N GLU H 530 17.16 4.49 4.35
CA GLU H 530 17.57 3.56 3.29
C GLU H 530 17.13 2.14 3.63
N ALA H 531 17.37 1.71 4.87
CA ALA H 531 17.02 0.34 5.24
C ALA H 531 15.52 0.11 5.11
N PHE H 532 14.72 1.01 5.68
CA PHE H 532 13.27 0.93 5.54
C PHE H 532 12.79 1.28 4.13
N ASN H 533 13.67 1.81 3.27
CA ASN H 533 13.25 2.35 1.98
C ASN H 533 12.08 3.31 2.19
N ALA H 534 12.24 4.18 3.18
CA ALA H 534 11.16 5.03 3.67
C ALA H 534 11.47 6.48 3.31
N ASP H 535 10.68 7.03 2.39
CA ASP H 535 10.63 8.46 2.14
C ASP H 535 9.58 9.09 3.06
N PHE H 536 9.47 10.42 3.00
CA PHE H 536 8.57 11.18 3.85
C PHE H 536 7.55 11.92 2.99
N ASP H 537 6.65 11.17 2.37
CA ASP H 537 5.57 11.75 1.58
C ASP H 537 4.23 11.15 1.99
N GLY H 538 4.08 10.84 3.27
CA GLY H 538 2.89 10.19 3.79
C GLY H 538 3.11 8.77 4.26
N ASP H 539 4.36 8.30 4.31
CA ASP H 539 4.65 6.96 4.81
C ASP H 539 4.19 6.82 6.26
N GLN H 540 3.79 5.60 6.62
CA GLN H 540 3.39 5.29 7.98
C GLN H 540 4.24 4.15 8.51
N MET H 541 4.50 4.18 9.82
CA MET H 541 5.26 3.12 10.47
C MET H 541 4.51 2.63 11.69
N ALA H 542 4.73 1.35 11.99
CA ALA H 542 4.11 0.69 13.13
C ALA H 542 5.13 0.53 14.24
N VAL H 543 4.67 0.69 15.47
CA VAL H 543 5.47 0.60 16.68
C VAL H 543 4.98 -0.59 17.47
N HIS H 544 5.92 -1.37 18.00
CA HIS H 544 5.62 -2.52 18.85
C HIS H 544 6.43 -2.41 20.13
N LEU H 545 5.79 -2.73 21.26
CA LEU H 545 6.42 -2.57 22.56
C LEU H 545 6.83 -3.93 23.09
N PRO H 546 8.13 -4.24 23.16
CA PRO H 546 8.54 -5.51 23.79
C PRO H 546 8.26 -5.49 25.28
N LEU H 547 7.67 -6.57 25.79
CA LEU H 547 7.20 -6.65 27.16
C LEU H 547 8.12 -7.48 28.04
N SER H 548 8.35 -8.74 27.66
CA SER H 548 9.18 -9.63 28.46
C SER H 548 10.62 -9.12 28.51
N ALA H 549 11.32 -9.46 29.60
CA ALA H 549 12.72 -9.10 29.72
C ALA H 549 13.53 -9.65 28.56
N GLU H 550 13.25 -10.89 28.16
CA GLU H 550 13.92 -11.45 26.99
C GLU H 550 13.63 -10.65 25.74
N ALA H 551 12.39 -10.18 25.58
CA ALA H 551 12.05 -9.37 24.42
C ALA H 551 12.81 -8.06 24.43
N GLN H 552 12.87 -7.39 25.59
CA GLN H 552 13.61 -6.14 25.67
C GLN H 552 15.09 -6.37 25.36
N ALA H 553 15.66 -7.48 25.83
CA ALA H 553 17.06 -7.78 25.54
C ALA H 553 17.26 -8.03 24.05
N GLU H 554 16.38 -8.83 23.43
CA GLU H 554 16.49 -9.08 22.00
C GLU H 554 16.43 -7.77 21.21
N ALA H 555 15.56 -6.84 21.62
CA ALA H 555 15.46 -5.57 20.93
C ALA H 555 16.68 -4.70 21.18
N ARG H 556 17.21 -4.73 22.40
CA ARG H 556 18.32 -3.86 22.77
C ARG H 556 19.62 -4.30 22.12
N ILE H 557 19.82 -5.60 21.93
CA ILE H 557 21.09 -6.15 21.47
C ILE H 557 21.05 -6.54 20.01
N LEU H 558 20.03 -7.30 19.61
CA LEU H 558 20.00 -7.83 18.25
C LEU H 558 19.45 -6.81 17.26
N MET H 559 18.46 -6.04 17.67
CA MET H 559 17.66 -5.25 16.73
C MET H 559 17.86 -3.75 16.87
N LEU H 560 18.71 -3.29 17.78
CA LEU H 560 18.94 -1.86 17.90
C LEU H 560 19.53 -1.32 16.60
N SER H 561 19.07 -0.13 16.21
CA SER H 561 19.48 0.41 14.92
C SER H 561 20.99 0.57 14.82
N SER H 562 21.64 0.91 15.94
CA SER H 562 23.08 1.16 15.91
C SER H 562 23.88 -0.12 15.69
N ASN H 563 23.33 -1.28 16.01
CA ASN H 563 24.01 -2.55 15.82
C ASN H 563 23.74 -3.16 14.46
N ASN H 564 23.02 -2.45 13.58
CA ASN H 564 22.67 -2.95 12.26
C ASN H 564 22.96 -1.86 11.22
N ILE H 565 24.23 -1.50 11.11
CA ILE H 565 24.64 -0.46 10.16
C ILE H 565 24.87 -1.04 8.77
N LEU H 566 25.24 -2.32 8.68
CA LEU H 566 25.65 -2.94 7.44
C LEU H 566 24.51 -3.77 6.84
N SER H 567 24.48 -3.82 5.52
CA SER H 567 23.49 -4.63 4.81
C SER H 567 23.84 -6.10 4.93
N PRO H 568 22.96 -6.95 5.45
CA PRO H 568 23.27 -8.40 5.50
C PRO H 568 23.40 -9.05 4.13
N ALA H 569 22.97 -8.39 3.06
CA ALA H 569 23.01 -9.01 1.74
C ALA H 569 24.37 -8.83 1.07
N SER H 570 24.99 -7.65 1.25
CA SER H 570 26.21 -7.31 0.55
C SER H 570 27.36 -6.93 1.47
N GLY H 571 27.10 -6.59 2.73
CA GLY H 571 28.13 -6.15 3.65
C GLY H 571 28.45 -4.68 3.58
N ARG H 572 27.99 -3.97 2.54
CA ARG H 572 28.26 -2.55 2.44
C ARG H 572 27.33 -1.76 3.36
N PRO H 573 27.77 -0.63 3.88
CA PRO H 573 26.95 0.09 4.86
C PRO H 573 25.67 0.63 4.25
N LEU H 574 24.68 0.81 5.10
CA LEU H 574 23.41 1.42 4.72
C LEU H 574 23.15 2.70 5.47
N ALA H 575 23.26 2.69 6.80
CA ALA H 575 23.11 3.91 7.59
C ALA H 575 24.37 4.75 7.36
N MET H 576 24.39 5.45 6.23
CA MET H 576 25.49 6.33 5.88
C MET H 576 24.93 7.61 5.26
N PRO H 577 25.74 8.66 5.13
CA PRO H 577 25.29 9.83 4.37
C PRO H 577 24.87 9.42 2.97
N ARG H 578 23.64 9.77 2.60
CA ARG H 578 23.05 9.23 1.39
C ARG H 578 22.59 10.28 0.39
N LEU H 579 21.91 11.34 0.84
CA LEU H 579 21.38 12.32 -0.11
C LEU H 579 21.90 13.73 0.18
N ASP H 580 21.21 14.49 1.02
CA ASP H 580 21.67 15.85 1.33
C ASP H 580 23.02 15.82 2.04
N MET H 581 23.21 14.82 2.91
CA MET H 581 24.45 14.75 3.69
C MET H 581 25.66 14.62 2.78
N VAL H 582 25.60 13.71 1.82
CA VAL H 582 26.73 13.51 0.91
C VAL H 582 26.94 14.78 0.08
N THR H 583 25.89 15.52 -0.22
CA THR H 583 26.06 16.76 -0.98
C THR H 583 26.81 17.80 -0.15
N GLY H 584 26.43 17.97 1.12
CA GLY H 584 27.16 18.89 1.97
C GLY H 584 28.62 18.52 2.10
N LEU H 585 28.90 17.23 2.29
CA LEU H 585 30.29 16.80 2.46
C LEU H 585 31.06 16.98 1.15
N TYR H 586 30.49 16.55 0.02
CA TYR H 586 31.12 16.82 -1.27
C TYR H 586 31.38 18.30 -1.45
N TYR H 587 30.54 19.15 -0.88
CA TYR H 587 30.75 20.59 -0.98
C TYR H 587 31.99 21.01 -0.22
N LEU H 588 32.02 20.80 1.11
CA LEU H 588 33.14 21.34 1.87
C LEU H 588 34.44 20.61 1.60
N THR H 589 34.40 19.39 1.05
CA THR H 589 35.61 18.65 0.68
C THR H 589 35.93 18.82 -0.80
N THR H 590 35.73 20.01 -1.34
CA THR H 590 36.02 20.32 -2.73
C THR H 590 37.15 21.34 -2.79
N GLU H 591 38.06 21.15 -3.73
CA GLU H 591 39.19 22.06 -3.92
C GLU H 591 38.83 23.06 -5.02
N VAL H 592 38.78 24.33 -4.66
CA VAL H 592 38.49 25.41 -5.60
C VAL H 592 39.81 26.14 -5.90
N PRO H 593 40.26 26.16 -7.15
CA PRO H 593 41.59 26.75 -7.42
C PRO H 593 41.67 28.23 -7.11
N GLY H 594 40.70 29.00 -7.58
CA GLY H 594 40.75 30.44 -7.47
C GLY H 594 40.05 31.02 -6.26
N ASP H 595 39.68 30.19 -5.28
CA ASP H 595 38.92 30.68 -4.14
C ASP H 595 39.77 31.63 -3.31
N THR H 596 39.08 32.52 -2.59
CA THR H 596 39.76 33.52 -1.79
C THR H 596 40.50 32.86 -0.62
N GLY H 597 41.59 33.50 -0.21
CA GLY H 597 42.43 32.95 0.83
C GLY H 597 43.35 31.84 0.40
N GLU H 598 43.44 31.57 -0.90
CA GLU H 598 44.24 30.47 -1.40
C GLU H 598 45.71 30.66 -1.03
N TYR H 599 46.41 29.54 -0.85
CA TYR H 599 47.83 29.59 -0.58
C TYR H 599 48.58 30.15 -1.78
N GLN H 600 49.51 31.08 -1.51
CA GLN H 600 50.35 31.64 -2.54
C GLN H 600 51.82 31.39 -2.21
N PRO H 601 52.65 31.09 -3.20
CA PRO H 601 54.08 30.91 -2.91
C PRO H 601 54.77 32.25 -2.67
N ALA H 602 55.85 32.19 -1.91
CA ALA H 602 56.62 33.40 -1.62
C ALA H 602 57.26 33.91 -2.90
N SER H 603 56.91 35.14 -3.27
CA SER H 603 57.44 35.76 -4.49
C SER H 603 57.49 37.26 -4.30
N GLY H 604 58.60 37.87 -4.72
CA GLY H 604 58.73 39.31 -4.62
C GLY H 604 58.96 39.75 -3.18
N ASP H 605 58.24 40.81 -2.79
CA ASP H 605 58.41 41.37 -1.46
C ASP H 605 57.57 40.68 -0.39
N HIS H 606 56.56 39.90 -0.79
CA HIS H 606 55.75 39.22 0.21
C HIS H 606 56.15 37.74 0.31
N PRO H 607 56.25 37.18 1.52
CA PRO H 607 56.54 35.74 1.62
C PRO H 607 55.36 34.89 1.18
N GLU H 608 55.26 33.67 1.70
CA GLU H 608 54.14 32.81 1.37
C GLU H 608 52.86 33.38 1.98
N THR H 609 51.88 33.65 1.13
CA THR H 609 50.55 34.08 1.57
C THR H 609 49.65 32.86 1.66
N GLY H 610 48.85 32.81 2.73
CA GLY H 610 47.90 31.73 2.90
C GLY H 610 48.48 30.52 3.59
N VAL H 611 49.29 30.74 4.63
CA VAL H 611 49.87 29.67 5.43
C VAL H 611 49.48 29.96 6.88
N TYR H 612 48.62 29.10 7.44
CA TYR H 612 48.02 29.33 8.75
C TYR H 612 48.66 28.45 9.81
N SER H 613 48.84 28.99 11.00
CA SER H 613 49.51 28.29 12.08
C SER H 613 48.63 27.26 12.76
N SER H 614 47.31 27.47 12.74
CA SER H 614 46.37 26.56 13.38
C SER H 614 45.09 26.52 12.57
N PRO H 615 44.37 25.40 12.59
CA PRO H 615 43.03 25.40 11.98
C PRO H 615 42.10 26.42 12.60
N ALA H 616 42.29 26.73 13.88
CA ALA H 616 41.52 27.80 14.51
C ALA H 616 41.79 29.14 13.85
N GLU H 617 43.05 29.39 13.47
CA GLU H 617 43.36 30.62 12.75
C GLU H 617 42.66 30.65 11.39
N ALA H 618 42.62 29.51 10.71
CA ALA H 618 41.89 29.44 9.45
C ALA H 618 40.40 29.70 9.66
N ILE H 619 39.85 29.22 10.77
CA ILE H 619 38.45 29.47 11.07
C ILE H 619 38.21 30.96 11.28
N MET H 620 39.09 31.62 12.03
CA MET H 620 38.94 33.06 12.22
C MET H 620 39.05 33.80 10.90
N ALA H 621 39.99 33.38 10.04
CA ALA H 621 40.13 34.02 8.73
C ALA H 621 38.87 33.85 7.90
N ALA H 622 38.28 32.66 7.91
CA ALA H 622 37.03 32.46 7.19
C ALA H 622 35.89 33.25 7.82
N ASP H 623 35.94 33.46 9.14
CA ASP H 623 34.91 34.25 9.81
C ASP H 623 34.96 35.70 9.35
N ARG H 624 36.15 36.29 9.31
CA ARG H 624 36.27 37.66 8.82
C ARG H 624 35.82 37.75 7.37
N GLY H 625 36.12 36.73 6.56
CA GLY H 625 35.74 36.71 5.17
C GLY H 625 36.94 36.70 4.24
N VAL H 626 38.12 36.41 4.77
CA VAL H 626 39.34 36.37 3.96
C VAL H 626 39.55 34.99 3.34
N LEU H 627 39.32 33.93 4.10
CA LEU H 627 39.55 32.58 3.63
C LEU H 627 38.24 31.91 3.24
N SER H 628 38.25 31.20 2.13
CA SER H 628 37.14 30.33 1.75
C SER H 628 37.40 28.92 2.25
N VAL H 629 36.31 28.24 2.60
CA VAL H 629 36.44 26.90 3.18
C VAL H 629 37.00 25.90 2.18
N ARG H 630 36.88 26.19 0.89
CA ARG H 630 37.29 25.25 -0.16
C ARG H 630 38.62 25.64 -0.80
N ALA H 631 39.31 26.65 -0.27
CA ALA H 631 40.59 27.07 -0.82
C ALA H 631 41.72 26.15 -0.34
N LYS H 632 42.65 25.86 -1.24
CA LYS H 632 43.82 25.07 -0.88
C LYS H 632 44.76 25.91 -0.03
N ILE H 633 45.18 25.37 1.11
CA ILE H 633 46.06 26.09 2.02
C ILE H 633 47.05 25.12 2.66
N LYS H 634 47.96 25.67 3.47
CA LYS H 634 48.85 24.86 4.30
C LYS H 634 48.49 25.09 5.76
N VAL H 635 48.19 24.00 6.48
CA VAL H 635 47.76 24.08 7.87
C VAL H 635 48.64 23.18 8.71
N ARG H 636 49.03 23.67 9.89
CA ARG H 636 49.71 22.85 10.88
C ARG H 636 48.65 22.11 11.69
N LEU H 637 48.62 20.80 11.55
CA LEU H 637 47.71 19.96 12.31
C LEU H 637 48.44 19.32 13.49
N THR H 638 47.75 19.23 14.62
CA THR H 638 48.31 18.71 15.86
C THR H 638 47.40 17.67 16.52
N GLN H 639 46.20 17.44 16.01
CA GLN H 639 45.27 16.48 16.60
C GLN H 639 44.70 15.53 15.55
N LEU H 640 45.36 15.37 14.42
CA LEU H 640 44.93 14.47 13.35
C LEU H 640 46.12 13.66 12.87
N ARG H 641 45.97 12.34 12.83
CA ARG H 641 47.07 11.49 12.38
C ARG H 641 47.31 11.74 10.90
N PRO H 642 48.56 11.98 10.48
CA PRO H 642 48.83 12.17 9.05
C PRO H 642 48.66 10.86 8.30
N PRO H 643 48.61 10.91 6.97
CA PRO H 643 48.52 9.67 6.19
C PRO H 643 49.68 8.74 6.52
N VAL H 644 49.42 7.43 6.41
CA VAL H 644 50.46 6.46 6.65
C VAL H 644 51.62 6.64 5.68
N GLU H 645 51.37 7.30 4.55
CA GLU H 645 52.45 7.60 3.61
C GLU H 645 53.44 8.59 4.21
N ILE H 646 52.94 9.69 4.76
CA ILE H 646 53.82 10.74 5.28
C ILE H 646 54.16 10.53 6.74
N GLU H 647 53.33 9.82 7.50
CA GLU H 647 53.65 9.55 8.89
C GLU H 647 54.96 8.76 9.01
N ALA H 648 55.28 7.93 8.02
CA ALA H 648 56.49 7.12 8.08
C ALA H 648 57.73 7.98 7.90
N GLU H 649 57.74 8.83 6.87
CA GLU H 649 58.92 9.65 6.60
C GLU H 649 59.07 10.77 7.63
N LEU H 650 57.95 11.31 8.13
CA LEU H 650 58.03 12.35 9.14
C LEU H 650 58.31 11.77 10.53
N PHE H 651 57.55 10.75 10.92
CA PHE H 651 57.80 10.05 12.18
C PHE H 651 58.31 8.64 11.90
N GLY H 652 57.41 7.72 11.57
CA GLY H 652 57.80 6.37 11.22
C GLY H 652 58.35 5.56 12.39
N HIS H 653 59.49 5.99 12.93
CA HIS H 653 60.07 5.27 14.07
C HIS H 653 59.05 5.11 15.19
N SER H 654 58.27 6.16 15.44
CA SER H 654 57.18 6.13 16.41
C SER H 654 55.93 6.65 15.76
N GLY H 655 54.79 6.04 16.07
CA GLY H 655 53.53 6.50 15.51
C GLY H 655 53.27 7.95 15.87
N TRP H 656 52.57 8.64 14.97
CA TRP H 656 52.17 10.01 15.23
C TRP H 656 51.43 10.09 16.56
N GLN H 657 51.72 11.13 17.33
CA GLN H 657 51.17 11.24 18.67
C GLN H 657 50.22 12.44 18.76
N PRO H 658 49.08 12.29 19.44
CA PRO H 658 48.19 13.45 19.63
C PRO H 658 48.92 14.62 20.27
N GLY H 659 49.30 15.59 19.44
CA GLY H 659 50.12 16.70 19.90
C GLY H 659 51.22 17.02 18.90
N ASP H 660 51.71 15.99 18.21
CA ASP H 660 52.73 16.19 17.19
C ASP H 660 52.17 17.00 16.02
N ALA H 661 52.96 17.95 15.54
CA ALA H 661 52.55 18.88 14.51
C ALA H 661 53.04 18.43 13.14
N TRP H 662 52.30 18.82 12.10
CA TRP H 662 52.76 18.57 10.74
C TRP H 662 51.99 19.45 9.77
N MET H 663 52.64 19.80 8.67
CA MET H 663 52.04 20.64 7.65
C MET H 663 51.26 19.80 6.65
N ALA H 664 50.09 20.31 6.25
CA ALA H 664 49.23 19.64 5.28
C ALA H 664 48.76 20.63 4.23
N GLU H 665 48.67 20.16 2.99
CA GLU H 665 48.20 20.98 1.87
C GLU H 665 46.76 20.62 1.53
N THR H 666 45.86 20.99 2.44
CA THR H 666 44.45 20.71 2.26
C THR H 666 43.63 22.00 2.28
N THR H 667 42.33 21.87 2.48
CA THR H 667 41.45 23.02 2.68
C THR H 667 40.88 22.95 4.10
N LEU H 668 40.44 24.10 4.59
CA LEU H 668 39.83 24.13 5.92
C LEU H 668 38.63 23.19 6.01
N GLY H 669 37.86 23.08 4.92
CA GLY H 669 36.72 22.20 4.92
C GLY H 669 37.09 20.74 5.10
N ARG H 670 38.14 20.30 4.40
CA ARG H 670 38.61 18.93 4.57
C ARG H 670 39.08 18.67 5.99
N VAL H 671 39.64 19.68 6.64
CA VAL H 671 40.07 19.54 8.03
C VAL H 671 38.84 19.40 8.93
N MET H 672 37.85 20.26 8.73
CA MET H 672 36.60 20.12 9.48
C MET H 672 36.01 18.73 9.28
N PHE H 673 36.14 18.18 8.07
CA PHE H 673 35.64 16.84 7.81
C PHE H 673 36.43 15.79 8.59
N ASN H 674 37.76 15.93 8.63
CA ASN H 674 38.59 14.91 9.27
C ASN H 674 38.47 14.92 10.79
N GLU H 675 37.87 15.97 11.37
CA GLU H 675 37.59 15.97 12.80
C GLU H 675 36.36 15.13 13.13
N LEU H 676 35.52 14.85 12.14
CA LEU H 676 34.30 14.08 12.39
C LEU H 676 34.62 12.60 12.60
N LEU H 677 35.34 11.99 11.64
CA LEU H 677 35.74 10.60 11.81
C LEU H 677 36.73 10.48 12.98
N PRO H 678 36.81 9.30 13.60
CA PRO H 678 37.47 9.20 14.91
C PRO H 678 38.94 9.63 14.85
N LEU H 679 39.47 9.95 16.02
CA LEU H 679 40.87 10.30 16.15
C LEU H 679 41.75 9.10 15.81
N GLY H 680 42.85 9.36 15.13
CA GLY H 680 43.76 8.31 14.74
C GLY H 680 43.52 7.74 13.36
N TYR H 681 42.42 8.09 12.71
CA TYR H 681 42.22 7.65 11.34
C TYR H 681 43.09 8.46 10.40
N PRO H 682 43.83 7.82 9.49
CA PRO H 682 44.69 8.59 8.58
C PRO H 682 43.92 9.68 7.85
N PHE H 683 44.45 10.90 7.91
CA PHE H 683 43.85 12.02 7.20
C PHE H 683 43.66 11.68 5.73
N VAL H 684 42.48 11.98 5.21
CA VAL H 684 42.15 11.73 3.81
C VAL H 684 41.97 13.09 3.14
N ASN H 685 42.83 13.38 2.17
CA ASN H 685 42.81 14.64 1.44
C ASN H 685 42.05 14.53 0.12
N LYS H 686 41.07 13.63 0.05
CA LYS H 686 40.30 13.42 -1.17
C LYS H 686 39.10 14.36 -1.22
N GLN H 687 38.39 14.30 -2.36
CA GLN H 687 37.08 14.92 -2.49
C GLN H 687 36.02 13.88 -2.15
N MET H 688 35.20 14.16 -1.14
CA MET H 688 34.29 13.18 -0.57
C MET H 688 33.10 12.98 -1.50
N HIS H 689 33.30 12.12 -2.51
CA HIS H 689 32.18 11.55 -3.25
C HIS H 689 31.47 10.52 -2.39
N LYS H 690 30.27 10.12 -2.82
CA LYS H 690 29.54 9.10 -2.06
C LYS H 690 30.36 7.82 -1.96
N LYS H 691 30.99 7.42 -3.05
CA LYS H 691 31.81 6.21 -3.03
C LYS H 691 32.92 6.33 -1.99
N VAL H 692 33.55 7.50 -1.90
CA VAL H 692 34.64 7.69 -0.96
C VAL H 692 34.12 7.56 0.48
N GLN H 693 32.96 8.16 0.76
CA GLN H 693 32.41 8.07 2.12
C GLN H 693 32.02 6.64 2.45
N ALA H 694 31.43 5.91 1.51
CA ALA H 694 31.12 4.50 1.74
C ALA H 694 32.40 3.72 2.02
N ALA H 695 33.46 4.00 1.26
CA ALA H 695 34.73 3.31 1.50
C ALA H 695 35.28 3.62 2.88
N ILE H 696 35.22 4.89 3.30
CA ILE H 696 35.74 5.27 4.60
C ILE H 696 34.95 4.57 5.71
N ILE H 697 33.62 4.57 5.59
CA ILE H 697 32.81 3.96 6.64
C ILE H 697 32.98 2.44 6.63
N ASN H 698 33.23 1.85 5.46
CA ASN H 698 33.49 0.42 5.40
C ASN H 698 34.80 0.07 6.09
N ASP H 699 35.84 0.87 5.85
CA ASP H 699 37.10 0.64 6.55
C ASP H 699 36.94 0.82 8.05
N LEU H 700 36.15 1.82 8.46
CA LEU H 700 35.91 2.04 9.88
C LEU H 700 35.18 0.86 10.51
N ALA H 701 34.22 0.29 9.77
CA ALA H 701 33.48 -0.86 10.28
C ALA H 701 34.39 -2.09 10.36
N GLU H 702 35.29 -2.24 9.39
CA GLU H 702 36.23 -3.36 9.42
C GLU H 702 37.18 -3.26 10.60
N ARG H 703 37.80 -2.08 10.78
CA ARG H 703 38.81 -1.90 11.82
C ARG H 703 38.18 -1.52 13.16
N TYR H 704 37.53 -0.36 13.21
CA TYR H 704 37.04 0.17 14.47
C TYR H 704 35.79 -0.58 14.93
N PRO H 705 35.49 -0.53 16.24
CA PRO H 705 34.31 -1.25 16.75
C PRO H 705 32.99 -0.65 16.29
N MET H 706 31.89 -1.31 16.64
CA MET H 706 30.58 -0.89 16.19
C MET H 706 30.26 0.54 16.63
N ILE H 707 30.29 0.78 17.94
CA ILE H 707 29.81 2.04 18.49
C ILE H 707 30.53 3.24 17.87
N VAL H 708 31.81 3.08 17.55
CA VAL H 708 32.55 4.17 16.93
C VAL H 708 31.94 4.54 15.58
N VAL H 709 31.62 3.53 14.77
CA VAL H 709 30.95 3.80 13.49
C VAL H 709 29.59 4.44 13.74
N ALA H 710 28.84 3.92 14.72
CA ALA H 710 27.50 4.43 14.99
C ALA H 710 27.54 5.93 15.32
N GLN H 711 28.57 6.37 16.04
CA GLN H 711 28.66 7.77 16.41
C GLN H 711 29.27 8.62 15.28
N THR H 712 30.25 8.06 14.58
CA THR H 712 30.90 8.79 13.49
C THR H 712 29.90 9.14 12.40
N VAL H 713 28.99 8.21 12.10
CA VAL H 713 28.05 8.48 11.01
C VAL H 713 27.04 9.55 11.43
N ASP H 714 26.68 9.60 12.72
CA ASP H 714 25.84 10.69 13.20
C ASP H 714 26.55 12.04 13.04
N LYS H 715 27.84 12.08 13.39
CA LYS H 715 28.60 13.31 13.19
C LYS H 715 28.60 13.71 11.73
N LEU H 716 28.82 12.75 10.83
CA LEU H 716 28.78 13.04 9.40
C LEU H 716 27.42 13.57 8.99
N LYS H 717 26.34 12.99 9.53
CA LYS H 717 25.00 13.48 9.24
C LYS H 717 24.86 14.96 9.59
N ASP H 718 25.26 15.31 10.82
CA ASP H 718 25.14 16.71 11.25
C ASP H 718 25.91 17.63 10.32
N ALA H 719 27.18 17.30 10.04
CA ALA H 719 27.97 18.16 9.18
C ALA H 719 27.37 18.25 7.78
N GLY H 720 26.88 17.12 7.25
CA GLY H 720 26.35 17.10 5.91
C GLY H 720 25.12 17.96 5.76
N PHE H 721 24.20 17.89 6.72
CA PHE H 721 23.05 18.79 6.68
C PHE H 721 23.49 20.24 6.79
N TYR H 722 24.37 20.55 7.76
CA TYR H 722 24.81 21.92 7.93
C TYR H 722 25.31 22.50 6.61
N TRP H 723 26.15 21.75 5.89
CA TRP H 723 26.75 22.31 4.68
C TRP H 723 25.91 22.12 3.43
N ALA H 724 24.97 21.17 3.43
CA ALA H 724 24.02 21.10 2.33
C ALA H 724 23.06 22.27 2.36
N THR H 725 22.77 22.79 3.56
CA THR H 725 21.98 24.01 3.64
C THR H 725 22.71 25.18 2.99
N ARG H 726 24.04 25.22 3.13
CA ARG H 726 24.85 26.35 2.69
C ARG H 726 25.67 26.01 1.45
N SER H 727 25.24 25.00 0.68
CA SER H 727 25.92 24.60 -0.54
C SER H 727 25.36 25.28 -1.78
N GLY H 728 24.40 26.19 -1.61
CA GLY H 728 23.81 26.87 -2.75
C GLY H 728 23.07 25.94 -3.69
N VAL H 729 22.76 24.72 -3.25
CA VAL H 729 22.04 23.78 -4.08
C VAL H 729 20.62 24.30 -4.28
N THR H 730 20.26 24.55 -5.54
CA THR H 730 18.95 25.11 -5.86
C THR H 730 18.63 24.77 -7.31
N VAL H 731 17.33 24.59 -7.59
CA VAL H 731 16.85 24.34 -8.93
C VAL H 731 16.18 25.61 -9.44
N SER H 732 16.53 26.01 -10.66
CA SER H 732 15.89 27.13 -11.34
C SER H 732 15.87 26.82 -12.83
N MET H 733 14.91 27.43 -13.52
CA MET H 733 14.78 27.21 -14.96
C MET H 733 16.07 27.55 -15.70
N ALA H 734 16.80 28.56 -15.22
CA ALA H 734 18.02 28.96 -15.88
C ALA H 734 19.11 27.89 -15.73
N ASP H 735 19.16 27.23 -14.57
CA ASP H 735 20.19 26.23 -14.34
C ASP H 735 19.94 24.94 -15.12
N VAL H 736 18.77 24.77 -15.72
CA VAL H 736 18.52 23.65 -16.62
C VAL H 736 18.92 24.13 -18.01
N LEU H 737 20.20 23.98 -18.34
CA LEU H 737 20.71 24.47 -19.61
C LEU H 737 20.46 23.45 -20.72
N VAL H 738 19.83 23.91 -21.79
CA VAL H 738 19.54 23.09 -22.96
C VAL H 738 20.79 23.11 -23.84
N PRO H 739 21.06 22.08 -24.63
CA PRO H 739 22.23 22.15 -25.53
C PRO H 739 22.17 23.38 -26.40
N PRO H 740 23.28 24.09 -26.57
CA PRO H 740 23.23 25.32 -27.37
C PRO H 740 22.90 25.05 -28.83
N ARG H 741 23.47 23.98 -29.37
CA ARG H 741 23.22 23.51 -30.72
C ARG H 741 22.06 22.53 -30.79
N LYS H 742 21.06 22.68 -29.93
CA LYS H 742 20.03 21.65 -29.81
C LYS H 742 19.29 21.44 -31.12
N LYS H 743 18.79 22.52 -31.74
CA LYS H 743 18.21 22.38 -33.07
C LYS H 743 19.24 21.88 -34.07
N GLU H 744 20.47 22.41 -33.96
CA GLU H 744 21.59 21.97 -34.77
C GLU H 744 21.97 20.51 -34.49
N ILE H 745 21.49 19.94 -33.39
CA ILE H 745 21.71 18.52 -33.13
C ILE H 745 20.51 17.68 -33.59
N LEU H 746 19.31 18.27 -33.55
CA LEU H 746 18.09 17.49 -33.74
C LEU H 746 17.72 17.31 -35.20
N ASP H 747 17.93 18.35 -36.03
CA ASP H 747 17.48 18.21 -37.41
C ASP H 747 18.22 17.08 -38.11
N HIS H 748 19.47 16.80 -37.71
CA HIS H 748 20.19 15.68 -38.32
C HIS H 748 19.41 14.39 -38.19
N TYR H 749 18.93 14.09 -36.98
CA TYR H 749 18.29 12.81 -36.74
C TYR H 749 16.87 12.79 -37.26
N GLU H 750 16.16 13.92 -37.20
CA GLU H 750 14.91 13.99 -37.95
C GLU H 750 15.16 13.69 -39.42
N GLU H 751 16.31 14.11 -39.94
CA GLU H 751 16.59 13.99 -41.36
C GLU H 751 17.00 12.57 -41.72
N ARG H 752 17.78 11.91 -40.86
CA ARG H 752 18.03 10.48 -41.06
C ARG H 752 16.74 9.66 -40.94
N ALA H 753 15.80 10.10 -40.10
CA ALA H 753 14.48 9.48 -40.08
C ALA H 753 13.79 9.65 -41.43
N ASP H 754 13.92 10.83 -42.02
CA ASP H 754 13.36 11.06 -43.35
C ASP H 754 14.03 10.16 -44.39
N LYS H 755 15.32 9.85 -44.21
CA LYS H 755 16.03 9.01 -45.18
C LYS H 755 15.22 7.79 -45.57
N VAL H 756 14.85 6.97 -44.57
CA VAL H 756 14.28 5.66 -44.83
C VAL H 756 12.96 5.75 -45.59
N GLU H 757 12.30 6.90 -45.58
CA GLU H 757 10.94 6.94 -46.09
C GLU H 757 10.86 6.68 -47.59
N LYS H 758 11.90 7.05 -48.35
CA LYS H 758 11.84 6.75 -49.78
C LYS H 758 12.56 5.47 -50.16
N GLN H 759 13.58 5.04 -49.42
CA GLN H 759 14.02 3.66 -49.56
C GLN H 759 12.90 2.70 -49.24
N PHE H 760 11.85 3.18 -48.56
CA PHE H 760 10.60 2.46 -48.41
C PHE H 760 9.56 2.85 -49.46
N GLN H 761 9.64 4.05 -50.03
CA GLN H 761 8.69 4.48 -51.05
C GLN H 761 8.92 3.71 -52.36
N ARG H 762 10.19 3.56 -52.77
CA ARG H 762 10.53 2.72 -53.90
C ARG H 762 10.64 1.25 -53.53
N GLY H 763 10.29 0.90 -52.28
CA GLY H 763 10.27 -0.48 -51.85
C GLY H 763 11.61 -1.10 -51.56
N ALA H 764 12.66 -0.29 -51.41
CA ALA H 764 14.00 -0.82 -51.16
C ALA H 764 14.20 -1.27 -49.71
N LEU H 765 13.39 -0.77 -48.78
CA LEU H 765 13.41 -1.22 -47.40
C LEU H 765 12.03 -1.77 -47.03
N ASN H 766 12.04 -2.89 -46.31
CA ASN H 766 10.78 -3.44 -45.80
C ASN H 766 10.24 -2.56 -44.68
N HIS H 767 8.92 -2.57 -44.54
CA HIS H 767 8.28 -1.74 -43.51
C HIS H 767 8.75 -2.14 -42.12
N ASP H 768 9.09 -3.41 -41.91
CA ASP H 768 9.50 -3.86 -40.58
C ASP H 768 10.97 -3.55 -40.30
N GLU H 769 11.81 -3.48 -41.34
CA GLU H 769 13.21 -3.14 -41.16
C GLU H 769 13.40 -1.63 -40.98
N ARG H 770 12.53 -0.84 -41.60
CA ARG H 770 12.56 0.61 -41.44
C ARG H 770 12.57 1.01 -39.96
N ASN H 771 11.75 0.34 -39.15
CA ASN H 771 11.64 0.72 -37.75
C ASN H 771 12.97 0.57 -37.03
N GLU H 772 13.63 -0.57 -37.19
CA GLU H 772 14.94 -0.77 -36.58
C GLU H 772 15.94 0.26 -37.08
N ALA H 773 15.88 0.57 -38.38
CA ALA H 773 16.78 1.58 -38.92
C ALA H 773 16.61 2.91 -38.18
N LEU H 774 15.38 3.42 -38.11
CA LEU H 774 15.15 4.71 -37.44
C LEU H 774 15.47 4.65 -35.95
N VAL H 775 15.24 3.51 -35.32
CA VAL H 775 15.62 3.35 -33.91
C VAL H 775 17.11 3.59 -33.76
N GLU H 776 17.91 2.95 -34.60
CA GLU H 776 19.35 3.16 -34.55
C GLU H 776 19.71 4.59 -34.91
N ILE H 777 18.89 5.24 -35.73
CA ILE H 777 19.13 6.64 -36.07
C ILE H 777 19.08 7.50 -34.80
N TRP H 778 17.98 7.42 -34.06
CA TRP H 778 17.77 8.33 -32.92
C TRP H 778 18.54 7.90 -31.67
N LYS H 779 18.85 6.62 -31.53
CA LYS H 779 19.60 6.18 -30.36
C LYS H 779 20.98 6.81 -30.33
N GLU H 780 21.61 6.96 -31.49
CA GLU H 780 22.87 7.69 -31.56
C GLU H 780 22.65 9.17 -31.27
N ALA H 781 21.48 9.69 -31.61
CA ALA H 781 21.14 11.07 -31.28
C ALA H 781 21.27 11.30 -29.78
N THR H 782 20.66 10.43 -28.99
CA THR H 782 20.66 10.66 -27.55
C THR H 782 22.08 10.63 -26.98
N ASP H 783 22.96 9.78 -27.53
CA ASP H 783 24.34 9.72 -27.03
C ASP H 783 25.12 10.97 -27.42
N GLU H 784 25.03 11.38 -28.70
CA GLU H 784 25.71 12.60 -29.11
C GLU H 784 25.21 13.81 -28.34
N VAL H 785 23.90 13.81 -28.01
CA VAL H 785 23.34 14.90 -27.23
C VAL H 785 23.85 14.85 -25.80
N GLY H 786 24.04 13.65 -25.26
CA GLY H 786 24.65 13.53 -23.94
C GLY H 786 26.04 14.12 -23.91
N GLN H 787 26.84 13.83 -24.92
CA GLN H 787 28.18 14.43 -24.99
C GLN H 787 28.10 15.95 -25.14
N ALA H 788 27.16 16.44 -25.95
CA ALA H 788 26.96 17.88 -26.07
C ALA H 788 26.46 18.51 -24.78
N LEU H 789 25.84 17.71 -23.91
CA LEU H 789 25.31 18.22 -22.65
C LEU H 789 26.39 18.28 -21.58
N ARG H 790 27.23 17.26 -21.50
CA ARG H 790 28.24 17.22 -20.44
C ARG H 790 29.15 18.44 -20.50
N GLU H 791 29.56 18.85 -21.70
CA GLU H 791 30.48 19.97 -21.82
C GLU H 791 29.76 21.32 -21.71
N HIS H 792 28.48 21.36 -22.08
CA HIS H 792 27.75 22.63 -21.98
C HIS H 792 27.42 22.96 -20.53
N TYR H 793 27.12 21.95 -19.72
CA TYR H 793 26.79 22.18 -18.32
C TYR H 793 28.01 22.66 -17.56
N PRO H 794 28.01 23.86 -17.00
CA PRO H 794 29.10 24.26 -16.11
C PRO H 794 29.08 23.43 -14.82
N ASP H 795 30.14 23.58 -14.04
CA ASP H 795 30.24 22.92 -12.75
C ASP H 795 29.58 23.71 -11.63
N ASP H 796 29.28 25.00 -11.85
CA ASP H 796 28.47 25.75 -10.90
C ASP H 796 27.02 25.31 -10.90
N ASN H 797 26.60 24.57 -11.92
CA ASN H 797 25.22 24.15 -12.06
C ASN H 797 24.81 23.27 -10.88
N PRO H 798 23.75 23.62 -10.13
CA PRO H 798 23.39 22.79 -8.97
C PRO H 798 22.98 21.37 -9.34
N ILE H 799 22.40 21.16 -10.52
CA ILE H 799 22.05 19.80 -10.93
C ILE H 799 23.32 18.96 -11.10
N ILE H 800 24.38 19.58 -11.63
CA ILE H 800 25.65 18.86 -11.77
C ILE H 800 26.26 18.59 -10.40
N THR H 801 26.12 19.54 -9.47
CA THR H 801 26.61 19.29 -8.11
C THR H 801 25.82 18.17 -7.44
N ILE H 802 24.54 18.02 -7.77
CA ILE H 802 23.73 16.96 -7.19
C ILE H 802 24.14 15.60 -7.78
N VAL H 803 24.27 15.53 -9.11
CA VAL H 803 24.51 14.25 -9.75
C VAL H 803 25.95 13.80 -9.57
N ASP H 804 26.91 14.70 -9.82
CA ASP H 804 28.31 14.34 -9.77
C ASP H 804 28.80 14.03 -8.36
N SER H 805 28.10 14.51 -7.34
CA SER H 805 28.48 14.25 -5.95
C SER H 805 27.99 12.90 -5.45
N GLY H 806 27.39 12.09 -6.31
CA GLY H 806 26.88 10.79 -5.91
C GLY H 806 25.65 10.85 -5.03
N ALA H 807 25.01 12.00 -4.91
CA ALA H 807 23.80 12.10 -4.08
C ALA H 807 22.72 11.16 -4.60
N THR H 808 22.24 11.41 -5.82
CA THR H 808 21.22 10.58 -6.43
C THR H 808 21.00 11.03 -7.86
N GLY H 809 20.57 10.10 -8.69
CA GLY H 809 20.22 10.40 -10.07
C GLY H 809 21.35 10.12 -11.03
N ASN H 810 20.98 9.80 -12.27
CA ASN H 810 21.92 9.57 -13.34
C ASN H 810 21.97 10.78 -14.27
N PHE H 811 22.91 10.74 -15.21
CA PHE H 811 23.00 11.79 -16.23
C PHE H 811 22.02 11.54 -17.37
N THR H 812 21.49 10.33 -17.51
CA THR H 812 20.46 10.08 -18.51
C THR H 812 19.18 10.85 -18.17
N GLN H 813 18.82 10.86 -16.88
CA GLN H 813 17.73 11.72 -16.44
C GLN H 813 18.00 13.17 -16.82
N THR H 814 19.25 13.62 -16.67
CA THR H 814 19.58 14.99 -17.04
C THR H 814 19.51 15.19 -18.55
N ARG H 815 19.72 14.14 -19.34
CA ARG H 815 19.54 14.27 -20.78
C ARG H 815 18.07 14.49 -21.12
N THR H 816 17.18 13.67 -20.55
CA THR H 816 15.76 13.88 -20.77
C THR H 816 15.32 15.25 -20.26
N LEU H 817 15.90 15.69 -19.15
CA LEU H 817 15.50 16.95 -18.54
C LEU H 817 15.97 18.15 -19.36
N ALA H 818 17.23 18.14 -19.78
CA ALA H 818 17.87 19.27 -20.43
C ALA H 818 18.16 19.04 -21.91
N GLY H 819 18.37 17.79 -22.32
CA GLY H 819 18.64 17.49 -23.71
C GLY H 819 17.38 17.19 -24.49
N MET H 820 16.96 15.92 -24.49
CA MET H 820 15.79 15.49 -25.23
C MET H 820 15.28 14.18 -24.64
N LYS H 821 13.96 14.04 -24.60
CA LYS H 821 13.37 12.79 -24.12
C LYS H 821 13.76 11.62 -25.01
N GLY H 822 13.75 11.83 -26.32
CA GLY H 822 14.19 10.81 -27.25
C GLY H 822 13.08 9.89 -27.70
N LEU H 823 13.48 8.73 -28.22
CA LEU H 823 12.53 7.74 -28.68
C LEU H 823 11.73 7.18 -27.51
N VAL H 824 10.41 7.14 -27.65
CA VAL H 824 9.53 6.56 -26.65
C VAL H 824 8.93 5.28 -27.21
N THR H 825 8.63 4.36 -26.31
CA THR H 825 8.11 3.04 -26.67
C THR H 825 6.61 2.99 -26.47
N ASN H 826 5.93 2.31 -27.38
CA ASN H 826 4.49 2.06 -27.27
C ASN H 826 4.25 0.78 -26.50
N PRO H 827 3.00 0.50 -26.12
CA PRO H 827 2.73 -0.70 -25.33
C PRO H 827 3.11 -1.99 -26.02
N LYS H 828 3.37 -1.96 -27.33
CA LYS H 828 3.81 -3.15 -28.04
C LYS H 828 5.15 -3.64 -27.52
N GLY H 829 6.17 -2.78 -27.61
CA GLY H 829 7.49 -3.12 -27.14
C GLY H 829 8.59 -2.49 -27.96
N GLU H 830 8.41 -2.47 -29.29
CA GLU H 830 9.40 -1.86 -30.17
C GLU H 830 9.36 -0.34 -30.05
N PHE H 831 10.52 0.29 -30.29
CA PHE H 831 10.61 1.74 -30.20
C PHE H 831 9.84 2.39 -31.35
N ILE H 832 9.23 3.53 -31.04
CA ILE H 832 8.43 4.24 -32.04
C ILE H 832 9.36 4.86 -33.09
N PRO H 833 9.11 4.67 -34.38
CA PRO H 833 9.98 5.29 -35.39
C PRO H 833 10.02 6.81 -35.32
N ARG H 834 9.13 7.42 -34.55
CA ARG H 834 9.09 8.87 -34.35
C ARG H 834 9.46 9.20 -32.91
N PRO H 835 10.41 10.10 -32.67
CA PRO H 835 10.83 10.35 -31.27
C PRO H 835 10.03 11.42 -30.57
N VAL H 836 10.37 11.66 -29.31
CA VAL H 836 9.92 12.83 -28.57
C VAL H 836 11.07 13.83 -28.67
N LYS H 837 10.99 14.73 -29.65
CA LYS H 837 12.05 15.70 -29.85
C LYS H 837 12.14 16.68 -28.69
N SER H 838 11.00 17.08 -28.14
CA SER H 838 10.98 18.12 -27.14
C SER H 838 11.56 17.64 -25.82
N SER H 839 12.07 18.60 -25.05
CA SER H 839 12.50 18.37 -23.68
C SER H 839 11.48 18.96 -22.72
N PHE H 840 11.50 18.48 -21.48
CA PHE H 840 10.56 18.98 -20.48
C PHE H 840 10.77 20.46 -20.20
N ARG H 841 11.96 21.00 -20.50
CA ARG H 841 12.16 22.45 -20.40
C ARG H 841 11.54 23.16 -21.60
N GLU H 842 11.61 22.56 -22.78
CA GLU H 842 11.03 23.18 -23.96
C GLU H 842 9.51 23.11 -23.93
N GLY H 843 8.96 21.97 -23.52
CA GLY H 843 7.53 21.79 -23.47
C GLY H 843 7.05 20.79 -24.51
N LEU H 844 6.52 19.66 -24.04
CA LEU H 844 6.03 18.63 -24.95
C LEU H 844 4.82 19.13 -25.74
N THR H 845 4.69 18.63 -26.96
CA THR H 845 3.49 18.89 -27.73
C THR H 845 2.33 18.04 -27.18
N VAL H 846 1.12 18.35 -27.66
CA VAL H 846 -0.05 17.58 -27.23
C VAL H 846 0.17 16.09 -27.49
N LEU H 847 0.44 15.76 -28.75
CA LEU H 847 0.67 14.36 -29.10
C LEU H 847 1.93 13.81 -28.44
N GLU H 848 2.94 14.65 -28.20
CA GLU H 848 4.14 14.15 -27.52
C GLU H 848 3.78 13.65 -26.12
N TYR H 849 2.98 14.40 -25.39
CA TYR H 849 2.56 13.96 -24.07
C TYR H 849 1.70 12.70 -24.18
N PHE H 850 0.71 12.72 -25.08
CA PHE H 850 -0.15 11.54 -25.22
C PHE H 850 0.67 10.29 -25.54
N ILE H 851 1.74 10.44 -26.31
CA ILE H 851 2.53 9.27 -26.70
C ILE H 851 3.52 8.86 -25.61
N ASN H 852 3.92 9.81 -24.76
CA ASN H 852 4.69 9.44 -23.56
C ASN H 852 3.83 8.62 -22.60
N THR H 853 2.52 8.88 -22.59
CA THR H 853 1.68 8.22 -21.60
C THR H 853 1.58 6.70 -21.81
N HIS H 854 1.65 6.19 -23.05
CA HIS H 854 1.60 4.73 -23.16
C HIS H 854 2.68 4.10 -22.27
N GLY H 855 3.93 4.47 -22.54
CA GLY H 855 5.04 3.90 -21.80
C GLY H 855 4.95 4.20 -20.31
N ALA H 856 4.53 5.41 -19.95
CA ALA H 856 4.46 5.75 -18.53
C ALA H 856 3.47 4.85 -17.79
N ARG H 857 2.24 4.74 -18.31
CA ARG H 857 1.23 3.95 -17.64
C ARG H 857 1.59 2.47 -17.63
N LYS H 858 2.11 1.95 -18.75
CA LYS H 858 2.51 0.55 -18.74
C LYS H 858 3.67 0.32 -17.79
N GLY H 859 4.51 1.34 -17.60
CA GLY H 859 5.54 1.28 -16.59
C GLY H 859 4.95 1.02 -15.23
N LEU H 860 4.00 1.87 -14.82
CA LEU H 860 3.38 1.66 -13.51
C LEU H 860 2.72 0.28 -13.41
N ALA H 861 1.98 -0.12 -14.44
CA ALA H 861 1.27 -1.40 -14.41
C ALA H 861 2.22 -2.57 -14.26
N ASP H 862 3.15 -2.71 -15.19
CA ASP H 862 4.09 -3.82 -15.12
C ASP H 862 4.99 -3.72 -13.90
N THR H 863 5.13 -2.53 -13.29
CA THR H 863 5.84 -2.44 -12.02
C THR H 863 5.05 -3.15 -10.92
N ALA H 864 3.74 -2.89 -10.87
CA ALA H 864 2.90 -3.62 -9.91
C ALA H 864 3.03 -5.12 -10.13
N LEU H 865 2.96 -5.56 -11.39
CA LEU H 865 3.04 -7.00 -11.67
C LEU H 865 4.41 -7.58 -11.29
N ARG H 866 5.47 -6.83 -11.60
CA ARG H 866 6.82 -7.26 -11.26
C ARG H 866 6.97 -7.42 -9.76
N THR H 867 6.42 -6.47 -8.98
CA THR H 867 6.48 -6.58 -7.53
C THR H 867 5.72 -7.81 -7.04
N ALA H 868 4.57 -8.09 -7.64
CA ALA H 868 3.82 -9.28 -7.25
C ALA H 868 4.65 -10.54 -7.43
N ASP H 869 5.18 -10.74 -8.64
CA ASP H 869 5.97 -11.94 -8.90
C ASP H 869 7.20 -12.00 -8.00
N SER H 870 7.83 -10.85 -7.74
CA SER H 870 9.01 -10.83 -6.87
C SER H 870 8.66 -11.30 -5.47
N GLY H 871 7.57 -10.79 -4.90
CA GLY H 871 7.19 -11.21 -3.56
C GLY H 871 6.86 -12.68 -3.50
N TYR H 872 6.22 -13.21 -4.53
CA TYR H 872 5.91 -14.64 -4.55
C TYR H 872 7.18 -15.47 -4.57
N LEU H 873 8.12 -15.12 -5.46
CA LEU H 873 9.41 -15.80 -5.46
C LEU H 873 10.07 -15.72 -4.10
N THR H 874 9.95 -14.57 -3.43
CA THR H 874 10.57 -14.40 -2.12
C THR H 874 10.00 -15.39 -1.12
N ARG H 875 8.67 -15.53 -1.09
CA ARG H 875 8.09 -16.45 -0.09
C ARG H 875 8.46 -17.90 -0.41
N ARG H 876 8.54 -18.24 -1.70
CA ARG H 876 9.00 -19.58 -2.07
C ARG H 876 10.41 -19.82 -1.53
N LEU H 877 11.32 -18.88 -1.80
CA LEU H 877 12.70 -19.01 -1.32
C LEU H 877 12.77 -19.07 0.19
N VAL H 878 11.89 -18.35 0.88
CA VAL H 878 11.88 -18.39 2.34
C VAL H 878 11.51 -19.80 2.81
N ASP H 879 10.44 -20.37 2.25
CA ASP H 879 10.00 -21.66 2.74
C ASP H 879 10.98 -22.77 2.39
N VAL H 880 11.66 -22.69 1.25
CA VAL H 880 12.57 -23.77 0.89
C VAL H 880 13.81 -23.78 1.77
N SER H 881 14.15 -22.66 2.42
CA SER H 881 15.36 -22.56 3.23
C SER H 881 15.07 -22.04 4.63
N GLN H 882 13.84 -22.20 5.12
CA GLN H 882 13.50 -21.63 6.42
C GLN H 882 14.23 -22.34 7.55
N ASP H 883 14.55 -23.63 7.39
CA ASP H 883 15.17 -24.41 8.45
C ASP H 883 16.67 -24.56 8.26
N VAL H 884 17.29 -23.74 7.40
CA VAL H 884 18.73 -23.78 7.19
C VAL H 884 19.37 -22.87 8.23
N ILE H 885 19.89 -23.46 9.30
CA ILE H 885 20.47 -22.72 10.41
C ILE H 885 21.92 -23.16 10.58
N VAL H 886 22.73 -22.28 11.15
CA VAL H 886 24.14 -22.57 11.46
C VAL H 886 24.14 -23.36 12.77
N ARG H 887 24.36 -24.67 12.68
CA ARG H 887 24.34 -25.54 13.84
C ARG H 887 25.72 -25.98 14.31
N GLU H 888 26.74 -25.91 13.46
CA GLU H 888 28.07 -26.40 13.80
C GLU H 888 29.09 -25.31 13.54
N HIS H 889 30.25 -25.44 14.19
CA HIS H 889 31.31 -24.46 14.05
C HIS H 889 32.14 -24.72 12.79
N ASP H 890 32.58 -25.95 12.59
CA ASP H 890 33.42 -26.30 11.44
C ASP H 890 33.17 -27.76 11.09
N CYS H 891 32.71 -28.01 9.87
CA CYS H 891 32.43 -29.37 9.43
C CYS H 891 33.67 -30.14 8.98
N GLN H 892 34.80 -29.45 8.82
CA GLN H 892 36.10 -30.05 8.56
C GLN H 892 36.26 -30.54 7.13
N THR H 893 35.34 -30.20 6.22
CA THR H 893 35.41 -30.71 4.86
C THR H 893 36.41 -29.90 4.05
N GLU H 894 37.31 -30.62 3.35
CA GLU H 894 38.19 -29.97 2.39
C GLU H 894 37.41 -29.42 1.21
N ARG H 895 36.28 -30.04 0.89
CA ARG H 895 35.45 -29.57 -0.22
C ARG H 895 35.23 -28.07 -0.11
N GLY H 896 35.60 -27.35 -1.17
CA GLY H 896 35.35 -25.93 -1.27
C GLY H 896 34.96 -25.58 -2.68
N ILE H 897 35.52 -24.50 -3.22
CA ILE H 897 35.38 -24.22 -4.65
C ILE H 897 36.44 -23.22 -5.06
N VAL H 898 36.87 -23.32 -6.31
CA VAL H 898 37.90 -22.45 -6.86
C VAL H 898 37.27 -21.13 -7.28
N VAL H 899 37.83 -20.04 -6.79
CA VAL H 899 37.40 -18.69 -7.11
C VAL H 899 38.51 -18.05 -7.93
N GLU H 900 38.14 -17.57 -9.13
CA GLU H 900 39.01 -16.79 -10.00
C GLU H 900 39.27 -15.43 -9.38
N LEU H 901 40.30 -15.34 -8.53
CA LEU H 901 40.59 -14.08 -7.84
C LEU H 901 40.92 -12.97 -8.84
N ALA H 902 41.73 -13.28 -9.84
CA ALA H 902 42.12 -12.29 -10.85
C ALA H 902 42.56 -13.04 -12.10
N GLU H 903 42.69 -12.29 -13.19
CA GLU H 903 43.13 -12.85 -14.47
C GLU H 903 44.37 -12.11 -14.94
N ARG H 904 45.39 -12.87 -15.34
CA ARG H 904 46.66 -12.25 -15.72
C ARG H 904 46.65 -11.89 -17.20
N ALA H 905 46.99 -10.64 -17.50
CA ALA H 905 47.07 -10.18 -18.88
C ALA H 905 48.32 -10.75 -19.55
N PRO H 906 48.35 -10.78 -20.88
CA PRO H 906 49.54 -11.33 -21.56
C PRO H 906 50.81 -10.56 -21.26
N ASP H 907 50.74 -9.23 -21.11
CA ASP H 907 51.93 -8.45 -20.85
C ASP H 907 52.49 -8.73 -19.46
N GLY H 908 51.64 -9.11 -18.51
CA GLY H 908 52.09 -9.41 -17.16
C GLY H 908 51.22 -8.76 -16.10
N THR H 909 50.47 -7.73 -16.49
CA THR H 909 49.59 -7.05 -15.56
C THR H 909 48.45 -7.96 -15.13
N LEU H 910 48.03 -7.82 -13.88
CA LEU H 910 46.90 -8.57 -13.36
C LEU H 910 45.64 -7.71 -13.40
N ILE H 911 44.58 -8.26 -13.97
CA ILE H 911 43.28 -7.61 -14.06
C ILE H 911 42.42 -8.16 -12.93
N ARG H 912 41.86 -7.26 -12.14
CA ARG H 912 40.93 -7.64 -11.08
C ARG H 912 39.68 -8.27 -11.69
N ASP H 913 39.33 -9.46 -11.20
CA ASP H 913 38.09 -10.08 -11.64
C ASP H 913 36.91 -9.26 -11.15
N PRO H 914 35.87 -9.06 -11.98
CA PRO H 914 34.70 -8.31 -11.50
C PRO H 914 33.90 -9.01 -10.43
N TYR H 915 34.13 -10.31 -10.22
CA TYR H 915 33.37 -11.09 -9.26
C TYR H 915 34.08 -11.24 -7.92
N ILE H 916 35.17 -10.50 -7.69
CA ILE H 916 35.86 -10.59 -6.40
C ILE H 916 34.93 -10.15 -5.27
N GLU H 917 34.17 -9.07 -5.49
CA GLU H 917 33.30 -8.55 -4.45
C GLU H 917 32.29 -9.61 -3.99
N THR H 918 31.72 -10.35 -4.94
CA THR H 918 30.62 -11.25 -4.63
C THR H 918 31.07 -12.68 -4.37
N SER H 919 32.29 -13.05 -4.79
CA SER H 919 32.76 -14.43 -4.68
C SER H 919 33.97 -14.61 -3.77
N ALA H 920 34.75 -13.57 -3.52
CA ALA H 920 35.95 -13.67 -2.70
C ALA H 920 35.78 -13.13 -1.28
N TYR H 921 35.14 -11.97 -1.14
CA TYR H 921 34.97 -11.38 0.18
C TYR H 921 34.09 -12.28 1.06
N ALA H 922 34.25 -12.11 2.37
CA ALA H 922 33.48 -12.83 3.38
C ALA H 922 33.64 -14.34 3.28
N ARG H 923 34.56 -14.81 2.46
CA ARG H 923 34.80 -16.25 2.31
C ARG H 923 35.79 -16.71 3.37
N THR H 924 36.05 -18.02 3.38
CA THR H 924 37.12 -18.60 4.17
C THR H 924 37.88 -19.58 3.30
N LEU H 925 39.20 -19.66 3.49
CA LEU H 925 40.04 -20.38 2.54
C LEU H 925 39.87 -21.89 2.66
N GLY H 926 40.05 -22.56 1.53
CA GLY H 926 40.03 -24.01 1.46
C GLY H 926 41.30 -24.56 0.86
N THR H 927 42.26 -23.69 0.57
CA THR H 927 43.58 -24.07 0.08
C THR H 927 44.54 -22.96 0.42
N ASP H 928 45.73 -23.33 0.91
CA ASP H 928 46.72 -22.33 1.27
C ASP H 928 47.07 -21.47 0.05
N ALA H 929 47.13 -20.15 0.27
CA ALA H 929 47.48 -19.22 -0.79
C ALA H 929 48.98 -19.28 -1.04
N VAL H 930 49.36 -19.62 -2.26
CA VAL H 930 50.76 -19.81 -2.63
C VAL H 930 51.10 -18.88 -3.79
N ASP H 931 52.18 -18.12 -3.64
CA ASP H 931 52.69 -17.29 -4.72
C ASP H 931 53.74 -18.11 -5.47
N GLU H 932 54.61 -17.45 -6.25
CA GLU H 932 55.71 -18.17 -6.88
C GLU H 932 56.73 -18.62 -5.83
N ALA H 933 56.89 -17.85 -4.76
CA ALA H 933 57.71 -18.27 -3.64
C ALA H 933 56.91 -19.22 -2.73
N GLY H 934 57.62 -19.83 -1.79
CA GLY H 934 56.97 -20.74 -0.86
C GLY H 934 56.21 -20.06 0.27
N ASN H 935 56.28 -18.74 0.36
CA ASN H 935 55.54 -18.02 1.38
C ASN H 935 54.04 -18.13 1.11
N VAL H 936 53.28 -18.35 2.17
CA VAL H 936 51.82 -18.39 2.07
C VAL H 936 51.29 -17.00 2.40
N ILE H 937 50.39 -16.51 1.56
CA ILE H 937 49.93 -15.12 1.69
C ILE H 937 48.82 -15.03 2.74
N VAL H 938 47.81 -15.88 2.62
CA VAL H 938 46.72 -15.97 3.59
C VAL H 938 46.65 -17.43 4.06
N GLU H 939 46.65 -17.63 5.38
CA GLU H 939 46.50 -18.97 5.92
C GLU H 939 45.08 -19.48 5.67
N ARG H 940 44.83 -20.75 6.00
CA ARG H 940 43.46 -21.24 5.90
C ARG H 940 42.55 -20.42 6.83
N GLY H 941 41.26 -20.42 6.50
CA GLY H 941 40.25 -20.07 7.48
C GLY H 941 40.33 -18.63 7.92
N GLN H 942 40.99 -17.79 7.15
CA GLN H 942 41.08 -16.37 7.45
C GLN H 942 40.10 -15.64 6.54
N ASP H 943 39.15 -14.93 7.15
CA ASP H 943 38.12 -14.26 6.37
C ASP H 943 38.76 -13.29 5.38
N LEU H 944 38.58 -13.56 4.09
CA LEU H 944 39.15 -12.70 3.05
C LEU H 944 38.56 -11.31 3.13
N GLY H 945 39.17 -10.44 3.96
CA GLY H 945 38.79 -9.05 4.01
C GLY H 945 39.42 -8.26 2.88
N ASP H 946 39.21 -6.95 2.92
CA ASP H 946 39.77 -6.06 1.90
C ASP H 946 41.29 -6.09 1.89
N PRO H 947 41.98 -5.75 2.98
CA PRO H 947 43.46 -5.82 2.96
C PRO H 947 43.97 -7.23 2.74
N GLU H 948 43.23 -8.23 3.22
CA GLU H 948 43.64 -9.61 3.04
C GLU H 948 43.49 -10.06 1.58
N ILE H 949 42.59 -9.44 0.83
CA ILE H 949 42.56 -9.67 -0.61
C ILE H 949 43.69 -8.91 -1.30
N ASP H 950 43.96 -7.69 -0.86
CA ASP H 950 45.10 -6.95 -1.42
C ASP H 950 46.39 -7.73 -1.22
N ALA H 951 46.48 -8.50 -0.14
CA ALA H 951 47.66 -9.34 0.09
C ALA H 951 47.84 -10.34 -1.05
N LEU H 952 46.79 -11.11 -1.36
CA LEU H 952 46.89 -12.08 -2.44
C LEU H 952 47.13 -11.41 -3.78
N LEU H 953 46.45 -10.28 -4.03
CA LEU H 953 46.55 -9.63 -5.33
C LEU H 953 47.96 -9.11 -5.58
N ALA H 954 48.59 -8.52 -4.58
CA ALA H 954 49.96 -8.04 -4.70
C ALA H 954 50.97 -9.16 -4.62
N ALA H 955 50.54 -10.40 -4.39
CA ALA H 955 51.44 -11.54 -4.27
C ALA H 955 51.56 -12.34 -5.56
N GLY H 956 50.74 -12.05 -6.57
CA GLY H 956 50.79 -12.75 -7.84
C GLY H 956 49.86 -13.93 -7.95
N ILE H 957 49.36 -14.46 -6.84
CA ILE H 957 48.42 -15.57 -6.91
C ILE H 957 47.09 -15.07 -7.45
N THR H 958 46.47 -15.85 -8.32
CA THR H 958 45.27 -15.45 -9.04
C THR H 958 44.10 -16.40 -8.86
N GLN H 959 44.23 -17.44 -8.05
CA GLN H 959 43.17 -18.40 -7.81
C GLN H 959 43.18 -18.77 -6.34
N VAL H 960 41.99 -18.92 -5.76
CA VAL H 960 41.88 -19.37 -4.38
C VAL H 960 40.87 -20.51 -4.33
N LYS H 961 40.99 -21.36 -3.32
CA LYS H 961 39.98 -22.36 -3.02
C LYS H 961 39.35 -21.95 -1.70
N VAL H 962 38.08 -21.58 -1.73
CA VAL H 962 37.41 -21.04 -0.56
C VAL H 962 36.35 -22.02 -0.09
N ARG H 963 36.11 -22.01 1.22
CA ARG H 963 35.03 -22.81 1.78
C ARG H 963 33.69 -22.27 1.32
N SER H 964 32.76 -23.17 1.03
CA SER H 964 31.44 -22.81 0.56
C SER H 964 30.39 -23.60 1.33
N VAL H 965 29.22 -22.99 1.50
CA VAL H 965 28.10 -23.70 2.13
C VAL H 965 27.67 -24.88 1.29
N LEU H 966 27.96 -24.85 -0.02
CA LEU H 966 27.71 -26.01 -0.86
C LEU H 966 28.44 -27.24 -0.33
N THR H 967 29.69 -27.06 0.10
CA THR H 967 30.58 -28.15 0.44
C THR H 967 30.49 -28.57 1.90
N CYS H 968 29.80 -27.80 2.73
CA CYS H 968 29.65 -28.17 4.13
C CYS H 968 28.92 -29.51 4.24
N ALA H 969 29.61 -30.50 4.79
CA ALA H 969 29.06 -31.85 4.94
C ALA H 969 28.61 -32.02 6.39
N THR H 970 27.45 -31.45 6.69
CA THR H 970 26.81 -31.59 7.98
C THR H 970 25.46 -32.28 7.80
N SER H 971 25.08 -33.07 8.80
CA SER H 971 23.87 -33.87 8.69
C SER H 971 22.65 -33.00 8.38
N THR H 972 22.42 -31.97 9.18
CA THR H 972 21.25 -31.12 9.04
C THR H 972 21.64 -29.69 8.72
N GLY H 973 22.18 -28.94 9.67
CA GLY H 973 22.51 -27.54 9.45
C GLY H 973 23.74 -27.33 8.59
N VAL H 974 24.39 -26.18 8.79
CA VAL H 974 25.63 -25.86 8.09
C VAL H 974 26.67 -25.42 9.11
N CYS H 975 27.93 -25.60 8.75
CA CYS H 975 29.02 -25.17 9.61
C CYS H 975 29.30 -23.68 9.42
N ALA H 976 29.93 -23.09 10.43
CA ALA H 976 30.25 -21.66 10.37
C ALA H 976 31.43 -21.39 9.45
N THR H 977 32.41 -22.29 9.42
CA THR H 977 33.59 -22.06 8.60
C THR H 977 33.24 -22.04 7.11
N CYS H 978 32.31 -22.89 6.68
CA CYS H 978 31.94 -22.92 5.26
C CYS H 978 31.04 -21.76 4.90
N TYR H 979 30.20 -21.31 5.83
CA TYR H 979 29.35 -20.16 5.55
C TYR H 979 30.18 -18.91 5.34
N GLY H 980 31.08 -18.61 6.29
CA GLY H 980 31.95 -17.47 6.17
C GLY H 980 31.60 -16.35 7.13
N ARG H 981 31.86 -15.12 6.72
CA ARG H 981 31.63 -13.96 7.57
C ARG H 981 30.17 -13.52 7.51
N SER H 982 29.57 -13.30 8.67
CA SER H 982 28.25 -12.70 8.73
C SER H 982 28.31 -11.29 8.15
N MET H 983 27.63 -11.07 7.02
CA MET H 983 27.79 -9.81 6.30
C MET H 983 27.43 -8.61 7.16
N ALA H 984 26.51 -8.77 8.10
CA ALA H 984 26.08 -7.67 8.97
C ALA H 984 27.00 -7.50 10.18
N THR H 985 27.41 -8.60 10.80
CA THR H 985 28.24 -8.54 11.99
C THR H 985 29.70 -8.23 11.70
N GLY H 986 30.16 -8.51 10.49
CA GLY H 986 31.56 -8.34 10.15
C GLY H 986 32.49 -9.39 10.70
N LYS H 987 31.98 -10.40 11.41
CA LYS H 987 32.78 -11.46 11.98
C LYS H 987 32.16 -12.80 11.62
N LEU H 988 32.79 -13.88 12.10
CA LEU H 988 32.26 -15.21 11.85
C LEU H 988 30.84 -15.33 12.38
N VAL H 989 29.97 -15.95 11.59
CA VAL H 989 28.57 -16.07 11.96
C VAL H 989 28.45 -16.83 13.27
N ASP H 990 27.53 -16.39 14.12
CA ASP H 990 27.26 -17.06 15.38
C ASP H 990 26.37 -18.27 15.15
N ILE H 991 26.53 -19.29 16.00
CA ILE H 991 25.74 -20.49 15.88
C ILE H 991 24.29 -20.17 16.21
N GLY H 992 23.37 -20.58 15.34
CA GLY H 992 21.94 -20.38 15.53
C GLY H 992 21.32 -19.35 14.61
N GLU H 993 22.12 -18.60 13.87
CA GLU H 993 21.58 -17.57 12.99
C GLU H 993 20.90 -18.22 11.79
N ALA H 994 19.65 -17.83 11.55
CA ALA H 994 18.85 -18.40 10.47
C ALA H 994 19.33 -17.81 9.14
N VAL H 995 20.46 -18.33 8.66
CA VAL H 995 21.05 -17.82 7.44
C VAL H 995 20.19 -18.10 6.22
N GLY H 996 19.30 -19.10 6.29
CA GLY H 996 18.45 -19.40 5.15
C GLY H 996 17.46 -18.28 4.85
N ILE H 997 16.77 -17.80 5.89
CA ILE H 997 15.83 -16.70 5.70
C ILE H 997 16.59 -15.45 5.28
N VAL H 998 17.79 -15.24 5.83
CA VAL H 998 18.57 -14.07 5.45
C VAL H 998 18.91 -14.13 3.97
N ALA H 999 19.28 -15.31 3.48
CA ALA H 999 19.58 -15.47 2.06
C ALA H 999 18.35 -15.22 1.21
N ALA H 1000 17.22 -15.84 1.59
CA ALA H 1000 15.99 -15.65 0.84
C ALA H 1000 15.62 -14.17 0.73
N GLN H 1001 15.70 -13.46 1.86
CA GLN H 1001 15.35 -12.04 1.86
C GLN H 1001 16.36 -11.23 1.05
N SER H 1002 17.64 -11.54 1.17
CA SER H 1002 18.67 -10.82 0.41
C SER H 1002 18.46 -10.99 -1.09
N ILE H 1003 17.94 -12.13 -1.51
CA ILE H 1003 17.74 -12.36 -2.94
C ILE H 1003 16.41 -11.76 -3.39
N GLY H 1004 15.39 -11.78 -2.53
CA GLY H 1004 14.09 -11.31 -2.93
C GLY H 1004 13.91 -9.81 -2.84
N GLU H 1005 14.77 -9.13 -2.07
CA GLU H 1005 14.61 -7.69 -1.92
C GLU H 1005 14.90 -6.95 -3.22
N PRO H 1006 15.99 -7.23 -3.93
CA PRO H 1006 16.25 -6.49 -5.18
C PRO H 1006 15.45 -6.98 -6.38
N GLY H 1007 14.67 -8.05 -6.25
CA GLY H 1007 13.84 -8.50 -7.34
C GLY H 1007 12.88 -7.44 -7.86
N THR H 1008 12.68 -6.36 -7.09
CA THR H 1008 11.78 -5.29 -7.51
C THR H 1008 12.24 -4.63 -8.79
N GLN H 1009 13.54 -4.64 -9.08
CA GLN H 1009 14.11 -3.95 -10.24
C GLN H 1009 14.73 -4.98 -11.16
N LEU H 1010 14.02 -5.34 -12.23
CA LEU H 1010 14.49 -6.31 -13.20
C LEU H 1010 13.84 -6.02 -14.54
N THR H 1011 14.12 -6.87 -15.52
CA THR H 1011 13.58 -6.71 -16.87
C THR H 1011 12.66 -7.89 -17.21
N GLY H 1026 16.71 -13.35 -20.90
CA GLY H 1026 16.94 -13.40 -19.46
C GLY H 1026 15.86 -12.70 -18.67
N GLY H 1027 16.24 -12.09 -17.56
CA GLY H 1027 15.32 -11.38 -16.70
C GLY H 1027 14.91 -12.19 -15.49
N LEU H 1028 13.89 -11.67 -14.80
CA LEU H 1028 13.36 -12.37 -13.62
C LEU H 1028 12.78 -13.73 -13.97
N PRO H 1029 12.05 -13.91 -15.08
CA PRO H 1029 11.62 -15.26 -15.44
C PRO H 1029 12.78 -16.23 -15.61
N ARG H 1030 13.97 -15.74 -15.97
CA ARG H 1030 15.12 -16.63 -16.00
C ARG H 1030 15.51 -17.08 -14.60
N VAL H 1031 15.40 -16.17 -13.62
CA VAL H 1031 15.64 -16.55 -12.24
C VAL H 1031 14.65 -17.63 -11.82
N GLN H 1032 13.39 -17.49 -12.22
CA GLN H 1032 12.41 -18.54 -11.90
C GLN H 1032 12.75 -19.85 -12.60
N GLU H 1033 13.12 -19.78 -13.88
CA GLU H 1033 13.51 -20.99 -14.59
C GLU H 1033 14.64 -21.72 -13.87
N LEU H 1034 15.59 -20.95 -13.33
CA LEU H 1034 16.73 -21.55 -12.66
C LEU H 1034 16.34 -22.15 -11.30
N PHE H 1035 15.55 -21.43 -10.52
CA PHE H 1035 15.20 -21.91 -9.18
C PHE H 1035 14.18 -23.03 -9.20
N GLU H 1036 13.39 -23.16 -10.27
CA GLU H 1036 12.38 -24.21 -10.35
C GLU H 1036 12.87 -25.44 -11.12
N ALA H 1037 14.13 -25.43 -11.58
CA ALA H 1037 14.70 -26.58 -12.28
C ALA H 1037 13.88 -26.94 -13.51
N ARG H 1038 13.42 -25.93 -14.24
CA ARG H 1038 12.62 -26.17 -15.44
C ARG H 1038 13.53 -26.51 -16.62
N VAL H 1039 12.92 -27.08 -17.65
CA VAL H 1039 13.58 -27.29 -18.93
C VAL H 1039 13.67 -25.93 -19.62
N PRO H 1040 14.84 -25.29 -19.66
CA PRO H 1040 14.89 -23.88 -20.04
C PRO H 1040 14.43 -23.63 -21.47
N ARG H 1041 14.25 -22.35 -21.78
CA ARG H 1041 13.95 -21.94 -23.15
C ARG H 1041 15.13 -22.20 -24.07
N GLY H 1042 16.33 -21.76 -23.66
CA GLY H 1042 17.50 -21.95 -24.49
C GLY H 1042 17.73 -23.40 -24.85
N LYS H 1043 17.61 -24.29 -23.87
CA LYS H 1043 17.75 -25.73 -24.09
C LYS H 1043 19.05 -26.04 -24.82
N ALA H 1044 20.13 -25.37 -24.42
CA ALA H 1044 21.41 -25.57 -25.08
C ALA H 1044 21.93 -26.98 -24.82
N PRO H 1045 22.46 -27.66 -25.84
CA PRO H 1045 23.03 -28.99 -25.62
C PRO H 1045 24.40 -28.90 -24.95
N ILE H 1046 24.91 -30.07 -24.56
CA ILE H 1046 26.18 -30.17 -23.87
C ILE H 1046 26.93 -31.39 -24.39
N ALA H 1047 28.25 -31.36 -24.21
CA ALA H 1047 29.12 -32.44 -24.67
C ALA H 1047 29.08 -33.55 -23.64
N ASP H 1048 28.45 -34.68 -23.98
CA ASP H 1048 28.36 -35.79 -23.05
C ASP H 1048 29.71 -36.49 -22.86
N VAL H 1049 30.62 -36.37 -23.82
CA VAL H 1049 31.94 -37.00 -23.74
C VAL H 1049 32.96 -36.05 -24.34
N THR H 1050 34.09 -35.91 -23.67
CA THR H 1050 35.17 -35.08 -24.21
C THR H 1050 35.76 -35.73 -25.46
N GLY H 1051 36.02 -34.91 -26.47
CA GLY H 1051 36.54 -35.44 -27.71
C GLY H 1051 36.71 -34.41 -28.81
N ARG H 1052 36.61 -34.87 -30.05
CA ARG H 1052 36.73 -34.03 -31.23
C ARG H 1052 35.34 -33.64 -31.70
N VAL H 1053 35.18 -32.34 -32.01
CA VAL H 1053 33.92 -31.80 -32.52
C VAL H 1053 33.70 -32.29 -33.94
N ARG H 1054 32.41 -32.41 -34.34
CA ARG H 1054 32.06 -32.78 -35.72
C ARG H 1054 31.03 -31.77 -36.21
N LEU H 1055 31.51 -30.61 -36.67
CA LEU H 1055 30.63 -29.60 -37.24
C LEU H 1055 30.09 -30.12 -38.57
N GLU H 1056 28.79 -30.45 -38.59
CA GLU H 1056 28.13 -30.86 -39.82
C GLU H 1056 26.98 -29.90 -40.14
N ASP H 1057 27.32 -28.63 -40.35
CA ASP H 1057 26.32 -27.60 -40.51
C ASP H 1057 25.79 -27.56 -41.93
N GLY H 1058 24.50 -27.32 -42.07
CA GLY H 1058 23.88 -27.08 -43.35
C GLY H 1058 22.91 -25.93 -43.25
N GLU H 1059 21.83 -25.98 -44.03
CA GLU H 1059 20.75 -25.00 -43.94
C GLU H 1059 19.40 -25.63 -43.65
N ARG H 1060 19.20 -26.89 -44.05
CA ARG H 1060 17.95 -27.58 -43.74
C ARG H 1060 17.79 -27.78 -42.24
N PHE H 1061 18.89 -28.09 -41.54
CA PHE H 1061 18.85 -28.49 -40.14
C PHE H 1061 20.28 -28.43 -39.61
N TYR H 1062 20.44 -28.80 -38.33
CA TYR H 1062 21.75 -28.88 -37.71
C TYR H 1062 21.90 -30.22 -37.02
N LYS H 1063 23.00 -30.92 -37.30
CA LYS H 1063 23.34 -32.14 -36.61
C LYS H 1063 24.82 -32.09 -36.27
N ILE H 1064 25.15 -32.38 -35.02
CA ILE H 1064 26.53 -32.33 -34.54
C ILE H 1064 26.81 -33.63 -33.79
N THR H 1065 27.97 -34.23 -34.07
CA THR H 1065 28.42 -35.41 -33.36
C THR H 1065 29.73 -35.09 -32.66
N ILE H 1066 30.05 -35.92 -31.67
CA ILE H 1066 31.32 -35.84 -30.97
C ILE H 1066 31.98 -37.21 -31.03
N VAL H 1067 33.27 -37.21 -31.40
CA VAL H 1067 34.09 -38.43 -31.36
C VAL H 1067 34.84 -38.43 -30.07
N PRO H 1068 34.58 -39.38 -29.14
CA PRO H 1068 35.22 -39.32 -27.82
C PRO H 1068 36.74 -39.30 -27.93
N ASP H 1069 37.36 -38.40 -27.15
CA ASP H 1069 38.82 -38.29 -27.14
C ASP H 1069 39.47 -39.60 -26.72
N ASP H 1070 38.76 -40.41 -25.93
CA ASP H 1070 39.32 -41.66 -25.40
C ASP H 1070 38.23 -42.73 -25.43
N GLY H 1071 38.36 -43.67 -26.35
CA GLY H 1071 37.40 -44.77 -26.41
C GLY H 1071 36.02 -44.28 -26.84
N GLY H 1072 35.01 -44.80 -26.15
CA GLY H 1072 33.63 -44.39 -26.39
C GLY H 1072 33.18 -44.59 -27.84
N GLU H 1073 32.02 -44.00 -28.12
CA GLU H 1073 31.42 -44.03 -29.44
C GLU H 1073 30.89 -42.64 -29.77
N GLU H 1074 30.60 -42.43 -31.06
CA GLU H 1074 30.10 -41.14 -31.51
C GLU H 1074 28.79 -40.81 -30.79
N VAL H 1075 28.64 -39.55 -30.39
CA VAL H 1075 27.40 -39.07 -29.79
C VAL H 1075 26.78 -38.05 -30.72
N VAL H 1076 25.54 -38.32 -31.16
CA VAL H 1076 24.84 -37.54 -32.17
C VAL H 1076 23.81 -36.64 -31.50
N TYR H 1077 23.63 -35.44 -32.05
CA TYR H 1077 22.63 -34.49 -31.58
C TYR H 1077 21.84 -33.97 -32.78
N ASP H 1078 20.74 -33.27 -32.48
CA ASP H 1078 19.85 -32.72 -33.51
C ASP H 1078 19.34 -31.37 -33.01
N LYS H 1079 19.73 -30.30 -33.69
CA LYS H 1079 19.36 -28.95 -33.29
C LYS H 1079 18.90 -28.16 -34.52
N ILE H 1080 18.13 -27.11 -34.26
CA ILE H 1080 17.63 -26.23 -35.29
C ILE H 1080 18.70 -25.21 -35.65
N SER H 1081 18.74 -24.82 -36.93
CA SER H 1081 19.72 -23.84 -37.40
C SER H 1081 19.46 -22.44 -36.88
N LYS H 1082 18.41 -22.23 -36.10
CA LYS H 1082 18.08 -20.89 -35.58
C LYS H 1082 18.91 -20.52 -34.37
N ARG H 1083 19.63 -21.47 -33.77
CA ARG H 1083 20.53 -21.17 -32.66
C ARG H 1083 21.91 -20.80 -33.22
N GLN H 1084 22.84 -20.47 -32.32
CA GLN H 1084 24.19 -20.09 -32.71
C GLN H 1084 25.19 -20.67 -31.73
N ARG H 1085 26.39 -20.97 -32.24
CA ARG H 1085 27.42 -21.60 -31.45
C ARG H 1085 28.10 -20.58 -30.53
N LEU H 1086 28.31 -20.97 -29.28
CA LEU H 1086 29.07 -20.13 -28.36
C LEU H 1086 30.55 -20.18 -28.71
N ARG H 1087 31.18 -19.01 -28.71
CA ARG H 1087 32.63 -18.94 -28.90
C ARG H 1087 33.33 -19.52 -27.68
N VAL H 1088 33.62 -20.82 -27.73
CA VAL H 1088 34.19 -21.52 -26.59
C VAL H 1088 35.68 -21.24 -26.52
N PHE H 1089 36.18 -21.01 -25.31
CA PHE H 1089 37.62 -20.83 -25.11
C PHE H 1089 38.35 -22.10 -25.53
N LYS H 1090 38.55 -22.26 -26.83
CA LYS H 1090 39.17 -23.46 -27.37
C LYS H 1090 40.59 -23.64 -26.82
N HIS H 1091 41.09 -24.86 -26.95
CA HIS H 1091 42.45 -25.19 -26.53
C HIS H 1091 43.49 -24.25 -27.11
N GLU H 1092 43.17 -23.53 -28.20
CA GLU H 1092 44.13 -22.60 -28.79
C GLU H 1092 44.38 -21.36 -27.94
N ASP H 1093 43.74 -21.25 -26.77
CA ASP H 1093 43.85 -20.10 -25.87
C ASP H 1093 43.15 -18.87 -26.42
N GLY H 1094 42.41 -19.01 -27.51
CA GLY H 1094 41.69 -17.89 -28.10
C GLY H 1094 40.21 -17.94 -27.79
N SER H 1095 39.73 -17.00 -26.97
CA SER H 1095 38.35 -17.04 -26.52
C SER H 1095 37.34 -16.91 -27.65
N GLU H 1096 37.74 -16.31 -28.77
CA GLU H 1096 36.83 -16.10 -29.90
C GLU H 1096 36.85 -17.25 -30.90
N ARG H 1097 36.97 -18.48 -30.41
CA ARG H 1097 37.03 -19.65 -31.29
C ARG H 1097 35.61 -20.17 -31.49
N VAL H 1098 34.97 -19.75 -32.58
CA VAL H 1098 33.66 -20.29 -32.92
C VAL H 1098 33.78 -21.78 -33.15
N LEU H 1099 32.87 -22.54 -32.54
CA LEU H 1099 32.97 -24.00 -32.56
C LEU H 1099 32.85 -24.56 -33.97
N SER H 1100 33.99 -24.91 -34.56
CA SER H 1100 34.04 -25.61 -35.84
C SER H 1100 34.58 -27.02 -35.60
N ASP H 1101 34.42 -27.88 -36.60
CA ASP H 1101 34.89 -29.26 -36.47
C ASP H 1101 36.39 -29.27 -36.19
N GLY H 1102 36.82 -30.29 -35.46
CA GLY H 1102 38.22 -30.46 -35.11
C GLY H 1102 38.60 -29.89 -33.75
N ASP H 1103 37.75 -29.08 -33.15
CA ASP H 1103 38.04 -28.56 -31.81
C ASP H 1103 38.02 -29.70 -30.80
N HIS H 1104 38.75 -29.49 -29.70
CA HIS H 1104 38.84 -30.48 -28.62
C HIS H 1104 38.05 -29.96 -27.43
N VAL H 1105 36.76 -30.27 -27.42
CA VAL H 1105 35.87 -29.86 -26.33
C VAL H 1105 35.92 -30.93 -25.24
N GLU H 1106 35.76 -30.48 -23.99
CA GLU H 1106 35.75 -31.40 -22.86
C GLU H 1106 34.32 -31.86 -22.57
N VAL H 1107 34.20 -32.80 -21.64
CA VAL H 1107 32.89 -33.35 -21.30
C VAL H 1107 32.08 -32.29 -20.55
N GLY H 1108 30.80 -32.18 -20.91
CA GLY H 1108 29.95 -31.19 -20.29
C GLY H 1108 30.18 -29.78 -20.77
N GLN H 1109 30.58 -29.60 -22.03
CA GLN H 1109 30.81 -28.29 -22.60
C GLN H 1109 29.57 -27.85 -23.37
N GLN H 1110 29.10 -26.63 -23.10
CA GLN H 1110 27.97 -26.09 -23.82
C GLN H 1110 28.34 -25.90 -25.29
N LEU H 1111 27.47 -26.36 -26.19
CA LEU H 1111 27.74 -26.30 -27.63
C LEU H 1111 27.24 -24.98 -28.20
N MET H 1112 25.93 -24.83 -28.33
CA MET H 1112 25.34 -23.62 -28.90
C MET H 1112 24.84 -22.69 -27.80
N GLU H 1113 24.75 -21.42 -28.15
CA GLU H 1113 24.37 -20.38 -27.20
C GLU H 1113 22.99 -20.67 -26.62
N GLY H 1114 22.70 -19.99 -25.51
CA GLY H 1114 21.42 -20.15 -24.84
C GLY H 1114 21.58 -20.45 -23.36
N SER H 1115 20.78 -21.39 -22.86
CA SER H 1115 20.80 -21.78 -21.45
C SER H 1115 20.75 -23.30 -21.38
N ALA H 1116 21.82 -23.91 -20.88
CA ALA H 1116 21.90 -25.37 -20.83
C ALA H 1116 20.95 -25.91 -19.78
N ASP H 1117 20.39 -27.09 -20.07
CA ASP H 1117 19.46 -27.76 -19.17
C ASP H 1117 20.18 -28.22 -17.91
N PRO H 1118 19.91 -27.66 -16.74
CA PRO H 1118 20.62 -28.12 -15.53
C PRO H 1118 20.40 -29.59 -15.23
N HIS H 1119 19.23 -30.13 -15.56
CA HIS H 1119 18.94 -31.53 -15.27
C HIS H 1119 19.99 -32.45 -15.89
N GLU H 1120 20.41 -32.15 -17.12
CA GLU H 1120 21.43 -32.96 -17.77
C GLU H 1120 22.81 -32.66 -17.23
N VAL H 1121 23.08 -31.41 -16.86
CA VAL H 1121 24.37 -31.08 -16.26
C VAL H 1121 24.58 -31.90 -14.99
N LEU H 1122 23.51 -32.15 -14.24
CA LEU H 1122 23.64 -32.97 -13.04
C LEU H 1122 24.14 -34.36 -13.39
N ARG H 1123 23.43 -35.06 -14.29
CA ARG H 1123 23.81 -36.42 -14.66
C ARG H 1123 25.04 -36.48 -15.56
N VAL H 1124 25.64 -35.34 -15.89
CA VAL H 1124 26.88 -35.35 -16.64
C VAL H 1124 28.07 -35.06 -15.73
N GLN H 1125 28.11 -33.86 -15.16
CA GLN H 1125 29.30 -33.39 -14.44
C GLN H 1125 29.25 -33.63 -12.94
N GLY H 1126 28.07 -33.76 -12.34
CA GLY H 1126 27.96 -34.03 -10.92
C GLY H 1126 27.28 -32.91 -10.16
N PRO H 1127 26.87 -33.19 -8.92
CA PRO H 1127 26.16 -32.15 -8.14
C PRO H 1127 26.96 -30.89 -7.93
N ARG H 1128 28.26 -31.00 -7.67
CA ARG H 1128 29.09 -29.82 -7.44
C ARG H 1128 28.98 -28.85 -8.62
N GLU H 1129 29.15 -29.36 -9.82
CA GLU H 1129 29.20 -28.50 -10.99
C GLU H 1129 27.83 -27.90 -11.31
N VAL H 1130 26.76 -28.67 -11.12
CA VAL H 1130 25.44 -28.10 -11.38
C VAL H 1130 25.13 -27.02 -10.36
N GLN H 1131 25.59 -27.19 -9.11
CA GLN H 1131 25.43 -26.12 -8.11
C GLN H 1131 26.15 -24.85 -8.56
N ILE H 1132 27.41 -25.00 -8.99
CA ILE H 1132 28.17 -23.84 -9.46
C ILE H 1132 27.47 -23.19 -10.65
N HIS H 1133 26.97 -24.02 -11.56
CA HIS H 1133 26.26 -23.53 -12.74
C HIS H 1133 25.08 -22.68 -12.33
N LEU H 1134 24.19 -23.24 -11.50
CA LEU H 1134 23.04 -22.47 -11.03
C LEU H 1134 23.48 -21.16 -10.38
N VAL H 1135 24.48 -21.23 -9.50
CA VAL H 1135 24.92 -20.03 -8.78
C VAL H 1135 25.27 -18.93 -9.77
N ARG H 1136 26.26 -19.17 -10.63
CA ARG H 1136 26.72 -18.07 -11.48
C ARG H 1136 25.73 -17.75 -12.60
N GLU H 1137 24.86 -18.68 -12.98
CA GLU H 1137 23.85 -18.37 -13.99
C GLU H 1137 22.79 -17.43 -13.43
N VAL H 1138 22.42 -17.62 -12.16
CA VAL H 1138 21.52 -16.68 -11.49
C VAL H 1138 22.24 -15.36 -11.26
N GLN H 1139 23.52 -15.44 -10.89
CA GLN H 1139 24.27 -14.23 -10.58
C GLN H 1139 24.48 -13.37 -11.82
N GLU H 1140 24.55 -13.98 -13.00
CA GLU H 1140 24.57 -13.19 -14.22
C GLU H 1140 23.34 -12.30 -14.32
N VAL H 1141 22.16 -12.87 -14.03
CA VAL H 1141 20.93 -12.10 -14.11
C VAL H 1141 20.96 -10.93 -13.13
N TYR H 1142 21.37 -11.20 -11.89
CA TYR H 1142 21.34 -10.10 -10.91
C TYR H 1142 22.46 -9.09 -11.13
N ARG H 1143 23.60 -9.50 -11.68
CA ARG H 1143 24.71 -8.58 -11.89
C ARG H 1143 24.52 -7.75 -13.16
N ALA H 1144 23.85 -8.29 -14.17
CA ALA H 1144 23.58 -7.54 -15.40
C ALA H 1144 22.52 -6.48 -15.21
N GLN H 1145 22.13 -6.22 -13.96
CA GLN H 1145 21.13 -5.20 -13.64
C GLN H 1145 21.61 -4.23 -12.57
N GLY H 1146 22.86 -4.36 -12.11
CA GLY H 1146 23.38 -3.46 -11.09
C GLY H 1146 23.14 -3.90 -9.66
N VAL H 1147 22.81 -5.17 -9.43
CA VAL H 1147 22.51 -5.68 -8.11
C VAL H 1147 23.63 -6.59 -7.67
N SER H 1148 24.17 -6.35 -6.47
CA SER H 1148 25.30 -7.11 -5.94
C SER H 1148 24.80 -8.00 -4.80
N ILE H 1149 24.60 -9.28 -5.10
CA ILE H 1149 24.26 -10.28 -4.11
C ILE H 1149 25.45 -11.23 -3.97
N HIS H 1150 25.91 -11.42 -2.75
CA HIS H 1150 27.02 -12.33 -2.51
C HIS H 1150 26.60 -13.76 -2.81
N ASP H 1151 27.49 -14.52 -3.48
CA ASP H 1151 27.17 -15.88 -3.87
C ASP H 1151 26.78 -16.75 -2.68
N LYS H 1152 27.18 -16.36 -1.47
CA LYS H 1152 26.83 -17.11 -0.26
C LYS H 1152 25.33 -17.38 -0.20
N HIS H 1153 24.52 -16.33 -0.34
CA HIS H 1153 23.08 -16.47 -0.19
C HIS H 1153 22.49 -17.39 -1.24
N ILE H 1154 22.96 -17.28 -2.49
CA ILE H 1154 22.47 -18.15 -3.55
C ILE H 1154 22.83 -19.60 -3.27
N GLU H 1155 24.07 -19.82 -2.81
CA GLU H 1155 24.51 -21.17 -2.48
C GLU H 1155 23.63 -21.79 -1.39
N VAL H 1156 23.20 -20.98 -0.42
CA VAL H 1156 22.35 -21.53 0.63
C VAL H 1156 21.08 -22.14 0.05
N ILE H 1157 20.54 -21.58 -1.03
CA ILE H 1157 19.33 -22.10 -1.65
C ILE H 1157 19.66 -23.32 -2.51
N VAL H 1158 20.69 -23.20 -3.35
CA VAL H 1158 21.03 -24.32 -4.22
C VAL H 1158 21.35 -25.56 -3.40
N ARG H 1159 21.90 -25.37 -2.19
CA ARG H 1159 22.15 -26.50 -1.31
C ARG H 1159 20.86 -27.24 -0.99
N GLN H 1160 19.76 -26.51 -0.80
CA GLN H 1160 18.49 -27.15 -0.52
C GLN H 1160 17.86 -27.77 -1.76
N MET H 1161 18.21 -27.28 -2.96
CA MET H 1161 17.63 -27.89 -4.16
C MET H 1161 18.15 -29.31 -4.41
N LEU H 1162 19.33 -29.67 -3.89
CA LEU H 1162 19.95 -30.95 -4.19
C LEU H 1162 20.15 -31.82 -2.95
N ARG H 1163 19.25 -31.72 -1.97
CA ARG H 1163 19.39 -32.53 -0.77
C ARG H 1163 18.81 -33.94 -0.93
N ARG H 1164 17.98 -34.17 -1.94
CA ARG H 1164 17.30 -35.44 -2.11
C ARG H 1164 17.81 -36.18 -3.35
N VAL H 1165 17.71 -37.51 -3.29
CA VAL H 1165 18.07 -38.40 -4.39
C VAL H 1165 16.91 -39.36 -4.58
N THR H 1166 16.80 -39.89 -5.80
CA THR H 1166 15.72 -40.82 -6.09
C THR H 1166 16.19 -42.27 -5.89
N ILE H 1167 15.23 -43.19 -5.94
CA ILE H 1167 15.46 -44.61 -5.71
C ILE H 1167 15.32 -45.33 -7.03
N ILE H 1168 16.36 -46.06 -7.43
CA ILE H 1168 16.31 -46.92 -8.60
C ILE H 1168 15.85 -48.32 -8.23
N ASP H 1169 16.49 -48.93 -7.23
CA ASP H 1169 16.12 -50.24 -6.73
C ASP H 1169 16.00 -50.14 -5.21
N SER H 1170 14.90 -50.67 -4.67
CA SER H 1170 14.69 -50.63 -3.23
C SER H 1170 15.66 -51.55 -2.50
N GLY H 1171 16.13 -52.60 -3.17
CA GLY H 1171 17.03 -53.54 -2.51
C GLY H 1171 16.32 -54.22 -1.36
N SER H 1172 16.83 -54.00 -0.15
CA SER H 1172 16.22 -54.54 1.06
C SER H 1172 15.59 -53.43 1.91
N THR H 1173 15.48 -52.22 1.38
CA THR H 1173 14.85 -51.12 2.09
C THR H 1173 13.35 -51.08 1.80
N GLU H 1174 12.62 -50.36 2.64
CA GLU H 1174 11.21 -50.11 2.43
C GLU H 1174 10.95 -48.87 1.59
N PHE H 1175 12.00 -48.24 1.07
CA PHE H 1175 11.85 -47.04 0.27
C PHE H 1175 11.15 -47.39 -1.04
N LEU H 1176 10.05 -46.71 -1.33
CA LEU H 1176 9.30 -46.95 -2.54
C LEU H 1176 10.12 -46.51 -3.74
N PRO H 1177 10.42 -47.39 -4.69
CA PRO H 1177 11.26 -46.97 -5.83
C PRO H 1177 10.62 -45.81 -6.58
N GLY H 1178 11.45 -44.86 -6.99
CA GLY H 1178 10.99 -43.66 -7.63
C GLY H 1178 10.76 -42.49 -6.70
N SER H 1179 10.70 -42.73 -5.39
CA SER H 1179 10.50 -41.66 -4.43
C SER H 1179 11.78 -40.87 -4.23
N LEU H 1180 11.62 -39.59 -3.90
CA LEU H 1180 12.74 -38.69 -3.63
C LEU H 1180 12.96 -38.62 -2.12
N ILE H 1181 14.13 -39.07 -1.67
CA ILE H 1181 14.43 -39.20 -0.26
C ILE H 1181 15.69 -38.40 0.05
N ASP H 1182 15.73 -37.80 1.24
CA ASP H 1182 16.88 -37.01 1.65
C ASP H 1182 18.13 -37.87 1.66
N ARG H 1183 19.23 -37.32 1.12
CA ARG H 1183 20.47 -38.07 0.99
C ARG H 1183 21.11 -38.40 2.33
N ALA H 1184 20.54 -37.93 3.44
CA ALA H 1184 21.01 -38.34 4.76
C ALA H 1184 20.34 -39.63 5.21
N GLU H 1185 19.01 -39.69 5.15
CA GLU H 1185 18.30 -40.91 5.52
C GLU H 1185 18.62 -42.05 4.55
N PHE H 1186 18.85 -41.75 3.27
CA PHE H 1186 19.22 -42.80 2.32
C PHE H 1186 20.50 -43.49 2.77
N GLU H 1187 21.56 -42.71 3.04
CA GLU H 1187 22.82 -43.30 3.45
C GLU H 1187 22.70 -43.94 4.83
N ALA H 1188 21.91 -43.35 5.73
CA ALA H 1188 21.77 -43.92 7.06
C ALA H 1188 21.00 -45.23 7.04
N GLU H 1189 20.08 -45.40 6.08
CA GLU H 1189 19.33 -46.64 5.97
C GLU H 1189 20.14 -47.72 5.26
N ASN H 1190 20.83 -47.35 4.18
CA ASN H 1190 21.77 -48.28 3.56
C ASN H 1190 22.91 -48.63 4.50
N ARG H 1191 23.18 -47.80 5.51
CA ARG H 1191 24.19 -48.12 6.50
C ARG H 1191 23.73 -49.28 7.38
N ARG H 1192 22.44 -49.30 7.73
CA ARG H 1192 21.92 -50.41 8.53
C ARG H 1192 21.74 -51.66 7.68
N VAL H 1193 21.26 -51.51 6.44
CA VAL H 1193 21.02 -52.68 5.60
C VAL H 1193 22.33 -53.32 5.16
N VAL H 1194 23.33 -52.49 4.83
CA VAL H 1194 24.64 -53.03 4.46
C VAL H 1194 25.21 -53.87 5.59
N ALA H 1195 25.05 -53.40 6.83
CA ALA H 1195 25.51 -54.13 8.00
C ALA H 1195 24.54 -55.22 8.43
N GLU H 1196 23.32 -55.24 7.87
CA GLU H 1196 22.36 -56.28 8.17
C GLU H 1196 22.48 -57.49 7.25
N GLY H 1197 23.05 -57.31 6.06
CA GLY H 1197 23.24 -58.37 5.09
C GLY H 1197 22.44 -58.18 3.81
N GLY H 1198 21.29 -57.51 3.90
CA GLY H 1198 20.48 -57.26 2.73
C GLY H 1198 21.17 -56.32 1.76
N GLU H 1199 20.50 -56.09 0.64
CA GLU H 1199 21.03 -55.20 -0.39
C GLU H 1199 20.70 -53.75 -0.05
N PRO H 1200 21.68 -52.84 -0.08
CA PRO H 1200 21.36 -51.43 0.11
C PRO H 1200 20.60 -50.87 -1.07
N ALA H 1201 19.75 -49.88 -0.79
CA ALA H 1201 18.97 -49.25 -1.84
C ALA H 1201 19.88 -48.47 -2.77
N ALA H 1202 19.57 -48.51 -4.07
CA ALA H 1202 20.35 -47.76 -5.03
C ALA H 1202 20.05 -46.28 -4.94
N GLY H 1203 20.93 -45.46 -5.50
CA GLY H 1203 20.79 -44.02 -5.44
C GLY H 1203 21.10 -43.39 -6.78
N ARG H 1204 20.57 -42.18 -6.95
CA ARG H 1204 20.82 -41.37 -8.14
C ARG H 1204 20.49 -39.92 -7.81
N PRO H 1205 21.45 -39.00 -7.92
CA PRO H 1205 21.17 -37.61 -7.54
C PRO H 1205 20.05 -37.02 -8.39
N VAL H 1206 19.20 -36.23 -7.74
CA VAL H 1206 18.03 -35.64 -8.38
C VAL H 1206 17.96 -34.16 -8.02
N LEU H 1207 17.65 -33.34 -9.02
CA LEU H 1207 17.50 -31.90 -8.84
C LEU H 1207 16.02 -31.56 -8.75
N MET H 1208 15.63 -30.91 -7.66
CA MET H 1208 14.26 -30.49 -7.44
C MET H 1208 14.18 -28.97 -7.39
N GLY H 1209 13.12 -28.42 -7.97
CA GLY H 1209 12.86 -27.00 -7.83
C GLY H 1209 12.51 -26.64 -6.40
N ILE H 1210 12.78 -25.38 -6.05
CA ILE H 1210 12.51 -24.94 -4.68
C ILE H 1210 11.05 -25.16 -4.32
N THR H 1211 10.14 -24.89 -5.27
CA THR H 1211 8.72 -25.09 -5.00
C THR H 1211 8.43 -26.56 -4.71
N LYS H 1212 9.03 -27.47 -5.49
CA LYS H 1212 8.78 -28.89 -5.30
C LYS H 1212 9.49 -29.41 -4.04
N ALA H 1213 10.68 -28.90 -3.76
CA ALA H 1213 11.40 -29.34 -2.57
C ALA H 1213 10.71 -28.88 -1.28
N SER H 1214 10.08 -27.71 -1.32
CA SER H 1214 9.38 -27.21 -0.13
C SER H 1214 8.26 -28.14 0.28
N LEU H 1215 7.46 -28.60 -0.69
CA LEU H 1215 6.34 -29.49 -0.37
C LEU H 1215 6.80 -30.87 0.06
N ALA H 1216 8.03 -31.24 -0.27
CA ALA H 1216 8.57 -32.54 0.10
C ALA H 1216 9.17 -32.57 1.51
N THR H 1217 9.07 -31.48 2.25
CA THR H 1217 9.62 -31.44 3.59
C THR H 1217 8.93 -32.48 4.47
N ASP H 1218 9.63 -32.88 5.55
CA ASP H 1218 9.13 -33.93 6.42
C ASP H 1218 7.95 -33.47 7.27
N SER H 1219 7.75 -32.17 7.42
CA SER H 1219 6.66 -31.63 8.22
C SER H 1219 5.47 -31.37 7.30
N TRP H 1220 4.40 -32.14 7.46
CA TRP H 1220 3.18 -31.88 6.69
C TRP H 1220 2.54 -30.56 7.10
N LEU H 1221 2.80 -30.08 8.31
CA LEU H 1221 2.26 -28.79 8.73
C LEU H 1221 3.02 -27.64 8.07
N SER H 1222 4.34 -27.81 7.84
CA SER H 1222 5.10 -26.78 7.15
C SER H 1222 4.77 -26.74 5.66
N ALA H 1223 4.32 -27.87 5.09
CA ALA H 1223 3.95 -27.93 3.68
C ALA H 1223 2.52 -27.49 3.43
N ALA H 1224 1.60 -27.85 4.32
CA ALA H 1224 0.20 -27.46 4.16
C ALA H 1224 0.02 -25.95 4.28
N SER H 1225 0.94 -25.27 4.95
CA SER H 1225 0.87 -23.81 5.08
C SER H 1225 1.61 -23.08 3.97
N PHE H 1226 2.16 -23.81 3.00
CA PHE H 1226 2.88 -23.18 1.89
C PHE H 1226 1.99 -23.06 0.66
N GLN H 1227 1.70 -24.19 0.02
CA GLN H 1227 0.87 -24.20 -1.17
C GLN H 1227 0.10 -25.51 -1.23
N GLU H 1228 -0.99 -25.50 -1.98
CA GLU H 1228 -1.77 -26.71 -2.25
C GLU H 1228 -2.17 -27.37 -0.94
N THR H 1229 -2.91 -26.60 -0.13
CA THR H 1229 -3.23 -27.04 1.23
C THR H 1229 -3.99 -28.36 1.21
N THR H 1230 -5.07 -28.44 0.41
CA THR H 1230 -5.85 -29.66 0.35
C THR H 1230 -5.03 -30.82 -0.22
N ARG H 1231 -4.28 -30.55 -1.28
CA ARG H 1231 -3.46 -31.60 -1.89
C ARG H 1231 -2.43 -32.13 -0.92
N VAL H 1232 -1.97 -31.29 0.01
CA VAL H 1232 -0.98 -31.74 0.99
C VAL H 1232 -1.65 -32.51 2.12
N LEU H 1233 -2.78 -32.01 2.62
CA LEU H 1233 -3.44 -32.67 3.74
C LEU H 1233 -3.99 -34.04 3.34
N THR H 1234 -4.44 -34.19 2.09
CA THR H 1234 -4.89 -35.51 1.63
C THR H 1234 -3.76 -36.53 1.71
N ASP H 1235 -2.61 -36.20 1.13
CA ASP H 1235 -1.46 -37.09 1.20
C ASP H 1235 -1.03 -37.33 2.64
N ALA H 1236 -1.13 -36.29 3.49
CA ALA H 1236 -0.75 -36.45 4.88
C ALA H 1236 -1.64 -37.47 5.57
N ALA H 1237 -2.94 -37.42 5.31
CA ALA H 1237 -3.86 -38.36 5.95
C ALA H 1237 -3.70 -39.77 5.39
N ILE H 1238 -3.42 -39.89 4.09
CA ILE H 1238 -3.23 -41.22 3.51
C ILE H 1238 -1.97 -41.87 4.09
N ASN H 1239 -0.85 -41.16 4.06
CA ASN H 1239 0.39 -41.70 4.59
C ASN H 1239 0.43 -41.73 6.10
N CYS H 1240 -0.60 -41.21 6.78
CA CYS H 1240 -0.66 -41.20 8.24
C CYS H 1240 0.60 -40.55 8.81
N ARG H 1241 0.96 -39.40 8.22
CA ARG H 1241 2.23 -38.76 8.54
C ARG H 1241 2.20 -38.12 9.92
N SER H 1242 3.32 -38.22 10.63
CA SER H 1242 3.51 -37.58 11.92
C SER H 1242 4.48 -36.41 11.74
N ASP H 1243 4.11 -35.25 12.29
CA ASP H 1243 4.94 -34.06 12.21
C ASP H 1243 5.78 -33.95 13.47
N LYS H 1244 7.10 -34.07 13.31
CA LYS H 1244 8.04 -33.79 14.39
C LYS H 1244 8.10 -32.28 14.58
N LEU H 1245 7.43 -31.78 15.60
CA LEU H 1245 7.37 -30.34 15.83
C LEU H 1245 8.76 -29.79 16.10
N ASN H 1246 9.62 -29.77 15.07
CA ASN H 1246 10.99 -29.25 15.17
C ASN H 1246 11.32 -28.50 13.88
N GLY H 1247 10.74 -27.32 13.74
CA GLY H 1247 11.04 -26.45 12.62
C GLY H 1247 10.50 -25.06 12.89
N LEU H 1248 11.11 -24.08 12.22
CA LEU H 1248 10.76 -22.69 12.50
C LEU H 1248 9.29 -22.43 12.18
N LYS H 1249 8.85 -22.78 10.96
CA LYS H 1249 7.46 -22.55 10.58
C LYS H 1249 6.50 -23.22 11.55
N GLU H 1250 6.78 -24.48 11.91
CA GLU H 1250 5.86 -25.23 12.76
C GLU H 1250 5.75 -24.63 14.15
N ASN H 1251 6.89 -24.43 14.81
CA ASN H 1251 6.87 -23.83 16.15
C ASN H 1251 6.27 -22.43 16.13
N VAL H 1252 6.48 -21.67 15.04
CA VAL H 1252 5.82 -20.39 14.90
C VAL H 1252 4.31 -20.58 14.89
N ILE H 1253 3.83 -21.60 14.19
CA ILE H 1253 2.38 -21.85 14.15
C ILE H 1253 1.86 -22.14 15.55
N ILE H 1254 2.47 -23.12 16.24
CA ILE H 1254 1.94 -23.53 17.54
C ILE H 1254 2.40 -22.66 18.69
N GLY H 1255 3.33 -21.74 18.46
CA GLY H 1255 3.74 -20.82 19.50
C GLY H 1255 4.89 -21.28 20.36
N LYS H 1256 5.65 -22.28 19.92
CA LYS H 1256 6.87 -22.67 20.62
C LYS H 1256 8.03 -21.77 20.20
N LEU H 1257 9.13 -21.86 20.94
CA LEU H 1257 10.32 -21.10 20.62
C LEU H 1257 10.99 -21.68 19.37
N ILE H 1258 11.33 -20.81 18.43
CA ILE H 1258 11.92 -21.28 17.17
C ILE H 1258 13.27 -21.91 17.46
N PRO H 1259 13.59 -23.09 16.89
CA PRO H 1259 14.93 -23.66 17.11
C PRO H 1259 16.01 -22.92 16.33
N ALA H 1260 16.19 -21.64 16.64
CA ALA H 1260 17.20 -20.83 15.98
C ALA H 1260 17.44 -19.59 16.83
N GLY H 1261 18.62 -19.01 16.68
CA GLY H 1261 18.97 -17.84 17.45
C GLY H 1261 19.00 -18.16 18.93
N THR H 1262 18.22 -17.43 19.72
CA THR H 1262 18.16 -17.65 21.16
C THR H 1262 17.23 -18.80 21.55
N GLY H 1263 16.77 -19.58 20.58
CA GLY H 1263 15.88 -20.69 20.87
C GLY H 1263 16.58 -22.04 20.90
N ILE H 1264 17.77 -22.11 20.32
CA ILE H 1264 18.50 -23.37 20.31
C ILE H 1264 18.86 -23.77 21.74
N ASN H 1265 19.08 -25.09 21.93
CA ASN H 1265 19.28 -25.62 23.27
C ASN H 1265 20.56 -25.12 23.92
N ARG H 1266 21.56 -24.68 23.14
CA ARG H 1266 22.79 -24.20 23.75
C ARG H 1266 22.54 -22.92 24.55
N TYR H 1267 21.77 -21.99 24.00
CA TYR H 1267 21.52 -20.71 24.65
C TYR H 1267 20.26 -20.72 25.51
N ARG H 1268 19.31 -21.60 25.19
CA ARG H 1268 18.00 -21.54 25.85
C ARG H 1268 18.12 -21.89 27.33
N ASN H 1269 18.55 -23.11 27.64
CA ASN H 1269 18.67 -23.56 29.03
C ASN H 1269 20.00 -23.06 29.58
N ILE H 1270 19.97 -21.89 30.20
CA ILE H 1270 21.14 -21.29 30.82
C ILE H 1270 20.74 -20.68 32.15
N ALA H 1271 21.57 -20.91 33.17
CA ALA H 1271 21.37 -20.36 34.51
C ALA H 1271 22.48 -19.35 34.78
N VAL H 1272 22.09 -18.16 35.24
CA VAL H 1272 23.02 -17.09 35.56
C VAL H 1272 23.10 -16.97 37.08
N GLN H 1273 24.33 -17.00 37.60
CA GLN H 1273 24.57 -16.85 39.02
C GLN H 1273 25.65 -15.80 39.24
N PRO H 1274 25.49 -14.93 40.23
CA PRO H 1274 26.51 -13.90 40.46
C PRO H 1274 27.77 -14.48 41.07
N THR H 1275 28.91 -13.93 40.67
CA THR H 1275 30.18 -14.30 41.28
C THR H 1275 30.15 -13.98 42.77
N GLU H 1276 30.95 -14.71 43.55
CA GLU H 1276 30.85 -14.63 45.00
C GLU H 1276 31.13 -13.22 45.53
N GLU H 1277 31.79 -12.37 44.75
CA GLU H 1277 32.03 -11.00 45.20
C GLU H 1277 30.70 -10.28 45.40
N ALA H 1278 30.54 -9.70 46.59
CA ALA H 1278 29.29 -9.05 46.96
C ALA H 1278 29.60 -7.83 47.82
N ARG H 1279 28.62 -6.92 47.88
CA ARG H 1279 28.73 -5.72 48.69
C ARG H 1279 28.48 -6.06 50.16
N ALA H 1280 28.79 -5.10 51.03
CA ALA H 1280 28.62 -5.34 52.46
C ALA H 1280 27.17 -5.61 52.82
N ALA H 1281 26.24 -4.83 52.26
CA ALA H 1281 24.82 -5.00 52.54
C ALA H 1281 24.10 -5.56 51.33
N GLY I 28 38.45 5.08 23.99
CA GLY I 28 38.76 5.45 22.62
C GLY I 28 37.53 5.82 21.81
N TYR I 29 36.54 6.41 22.48
CA TYR I 29 35.30 6.77 21.82
C TYR I 29 34.57 7.79 22.69
N ASP I 30 33.61 8.49 22.08
CA ASP I 30 32.82 9.46 22.82
C ASP I 30 31.98 8.76 23.89
N THR I 31 31.58 9.53 24.88
CA THR I 31 30.84 9.00 26.01
C THR I 31 29.55 8.34 25.53
N PRO I 32 29.31 7.06 25.82
CA PRO I 32 28.05 6.43 25.40
C PRO I 32 26.88 7.03 26.16
N LEU I 33 25.83 7.39 25.43
CA LEU I 33 24.68 8.08 25.99
C LEU I 33 23.44 7.20 25.86
N GLY I 34 22.66 7.15 26.93
CA GLY I 34 21.38 6.47 26.88
C GLY I 34 21.52 4.96 26.76
N ILE I 35 20.85 4.39 25.76
CA ILE I 35 20.74 2.94 25.63
C ILE I 35 21.99 2.29 25.04
N THR I 36 22.90 3.08 24.49
CA THR I 36 24.15 2.52 23.96
C THR I 36 25.14 2.16 25.04
N ASN I 37 24.84 2.45 26.31
CA ASN I 37 25.72 2.12 27.42
C ASN I 37 25.13 0.96 28.20
N PRO I 38 25.91 -0.11 28.49
CA PRO I 38 27.32 -0.31 28.11
C PRO I 38 27.52 -0.49 26.62
N PRO I 39 28.70 -0.15 26.11
CA PRO I 39 28.96 -0.36 24.68
C PRO I 39 28.73 -1.81 24.28
N ILE I 40 28.08 -1.99 23.13
CA ILE I 40 27.78 -3.34 22.66
C ILE I 40 29.04 -4.09 22.26
N ASP I 41 30.12 -3.37 21.98
CA ASP I 41 31.36 -4.02 21.55
C ASP I 41 32.05 -4.72 22.72
N GLU I 42 32.08 -4.05 23.88
CA GLU I 42 32.66 -4.67 25.07
C GLU I 42 31.77 -5.78 25.60
N LEU I 43 30.45 -5.67 25.39
CA LEU I 43 29.54 -6.71 25.87
C LEU I 43 29.75 -8.02 25.13
N LEU I 44 30.13 -7.97 23.85
CA LEU I 44 30.31 -9.17 23.05
C LEU I 44 31.66 -9.85 23.30
N ASP I 45 32.43 -9.38 24.28
CA ASP I 45 33.70 -10.01 24.64
C ASP I 45 33.56 -10.99 25.79
N ARG I 46 32.71 -10.67 26.78
CA ARG I 46 32.42 -11.61 27.86
C ARG I 46 31.44 -12.70 27.44
N VAL I 47 30.99 -12.70 26.18
CA VAL I 47 30.02 -13.66 25.70
C VAL I 47 30.51 -14.24 24.38
N SER I 48 29.95 -15.39 24.02
CA SER I 48 30.37 -16.07 22.78
C SER I 48 29.67 -15.51 21.56
N SER I 49 28.42 -15.06 21.68
CA SER I 49 27.65 -14.60 20.53
C SER I 49 26.61 -13.61 20.99
N LYS I 50 26.00 -12.95 20.00
CA LYS I 50 24.92 -12.00 20.28
C LYS I 50 23.75 -12.70 20.98
N TYR I 51 23.45 -13.93 20.58
CA TYR I 51 22.24 -14.59 21.05
C TYR I 51 22.35 -15.00 22.52
N ALA I 52 23.53 -15.42 22.96
CA ALA I 52 23.70 -15.85 24.35
C ALA I 52 23.57 -14.68 25.32
N LEU I 53 24.13 -13.52 24.94
CA LEU I 53 24.06 -12.35 25.80
C LEU I 53 22.63 -11.97 26.12
N VAL I 54 21.72 -12.15 25.15
CA VAL I 54 20.32 -11.84 25.38
C VAL I 54 19.79 -12.63 26.57
N ILE I 55 19.98 -13.94 26.57
CA ILE I 55 19.47 -14.77 27.65
C ILE I 55 20.14 -14.40 28.96
N TYR I 56 21.46 -14.22 28.94
CA TYR I 56 22.14 -13.80 30.16
C TYR I 56 21.44 -12.59 30.78
N ALA I 57 21.35 -11.51 29.99
CA ALA I 57 20.79 -10.27 30.49
C ALA I 57 19.36 -10.45 30.97
N ALA I 58 18.53 -11.14 30.19
CA ALA I 58 17.11 -11.22 30.49
C ALA I 58 16.86 -12.04 31.76
N LYS I 59 17.52 -13.19 31.89
CA LYS I 59 17.31 -14.01 33.07
C LYS I 59 17.86 -13.33 34.32
N ARG I 60 18.98 -12.61 34.19
CA ARG I 60 19.45 -11.85 35.35
C ARG I 60 18.49 -10.73 35.70
N ALA I 61 17.86 -10.12 34.68
CA ALA I 61 16.87 -9.08 34.96
C ALA I 61 15.67 -9.65 35.69
N ARG I 62 15.24 -10.86 35.32
CA ARG I 62 14.17 -11.51 36.06
C ARG I 62 14.58 -11.74 37.51
N GLN I 63 15.82 -12.17 37.74
CA GLN I 63 16.29 -12.33 39.12
C GLN I 63 16.22 -11.00 39.88
N ILE I 64 16.66 -9.91 39.25
CA ILE I 64 16.67 -8.62 39.92
C ILE I 64 15.25 -8.16 40.22
N ASN I 65 14.32 -8.40 39.29
CA ASN I 65 12.93 -8.02 39.53
C ASN I 65 12.34 -8.82 40.68
N ASP I 66 12.65 -10.11 40.75
CA ASP I 66 12.20 -10.91 41.89
C ASP I 66 12.80 -10.39 43.19
N TYR I 67 14.05 -9.93 43.14
CA TYR I 67 14.66 -9.33 44.32
C TYR I 67 13.86 -8.10 44.76
N TYR I 68 13.53 -7.22 43.82
CA TYR I 68 12.76 -6.03 44.16
C TYR I 68 11.33 -6.37 44.56
N ASN I 69 10.82 -7.55 44.22
CA ASN I 69 9.49 -7.96 44.63
C ASN I 69 9.49 -8.89 45.85
N GLN I 70 10.66 -9.41 46.24
CA GLN I 70 10.77 -10.25 47.43
C GLN I 70 11.69 -9.63 48.47
N LEU I 71 11.93 -8.31 48.40
CA LEU I 71 12.78 -7.67 49.38
C LEU I 71 12.07 -7.50 50.71
N GLY I 72 10.77 -7.23 50.69
CA GLY I 72 10.00 -7.08 51.90
C GLY I 72 9.44 -8.35 52.48
N GLU I 73 9.53 -9.47 51.76
CA GLU I 73 8.97 -10.73 52.23
C GLU I 73 9.84 -11.88 51.77
N GLY I 74 9.98 -12.88 52.63
CA GLY I 74 10.58 -14.14 52.25
C GLY I 74 12.10 -14.10 52.24
N ILE I 75 12.68 -15.29 52.36
CA ILE I 75 14.13 -15.49 52.27
C ILE I 75 14.44 -16.19 50.96
N LEU I 76 15.70 -16.61 50.79
CA LEU I 76 16.16 -17.23 49.55
C LEU I 76 15.87 -16.34 48.34
N GLU I 77 15.71 -15.03 48.56
CA GLU I 77 15.48 -14.11 47.47
C GLU I 77 16.70 -14.08 46.54
N TYR I 78 16.43 -13.91 45.25
CA TYR I 78 17.50 -13.90 44.27
C TYR I 78 18.43 -12.72 44.52
N VAL I 79 19.68 -12.87 44.07
CA VAL I 79 20.72 -11.92 44.42
C VAL I 79 20.37 -10.54 43.88
N GLY I 80 20.38 -9.55 44.75
CA GLY I 80 20.02 -8.20 44.37
C GLY I 80 20.99 -7.60 43.38
N PRO I 81 20.80 -6.32 43.05
CA PRO I 81 21.70 -5.66 42.10
C PRO I 81 23.13 -5.66 42.60
N LEU I 82 24.01 -6.39 41.90
CA LEU I 82 25.40 -6.49 42.33
C LEU I 82 26.07 -5.12 42.34
N VAL I 83 25.92 -4.37 41.24
CA VAL I 83 26.52 -3.04 41.13
C VAL I 83 25.59 -2.02 41.75
N GLU I 84 26.07 -0.80 41.91
CA GLU I 84 25.26 0.28 42.45
C GLU I 84 24.23 0.71 41.42
N PRO I 85 22.93 0.58 41.69
CA PRO I 85 21.93 0.96 40.69
C PRO I 85 21.69 2.46 40.69
N GLY I 86 21.54 3.01 39.49
CA GLY I 86 21.09 4.38 39.36
C GLY I 86 19.65 4.55 39.79
N LEU I 87 19.28 5.80 40.07
CA LEU I 87 17.94 6.09 40.56
C LEU I 87 16.92 5.77 39.46
N GLN I 88 16.01 4.83 39.76
CA GLN I 88 14.96 4.44 38.82
C GLN I 88 15.54 3.86 37.53
N GLU I 89 16.57 3.02 37.68
CA GLU I 89 17.19 2.35 36.54
C GLU I 89 16.47 1.03 36.26
N LYS I 90 16.29 0.73 34.99
CA LYS I 90 15.59 -0.49 34.61
C LYS I 90 16.42 -1.71 34.98
N PRO I 91 15.78 -2.78 35.49
CA PRO I 91 16.57 -3.99 35.84
C PRO I 91 17.41 -4.52 34.70
N LEU I 92 16.92 -4.41 33.47
CA LEU I 92 17.70 -4.88 32.32
C LEU I 92 19.01 -4.12 32.20
N SER I 93 18.98 -2.81 32.44
CA SER I 93 20.20 -2.01 32.34
C SER I 93 21.20 -2.41 33.42
N ILE I 94 20.71 -2.67 34.64
CA ILE I 94 21.60 -3.07 35.72
C ILE I 94 22.25 -4.40 35.41
N ALA I 95 21.45 -5.37 34.94
CA ALA I 95 22.00 -6.67 34.55
C ALA I 95 23.00 -6.52 33.41
N LEU I 96 22.70 -5.64 32.45
CA LEU I 96 23.57 -5.45 31.31
C LEU I 96 24.88 -4.82 31.71
N ARG I 97 24.87 -3.98 32.75
CA ARG I 97 26.13 -3.43 33.26
C ARG I 97 26.91 -4.47 34.06
N GLU I 98 26.21 -5.30 34.85
CA GLU I 98 26.88 -6.38 35.55
C GLU I 98 27.61 -7.30 34.55
N ILE I 99 26.96 -7.61 33.43
CA ILE I 99 27.62 -8.41 32.40
C ILE I 99 28.89 -7.72 31.93
N HIS I 100 28.86 -6.39 31.82
CA HIS I 100 30.03 -5.65 31.35
C HIS I 100 31.14 -5.63 32.39
N ALA I 101 30.80 -5.72 33.67
CA ALA I 101 31.78 -5.66 34.75
C ALA I 101 32.25 -7.03 35.19
N ASP I 102 31.95 -8.09 34.44
CA ASP I 102 32.42 -9.43 34.74
C ASP I 102 32.03 -9.85 36.17
N LEU I 103 30.73 -9.79 36.44
CA LEU I 103 30.19 -10.13 37.76
C LEU I 103 29.17 -11.26 37.69
N LEU I 104 29.07 -11.97 36.57
CA LEU I 104 28.12 -13.06 36.41
C LEU I 104 28.82 -14.25 35.77
N GLU I 105 28.23 -15.43 36.01
CA GLU I 105 28.69 -16.68 35.42
C GLU I 105 27.65 -17.17 34.42
N HIS I 106 27.70 -18.46 34.08
CA HIS I 106 26.78 -19.02 33.10
C HIS I 106 26.85 -20.53 33.18
N THR I 107 25.91 -21.19 32.48
CA THR I 107 25.85 -22.65 32.47
C THR I 107 25.11 -23.06 31.19
N GLU I 108 25.87 -23.44 30.17
CA GLU I 108 25.29 -23.84 28.90
C GLU I 108 25.03 -25.35 28.87
#